data_5KS8
#
_entry.id   5KS8
#
_cell.length_a   285.760
_cell.length_b   285.760
_cell.length_c   274.873
_cell.angle_alpha   90.00
_cell.angle_beta   90.00
_cell.angle_gamma   120.00
#
_symmetry.space_group_name_H-M   'H 3 2'
#
loop_
_entity.id
_entity.type
_entity.pdbx_description
1 polymer 'Pyruvate carboxylase subunit alpha'
2 polymer 'Pyruvate carboxylase subunit beta'
3 non-polymer 5-(HEXAHYDRO-2-OXO-1H-THIENO[3,4-D]IMIDAZOL-6-YL)PENTANAL
4 non-polymer 'PYRUVIC ACID'
5 non-polymer 'MANGANESE (II) ION'
#
loop_
_entity_poly.entity_id
_entity_poly.type
_entity_poly.pdbx_seq_one_letter_code
_entity_poly.pdbx_strand_id
1 'polypeptide(L)'
;MIKKILIANRGEIAVRIVRACSEMGIKSVAIYSDADRHALHVKKADEAYNIGSDPVLGYLNAHNIVNLAVASGCDALHPG
YGFLSENPELAEICARRGIKFIGPDAKVIRQMGDKIQARTAMIKAGIPCVGSSGVVNPRHIEVQVLADSHGNVIHLFERD
CSIQRRNQKLIEIAPSPQLSKAQREYIGNLAVKAAKAVGYKNAGTVEFLLDSDNNFYFMEMNTRLQVEHTVTEQITGIDI
VQEQIRVADGQRLQYKQSEVQYRGFAMEFRINAEDPKNDFLPSFGKITRYYAPGGPGIRMDAAMYSGYVIPPYYDSMCAK
LTVWALNWESVVERGRRALNDTVVYGVKTTIPYYQEILKHPDFRNAIFNTSFVESHPELANYATQFPRELVAAAISAAIA
AHEGI
;
A,B
2 'polypeptide(L)'
;MAKVHVTDVVLRDGHQSLIATRMRTDDMLPICSKLDAVGYWSLEAWGGATFDACVRYLREDPWERLKKLRKALPNSRLQM
LLRGQNLLGYRHYSDDVVRAFVQKSADNGIDVFRIFDAMNDLRNLKVSIESVKAVGKHAEGTISYTTSPVHDIPYFVNLA
KELESFGCDTIAIKDMASLLTPQVTGDLVKALREAVSLPIHLHAHATSGLASMSIQRAVDNGVAIVDGCISSFAEGASLP
ATESIVAALKGTEYDTGLDIGLLQEISAYFREVRKKYWQFESEFTGVDTRVLVNQVPGGMISNLSNQLKEQGALDRMDAV
LDEIPRVREDLGYPPLVTPTSQIVGTQAVLNVMTGARYKSVTNEVKNYLLGHYGKAPSTVNPDVRNLAVGNAQVIECRPA
DLLTAEMEKLRNEVEGLAASAADVLTYAMFPDLAKTFLQERNAGSLKPEPLLDKEAVTSRESHSRFAPTEFNVTLHGETF
HIKLTGSGHHGEEQRPFYVSVDGVTEEVVVEILNEIEVSGGGQSSGEAKRKASSAASSGRPRPTHAGCVTTAMPGTIVDV
KVNVGDKVSAGDAVLVIEAMKMENEIQASKSGVVVAINVKKGDSVTPDEALLEIQPD
;
C,D,E,F
#
# COMPACT_ATOMS: atom_id res chain seq x y z
N MET A 1 20.72 -27.92 -41.56
CA MET A 1 20.29 -29.23 -41.03
C MET A 1 19.82 -29.18 -39.56
N ILE A 2 20.51 -28.43 -38.68
CA ILE A 2 20.07 -28.29 -37.28
C ILE A 2 19.04 -27.18 -37.12
N LYS A 3 17.82 -27.50 -36.70
CA LYS A 3 16.78 -26.46 -36.54
C LYS A 3 16.30 -26.25 -35.11
N LYS A 4 16.80 -27.03 -34.15
CA LYS A 4 16.31 -26.92 -32.78
C LYS A 4 17.31 -27.47 -31.78
N ILE A 5 17.54 -26.74 -30.71
CA ILE A 5 18.58 -27.13 -29.76
C ILE A 5 18.05 -27.14 -28.33
N LEU A 6 18.57 -28.06 -27.54
CA LEU A 6 18.22 -28.16 -26.15
C LEU A 6 19.36 -27.59 -25.33
N ILE A 7 19.18 -26.38 -24.82
CA ILE A 7 20.17 -25.83 -23.95
C ILE A 7 20.10 -26.56 -22.62
N ALA A 8 21.01 -27.53 -22.46
CA ALA A 8 21.14 -28.31 -21.22
C ALA A 8 21.96 -27.55 -20.19
N ASN A 9 21.46 -26.38 -19.79
CA ASN A 9 22.15 -25.57 -18.80
C ASN A 9 21.20 -24.49 -18.32
N ARG A 10 21.69 -23.76 -17.33
CA ARG A 10 20.95 -22.70 -16.68
C ARG A 10 21.73 -21.39 -16.75
N GLY A 11 21.31 -20.44 -15.93
CA GLY A 11 22.04 -19.22 -15.67
C GLY A 11 22.47 -18.47 -16.91
N GLU A 12 23.69 -17.98 -16.83
CA GLU A 12 24.19 -17.00 -17.76
C GLU A 12 24.48 -17.60 -19.14
N ILE A 13 25.04 -18.81 -19.15
CA ILE A 13 25.45 -19.47 -20.41
C ILE A 13 24.26 -19.95 -21.23
N ALA A 14 23.17 -20.29 -20.57
CA ALA A 14 21.92 -20.60 -21.24
C ALA A 14 21.47 -19.42 -22.05
N VAL A 15 21.60 -18.24 -21.45
CA VAL A 15 21.27 -16.98 -22.12
C VAL A 15 22.18 -16.75 -23.32
N ARG A 16 23.48 -17.03 -23.15
CA ARG A 16 24.44 -16.87 -24.27
C ARG A 16 24.02 -17.66 -25.48
N ILE A 17 23.63 -18.92 -25.20
CA ILE A 17 23.35 -19.90 -26.24
C ILE A 17 22.01 -19.59 -26.85
N VAL A 18 21.06 -19.13 -26.04
CA VAL A 18 19.80 -18.64 -26.60
C VAL A 18 20.09 -17.61 -27.69
N ARG A 19 21.05 -16.73 -27.37
CA ARG A 19 21.47 -15.63 -28.24
C ARG A 19 22.10 -16.21 -29.48
N ALA A 20 23.00 -17.17 -29.30
CA ALA A 20 23.63 -17.87 -30.44
C ALA A 20 22.62 -18.50 -31.37
N CYS A 21 21.60 -19.15 -30.83
CA CYS A 21 20.63 -19.89 -31.66
C CYS A 21 19.81 -18.89 -32.45
N SER A 22 19.26 -17.92 -31.73
CA SER A 22 18.48 -16.90 -32.38
C SER A 22 19.27 -16.34 -33.57
N GLU A 23 20.57 -16.11 -33.39
CA GLU A 23 21.39 -15.54 -34.45
C GLU A 23 21.39 -16.42 -35.70
N MET A 24 21.42 -17.73 -35.49
CA MET A 24 21.50 -18.71 -36.60
C MET A 24 20.13 -19.13 -37.13
N GLY A 25 19.04 -18.59 -36.58
CA GLY A 25 17.70 -18.91 -37.07
C GLY A 25 17.25 -20.29 -36.64
N ILE A 26 17.66 -20.67 -35.44
CA ILE A 26 17.48 -21.98 -34.87
C ILE A 26 16.64 -21.82 -33.61
N LYS A 27 15.64 -22.68 -33.45
CA LYS A 27 14.78 -22.67 -32.26
C LYS A 27 15.52 -23.15 -31.00
N SER A 28 15.30 -22.47 -29.89
CA SER A 28 15.99 -22.83 -28.65
C SER A 28 15.00 -23.38 -27.63
N VAL A 29 15.51 -24.29 -26.80
CA VAL A 29 14.70 -24.95 -25.79
C VAL A 29 15.44 -24.87 -24.46
N ALA A 30 14.82 -24.19 -23.50
CA ALA A 30 15.40 -24.05 -22.17
C ALA A 30 14.96 -25.18 -21.24
N ILE A 31 15.76 -25.43 -20.21
CA ILE A 31 15.37 -26.35 -19.13
C ILE A 31 15.58 -25.72 -17.75
N TYR A 32 14.53 -25.75 -16.93
CA TYR A 32 14.65 -25.15 -15.61
C TYR A 32 14.19 -26.04 -14.52
N SER A 33 14.96 -26.07 -13.44
CA SER A 33 14.46 -26.60 -12.18
C SER A 33 13.32 -25.69 -11.78
N ASP A 34 12.73 -25.95 -10.62
CA ASP A 34 11.65 -25.11 -10.12
C ASP A 34 12.22 -23.77 -9.66
N ALA A 35 13.38 -23.84 -9.01
CA ALA A 35 14.10 -22.62 -8.60
C ALA A 35 14.38 -21.66 -9.75
N ASP A 36 14.68 -22.18 -10.93
CA ASP A 36 15.03 -21.35 -12.10
C ASP A 36 13.81 -21.05 -12.95
N ARG A 37 12.63 -21.04 -12.34
CA ARG A 37 11.39 -20.83 -13.07
C ARG A 37 11.37 -19.45 -13.73
N HIS A 38 11.98 -18.48 -13.05
CA HIS A 38 11.98 -17.08 -13.47
C HIS A 38 13.27 -16.67 -14.19
N ALA A 39 14.24 -17.58 -14.29
CA ALA A 39 15.54 -17.30 -14.88
C ALA A 39 15.43 -16.64 -16.24
N LEU A 40 16.43 -15.82 -16.55
CA LEU A 40 16.42 -15.01 -17.77
C LEU A 40 16.41 -15.89 -19.03
N HIS A 41 17.20 -16.97 -19.06
CA HIS A 41 17.17 -17.91 -20.21
C HIS A 41 15.79 -18.45 -20.56
N VAL A 42 15.00 -18.77 -19.52
CA VAL A 42 13.61 -19.23 -19.68
C VAL A 42 12.74 -18.17 -20.37
N LYS A 43 12.83 -16.93 -19.91
CA LYS A 43 12.03 -15.85 -20.50
C LYS A 43 12.39 -15.70 -21.97
N LYS A 44 13.70 -15.77 -22.23
CA LYS A 44 14.32 -15.47 -23.53
C LYS A 44 14.16 -16.56 -24.58
N ALA A 45 14.12 -17.82 -24.14
CA ALA A 45 14.11 -18.99 -25.03
C ALA A 45 12.80 -19.18 -25.78
N ASP A 46 12.86 -19.90 -26.90
CA ASP A 46 11.68 -20.16 -27.74
C ASP A 46 10.71 -21.12 -27.02
N GLU A 47 11.27 -22.04 -26.24
CA GLU A 47 10.52 -23.03 -25.50
C GLU A 47 11.25 -23.41 -24.21
N ALA A 48 10.51 -23.86 -23.21
CA ALA A 48 11.08 -24.28 -21.93
C ALA A 48 10.29 -25.45 -21.28
N TYR A 49 10.93 -26.14 -20.33
CA TYR A 49 10.40 -27.39 -19.80
C TYR A 49 11.01 -27.70 -18.42
N ASN A 50 10.15 -28.04 -17.46
CA ASN A 50 10.61 -28.30 -16.10
C ASN A 50 11.43 -29.59 -15.98
N ILE A 51 12.41 -29.60 -15.09
CA ILE A 51 13.33 -30.73 -15.00
C ILE A 51 13.41 -31.29 -13.56
N GLY A 52 12.39 -31.03 -12.77
CA GLY A 52 12.35 -31.52 -11.38
C GLY A 52 12.19 -30.44 -10.34
N SER A 53 11.70 -30.88 -9.19
CA SER A 53 11.56 -30.02 -8.02
C SER A 53 12.92 -29.83 -7.38
N ASP A 54 13.83 -30.79 -7.54
CA ASP A 54 15.15 -30.64 -7.00
C ASP A 54 15.81 -29.50 -7.75
N PRO A 55 16.61 -28.68 -7.03
CA PRO A 55 17.37 -27.67 -7.74
C PRO A 55 18.35 -28.26 -8.76
N VAL A 56 19.08 -29.30 -8.37
CA VAL A 56 20.23 -29.77 -9.12
C VAL A 56 20.02 -31.03 -9.98
N LEU A 57 19.35 -32.05 -9.44
CA LEU A 57 19.44 -33.40 -10.01
C LEU A 57 18.99 -33.47 -11.46
N GLY A 58 17.96 -32.71 -11.81
CA GLY A 58 17.45 -32.75 -13.16
C GLY A 58 18.43 -32.24 -14.18
N TYR A 59 19.31 -31.32 -13.77
CA TYR A 59 20.35 -30.77 -14.65
C TYR A 59 21.47 -31.78 -14.88
N LEU A 60 21.87 -32.51 -13.85
CA LEU A 60 22.85 -33.60 -13.98
C LEU A 60 22.29 -34.99 -14.41
N ASN A 61 21.05 -35.05 -14.90
CA ASN A 61 20.46 -36.34 -15.27
C ASN A 61 20.48 -36.56 -16.77
N ALA A 62 21.57 -37.20 -17.21
CA ALA A 62 21.80 -37.37 -18.65
C ALA A 62 20.55 -37.87 -19.37
N HIS A 63 20.00 -38.98 -18.88
CA HIS A 63 18.97 -39.74 -19.60
C HIS A 63 17.64 -39.02 -19.86
N ASN A 64 17.12 -38.28 -18.88
CA ASN A 64 15.82 -37.66 -19.07
C ASN A 64 15.92 -36.33 -19.78
N ILE A 65 17.08 -35.69 -19.65
CA ILE A 65 17.37 -34.53 -20.48
C ILE A 65 17.26 -34.92 -21.97
N VAL A 66 17.87 -36.07 -22.31
CA VAL A 66 17.81 -36.59 -23.67
C VAL A 66 16.41 -37.11 -24.06
N ASN A 67 15.67 -37.63 -23.07
CA ASN A 67 14.28 -37.96 -23.31
C ASN A 67 13.52 -36.72 -23.78
N LEU A 68 13.78 -35.62 -23.05
CA LEU A 68 13.18 -34.33 -23.37
C LEU A 68 13.68 -33.84 -24.72
N ALA A 69 14.97 -34.00 -24.97
CA ALA A 69 15.52 -33.58 -26.27
C ALA A 69 14.81 -34.27 -27.44
N VAL A 70 14.51 -35.56 -27.22
CA VAL A 70 13.94 -36.43 -28.24
C VAL A 70 12.44 -36.19 -28.39
N ALA A 71 11.77 -36.19 -27.24
CA ALA A 71 10.38 -35.79 -27.15
C ALA A 71 10.13 -34.41 -27.76
N SER A 72 11.09 -33.50 -27.60
CA SER A 72 10.93 -32.09 -28.01
C SER A 72 11.04 -31.83 -29.49
N GLY A 73 11.77 -32.70 -30.19
CA GLY A 73 12.04 -32.49 -31.61
C GLY A 73 13.39 -31.83 -31.84
N CYS A 74 14.27 -31.94 -30.85
CA CYS A 74 15.57 -31.30 -30.90
C CYS A 74 16.47 -32.15 -31.79
N ASP A 75 17.17 -31.50 -32.72
CA ASP A 75 18.14 -32.16 -33.60
C ASP A 75 19.51 -32.30 -32.93
N ALA A 76 19.74 -31.46 -31.91
CA ALA A 76 21.07 -31.32 -31.31
C ALA A 76 20.94 -30.74 -29.92
N LEU A 77 22.02 -30.81 -29.15
CA LEU A 77 21.96 -30.42 -27.76
C LEU A 77 23.25 -29.79 -27.32
N HIS A 78 23.14 -28.70 -26.56
CA HIS A 78 24.29 -27.97 -26.05
C HIS A 78 24.39 -28.08 -24.56
N PRO A 79 25.52 -28.56 -24.06
CA PRO A 79 25.71 -28.72 -22.61
C PRO A 79 26.34 -27.54 -21.88
N GLY A 80 26.50 -26.40 -22.56
CA GLY A 80 27.24 -25.28 -22.03
C GLY A 80 28.50 -25.72 -21.33
N TYR A 81 28.66 -25.28 -20.09
CA TYR A 81 29.79 -25.72 -19.24
C TYR A 81 29.37 -26.07 -17.80
N GLY A 82 30.30 -26.69 -17.07
CA GLY A 82 30.00 -27.34 -15.79
C GLY A 82 29.00 -28.44 -16.07
N PHE A 83 28.35 -28.93 -15.04
CA PHE A 83 27.20 -29.85 -15.21
C PHE A 83 27.57 -31.10 -16.02
N LEU A 84 26.94 -31.30 -17.18
CA LEU A 84 27.15 -32.49 -17.94
C LEU A 84 28.12 -32.32 -19.11
N SER A 85 28.72 -31.14 -19.23
CA SER A 85 29.52 -30.81 -20.40
C SER A 85 30.74 -31.70 -20.52
N GLU A 86 31.32 -32.08 -19.38
CA GLU A 86 32.51 -32.94 -19.33
C GLU A 86 32.19 -34.40 -18.92
N ASN A 87 30.96 -34.84 -19.18
CA ASN A 87 30.50 -36.19 -18.83
C ASN A 87 30.22 -37.02 -20.12
N PRO A 88 31.06 -38.04 -20.39
CA PRO A 88 31.00 -38.71 -21.69
C PRO A 88 29.64 -39.32 -21.96
N GLU A 89 29.03 -39.84 -20.91
CA GLU A 89 27.79 -40.59 -21.02
C GLU A 89 26.75 -39.86 -21.87
N LEU A 90 26.65 -38.55 -21.67
CA LEU A 90 25.69 -37.73 -22.38
C LEU A 90 25.93 -37.74 -23.90
N ALA A 91 27.20 -37.71 -24.30
CA ALA A 91 27.50 -37.73 -25.72
C ALA A 91 27.07 -39.06 -26.26
N GLU A 92 27.53 -40.14 -25.60
CA GLU A 92 27.20 -41.53 -25.97
C GLU A 92 25.69 -41.66 -26.14
N ILE A 93 24.95 -41.27 -25.11
CA ILE A 93 23.52 -41.29 -25.20
C ILE A 93 23.03 -40.50 -26.39
N CYS A 94 23.49 -39.26 -26.55
CA CYS A 94 23.01 -38.42 -27.65
C CYS A 94 23.21 -39.11 -28.98
N ALA A 95 24.40 -39.68 -29.14
CA ALA A 95 24.82 -40.31 -30.38
C ALA A 95 23.82 -41.41 -30.69
N ARG A 96 23.71 -42.32 -29.72
CA ARG A 96 22.71 -43.38 -29.72
C ARG A 96 21.31 -42.93 -30.16
N ARG A 97 20.79 -41.83 -29.62
CA ARG A 97 19.39 -41.41 -29.88
C ARG A 97 19.20 -40.47 -31.08
N GLY A 98 20.30 -40.25 -31.81
CA GLY A 98 20.26 -39.43 -33.04
C GLY A 98 20.32 -37.95 -32.80
N ILE A 99 21.02 -37.56 -31.74
CA ILE A 99 21.12 -36.17 -31.32
C ILE A 99 22.59 -35.73 -31.43
N LYS A 100 22.83 -34.66 -32.18
CA LYS A 100 24.20 -34.12 -32.35
C LYS A 100 24.65 -33.37 -31.09
N PHE A 101 25.63 -33.92 -30.39
CA PHE A 101 26.18 -33.31 -29.20
C PHE A 101 27.16 -32.27 -29.67
N ILE A 102 27.00 -31.06 -29.13
CA ILE A 102 27.80 -29.90 -29.53
C ILE A 102 29.03 -29.91 -28.64
N GLY A 103 29.99 -30.69 -29.08
CA GLY A 103 31.17 -30.98 -28.29
C GLY A 103 32.00 -31.99 -29.02
N PRO A 104 33.05 -32.49 -28.35
CA PRO A 104 33.83 -33.58 -28.90
C PRO A 104 33.14 -34.94 -28.73
N ASP A 105 33.69 -35.99 -29.34
CA ASP A 105 33.17 -37.34 -29.13
C ASP A 105 33.49 -37.77 -27.70
N ALA A 106 32.70 -38.72 -27.20
CA ALA A 106 32.83 -39.16 -25.81
C ALA A 106 34.19 -39.79 -25.48
N LYS A 107 34.84 -40.34 -26.49
CA LYS A 107 36.14 -40.98 -26.28
C LYS A 107 37.14 -39.95 -25.74
N VAL A 108 37.24 -38.82 -26.43
CA VAL A 108 38.21 -37.78 -26.08
C VAL A 108 37.86 -37.11 -24.75
N ILE A 109 36.56 -36.89 -24.53
CA ILE A 109 36.06 -36.35 -23.27
C ILE A 109 36.60 -37.22 -22.14
N ARG A 110 36.33 -38.53 -22.26
CA ARG A 110 36.71 -39.58 -21.29
C ARG A 110 38.22 -39.65 -21.10
N GLN A 111 38.95 -39.74 -22.22
CA GLN A 111 40.41 -39.75 -22.21
C GLN A 111 40.98 -38.59 -21.38
N MET A 112 40.61 -37.38 -21.82
CA MET A 112 41.21 -36.13 -21.35
C MET A 112 40.65 -35.67 -20.01
N GLY A 113 39.58 -36.32 -19.58
CA GLY A 113 39.03 -36.15 -18.24
C GLY A 113 39.81 -36.93 -17.19
N ASP A 114 40.46 -38.02 -17.59
CA ASP A 114 41.30 -38.78 -16.69
C ASP A 114 42.69 -38.13 -16.65
N LYS A 115 43.10 -37.63 -15.49
CA LYS A 115 44.40 -36.96 -15.37
C LYS A 115 45.58 -37.81 -15.89
N ILE A 116 45.59 -39.09 -15.55
CA ILE A 116 46.74 -39.93 -15.87
C ILE A 116 46.67 -40.42 -17.33
N GLN A 117 45.45 -40.64 -17.81
CA GLN A 117 45.25 -41.06 -19.20
C GLN A 117 45.47 -39.89 -20.16
N ALA A 118 45.37 -38.67 -19.63
CA ALA A 118 45.53 -37.44 -20.38
C ALA A 118 47.00 -37.12 -20.48
N ARG A 119 47.65 -37.13 -19.32
CA ARG A 119 49.08 -36.90 -19.23
C ARG A 119 49.88 -37.79 -20.16
N THR A 120 49.35 -39.00 -20.44
CA THR A 120 50.02 -39.96 -21.34
C THR A 120 49.92 -39.48 -22.80
N ALA A 121 48.71 -39.11 -23.22
CA ALA A 121 48.44 -38.62 -24.57
C ALA A 121 49.33 -37.42 -24.95
N MET A 122 49.55 -36.55 -23.96
CA MET A 122 50.35 -35.32 -24.11
C MET A 122 51.83 -35.60 -24.14
N ILE A 123 52.29 -36.38 -23.18
CA ILE A 123 53.69 -36.85 -23.16
C ILE A 123 54.02 -37.60 -24.45
N LYS A 124 53.09 -38.43 -24.93
CA LYS A 124 53.22 -39.11 -26.21
C LYS A 124 53.38 -38.15 -27.41
N ALA A 125 52.50 -37.16 -27.50
CA ALA A 125 52.57 -36.15 -28.56
C ALA A 125 53.69 -35.10 -28.35
N GLY A 126 54.52 -35.31 -27.33
CA GLY A 126 55.74 -34.53 -27.15
C GLY A 126 55.46 -33.17 -26.54
N ILE A 127 54.84 -33.17 -25.37
CA ILE A 127 54.32 -31.95 -24.75
C ILE A 127 54.61 -31.91 -23.27
N PRO A 128 55.36 -30.89 -22.82
CA PRO A 128 55.82 -30.85 -21.43
C PRO A 128 54.68 -30.84 -20.44
N CYS A 129 54.74 -31.74 -19.46
CA CYS A 129 53.69 -31.87 -18.45
C CYS A 129 54.26 -31.59 -17.07
N VAL A 130 53.36 -31.42 -16.10
CA VAL A 130 53.77 -31.00 -14.75
C VAL A 130 54.61 -32.07 -14.04
N GLY A 131 55.36 -31.64 -13.03
CA GLY A 131 56.04 -32.57 -12.13
C GLY A 131 55.20 -32.87 -10.90
N SER A 132 55.55 -33.94 -10.18
CA SER A 132 54.87 -34.29 -8.93
C SER A 132 55.17 -33.22 -7.90
N SER A 133 56.40 -32.72 -7.94
CA SER A 133 56.75 -31.44 -7.32
C SER A 133 56.41 -30.37 -8.36
N GLY A 134 55.19 -29.83 -8.29
CA GLY A 134 54.64 -28.97 -9.36
C GLY A 134 55.26 -27.59 -9.47
N VAL A 135 54.62 -26.71 -10.26
CA VAL A 135 55.17 -25.38 -10.59
C VAL A 135 54.87 -24.31 -9.54
N VAL A 136 55.89 -23.54 -9.18
CA VAL A 136 55.79 -22.57 -8.09
C VAL A 136 55.36 -21.18 -8.58
N ASN A 137 54.23 -20.72 -8.07
CA ASN A 137 53.71 -19.39 -8.36
C ASN A 137 53.66 -19.07 -9.85
N PRO A 138 52.96 -19.90 -10.62
CA PRO A 138 52.92 -19.75 -12.08
C PRO A 138 51.95 -18.69 -12.59
N ARG A 139 52.14 -18.30 -13.85
CA ARG A 139 51.12 -17.56 -14.57
C ARG A 139 50.25 -18.62 -15.24
N HIS A 140 48.94 -18.45 -15.14
CA HIS A 140 48.03 -19.40 -15.74
C HIS A 140 47.62 -18.89 -17.12
N ILE A 141 48.22 -19.49 -18.13
CA ILE A 141 47.91 -19.17 -19.52
C ILE A 141 47.18 -20.33 -20.17
N GLU A 142 46.22 -20.03 -21.03
CA GLU A 142 45.45 -21.03 -21.68
C GLU A 142 45.03 -20.60 -23.07
N VAL A 143 44.91 -21.55 -24.01
CA VAL A 143 44.70 -21.26 -25.41
C VAL A 143 43.38 -21.78 -25.97
N GLN A 144 42.59 -20.91 -26.54
CA GLN A 144 41.37 -21.33 -27.17
C GLN A 144 41.71 -22.13 -28.40
N VAL A 145 40.92 -23.16 -28.66
CA VAL A 145 41.11 -24.01 -29.82
C VAL A 145 39.77 -24.25 -30.51
N LEU A 146 39.76 -24.24 -31.83
CA LEU A 146 38.60 -24.69 -32.61
C LEU A 146 38.99 -25.76 -33.63
N ALA A 147 38.42 -26.94 -33.47
CA ALA A 147 38.58 -28.02 -34.45
C ALA A 147 37.24 -28.33 -35.12
N ASP A 148 37.27 -28.66 -36.40
CA ASP A 148 36.06 -29.23 -37.03
C ASP A 148 36.19 -30.76 -37.17
N SER A 149 35.10 -31.39 -37.62
CA SER A 149 35.10 -32.81 -37.94
C SER A 149 36.21 -33.22 -38.92
N HIS A 150 36.49 -32.33 -39.89
CA HIS A 150 37.33 -32.68 -41.03
C HIS A 150 38.80 -32.43 -40.77
N GLY A 151 39.23 -32.45 -39.50
CA GLY A 151 40.67 -32.41 -39.20
C GLY A 151 41.35 -31.06 -39.20
N ASN A 152 40.57 -30.01 -39.42
CA ASN A 152 41.05 -28.65 -39.26
C ASN A 152 41.05 -28.30 -37.80
N VAL A 153 42.12 -27.68 -37.35
CA VAL A 153 42.30 -27.29 -35.97
C VAL A 153 43.04 -25.96 -36.04
N ILE A 154 42.58 -24.98 -35.25
CA ILE A 154 43.14 -23.61 -35.22
C ILE A 154 43.04 -23.10 -33.79
N HIS A 155 43.75 -22.02 -33.54
CA HIS A 155 43.62 -21.34 -32.27
C HIS A 155 43.32 -19.88 -32.49
N LEU A 156 42.35 -19.39 -31.72
CA LEU A 156 42.22 -17.97 -31.42
C LEU A 156 43.26 -17.92 -30.30
N PHE A 157 43.58 -16.79 -29.69
CA PHE A 157 44.91 -16.78 -29.03
C PHE A 157 44.83 -17.26 -27.59
N GLU A 158 45.78 -16.86 -26.76
CA GLU A 158 45.72 -17.23 -25.37
C GLU A 158 44.84 -16.30 -24.54
N ARG A 159 44.66 -16.67 -23.28
CA ARG A 159 44.07 -15.87 -22.25
C ARG A 159 44.83 -16.05 -20.96
N ASP A 160 45.01 -14.94 -20.25
CA ASP A 160 45.71 -14.91 -18.97
C ASP A 160 44.67 -14.97 -17.85
N CYS A 161 44.73 -16.03 -17.04
CA CYS A 161 43.84 -16.20 -15.90
C CYS A 161 44.63 -16.30 -14.60
N SER A 162 45.76 -15.60 -14.56
CA SER A 162 46.63 -15.61 -13.39
C SER A 162 45.98 -14.93 -12.22
N ILE A 163 44.92 -14.15 -12.45
CA ILE A 163 44.22 -13.49 -11.35
C ILE A 163 43.14 -14.43 -10.86
N GLN A 164 43.38 -15.04 -9.72
CA GLN A 164 42.48 -16.03 -9.18
C GLN A 164 42.60 -16.18 -7.68
N ARG A 165 41.57 -16.78 -7.10
CA ARG A 165 41.41 -16.84 -5.65
C ARG A 165 41.08 -18.24 -5.18
N ARG A 166 42.00 -18.85 -4.43
CA ARG A 166 41.77 -20.20 -3.90
C ARG A 166 41.33 -21.09 -5.05
N ASN A 167 42.09 -21.03 -6.14
CA ASN A 167 41.78 -21.77 -7.36
C ASN A 167 40.44 -21.42 -8.04
N GLN A 168 39.84 -20.28 -7.69
CA GLN A 168 38.70 -19.73 -8.45
C GLN A 168 39.13 -18.50 -9.26
N LYS A 169 38.91 -18.58 -10.56
CA LYS A 169 39.33 -17.54 -11.46
C LYS A 169 38.48 -16.30 -11.28
N LEU A 170 39.12 -15.14 -11.18
CA LEU A 170 38.40 -13.87 -11.01
C LEU A 170 38.34 -12.99 -12.27
N ILE A 171 39.51 -12.63 -12.79
CA ILE A 171 39.68 -11.74 -13.94
C ILE A 171 40.47 -12.43 -15.04
N GLU A 172 39.90 -12.43 -16.25
CA GLU A 172 40.56 -13.01 -17.40
C GLU A 172 40.78 -11.99 -18.52
N ILE A 173 41.95 -12.05 -19.12
CA ILE A 173 42.39 -11.06 -20.08
C ILE A 173 42.89 -11.77 -21.34
N ALA A 174 42.59 -11.22 -22.50
CA ALA A 174 43.13 -11.74 -23.74
C ALA A 174 43.53 -10.63 -24.65
N PRO A 175 44.72 -10.72 -25.26
CA PRO A 175 45.75 -11.71 -24.99
C PRO A 175 46.41 -11.40 -23.67
N SER A 176 47.47 -12.12 -23.32
CA SER A 176 48.11 -11.84 -22.07
C SER A 176 48.90 -10.55 -22.21
N PRO A 177 48.82 -9.69 -21.21
CA PRO A 177 49.76 -8.60 -21.22
C PRO A 177 51.16 -9.10 -20.97
N GLN A 178 51.28 -10.32 -20.47
CA GLN A 178 52.57 -10.83 -19.96
C GLN A 178 53.37 -11.63 -20.95
N LEU A 179 52.93 -11.74 -22.20
CA LEU A 179 53.61 -12.62 -23.14
C LEU A 179 54.09 -11.96 -24.43
N SER A 180 55.26 -12.36 -24.91
CA SER A 180 55.80 -11.93 -26.19
C SER A 180 54.99 -12.48 -27.36
N LYS A 181 55.06 -11.85 -28.52
CA LYS A 181 54.44 -12.42 -29.72
C LYS A 181 55.00 -13.84 -29.91
N ALA A 182 56.26 -14.05 -29.49
CA ALA A 182 56.94 -15.33 -29.67
C ALA A 182 56.28 -16.38 -28.83
N GLN A 183 56.11 -16.07 -27.56
CA GLN A 183 55.40 -16.96 -26.65
C GLN A 183 54.00 -17.25 -27.18
N ARG A 184 53.32 -16.23 -27.68
CA ARG A 184 51.96 -16.38 -28.15
C ARG A 184 51.96 -17.42 -29.29
N GLU A 185 52.87 -17.26 -30.26
CA GLU A 185 52.96 -18.17 -31.39
C GLU A 185 53.24 -19.62 -30.96
N TYR A 186 54.11 -19.77 -29.96
CA TYR A 186 54.57 -21.08 -29.54
C TYR A 186 53.46 -21.80 -28.84
N ILE A 187 52.88 -21.12 -27.84
CA ILE A 187 51.84 -21.71 -27.01
C ILE A 187 50.60 -22.01 -27.84
N GLY A 188 50.33 -21.22 -28.85
CA GLY A 188 49.16 -21.45 -29.69
C GLY A 188 49.37 -22.68 -30.54
N ASN A 189 50.56 -22.84 -31.09
CA ASN A 189 50.85 -23.94 -31.98
C ASN A 189 50.90 -25.22 -31.21
N LEU A 190 51.48 -25.13 -30.00
CA LEU A 190 51.60 -26.25 -29.09
C LEU A 190 50.22 -26.76 -28.67
N ALA A 191 49.29 -25.83 -28.44
CA ALA A 191 47.91 -26.17 -28.19
C ALA A 191 47.30 -26.85 -29.40
N VAL A 192 47.47 -26.29 -30.59
CA VAL A 192 46.91 -26.93 -31.80
C VAL A 192 47.46 -28.34 -32.00
N LYS A 193 48.71 -28.56 -31.60
CA LYS A 193 49.35 -29.87 -31.70
C LYS A 193 48.59 -30.88 -30.80
N ALA A 194 48.71 -30.72 -29.47
CA ALA A 194 47.91 -31.47 -28.49
C ALA A 194 46.50 -31.78 -28.95
N ALA A 195 45.75 -30.77 -29.34
CA ALA A 195 44.38 -30.99 -29.85
C ALA A 195 44.39 -32.03 -30.97
N LYS A 196 45.24 -31.80 -31.96
CA LYS A 196 45.38 -32.74 -33.09
C LYS A 196 45.74 -34.15 -32.62
N ALA A 197 46.68 -34.25 -31.67
CA ALA A 197 47.13 -35.53 -31.11
C ALA A 197 45.93 -36.37 -30.77
N VAL A 198 45.10 -35.81 -29.91
CA VAL A 198 43.92 -36.48 -29.39
C VAL A 198 42.73 -36.45 -30.36
N GLY A 199 42.97 -36.20 -31.64
CA GLY A 199 41.88 -36.19 -32.62
C GLY A 199 40.65 -35.44 -32.10
N TYR A 200 40.87 -34.22 -31.62
CA TYR A 200 39.81 -33.39 -31.06
C TYR A 200 38.90 -32.87 -32.16
N LYS A 201 37.69 -32.53 -31.75
CA LYS A 201 36.74 -31.82 -32.57
C LYS A 201 35.93 -30.87 -31.68
N ASN A 202 35.47 -29.78 -32.31
CA ASN A 202 34.74 -28.68 -31.69
C ASN A 202 35.59 -27.78 -30.75
N ALA A 203 34.94 -27.00 -29.88
CA ALA A 203 35.66 -26.01 -29.09
C ALA A 203 36.24 -26.64 -27.88
N GLY A 204 37.49 -26.31 -27.62
CA GLY A 204 38.15 -26.76 -26.40
C GLY A 204 39.20 -25.75 -26.02
N THR A 205 39.75 -25.92 -24.82
CA THR A 205 40.74 -25.06 -24.26
C THR A 205 41.84 -25.92 -23.68
N VAL A 206 43.08 -25.58 -23.96
CA VAL A 206 44.22 -26.27 -23.39
C VAL A 206 44.89 -25.33 -22.41
N GLU A 207 44.98 -25.74 -21.15
CA GLU A 207 45.55 -24.90 -20.08
C GLU A 207 47.00 -25.24 -19.84
N PHE A 208 47.80 -24.23 -19.50
CA PHE A 208 49.21 -24.43 -19.20
C PHE A 208 49.60 -23.64 -17.97
N LEU A 209 50.61 -24.12 -17.26
CA LEU A 209 51.25 -23.31 -16.25
C LEU A 209 52.53 -22.81 -16.87
N LEU A 210 52.90 -21.60 -16.50
CA LEU A 210 54.06 -20.96 -17.06
C LEU A 210 54.97 -20.67 -15.91
N ASP A 211 56.06 -21.42 -15.89
CA ASP A 211 57.06 -21.31 -14.85
C ASP A 211 57.92 -20.05 -15.00
N SER A 212 58.36 -19.49 -13.88
CA SER A 212 59.23 -18.31 -13.88
C SER A 212 60.53 -18.51 -14.68
N ASP A 213 60.79 -19.76 -15.06
CA ASP A 213 61.89 -20.09 -16.01
C ASP A 213 61.48 -20.28 -17.49
N ASN A 214 60.27 -19.83 -17.81
CA ASN A 214 59.72 -19.82 -19.18
C ASN A 214 59.17 -21.15 -19.63
N ASN A 215 59.16 -22.13 -18.75
CA ASN A 215 58.70 -23.45 -19.18
C ASN A 215 57.19 -23.44 -19.13
N PHE A 216 56.57 -23.74 -20.28
CA PHE A 216 55.13 -24.00 -20.31
C PHE A 216 54.93 -25.47 -19.97
N TYR A 217 54.00 -25.76 -19.06
CA TYR A 217 53.67 -27.14 -18.68
C TYR A 217 52.19 -27.35 -18.80
N PHE A 218 51.80 -28.39 -19.54
CA PHE A 218 50.37 -28.73 -19.67
C PHE A 218 49.80 -29.08 -18.32
N MET A 219 48.51 -28.82 -18.15
CA MET A 219 47.83 -29.05 -16.87
C MET A 219 46.47 -29.72 -17.07
N GLU A 220 45.55 -29.09 -17.81
CA GLU A 220 44.24 -29.69 -18.09
C GLU A 220 43.94 -29.55 -19.57
N MET A 221 42.90 -30.23 -20.05
CA MET A 221 42.34 -29.88 -21.36
C MET A 221 40.84 -29.88 -21.30
N ASN A 222 40.27 -28.70 -21.09
CA ASN A 222 38.83 -28.54 -20.97
C ASN A 222 38.16 -28.76 -22.30
N THR A 223 37.37 -29.84 -22.39
CA THR A 223 36.76 -30.32 -23.62
C THR A 223 35.35 -29.76 -23.80
N ARG A 224 35.27 -28.44 -23.69
CA ARG A 224 34.00 -27.72 -23.71
C ARG A 224 34.23 -26.23 -23.96
N LEU A 225 33.16 -25.46 -24.10
CA LEU A 225 33.25 -24.00 -24.00
C LEU A 225 33.69 -23.62 -22.59
N GLN A 226 34.06 -22.36 -22.38
CA GLN A 226 34.43 -21.89 -21.04
C GLN A 226 33.83 -20.53 -20.73
N VAL A 227 33.64 -20.27 -19.43
CA VAL A 227 33.12 -18.99 -18.97
C VAL A 227 33.79 -17.90 -19.80
N GLU A 228 35.11 -17.91 -19.77
CA GLU A 228 35.90 -16.80 -20.31
C GLU A 228 36.11 -16.78 -21.82
N HIS A 229 35.28 -17.43 -22.60
CA HIS A 229 35.37 -17.29 -24.05
C HIS A 229 35.09 -15.89 -24.53
N THR A 230 34.27 -15.15 -23.81
CA THR A 230 33.88 -13.78 -24.23
C THR A 230 35.08 -12.92 -24.54
N VAL A 231 36.07 -13.02 -23.68
CA VAL A 231 37.24 -12.22 -23.83
C VAL A 231 37.96 -12.50 -25.14
N THR A 232 38.04 -13.76 -25.53
CA THR A 232 38.64 -14.12 -26.83
C THR A 232 37.74 -13.78 -28.04
N GLU A 233 36.44 -13.78 -27.83
CA GLU A 233 35.54 -13.42 -28.88
C GLU A 233 35.72 -11.95 -29.19
N GLN A 234 36.09 -11.19 -28.14
CA GLN A 234 36.20 -9.71 -28.25
C GLN A 234 37.36 -9.31 -29.12
N ILE A 235 38.55 -9.76 -28.73
CA ILE A 235 39.72 -9.43 -29.49
C ILE A 235 39.73 -10.00 -30.92
N THR A 236 39.05 -11.12 -31.20
CA THR A 236 39.15 -11.77 -32.55
C THR A 236 38.01 -11.50 -33.48
N GLY A 237 36.81 -11.32 -32.95
CA GLY A 237 35.67 -11.02 -33.82
C GLY A 237 34.84 -12.27 -34.04
N ILE A 238 35.47 -13.42 -33.76
CA ILE A 238 34.87 -14.75 -33.98
C ILE A 238 33.84 -15.14 -32.91
N ASP A 239 32.61 -15.40 -33.36
CA ASP A 239 31.60 -16.01 -32.52
C ASP A 239 31.92 -17.48 -32.37
N ILE A 240 32.30 -17.86 -31.17
CA ILE A 240 32.72 -19.20 -30.89
C ILE A 240 31.52 -20.11 -30.77
N VAL A 241 30.52 -19.69 -30.01
CA VAL A 241 29.31 -20.50 -29.86
C VAL A 241 28.71 -20.80 -31.22
N GLN A 242 28.50 -19.78 -32.05
CA GLN A 242 28.07 -20.04 -33.42
C GLN A 242 28.94 -21.09 -34.14
N GLU A 243 30.26 -21.09 -33.94
CA GLU A 243 31.11 -22.07 -34.64
C GLU A 243 30.81 -23.46 -34.14
N GLN A 244 30.96 -23.69 -32.82
CA GLN A 244 30.55 -24.93 -32.15
C GLN A 244 29.33 -25.57 -32.82
N ILE A 245 28.29 -24.78 -33.04
CA ILE A 245 27.08 -25.30 -33.67
C ILE A 245 27.41 -25.70 -35.11
N ARG A 246 28.06 -24.83 -35.88
CA ARG A 246 28.47 -25.14 -37.28
C ARG A 246 29.34 -26.42 -37.39
N VAL A 247 30.35 -26.54 -36.56
CA VAL A 247 31.16 -27.74 -36.49
C VAL A 247 30.24 -28.96 -36.32
N ALA A 248 29.35 -28.90 -35.32
CA ALA A 248 28.46 -30.00 -34.99
C ALA A 248 27.45 -30.28 -36.08
N ASP A 249 27.14 -29.29 -36.91
CA ASP A 249 26.30 -29.47 -38.06
C ASP A 249 27.19 -29.92 -39.24
N GLY A 250 28.41 -30.38 -38.92
CA GLY A 250 29.32 -30.94 -39.91
C GLY A 250 30.04 -30.00 -40.86
N GLN A 251 29.77 -28.71 -40.76
CA GLN A 251 30.50 -27.69 -41.51
C GLN A 251 32.01 -27.68 -41.20
N ARG A 252 32.76 -27.12 -42.16
CA ARG A 252 34.22 -26.91 -42.03
C ARG A 252 34.46 -25.59 -41.28
N LEU A 253 35.57 -25.50 -40.54
CA LEU A 253 35.90 -24.24 -39.86
C LEU A 253 35.81 -23.07 -40.83
N GLN A 254 35.29 -21.95 -40.36
CA GLN A 254 35.12 -20.78 -41.19
C GLN A 254 36.43 -19.97 -41.45
N TYR A 255 37.51 -20.28 -40.73
CA TYR A 255 38.72 -19.44 -40.75
C TYR A 255 40.01 -20.29 -40.61
N LYS A 256 40.98 -20.09 -41.51
CA LYS A 256 42.35 -20.64 -41.34
C LYS A 256 43.16 -19.76 -40.36
N GLN A 257 44.24 -20.28 -39.75
CA GLN A 257 44.99 -19.47 -38.74
C GLN A 257 45.40 -18.12 -39.28
N SER A 258 45.86 -18.10 -40.53
CA SER A 258 46.38 -16.88 -41.12
C SER A 258 45.29 -15.84 -41.12
N GLU A 259 44.04 -16.28 -41.21
CA GLU A 259 42.89 -15.36 -41.19
C GLU A 259 42.43 -14.93 -39.76
N VAL A 260 42.94 -15.57 -38.70
CA VAL A 260 42.61 -15.26 -37.30
C VAL A 260 43.48 -14.10 -36.81
N GLN A 261 42.82 -13.02 -36.42
CA GLN A 261 43.45 -11.76 -36.11
C GLN A 261 42.91 -11.16 -34.86
N TYR A 262 43.77 -10.58 -34.01
CA TYR A 262 43.26 -9.84 -32.85
C TYR A 262 43.64 -8.37 -32.83
N ARG A 263 42.79 -7.57 -32.17
CA ARG A 263 43.16 -6.21 -31.81
C ARG A 263 42.74 -5.84 -30.44
N GLY A 264 43.65 -5.22 -29.72
CA GLY A 264 43.31 -4.65 -28.45
C GLY A 264 43.53 -5.61 -27.31
N PHE A 265 42.95 -5.27 -26.18
CA PHE A 265 42.87 -6.16 -25.04
C PHE A 265 41.43 -6.23 -24.60
N ALA A 266 41.08 -7.37 -24.00
CA ALA A 266 39.76 -7.58 -23.47
C ALA A 266 39.96 -8.16 -22.10
N MET A 267 39.10 -7.72 -21.19
CA MET A 267 39.15 -8.11 -19.80
C MET A 267 37.73 -8.47 -19.41
N GLU A 268 37.59 -9.54 -18.63
CA GLU A 268 36.29 -10.03 -18.20
C GLU A 268 36.22 -10.26 -16.71
N PHE A 269 35.23 -9.64 -16.09
CA PHE A 269 35.07 -9.67 -14.66
C PHE A 269 33.91 -10.57 -14.38
N ARG A 270 34.08 -11.43 -13.37
CA ARG A 270 32.99 -12.27 -12.90
C ARG A 270 32.21 -11.57 -11.80
N ILE A 271 31.07 -11.01 -12.17
CA ILE A 271 30.27 -10.24 -11.22
C ILE A 271 29.43 -11.19 -10.37
N ASN A 272 30.10 -11.76 -9.36
CA ASN A 272 29.46 -12.66 -8.40
C ASN A 272 28.72 -11.91 -7.29
N ALA A 273 27.56 -12.43 -6.89
CA ALA A 273 26.85 -11.96 -5.69
C ALA A 273 27.49 -12.60 -4.46
N GLU A 274 28.63 -12.06 -4.06
CA GLU A 274 29.32 -12.40 -2.81
C GLU A 274 29.74 -11.09 -2.12
N ASP A 275 30.15 -11.22 -0.86
CA ASP A 275 30.61 -10.08 -0.09
C ASP A 275 32.06 -10.36 0.31
N PRO A 276 33.01 -9.79 -0.42
CA PRO A 276 34.45 -9.95 -0.15
C PRO A 276 34.91 -9.55 1.25
N LYS A 277 34.24 -8.56 1.84
CA LYS A 277 34.52 -8.15 3.22
C LYS A 277 34.31 -9.29 4.23
N ASN A 278 33.31 -10.11 3.94
CA ASN A 278 32.95 -11.25 4.79
C ASN A 278 33.48 -12.55 4.15
N ASP A 279 34.80 -12.64 3.99
CA ASP A 279 35.41 -13.78 3.29
C ASP A 279 34.52 -14.35 2.17
N PHE A 280 34.17 -13.50 1.20
CA PHE A 280 33.43 -13.88 0.00
C PHE A 280 32.23 -14.79 0.28
N LEU A 281 31.53 -14.52 1.37
CA LEU A 281 30.31 -15.26 1.68
C LEU A 281 29.32 -14.99 0.59
N PRO A 282 28.56 -16.00 0.18
CA PRO A 282 27.50 -15.67 -0.76
C PRO A 282 26.58 -14.60 -0.21
N SER A 283 25.94 -13.84 -1.11
CA SER A 283 25.07 -12.74 -0.74
C SER A 283 23.75 -12.90 -1.49
N PHE A 284 23.16 -14.08 -1.38
CA PHE A 284 21.95 -14.36 -2.14
C PHE A 284 20.78 -13.50 -1.67
N GLY A 285 19.80 -13.34 -2.54
CA GLY A 285 18.64 -12.51 -2.22
C GLY A 285 18.15 -11.85 -3.48
N LYS A 286 17.46 -10.72 -3.32
CA LYS A 286 16.81 -10.03 -4.43
C LYS A 286 17.55 -8.78 -4.90
N ILE A 287 17.63 -8.65 -6.23
CA ILE A 287 18.22 -7.49 -6.87
C ILE A 287 17.08 -6.53 -7.16
N THR A 288 17.05 -5.44 -6.39
CA THR A 288 15.94 -4.47 -6.41
C THR A 288 16.03 -3.50 -7.57
N ARG A 289 17.24 -2.98 -7.83
CA ARG A 289 17.48 -2.14 -9.00
C ARG A 289 18.73 -2.57 -9.75
N TYR A 290 18.62 -2.55 -11.09
CA TYR A 290 19.74 -2.92 -11.97
C TYR A 290 19.76 -2.05 -13.22
N TYR A 291 20.87 -1.34 -13.44
CA TYR A 291 21.08 -0.63 -14.70
C TYR A 291 22.33 -1.18 -15.36
N ALA A 292 22.16 -1.58 -16.61
CA ALA A 292 23.23 -2.27 -17.33
C ALA A 292 24.20 -1.28 -17.91
N PRO A 293 25.50 -1.63 -17.87
CA PRO A 293 26.55 -0.79 -18.40
C PRO A 293 26.41 -0.67 -19.89
N GLY A 294 27.19 0.21 -20.51
CA GLY A 294 26.88 0.68 -21.86
C GLY A 294 27.96 1.50 -22.51
N GLY A 295 27.62 2.01 -23.70
CA GLY A 295 28.61 2.72 -24.51
C GLY A 295 29.86 1.93 -24.88
N PRO A 296 30.90 2.61 -25.33
CA PRO A 296 31.90 1.89 -26.07
C PRO A 296 32.70 0.95 -25.18
N GLY A 297 33.15 -0.15 -25.77
CA GLY A 297 34.05 -1.08 -25.13
C GLY A 297 33.41 -2.03 -24.16
N ILE A 298 32.07 -2.07 -24.12
CA ILE A 298 31.32 -2.74 -23.04
C ILE A 298 30.41 -3.86 -23.52
N ARG A 299 30.61 -5.06 -22.98
CA ARG A 299 29.73 -6.19 -23.25
C ARG A 299 29.34 -6.84 -21.95
N MET A 300 28.05 -7.14 -21.87
CA MET A 300 27.48 -7.79 -20.72
C MET A 300 26.87 -9.15 -21.12
N ASP A 301 27.12 -10.15 -20.28
CA ASP A 301 26.47 -11.46 -20.41
C ASP A 301 25.87 -11.80 -19.04
N ALA A 302 24.59 -11.50 -18.89
CA ALA A 302 23.96 -11.49 -17.60
C ALA A 302 23.08 -12.70 -17.37
N ALA A 303 23.17 -13.22 -16.15
CA ALA A 303 22.09 -14.03 -15.61
C ALA A 303 20.96 -13.10 -15.14
N MET A 304 21.31 -12.18 -14.25
CA MET A 304 20.37 -11.25 -13.58
C MET A 304 19.62 -10.25 -14.45
N TYR A 305 18.67 -9.57 -13.82
CA TYR A 305 17.85 -8.49 -14.42
C TYR A 305 17.17 -7.72 -13.29
N SER A 306 16.35 -6.74 -13.63
CA SER A 306 15.67 -5.92 -12.60
C SER A 306 14.60 -6.72 -11.81
N GLY A 307 14.81 -6.89 -10.50
CA GLY A 307 13.86 -7.64 -9.67
C GLY A 307 14.19 -9.13 -9.43
N TYR A 308 15.08 -9.65 -10.25
CA TYR A 308 15.51 -11.02 -10.18
C TYR A 308 15.89 -11.42 -8.78
N VAL A 309 15.49 -12.64 -8.41
CA VAL A 309 15.77 -13.16 -7.09
C VAL A 309 16.77 -14.29 -7.28
N ILE A 310 17.95 -14.15 -6.70
CA ILE A 310 19.03 -15.08 -6.97
C ILE A 310 18.77 -16.32 -6.14
N PRO A 311 18.51 -17.48 -6.80
CA PRO A 311 18.34 -18.70 -6.00
C PRO A 311 19.63 -19.09 -5.33
N PRO A 312 19.54 -19.73 -4.15
CA PRO A 312 20.73 -20.04 -3.35
C PRO A 312 21.38 -21.40 -3.60
N TYR A 313 20.89 -22.16 -4.58
CA TYR A 313 21.30 -23.55 -4.75
C TYR A 313 22.53 -23.71 -5.64
N TYR A 314 22.85 -22.65 -6.39
CA TYR A 314 23.83 -22.69 -7.48
C TYR A 314 24.97 -21.77 -7.17
N ASP A 315 25.68 -21.31 -8.21
CA ASP A 315 26.78 -20.37 -8.06
C ASP A 315 26.26 -18.93 -7.87
N SER A 316 27.20 -18.07 -7.51
CA SER A 316 26.91 -16.67 -7.24
C SER A 316 26.91 -15.71 -8.46
N MET A 317 27.26 -16.19 -9.65
CA MET A 317 27.48 -15.29 -10.79
C MET A 317 26.24 -14.67 -11.44
N CYS A 318 26.00 -13.40 -11.15
CA CYS A 318 24.86 -12.71 -11.73
C CYS A 318 25.12 -12.20 -13.14
N ALA A 319 26.36 -11.83 -13.44
CA ALA A 319 26.74 -11.50 -14.84
C ALA A 319 28.24 -11.50 -15.05
N LYS A 320 28.64 -11.66 -16.32
CA LYS A 320 30.04 -11.51 -16.72
C LYS A 320 30.13 -10.17 -17.43
N LEU A 321 31.02 -9.31 -16.98
CA LEU A 321 31.20 -8.00 -17.59
C LEU A 321 32.53 -8.07 -18.29
N THR A 322 32.49 -7.67 -19.56
CA THR A 322 33.60 -7.88 -20.47
C THR A 322 33.89 -6.55 -21.14
N VAL A 323 35.08 -6.04 -20.92
CA VAL A 323 35.47 -4.68 -21.32
C VAL A 323 36.55 -4.73 -22.39
N TRP A 324 36.50 -3.83 -23.36
CA TRP A 324 37.52 -3.84 -24.43
C TRP A 324 38.04 -2.47 -24.83
N ALA A 325 39.34 -2.39 -25.07
CA ALA A 325 39.95 -1.15 -25.53
C ALA A 325 41.15 -1.46 -26.39
N LEU A 326 41.64 -0.47 -27.14
CA LEU A 326 42.81 -0.68 -28.01
C LEU A 326 44.10 -0.96 -27.27
N ASN A 327 44.18 -0.81 -25.96
CA ASN A 327 45.43 -1.14 -25.28
C ASN A 327 45.42 -1.25 -23.76
N TRP A 328 46.52 -1.76 -23.21
CA TRP A 328 46.51 -2.03 -21.80
C TRP A 328 46.04 -0.85 -20.93
N GLU A 329 46.74 0.28 -21.05
CA GLU A 329 46.34 1.45 -20.29
C GLU A 329 44.85 1.74 -20.46
N SER A 330 44.39 1.87 -21.70
CA SER A 330 42.97 2.18 -21.96
C SER A 330 42.01 1.18 -21.31
N VAL A 331 42.29 -0.11 -21.47
CA VAL A 331 41.42 -1.17 -20.94
C VAL A 331 41.16 -0.99 -19.47
N VAL A 332 42.24 -0.94 -18.70
CA VAL A 332 42.15 -0.79 -17.26
C VAL A 332 41.25 0.39 -16.88
N GLU A 333 41.47 1.54 -17.52
CA GLU A 333 40.61 2.66 -17.32
C GLU A 333 39.17 2.30 -17.61
N ARG A 334 38.94 1.78 -18.80
CA ARG A 334 37.60 1.35 -19.15
C ARG A 334 37.06 0.29 -18.17
N GLY A 335 37.95 -0.48 -17.56
CA GLY A 335 37.50 -1.49 -16.62
C GLY A 335 36.82 -0.80 -15.46
N ARG A 336 37.66 -0.04 -14.75
CA ARG A 336 37.25 0.84 -13.65
C ARG A 336 35.92 1.54 -13.90
N ARG A 337 35.77 2.05 -15.12
CA ARG A 337 34.55 2.72 -15.47
C ARG A 337 33.38 1.78 -15.45
N ALA A 338 33.50 0.71 -16.24
CA ALA A 338 32.39 -0.18 -16.52
C ALA A 338 31.91 -0.81 -15.22
N LEU A 339 32.84 -1.05 -14.30
CA LEU A 339 32.47 -1.54 -12.99
C LEU A 339 31.52 -0.57 -12.25
N ASN A 340 31.90 0.69 -12.16
CA ASN A 340 30.97 1.74 -11.69
C ASN A 340 29.72 1.91 -12.53
N ASP A 341 29.88 1.66 -13.82
CA ASP A 341 28.78 1.76 -14.79
C ASP A 341 27.71 0.73 -14.55
N THR A 342 28.09 -0.35 -13.89
CA THR A 342 27.20 -1.46 -13.62
C THR A 342 26.57 -1.18 -12.26
N VAL A 343 25.27 -0.94 -12.27
CA VAL A 343 24.58 -0.47 -11.07
C VAL A 343 23.56 -1.50 -10.57
N VAL A 344 23.74 -1.93 -9.33
CA VAL A 344 23.11 -3.14 -8.78
C VAL A 344 22.70 -2.95 -7.33
N TYR A 345 21.41 -2.83 -7.05
CA TYR A 345 20.93 -2.66 -5.67
C TYR A 345 20.24 -3.90 -5.13
N GLY A 346 20.58 -4.25 -3.88
CA GLY A 346 19.86 -5.29 -3.14
C GLY A 346 20.78 -6.36 -2.60
N VAL A 347 22.01 -6.43 -3.11
CA VAL A 347 22.89 -7.57 -2.92
C VAL A 347 24.34 -7.14 -3.01
N LYS A 348 25.17 -7.64 -2.11
CA LYS A 348 26.58 -7.28 -2.14
C LYS A 348 27.33 -7.97 -3.30
N THR A 349 28.13 -7.19 -4.02
CA THR A 349 28.85 -7.66 -5.21
C THR A 349 30.36 -7.48 -5.10
N THR A 350 31.09 -8.18 -5.98
CA THR A 350 32.56 -8.16 -6.02
C THR A 350 33.15 -6.93 -6.75
N ILE A 351 32.27 -6.12 -7.34
CA ILE A 351 32.69 -4.89 -8.03
C ILE A 351 33.70 -4.12 -7.19
N PRO A 352 33.29 -3.64 -6.02
CA PRO A 352 34.24 -2.89 -5.19
C PRO A 352 35.61 -3.55 -5.07
N TYR A 353 35.61 -4.86 -4.85
CA TYR A 353 36.86 -5.59 -4.76
C TYR A 353 37.68 -5.45 -6.04
N TYR A 354 37.01 -5.57 -7.18
CA TYR A 354 37.70 -5.53 -8.46
C TYR A 354 38.35 -4.18 -8.68
N GLN A 355 37.69 -3.12 -8.20
CA GLN A 355 38.21 -1.77 -8.35
C GLN A 355 39.54 -1.66 -7.62
N GLU A 356 39.65 -2.34 -6.48
CA GLU A 356 40.91 -2.40 -5.71
C GLU A 356 42.06 -3.03 -6.52
N ILE A 357 41.72 -4.12 -7.21
CA ILE A 357 42.68 -4.81 -8.04
C ILE A 357 43.16 -3.86 -9.14
N LEU A 358 42.21 -3.30 -9.90
CA LEU A 358 42.53 -2.41 -11.01
C LEU A 358 43.33 -1.18 -10.55
N LYS A 359 43.07 -0.73 -9.32
CA LYS A 359 43.86 0.35 -8.72
C LYS A 359 45.32 -0.06 -8.50
N HIS A 360 45.54 -1.28 -8.03
CA HIS A 360 46.84 -1.67 -7.51
C HIS A 360 47.91 -1.67 -8.60
N PRO A 361 49.09 -1.11 -8.32
CA PRO A 361 50.12 -0.92 -9.37
C PRO A 361 50.71 -2.19 -10.00
N ASP A 362 51.11 -3.18 -9.19
CA ASP A 362 51.56 -4.47 -9.77
C ASP A 362 50.64 -4.95 -10.88
N PHE A 363 49.33 -4.79 -10.69
CA PHE A 363 48.37 -5.16 -11.72
C PHE A 363 48.43 -4.23 -12.92
N ARG A 364 48.37 -2.93 -12.69
CA ARG A 364 48.45 -1.99 -13.81
C ARG A 364 49.76 -2.23 -14.57
N ASN A 365 50.81 -2.59 -13.84
CA ASN A 365 52.12 -2.71 -14.45
C ASN A 365 52.17 -3.95 -15.34
N ALA A 366 51.24 -4.88 -15.10
CA ALA A 366 51.00 -6.00 -16.01
C ALA A 366 52.02 -7.08 -15.82
N ILE A 367 52.37 -7.33 -14.56
CA ILE A 367 53.24 -8.43 -14.15
C ILE A 367 52.70 -9.07 -12.88
N PHE A 368 52.18 -10.30 -13.00
CA PHE A 368 51.50 -10.96 -11.89
C PHE A 368 51.30 -12.45 -12.15
N ASN A 369 51.19 -13.23 -11.06
CA ASN A 369 50.97 -14.69 -11.13
C ASN A 369 49.85 -15.12 -10.16
N THR A 370 49.60 -16.42 -10.06
CA THR A 370 48.46 -16.92 -9.29
C THR A 370 48.46 -16.47 -7.84
N SER A 371 49.62 -16.11 -7.31
CA SER A 371 49.75 -15.71 -5.90
C SER A 371 49.28 -14.29 -5.62
N PHE A 372 49.08 -13.52 -6.67
CA PHE A 372 48.79 -12.10 -6.52
C PHE A 372 47.69 -11.83 -5.49
N VAL A 373 46.54 -12.49 -5.61
CA VAL A 373 45.46 -12.26 -4.64
C VAL A 373 45.94 -12.62 -3.22
N GLU A 374 46.35 -13.88 -3.04
CA GLU A 374 46.86 -14.36 -1.75
C GLU A 374 47.92 -13.40 -1.23
N SER A 375 48.89 -13.07 -2.08
CA SER A 375 50.01 -12.18 -1.71
C SER A 375 49.63 -10.73 -1.42
N HIS A 376 48.34 -10.40 -1.46
CA HIS A 376 47.86 -9.02 -1.28
C HIS A 376 46.50 -8.99 -0.59
N PRO A 377 46.45 -9.44 0.67
CA PRO A 377 45.17 -9.45 1.39
C PRO A 377 44.51 -8.06 1.54
N GLU A 378 45.34 -7.00 1.52
CA GLU A 378 44.85 -5.60 1.65
C GLU A 378 43.69 -5.30 0.72
N LEU A 379 43.61 -6.02 -0.39
CA LEU A 379 42.59 -5.74 -1.43
C LEU A 379 41.16 -5.81 -0.94
N ALA A 380 40.91 -6.54 0.15
CA ALA A 380 39.55 -6.59 0.73
C ALA A 380 39.29 -5.48 1.75
N ASN A 381 40.34 -4.85 2.29
CA ASN A 381 40.14 -3.74 3.21
C ASN A 381 39.99 -2.41 2.46
N TYR A 382 38.80 -2.21 1.89
CA TYR A 382 38.53 -1.01 1.13
C TYR A 382 37.38 -0.16 1.69
N ALA A 383 37.31 1.09 1.24
CA ALA A 383 36.24 2.01 1.59
C ALA A 383 34.89 1.55 1.03
N THR A 384 33.97 1.14 1.91
CA THR A 384 32.63 0.73 1.49
C THR A 384 31.68 1.93 1.51
N GLN A 385 31.53 2.62 0.37
CA GLN A 385 30.69 3.84 0.31
C GLN A 385 29.32 3.55 0.92
N PHE A 386 28.77 4.52 1.67
CA PHE A 386 27.54 4.28 2.42
C PHE A 386 26.35 4.20 1.46
N PRO A 387 25.53 3.16 1.61
CA PRO A 387 24.46 2.91 0.63
C PRO A 387 23.49 4.07 0.46
N ARG A 388 23.20 4.43 -0.79
CA ARG A 388 22.17 5.40 -1.09
C ARG A 388 20.80 4.96 -0.56
N GLU A 389 20.60 3.65 -0.36
CA GLU A 389 19.34 3.15 0.25
C GLU A 389 19.25 3.52 1.75
N LEU A 390 20.38 3.75 2.40
CA LEU A 390 20.39 4.16 3.81
C LEU A 390 20.30 5.69 3.95
N VAL A 391 21.03 6.43 3.13
CA VAL A 391 20.91 7.89 3.11
C VAL A 391 19.45 8.35 2.95
N ALA A 392 18.72 7.73 2.02
CA ALA A 392 17.29 8.03 1.82
C ALA A 392 16.44 7.84 3.08
N ALA A 393 16.81 6.88 3.91
CA ALA A 393 16.11 6.63 5.16
C ALA A 393 16.43 7.73 6.18
N ALA A 394 17.71 8.02 6.36
CA ALA A 394 18.16 9.11 7.23
C ALA A 394 17.48 10.46 6.89
N ILE A 395 17.36 10.77 5.60
CA ILE A 395 16.67 12.00 5.17
C ILE A 395 15.18 11.92 5.50
N SER A 396 14.54 10.83 5.10
CA SER A 396 13.11 10.66 5.38
C SER A 396 12.79 10.76 6.89
N ALA A 397 13.74 10.41 7.77
CA ALA A 397 13.58 10.57 9.22
C ALA A 397 13.72 12.04 9.66
N ALA A 398 14.56 12.78 8.98
CA ALA A 398 14.64 14.22 9.18
C ALA A 398 13.30 14.90 8.78
N ILE A 399 12.66 14.46 7.70
CA ILE A 399 11.35 14.98 7.28
C ILE A 399 10.24 14.58 8.27
N ALA A 400 10.33 13.38 8.81
CA ALA A 400 9.34 12.92 9.79
C ALA A 400 9.39 13.73 11.09
N ALA A 401 10.61 13.98 11.59
CA ALA A 401 10.83 14.78 12.80
C ALA A 401 10.53 16.27 12.58
N HIS A 402 10.63 16.72 11.34
CA HIS A 402 10.28 18.10 10.97
C HIS A 402 8.75 18.27 10.84
N GLU A 403 8.00 17.17 10.80
CA GLU A 403 6.54 17.24 10.72
C GLU A 403 5.85 16.18 11.58
N GLY A 404 5.56 16.51 12.83
CA GLY A 404 4.94 15.56 13.75
C GLY A 404 5.94 14.53 14.25
N MET B 1 44.11 18.98 -16.24
CA MET B 1 43.60 20.37 -16.02
C MET B 1 42.07 20.43 -15.88
N ILE B 2 41.31 19.69 -16.69
CA ILE B 2 39.85 19.67 -16.55
C ILE B 2 39.43 18.65 -15.51
N LYS B 3 38.81 19.08 -14.42
CA LYS B 3 38.37 18.13 -13.39
C LYS B 3 36.86 18.04 -13.21
N LYS B 4 36.07 18.85 -13.94
CA LYS B 4 34.63 18.83 -13.74
C LYS B 4 33.89 19.36 -14.95
N ILE B 5 32.84 18.67 -15.36
CA ILE B 5 32.15 19.03 -16.59
C ILE B 5 30.66 19.17 -16.36
N LEU B 6 30.08 20.12 -17.09
CA LEU B 6 28.65 20.30 -17.05
C LEU B 6 28.03 19.69 -18.31
N ILE B 7 27.42 18.51 -18.16
CA ILE B 7 26.71 17.97 -19.27
C ILE B 7 25.42 18.79 -19.52
N ALA B 8 25.51 19.70 -20.48
CA ALA B 8 24.37 20.55 -20.91
C ALA B 8 23.44 19.81 -21.87
N ASN B 9 22.87 18.73 -21.40
CA ASN B 9 21.96 17.95 -22.20
C ASN B 9 21.23 16.94 -21.30
N ARG B 10 20.32 16.22 -21.93
CA ARG B 10 19.50 15.25 -21.28
C ARG B 10 19.63 13.90 -21.97
N GLY B 11 18.66 13.04 -21.69
CA GLY B 11 18.47 11.79 -22.36
C GLY B 11 19.71 10.95 -22.49
N GLU B 12 19.82 10.37 -23.67
CA GLU B 12 20.73 9.30 -23.92
C GLU B 12 22.18 9.81 -23.94
N ILE B 13 22.39 10.98 -24.56
CA ILE B 13 23.75 11.51 -24.76
C ILE B 13 24.36 12.04 -23.48
N ALA B 14 23.53 12.52 -22.57
CA ALA B 14 23.97 12.85 -21.21
C ALA B 14 24.59 11.66 -20.53
N VAL B 15 23.92 10.50 -20.67
CA VAL B 15 24.43 9.23 -20.15
C VAL B 15 25.77 8.87 -20.80
N ARG B 16 25.88 9.05 -22.13
CA ARG B 16 27.12 8.73 -22.84
C ARG B 16 28.27 9.48 -22.22
N ILE B 17 28.00 10.77 -21.96
CA ILE B 17 29.04 11.70 -21.56
C ILE B 17 29.36 11.42 -20.11
N VAL B 18 28.35 11.06 -19.32
CA VAL B 18 28.61 10.66 -17.93
C VAL B 18 29.62 9.53 -17.93
N ARG B 19 29.43 8.61 -18.88
CA ARG B 19 30.32 7.45 -19.08
C ARG B 19 31.71 7.94 -19.52
N ALA B 20 31.77 8.86 -20.48
CA ALA B 20 33.06 9.44 -20.88
C ALA B 20 33.85 10.08 -19.74
N CYS B 21 33.16 10.81 -18.88
CA CYS B 21 33.85 11.56 -17.81
C CYS B 21 34.36 10.54 -16.83
N SER B 22 33.47 9.64 -16.41
CA SER B 22 33.88 8.63 -15.44
C SER B 22 35.16 7.95 -15.95
N GLU B 23 35.21 7.66 -17.25
CA GLU B 23 36.36 6.97 -17.79
C GLU B 23 37.62 7.78 -17.59
N MET B 24 37.50 9.11 -17.68
CA MET B 24 38.67 9.99 -17.57
C MET B 24 38.99 10.44 -16.15
N GLY B 25 38.19 10.04 -15.19
CA GLY B 25 38.43 10.43 -13.80
C GLY B 25 38.09 11.89 -13.55
N ILE B 26 37.03 12.33 -14.21
CA ILE B 26 36.54 13.70 -14.19
C ILE B 26 35.12 13.71 -13.64
N LYS B 27 34.82 14.65 -12.73
CA LYS B 27 33.50 14.75 -12.12
C LYS B 27 32.46 15.23 -13.14
N SER B 28 31.27 14.62 -13.11
CA SER B 28 30.22 15.00 -14.05
C SER B 28 29.08 15.70 -13.32
N VAL B 29 28.43 16.63 -14.03
CA VAL B 29 27.35 17.38 -13.49
C VAL B 29 26.19 17.35 -14.47
N ALA B 30 25.08 16.77 -14.02
CA ALA B 30 23.88 16.68 -14.84
C ALA B 30 22.97 17.90 -14.66
N ILE B 31 22.12 18.15 -15.65
CA ILE B 31 21.07 19.14 -15.53
C ILE B 31 19.71 18.58 -15.94
N TYR B 32 18.70 18.73 -15.08
CA TYR B 32 17.39 18.23 -15.41
C TYR B 32 16.30 19.21 -15.23
N SER B 33 15.39 19.26 -16.19
CA SER B 33 14.10 19.88 -15.98
C SER B 33 13.39 19.07 -14.91
N ASP B 34 12.15 19.42 -14.57
CA ASP B 34 11.40 18.67 -13.58
C ASP B 34 10.99 17.34 -14.19
N ALA B 35 10.58 17.38 -15.45
CA ALA B 35 10.22 16.14 -16.16
C ALA B 35 11.34 15.10 -16.12
N ASP B 36 12.58 15.55 -16.19
CA ASP B 36 13.74 14.65 -16.30
C ASP B 36 14.30 14.37 -14.92
N ARG B 37 13.47 14.48 -13.90
CA ARG B 37 13.94 14.30 -12.54
C ARG B 37 14.50 12.89 -12.34
N HIS B 38 13.87 11.93 -13.02
CA HIS B 38 14.18 10.50 -12.84
C HIS B 38 15.07 9.94 -13.95
N ALA B 39 15.41 10.78 -14.93
CA ALA B 39 16.22 10.37 -16.05
C ALA B 39 17.50 9.63 -15.62
N LEU B 40 17.92 8.73 -16.50
CA LEU B 40 19.03 7.87 -16.20
C LEU B 40 20.32 8.68 -15.99
N HIS B 41 20.57 9.73 -16.79
CA HIS B 41 21.79 10.55 -16.58
C HIS B 41 21.92 11.15 -15.20
N VAL B 42 20.79 11.58 -14.65
CA VAL B 42 20.75 12.16 -13.31
C VAL B 42 21.18 11.13 -12.27
N LYS B 43 20.64 9.92 -12.36
CA LYS B 43 21.01 8.86 -11.40
C LYS B 43 22.50 8.61 -11.46
N LYS B 44 22.99 8.55 -12.70
CA LYS B 44 24.34 8.12 -13.04
C LYS B 44 25.43 9.16 -12.73
N ALA B 45 25.06 10.45 -12.83
CA ALA B 45 26.02 11.54 -12.71
C ALA B 45 26.51 11.77 -11.30
N ASP B 46 27.69 12.40 -11.18
CA ASP B 46 28.27 12.71 -9.85
C ASP B 46 27.51 13.82 -9.10
N GLU B 47 26.90 14.74 -9.86
CA GLU B 47 26.11 15.82 -9.34
C GLU B 47 25.02 16.16 -10.32
N ALA B 48 23.93 16.73 -9.81
CA ALA B 48 22.82 17.21 -10.65
C ALA B 48 22.14 18.48 -10.09
N TYR B 49 21.37 19.17 -10.93
CA TYR B 49 20.85 20.48 -10.59
C TYR B 49 19.63 20.80 -11.45
N ASN B 50 18.54 21.25 -10.79
CA ASN B 50 17.28 21.55 -11.49
C ASN B 50 17.43 22.81 -12.37
N ILE B 51 16.75 22.84 -13.50
CA ILE B 51 16.90 23.97 -14.42
C ILE B 51 15.53 24.50 -14.88
N GLY B 52 14.54 24.34 -14.02
CA GLY B 52 13.23 24.90 -14.29
C GLY B 52 12.10 23.91 -14.28
N SER B 53 10.90 24.44 -14.10
CA SER B 53 9.68 23.68 -14.15
C SER B 53 9.34 23.43 -15.60
N ASP B 54 9.77 24.32 -16.49
CA ASP B 54 9.48 24.12 -17.91
C ASP B 54 10.25 22.91 -18.36
N PRO B 55 9.65 22.09 -19.23
CA PRO B 55 10.39 20.97 -19.78
C PRO B 55 11.62 21.41 -20.58
N VAL B 56 11.46 22.43 -21.40
CA VAL B 56 12.47 22.79 -22.42
C VAL B 56 13.38 24.00 -22.11
N LEU B 57 12.80 25.09 -21.63
CA LEU B 57 13.47 26.39 -21.71
C LEU B 57 14.81 26.41 -21.00
N GLY B 58 14.90 25.73 -19.88
CA GLY B 58 16.13 25.72 -19.10
C GLY B 58 17.28 25.06 -19.82
N TYR B 59 16.98 24.12 -20.71
CA TYR B 59 18.00 23.43 -21.52
C TYR B 59 18.52 24.30 -22.66
N LEU B 60 17.63 25.06 -23.31
CA LEU B 60 18.04 26.04 -24.33
C LEU B 60 18.47 27.43 -23.77
N ASN B 61 18.72 27.54 -22.47
CA ASN B 61 19.07 28.83 -21.94
C ASN B 61 20.57 28.99 -21.69
N ALA B 62 21.26 29.51 -22.70
CA ALA B 62 22.71 29.61 -22.65
C ALA B 62 23.20 30.19 -21.32
N HIS B 63 22.69 31.36 -20.96
CA HIS B 63 23.24 32.16 -19.83
C HIS B 63 23.17 31.58 -18.41
N ASN B 64 22.06 30.95 -18.02
CA ASN B 64 22.01 30.41 -16.64
C ASN B 64 22.58 29.00 -16.55
N ILE B 65 22.62 28.29 -17.68
CA ILE B 65 23.40 27.05 -17.74
C ILE B 65 24.86 27.36 -17.36
N VAL B 66 25.40 28.42 -17.97
CA VAL B 66 26.75 28.84 -17.67
C VAL B 66 26.86 29.41 -16.23
N ASN B 67 25.80 30.03 -15.72
CA ASN B 67 25.82 30.50 -14.34
C ASN B 67 26.00 29.32 -13.44
N LEU B 68 25.26 28.25 -13.77
CA LEU B 68 25.35 26.99 -13.02
C LEU B 68 26.73 26.36 -13.19
N ALA B 69 27.26 26.37 -14.42
CA ALA B 69 28.58 25.84 -14.67
C ALA B 69 29.60 26.52 -13.76
N VAL B 70 29.43 27.83 -13.61
CA VAL B 70 30.41 28.69 -12.93
C VAL B 70 30.26 28.55 -11.43
N ALA B 71 29.01 28.68 -10.98
CA ALA B 71 28.63 28.41 -9.62
C ALA B 71 29.08 27.00 -9.15
N SER B 72 29.04 26.04 -10.07
CA SER B 72 29.30 24.63 -9.75
C SER B 72 30.75 24.29 -9.54
N GLY B 73 31.64 25.07 -10.15
CA GLY B 73 33.06 24.73 -10.13
C GLY B 73 33.49 23.96 -11.37
N CYS B 74 32.70 24.07 -12.44
CA CYS B 74 32.96 23.33 -13.65
C CYS B 74 34.03 24.07 -14.40
N ASP B 75 35.03 23.33 -14.89
CA ASP B 75 36.13 23.86 -15.68
C ASP B 75 35.76 23.92 -17.15
N ALA B 76 34.76 23.15 -17.54
CA ALA B 76 34.44 22.95 -18.96
C ALA B 76 33.02 22.49 -19.10
N LEU B 77 32.49 22.53 -20.31
CA LEU B 77 31.10 22.22 -20.53
C LEU B 77 30.86 21.52 -21.86
N HIS B 78 30.01 20.47 -21.84
CA HIS B 78 29.69 19.68 -23.01
C HIS B 78 28.26 19.82 -23.42
N PRO B 79 28.01 20.21 -24.67
CA PRO B 79 26.65 20.49 -25.12
C PRO B 79 26.00 19.33 -25.82
N GLY B 80 26.62 18.16 -25.78
CA GLY B 80 26.15 17.02 -26.56
C GLY B 80 25.76 17.36 -27.97
N TYR B 81 24.54 17.01 -28.36
CA TYR B 81 23.98 17.42 -29.63
C TYR B 81 22.52 17.90 -29.50
N GLY B 82 22.00 18.50 -30.57
CA GLY B 82 20.72 19.19 -30.55
C GLY B 82 20.89 20.33 -29.58
N PHE B 83 19.79 20.93 -29.17
CA PHE B 83 19.81 21.93 -28.09
C PHE B 83 20.76 23.10 -28.36
N LEU B 84 21.79 23.27 -27.55
CA LEU B 84 22.68 24.40 -27.70
C LEU B 84 24.00 24.08 -28.42
N SER B 85 24.14 22.87 -28.92
CA SER B 85 25.42 22.39 -29.44
C SER B 85 25.86 23.16 -30.68
N GLU B 86 24.89 23.56 -31.50
CA GLU B 86 25.16 24.34 -32.71
C GLU B 86 24.81 25.85 -32.56
N ASN B 87 24.85 26.37 -31.34
CA ASN B 87 24.51 27.74 -31.07
C ASN B 87 25.76 28.51 -30.59
N PRO B 88 26.26 29.43 -31.43
CA PRO B 88 27.57 30.03 -31.15
C PRO B 88 27.62 30.76 -29.82
N GLU B 89 26.51 31.40 -29.47
CA GLU B 89 26.45 32.23 -28.27
C GLU B 89 27.03 31.53 -27.03
N LEU B 90 26.70 30.24 -26.87
CA LEU B 90 27.14 29.44 -25.72
C LEU B 90 28.68 29.33 -25.65
N ALA B 91 29.31 29.18 -26.80
CA ALA B 91 30.75 29.12 -26.82
C ALA B 91 31.29 30.46 -26.38
N GLU B 92 30.81 31.52 -27.02
CA GLU B 92 31.24 32.89 -26.71
C GLU B 92 31.10 33.14 -25.22
N ILE B 93 29.90 32.86 -24.67
CA ILE B 93 29.71 33.01 -23.24
C ILE B 93 30.73 32.20 -22.44
N CYS B 94 30.88 30.93 -22.79
CA CYS B 94 31.78 30.09 -22.04
C CYS B 94 33.16 30.73 -21.99
N ALA B 95 33.60 31.18 -23.16
CA ALA B 95 34.95 31.67 -23.35
C ALA B 95 35.13 32.82 -22.39
N ARG B 96 34.25 33.79 -22.56
CA ARG B 96 34.13 34.93 -21.65
C ARG B 96 34.23 34.58 -20.18
N ARG B 97 33.50 33.56 -19.70
CA ARG B 97 33.43 33.21 -18.26
C ARG B 97 34.47 32.21 -17.79
N GLY B 98 35.40 31.86 -18.68
CA GLY B 98 36.55 30.99 -18.31
C GLY B 98 36.23 29.51 -18.34
N ILE B 99 35.32 29.12 -19.22
CA ILE B 99 34.81 27.75 -19.29
C ILE B 99 35.16 27.20 -20.67
N LYS B 100 35.87 26.07 -20.69
CA LYS B 100 36.29 25.44 -21.96
C LYS B 100 35.08 24.74 -22.61
N PHE B 101 34.65 25.26 -23.73
CA PHE B 101 33.56 24.67 -24.47
C PHE B 101 34.16 23.51 -25.25
N ILE B 102 33.50 22.36 -25.15
CA ILE B 102 33.93 21.15 -25.81
C ILE B 102 33.28 21.15 -27.18
N GLY B 103 33.97 21.81 -28.09
CA GLY B 103 33.47 22.01 -29.43
C GLY B 103 34.42 22.91 -30.16
N PRO B 104 34.06 23.31 -31.36
CA PRO B 104 34.81 24.31 -32.05
C PRO B 104 34.62 25.74 -31.45
N ASP B 105 35.42 26.69 -31.91
CA ASP B 105 35.19 28.08 -31.55
C ASP B 105 33.88 28.53 -32.19
N ALA B 106 33.28 29.57 -31.61
CA ALA B 106 32.00 30.07 -32.11
C ALA B 106 32.03 30.57 -33.57
N LYS B 107 33.20 31.03 -34.02
CA LYS B 107 33.37 31.57 -35.39
C LYS B 107 33.03 30.53 -36.43
N VAL B 108 33.56 29.33 -36.23
CA VAL B 108 33.32 28.23 -37.14
C VAL B 108 31.88 27.72 -37.11
N ILE B 109 31.36 27.63 -35.87
CA ILE B 109 29.98 27.17 -35.61
C ILE B 109 29.04 28.06 -36.43
N ARG B 110 29.25 29.36 -36.23
CA ARG B 110 28.51 30.39 -36.93
C ARG B 110 28.66 30.32 -38.46
N GLN B 111 29.92 30.30 -38.94
CA GLN B 111 30.25 30.21 -40.38
C GLN B 111 29.48 29.08 -41.05
N MET B 112 29.73 27.88 -40.53
CA MET B 112 29.30 26.65 -41.15
C MET B 112 27.85 26.33 -40.88
N GLY B 113 27.24 27.10 -39.98
CA GLY B 113 25.79 27.03 -39.75
C GLY B 113 25.00 27.80 -40.79
N ASP B 114 25.63 28.82 -41.39
CA ASP B 114 25.02 29.61 -42.45
C ASP B 114 25.24 28.88 -43.77
N LYS B 115 24.17 28.41 -44.37
CA LYS B 115 24.25 27.65 -45.61
C LYS B 115 25.07 28.31 -46.74
N ILE B 116 24.90 29.61 -46.90
CA ILE B 116 25.55 30.37 -47.95
C ILE B 116 26.99 30.65 -47.57
N GLN B 117 27.21 30.94 -46.31
CA GLN B 117 28.55 31.30 -45.84
C GLN B 117 29.42 30.06 -45.79
N ALA B 118 28.75 28.91 -45.76
CA ALA B 118 29.41 27.60 -45.68
C ALA B 118 29.79 27.13 -47.06
N ARG B 119 28.81 27.16 -47.95
CA ARG B 119 28.99 26.84 -49.37
C ARG B 119 30.15 27.62 -50.00
N THR B 120 30.40 28.82 -49.50
CA THR B 120 31.47 29.64 -49.99
C THR B 120 32.83 29.10 -49.56
N ALA B 121 32.96 28.83 -48.27
CA ALA B 121 34.20 28.30 -47.69
C ALA B 121 34.66 27.01 -48.40
N MET B 122 33.69 26.19 -48.77
CA MET B 122 33.91 24.91 -49.42
C MET B 122 34.28 25.09 -50.88
N ILE B 123 33.49 25.87 -51.60
CA ILE B 123 33.81 26.22 -52.99
C ILE B 123 35.20 26.86 -53.10
N LYS B 124 35.54 27.74 -52.18
CA LYS B 124 36.86 28.33 -52.09
C LYS B 124 37.96 27.26 -51.94
N ALA B 125 37.80 26.35 -50.98
CA ALA B 125 38.80 25.28 -50.74
C ALA B 125 38.76 24.16 -51.78
N GLY B 126 37.95 24.36 -52.82
CA GLY B 126 37.97 23.50 -53.96
C GLY B 126 37.21 22.22 -53.69
N ILE B 127 35.93 22.36 -53.35
CA ILE B 127 35.12 21.21 -52.92
C ILE B 127 33.73 21.22 -53.51
N PRO B 128 33.37 20.16 -54.23
CA PRO B 128 32.13 20.17 -55.01
C PRO B 128 30.92 20.30 -54.13
N CYS B 129 30.05 21.24 -54.47
CA CYS B 129 28.87 21.51 -53.67
C CYS B 129 27.63 21.25 -54.50
N VAL B 130 26.48 21.25 -53.84
CA VAL B 130 25.21 20.92 -54.51
C VAL B 130 24.75 21.97 -55.53
N GLY B 131 23.86 21.55 -56.44
CA GLY B 131 23.17 22.47 -57.35
C GLY B 131 21.81 22.89 -56.80
N SER B 132 21.23 23.95 -57.37
CA SER B 132 19.90 24.41 -56.96
C SER B 132 18.89 23.37 -57.41
N SER B 133 19.16 22.77 -58.58
CA SER B 133 18.53 21.51 -58.97
C SER B 133 19.42 20.43 -58.37
N GLY B 134 19.08 19.99 -57.16
CA GLY B 134 19.96 19.13 -56.36
C GLY B 134 20.04 17.71 -56.85
N VAL B 135 20.59 16.84 -56.01
CA VAL B 135 20.90 15.45 -56.38
C VAL B 135 19.70 14.51 -56.23
N VAL B 136 19.49 13.67 -57.23
CA VAL B 136 18.32 12.80 -57.28
C VAL B 136 18.58 11.44 -56.61
N ASN B 137 17.80 11.13 -55.57
CA ASN B 137 17.83 9.81 -54.88
C ASN B 137 19.23 9.37 -54.46
N PRO B 138 19.91 10.21 -53.68
CA PRO B 138 21.32 9.99 -53.36
C PRO B 138 21.55 9.03 -52.21
N ARG B 139 22.78 8.54 -52.11
CA ARG B 139 23.24 7.84 -50.93
C ARG B 139 23.81 8.90 -50.04
N HIS B 140 23.43 8.87 -48.77
CA HIS B 140 23.88 9.89 -47.84
C HIS B 140 25.09 9.36 -47.10
N ILE B 141 26.26 9.85 -47.51
CA ILE B 141 27.52 9.44 -46.91
C ILE B 141 28.06 10.61 -46.10
N GLU B 142 28.66 10.31 -44.95
CA GLU B 142 29.25 11.36 -44.14
C GLU B 142 30.48 10.86 -43.39
N VAL B 143 31.44 11.76 -43.13
CA VAL B 143 32.77 11.39 -42.64
C VAL B 143 33.07 11.98 -41.28
N GLN B 144 33.39 11.14 -40.32
CA GLN B 144 33.79 11.65 -39.03
C GLN B 144 35.15 12.34 -39.13
N VAL B 145 35.31 13.42 -38.40
CA VAL B 145 36.52 14.21 -38.40
C VAL B 145 36.92 14.55 -36.96
N LEU B 146 38.22 14.47 -36.67
CA LEU B 146 38.74 14.94 -35.40
C LEU B 146 39.90 15.91 -35.64
N ALA B 147 39.73 17.13 -35.17
CA ALA B 147 40.81 18.13 -35.16
C ALA B 147 41.20 18.50 -33.74
N ASP B 148 42.49 18.79 -33.50
CA ASP B 148 42.89 19.42 -32.24
C ASP B 148 43.21 20.90 -32.43
N SER B 149 43.46 21.59 -31.32
CA SER B 149 43.89 22.99 -31.33
C SER B 149 45.16 23.24 -32.19
N HIS B 150 46.06 22.25 -32.22
CA HIS B 150 47.37 22.43 -32.81
C HIS B 150 47.43 22.07 -34.29
N GLY B 151 46.32 22.18 -35.00
CA GLY B 151 46.34 22.00 -36.47
C GLY B 151 46.32 20.58 -37.03
N ASN B 152 46.26 19.59 -36.15
CA ASN B 152 46.07 18.22 -36.56
C ASN B 152 44.61 17.96 -36.82
N VAL B 153 44.35 17.29 -37.92
CA VAL B 153 43.02 17.00 -38.38
C VAL B 153 43.14 15.66 -39.05
N ILE B 154 42.06 14.91 -38.98
CA ILE B 154 42.06 13.47 -39.18
C ILE B 154 40.67 13.01 -39.44
N HIS B 155 40.53 11.86 -40.08
CA HIS B 155 39.23 11.23 -40.14
C HIS B 155 39.28 9.77 -39.67
N LEU B 156 38.28 9.40 -38.88
CA LEU B 156 37.84 8.01 -38.75
C LEU B 156 36.98 7.93 -39.99
N PHE B 157 36.35 6.84 -40.36
CA PHE B 157 36.00 6.76 -41.82
C PHE B 157 34.63 7.34 -42.08
N GLU B 158 33.94 6.89 -43.13
CA GLU B 158 32.59 7.35 -43.38
C GLU B 158 31.55 6.54 -42.63
N ARG B 159 30.31 6.98 -42.75
CA ARG B 159 29.15 6.14 -42.44
C ARG B 159 28.00 6.46 -43.36
N ASP B 160 27.24 5.43 -43.64
CA ASP B 160 26.16 5.45 -44.60
C ASP B 160 24.84 5.66 -43.83
N CYS B 161 24.15 6.76 -44.12
CA CYS B 161 22.87 7.08 -43.50
C CYS B 161 21.77 7.17 -44.57
N SER B 162 21.90 6.35 -45.60
CA SER B 162 20.94 6.34 -46.70
C SER B 162 19.61 5.75 -46.29
N ILE B 163 19.56 5.06 -45.16
CA ILE B 163 18.27 4.55 -44.64
C ILE B 163 17.64 5.61 -43.75
N GLN B 164 16.63 6.29 -44.28
CA GLN B 164 16.01 7.40 -43.58
C GLN B 164 14.58 7.64 -44.03
N ARG B 165 13.85 8.37 -43.19
CA ARG B 165 12.41 8.52 -43.34
C ARG B 165 12.00 9.97 -43.24
N ARG B 166 11.52 10.54 -44.33
CA ARG B 166 11.07 11.91 -44.36
C ARG B 166 12.15 12.78 -43.75
N ASN B 167 13.37 12.61 -44.24
CA ASN B 167 14.54 13.31 -43.70
C ASN B 167 14.92 13.00 -42.24
N GLN B 168 14.36 11.94 -41.66
CA GLN B 168 14.82 11.48 -40.36
C GLN B 168 15.60 10.17 -40.51
N LYS B 169 16.83 10.18 -40.00
CA LYS B 169 17.71 9.04 -40.11
C LYS B 169 17.21 7.90 -39.25
N LEU B 170 17.17 6.70 -39.81
CA LEU B 170 16.76 5.50 -39.05
C LEU B 170 17.89 4.54 -38.69
N ILE B 171 18.59 4.04 -39.70
CA ILE B 171 19.70 3.04 -39.56
C ILE B 171 21.02 3.58 -40.15
N GLU B 172 22.08 3.56 -39.35
CA GLU B 172 23.37 4.05 -39.78
C GLU B 172 24.39 2.96 -39.71
N ILE B 173 25.24 2.90 -40.74
CA ILE B 173 26.19 1.81 -40.92
C ILE B 173 27.57 2.39 -41.21
N ALA B 174 28.60 1.79 -40.64
CA ALA B 174 29.96 2.19 -40.91
C ALA B 174 30.82 0.97 -41.02
N PRO B 175 31.68 0.93 -42.05
CA PRO B 175 31.73 1.89 -43.15
C PRO B 175 30.57 1.64 -44.03
N SER B 176 30.51 2.30 -45.19
CA SER B 176 29.40 2.02 -46.11
C SER B 176 29.58 0.65 -46.78
N PRO B 177 28.50 -0.12 -46.86
CA PRO B 177 28.63 -1.30 -47.68
C PRO B 177 28.74 -0.91 -49.15
N GLN B 178 28.41 0.34 -49.47
CA GLN B 178 28.23 0.76 -50.86
C GLN B 178 29.45 1.42 -51.48
N LEU B 179 30.58 1.44 -50.80
CA LEU B 179 31.75 2.19 -51.31
C LEU B 179 33.04 1.32 -51.39
N SER B 180 33.83 1.59 -52.43
CA SER B 180 35.16 0.99 -52.56
C SER B 180 36.15 1.52 -51.52
N LYS B 181 37.24 0.79 -51.24
CA LYS B 181 38.31 1.40 -50.41
C LYS B 181 38.73 2.71 -51.02
N ALA B 182 38.65 2.83 -52.34
CA ALA B 182 39.12 4.01 -53.03
C ALA B 182 38.25 5.17 -52.65
N GLN B 183 36.94 4.96 -52.78
CA GLN B 183 35.98 6.01 -52.45
C GLN B 183 36.17 6.40 -50.99
N ARG B 184 36.41 5.43 -50.14
CA ARG B 184 36.59 5.71 -48.74
C ARG B 184 37.79 6.66 -48.54
N GLU B 185 38.91 6.34 -49.16
CA GLU B 185 40.09 7.17 -49.09
C GLU B 185 39.88 8.59 -49.63
N TYR B 186 39.11 8.71 -50.69
CA TYR B 186 38.89 10.00 -51.35
C TYR B 186 38.04 10.89 -50.48
N ILE B 187 36.89 10.34 -50.09
CA ILE B 187 35.91 11.08 -49.29
C ILE B 187 36.48 11.45 -47.93
N GLY B 188 37.34 10.62 -47.36
CA GLY B 188 37.93 10.92 -46.06
C GLY B 188 38.90 12.08 -46.19
N ASN B 189 39.68 12.07 -47.26
CA ASN B 189 40.70 13.07 -47.42
C ASN B 189 40.08 14.39 -47.74
N LEU B 190 39.03 14.32 -48.54
CA LEU B 190 38.27 15.49 -48.92
C LEU B 190 37.62 16.15 -47.70
N ALA B 191 37.12 15.31 -46.79
CA ALA B 191 36.61 15.80 -45.53
C ALA B 191 37.71 16.47 -44.70
N VAL B 192 38.86 15.82 -44.55
CA VAL B 192 39.94 16.44 -43.79
C VAL B 192 40.33 17.79 -44.38
N LYS B 193 40.19 17.92 -45.71
CA LYS B 193 40.58 19.15 -46.40
C LYS B 193 39.64 20.25 -45.93
N ALA B 194 38.37 20.15 -46.33
CA ALA B 194 37.32 21.04 -45.86
C ALA B 194 37.51 21.46 -44.42
N ALA B 195 37.61 20.50 -43.51
CA ALA B 195 37.78 20.85 -42.12
C ALA B 195 38.94 21.82 -41.98
N LYS B 196 40.08 21.46 -42.55
CA LYS B 196 41.28 22.28 -42.45
C LYS B 196 41.02 23.68 -42.98
N ALA B 197 40.34 23.73 -44.13
CA ALA B 197 40.02 24.98 -44.78
C ALA B 197 39.49 25.95 -43.77
N VAL B 198 38.38 25.55 -43.14
CA VAL B 198 37.68 26.41 -42.19
C VAL B 198 38.27 26.38 -40.79
N GLY B 199 39.52 26.02 -40.66
CA GLY B 199 40.19 26.06 -39.38
C GLY B 199 39.38 25.47 -38.26
N TYR B 200 38.88 24.26 -38.48
CA TYR B 200 38.09 23.56 -37.48
C TYR B 200 38.95 23.08 -36.33
N LYS B 201 38.27 22.85 -35.21
CA LYS B 201 38.84 22.18 -34.06
C LYS B 201 37.76 21.35 -33.39
N ASN B 202 38.21 20.27 -32.74
CA ASN B 202 37.38 19.24 -32.06
C ASN B 202 36.59 18.31 -33.01
N ALA B 203 35.55 17.65 -32.54
CA ALA B 203 34.82 16.68 -33.35
C ALA B 203 33.81 17.37 -34.24
N GLY B 204 33.77 16.95 -35.50
CA GLY B 204 32.76 17.38 -36.42
C GLY B 204 32.53 16.31 -37.46
N THR B 205 31.51 16.50 -38.27
CA THR B 205 31.10 15.56 -39.31
C THR B 205 30.86 16.36 -40.57
N VAL B 206 31.38 15.89 -41.69
CA VAL B 206 31.14 16.50 -42.99
C VAL B 206 30.25 15.57 -43.79
N GLU B 207 29.07 16.06 -44.18
CA GLU B 207 28.10 15.26 -44.89
C GLU B 207 28.21 15.47 -46.37
N PHE B 208 27.96 14.42 -47.15
CA PHE B 208 27.98 14.51 -48.61
C PHE B 208 26.77 13.80 -49.20
N LEU B 209 26.32 14.23 -50.37
CA LEU B 209 25.44 13.41 -51.16
C LEU B 209 26.26 12.71 -52.24
N LEU B 210 25.84 11.50 -52.62
CA LEU B 210 26.52 10.71 -53.62
C LEU B 210 25.52 10.26 -54.68
N ASP B 211 25.66 10.78 -55.90
CA ASP B 211 24.72 10.50 -57.01
C ASP B 211 24.93 9.14 -57.67
N SER B 212 24.03 8.80 -58.59
CA SER B 212 24.10 7.54 -59.32
C SER B 212 25.34 7.40 -60.23
N ASP B 213 26.01 8.50 -60.54
CA ASP B 213 27.26 8.46 -61.28
C ASP B 213 28.46 8.11 -60.38
N ASN B 214 28.30 8.26 -59.07
CA ASN B 214 29.42 8.28 -58.11
C ASN B 214 30.21 9.59 -58.05
N ASN B 215 29.48 10.69 -58.15
CA ASN B 215 30.01 11.98 -57.73
C ASN B 215 29.57 12.35 -56.31
N PHE B 216 30.50 12.95 -55.55
CA PHE B 216 30.24 13.45 -54.19
C PHE B 216 30.03 14.96 -54.14
N TYR B 217 28.99 15.37 -53.44
CA TYR B 217 28.73 16.78 -53.26
C TYR B 217 28.58 17.07 -51.77
N PHE B 218 29.30 18.06 -51.29
CA PHE B 218 29.11 18.59 -49.93
C PHE B 218 27.70 19.08 -49.72
N MET B 219 27.22 18.96 -48.48
CA MET B 219 25.84 19.35 -48.12
C MET B 219 25.78 20.14 -46.81
N GLU B 220 26.24 19.55 -45.70
CA GLU B 220 26.29 20.25 -44.41
C GLU B 220 27.66 20.08 -43.80
N MET B 221 27.96 20.81 -42.73
CA MET B 221 29.08 20.39 -41.85
C MET B 221 28.68 20.52 -40.36
N ASN B 222 28.23 19.43 -39.78
CA ASN B 222 27.77 19.42 -38.38
C ASN B 222 28.94 19.60 -37.47
N THR B 223 28.95 20.74 -36.78
CA THR B 223 30.04 21.15 -35.91
C THR B 223 29.87 20.69 -34.44
N ARG B 224 29.61 19.40 -34.28
CA ARG B 224 29.30 18.80 -32.99
C ARG B 224 29.48 17.30 -33.07
N LEU B 225 29.34 16.63 -31.93
CA LEU B 225 29.17 15.19 -31.95
C LEU B 225 27.86 14.86 -32.67
N GLN B 226 27.63 13.61 -33.00
CA GLN B 226 26.36 13.21 -33.62
C GLN B 226 25.84 11.91 -33.00
N VAL B 227 24.52 11.75 -33.07
CA VAL B 227 23.86 10.54 -32.58
C VAL B 227 24.70 9.37 -32.98
N GLU B 228 24.97 9.27 -34.27
CA GLU B 228 25.57 8.05 -34.85
C GLU B 228 27.09 7.89 -34.76
N HIS B 229 27.75 8.59 -33.86
CA HIS B 229 29.15 8.33 -33.66
C HIS B 229 29.46 6.93 -33.18
N THR B 230 28.54 6.32 -32.45
CA THR B 230 28.76 4.96 -31.90
C THR B 230 29.26 4.00 -32.97
N VAL B 231 28.61 4.05 -34.11
CA VAL B 231 28.90 3.15 -35.17
C VAL B 231 30.37 3.29 -35.62
N THR B 232 30.87 4.52 -35.70
CA THR B 232 32.29 4.76 -36.05
C THR B 232 33.25 4.45 -34.89
N GLU B 233 32.78 4.55 -33.66
CA GLU B 233 33.61 4.19 -32.52
C GLU B 233 33.83 2.69 -32.58
N GLN B 234 32.82 2.00 -33.12
CA GLN B 234 32.78 0.53 -33.12
C GLN B 234 33.81 -0.08 -34.00
N ILE B 235 33.72 0.28 -35.26
CA ILE B 235 34.69 -0.19 -36.21
C ILE B 235 36.12 0.31 -35.96
N THR B 236 36.33 1.46 -35.32
CA THR B 236 37.73 1.98 -35.13
C THR B 236 38.38 1.70 -33.79
N GLY B 237 37.60 1.65 -32.72
CA GLY B 237 38.19 1.42 -31.41
C GLY B 237 38.45 2.72 -30.68
N ILE B 238 38.40 3.83 -31.44
CA ILE B 238 38.56 5.17 -30.89
C ILE B 238 37.33 5.72 -30.14
N ASP B 239 37.54 6.06 -28.87
CA ASP B 239 36.57 6.82 -28.12
C ASP B 239 36.59 8.27 -28.58
N ILE B 240 35.53 8.68 -29.21
CA ILE B 240 35.42 10.00 -29.73
C ILE B 240 35.13 11.02 -28.62
N VAL B 241 34.17 10.71 -27.74
CA VAL B 241 33.82 11.63 -26.68
C VAL B 241 35.06 11.91 -25.82
N GLN B 242 35.75 10.87 -25.40
CA GLN B 242 37.02 11.08 -24.74
C GLN B 242 37.97 12.01 -25.48
N GLU B 243 38.03 11.95 -26.81
CA GLU B 243 38.97 12.78 -27.55
C GLU B 243 38.54 14.22 -27.48
N GLN B 244 37.30 14.51 -27.89
CA GLN B 244 36.64 15.84 -27.64
C GLN B 244 37.08 16.53 -26.34
N ILE B 245 37.06 15.80 -25.24
CA ILE B 245 37.48 16.35 -23.96
C ILE B 245 38.98 16.63 -23.98
N ARG B 246 39.77 15.68 -24.41
CA ARG B 246 41.23 15.89 -24.56
C ARG B 246 41.62 17.08 -25.45
N VAL B 247 41.02 17.17 -26.63
CA VAL B 247 41.22 18.32 -27.51
C VAL B 247 40.96 19.59 -26.72
N ALA B 248 39.81 19.64 -26.03
CA ALA B 248 39.38 20.84 -25.29
C ALA B 248 40.25 21.14 -24.08
N ASP B 249 40.93 20.15 -23.55
CA ASP B 249 41.91 20.36 -22.50
C ASP B 249 43.25 20.68 -23.16
N GLY B 250 43.22 21.04 -24.45
CA GLY B 250 44.41 21.48 -25.17
C GLY B 250 45.41 20.43 -25.64
N GLN B 251 45.15 19.16 -25.33
CA GLN B 251 45.97 18.04 -25.80
C GLN B 251 45.99 17.96 -27.33
N ARG B 252 47.00 17.25 -27.82
CA ARG B 252 47.15 16.92 -29.23
C ARG B 252 46.34 15.66 -29.53
N LEU B 253 45.86 15.50 -30.75
CA LEU B 253 45.17 14.25 -31.12
C LEU B 253 46.04 13.05 -30.75
N GLN B 254 45.38 12.01 -30.25
CA GLN B 254 46.08 10.82 -29.78
C GLN B 254 46.55 9.90 -30.91
N TYR B 255 46.07 10.10 -32.13
CA TYR B 255 46.31 9.16 -33.22
C TYR B 255 46.57 9.93 -34.50
N LYS B 256 47.64 9.62 -35.21
CA LYS B 256 47.78 10.13 -36.59
C LYS B 256 46.95 9.27 -37.53
N GLN B 257 46.63 9.78 -38.71
CA GLN B 257 45.80 9.00 -39.62
C GLN B 257 46.34 7.58 -39.90
N SER B 258 47.63 7.47 -40.09
CA SER B 258 48.24 6.19 -40.42
C SER B 258 47.94 5.17 -39.31
N GLU B 259 47.78 5.63 -38.07
CA GLU B 259 47.48 4.79 -36.95
C GLU B 259 45.98 4.42 -36.86
N VAL B 260 45.10 5.06 -37.65
CA VAL B 260 43.66 4.75 -37.51
C VAL B 260 43.19 3.72 -38.49
N GLN B 261 42.62 2.63 -37.95
CA GLN B 261 42.08 1.55 -38.77
C GLN B 261 40.74 0.99 -38.30
N TYR B 262 40.04 0.37 -39.24
CA TYR B 262 38.78 -0.25 -38.94
C TYR B 262 38.70 -1.74 -39.22
N ARG B 263 37.79 -2.41 -38.52
CA ARG B 263 37.40 -3.74 -38.84
C ARG B 263 35.94 -3.93 -38.77
N GLY B 264 35.39 -4.61 -39.75
CA GLY B 264 34.05 -5.14 -39.62
C GLY B 264 33.06 -4.16 -40.14
N PHE B 265 31.80 -4.40 -39.80
CA PHE B 265 30.75 -3.43 -40.01
C PHE B 265 30.06 -3.16 -38.68
N ALA B 266 29.51 -1.96 -38.53
CA ALA B 266 28.69 -1.59 -37.37
C ALA B 266 27.45 -0.92 -37.87
N MET B 267 26.35 -1.27 -37.22
CA MET B 267 25.05 -0.83 -37.61
C MET B 267 24.38 -0.34 -36.34
N GLU B 268 23.67 0.75 -36.44
CA GLU B 268 23.03 1.25 -35.25
C GLU B 268 21.59 1.72 -35.50
N PHE B 269 20.72 1.18 -34.65
CA PHE B 269 19.29 1.35 -34.77
C PHE B 269 18.84 2.36 -33.73
N ARG B 270 17.99 3.30 -34.16
CA ARG B 270 17.36 4.27 -33.25
C ARG B 270 16.04 3.71 -32.67
N ILE B 271 16.13 3.17 -31.45
CA ILE B 271 14.98 2.49 -30.83
C ILE B 271 14.06 3.55 -30.22
N ASN B 272 13.24 4.14 -31.10
CA ASN B 272 12.26 5.17 -30.72
C ASN B 272 10.97 4.55 -30.18
N ALA B 273 10.37 5.18 -29.17
CA ALA B 273 9.03 4.82 -28.68
C ALA B 273 7.96 5.46 -29.56
N GLU B 274 7.76 4.86 -30.73
CA GLU B 274 6.72 5.23 -31.68
C GLU B 274 6.05 3.95 -32.17
N ASP B 275 4.92 4.12 -32.85
CA ASP B 275 4.19 3.00 -33.40
C ASP B 275 4.12 3.19 -34.92
N PRO B 276 4.98 2.48 -35.67
CA PRO B 276 5.05 2.55 -37.14
C PRO B 276 3.76 2.18 -37.87
N LYS B 277 2.98 1.27 -37.29
CA LYS B 277 1.64 0.89 -37.79
C LYS B 277 0.74 2.10 -37.89
N ASN B 278 0.87 3.02 -36.94
CA ASN B 278 0.08 4.23 -36.87
C ASN B 278 0.87 5.47 -37.30
N ASP B 279 1.30 5.51 -38.56
CA ASP B 279 2.12 6.63 -39.03
C ASP B 279 3.11 7.13 -37.94
N PHE B 280 3.91 6.22 -37.37
CA PHE B 280 4.98 6.56 -36.40
C PHE B 280 4.57 7.57 -35.35
N LEU B 281 3.33 7.44 -34.87
CA LEU B 281 2.86 8.38 -33.87
C LEU B 281 3.56 8.05 -32.56
N PRO B 282 3.88 9.09 -31.76
CA PRO B 282 4.58 8.77 -30.53
C PRO B 282 3.79 7.80 -29.67
N SER B 283 4.49 7.04 -28.84
CA SER B 283 3.91 6.03 -27.98
C SER B 283 4.43 6.26 -26.57
N PHE B 284 4.31 7.49 -26.07
CA PHE B 284 4.81 7.80 -24.74
C PHE B 284 4.00 7.12 -23.64
N GLY B 285 4.66 6.91 -22.50
CA GLY B 285 4.11 6.15 -21.41
C GLY B 285 5.19 5.43 -20.64
N LYS B 286 4.80 4.38 -19.91
CA LYS B 286 5.71 3.68 -19.02
C LYS B 286 6.23 2.36 -19.57
N ILE B 287 7.51 2.15 -19.38
CA ILE B 287 8.18 0.93 -19.75
C ILE B 287 8.16 0.03 -18.52
N THR B 288 7.32 -1.02 -18.59
CA THR B 288 7.07 -1.93 -17.46
C THR B 288 8.15 -2.96 -17.28
N ARG B 289 8.59 -3.57 -18.37
CA ARG B 289 9.72 -4.49 -18.30
C ARG B 289 10.73 -4.18 -19.40
N TYR B 290 12.02 -4.29 -19.05
CA TYR B 290 13.13 -4.07 -19.97
C TYR B 290 14.29 -4.99 -19.69
N TYR B 291 14.64 -5.83 -20.66
CA TYR B 291 15.87 -6.67 -20.56
C TYR B 291 16.79 -6.28 -21.68
N ALA B 292 18.02 -5.96 -21.30
CA ALA B 292 18.95 -5.34 -22.23
C ALA B 292 19.61 -6.42 -23.05
N PRO B 293 19.85 -6.14 -24.33
CA PRO B 293 20.56 -7.06 -25.18
C PRO B 293 22.00 -7.22 -24.72
N GLY B 294 22.70 -8.20 -25.28
CA GLY B 294 23.92 -8.73 -24.63
C GLY B 294 24.73 -9.68 -25.50
N GLY B 295 25.79 -10.23 -24.90
CA GLY B 295 26.71 -11.06 -25.62
C GLY B 295 27.37 -10.41 -26.82
N PRO B 296 27.99 -11.21 -27.67
CA PRO B 296 28.97 -10.59 -28.55
C PRO B 296 28.32 -9.64 -29.56
N GLY B 297 29.06 -8.62 -29.97
CA GLY B 297 28.67 -7.73 -31.06
C GLY B 297 27.66 -6.67 -30.71
N ILE B 298 27.36 -6.54 -29.41
CA ILE B 298 26.22 -5.76 -28.95
C ILE B 298 26.61 -4.59 -28.07
N ARG B 299 26.16 -3.40 -28.43
CA ARG B 299 26.37 -2.21 -27.60
C ARG B 299 25.06 -1.44 -27.53
N MET B 300 24.74 -1.04 -26.30
CA MET B 300 23.56 -0.31 -26.01
C MET B 300 23.94 1.07 -25.43
N ASP B 301 23.23 2.09 -25.88
CA ASP B 301 23.33 3.42 -25.32
C ASP B 301 21.92 3.89 -25.04
N ALA B 302 21.50 3.68 -23.79
CA ALA B 302 20.11 3.82 -23.42
C ALA B 302 19.80 5.08 -22.67
N ALA B 303 18.69 5.69 -23.04
CA ALA B 303 18.02 6.61 -22.13
C ALA B 303 17.25 5.77 -21.06
N MET B 304 16.36 4.89 -21.53
CA MET B 304 15.45 4.10 -20.71
C MET B 304 16.09 3.10 -19.75
N TYR B 305 15.23 2.53 -18.89
CA TYR B 305 15.58 1.48 -17.92
C TYR B 305 14.27 0.85 -17.44
N SER B 306 14.36 -0.12 -16.52
CA SER B 306 13.16 -0.83 -16.05
C SER B 306 12.24 0.07 -15.21
N GLY B 307 11.03 0.32 -15.70
CA GLY B 307 10.09 1.18 -14.95
C GLY B 307 10.00 2.64 -15.40
N TYR B 308 11.03 3.06 -16.14
CA TYR B 308 11.13 4.41 -16.63
C TYR B 308 9.85 4.87 -17.30
N VAL B 309 9.48 6.10 -17.04
CA VAL B 309 8.29 6.68 -17.63
C VAL B 309 8.74 7.76 -18.63
N ILE B 310 8.41 7.57 -19.89
CA ILE B 310 8.99 8.39 -20.95
C ILE B 310 8.21 9.70 -20.93
N PRO B 311 8.89 10.83 -20.63
CA PRO B 311 8.17 12.10 -20.72
C PRO B 311 7.80 12.40 -22.15
N PRO B 312 6.67 13.08 -22.36
CA PRO B 312 6.19 13.45 -23.68
C PRO B 312 6.69 14.80 -24.28
N TYR B 313 7.64 15.48 -23.64
CA TYR B 313 7.98 16.85 -24.05
C TYR B 313 9.15 16.89 -25.03
N TYR B 314 9.83 15.74 -25.13
CA TYR B 314 11.09 15.61 -25.88
C TYR B 314 10.93 14.60 -27.01
N ASP B 315 12.04 14.04 -27.47
CA ASP B 315 12.05 13.05 -28.56
C ASP B 315 11.65 11.68 -28.04
N SER B 316 11.37 10.78 -28.99
CA SER B 316 10.93 9.43 -28.69
C SER B 316 12.04 8.39 -28.42
N MET B 317 13.32 8.77 -28.54
CA MET B 317 14.43 7.79 -28.47
C MET B 317 14.78 7.21 -27.09
N CYS B 318 14.34 6.00 -26.84
CA CYS B 318 14.64 5.35 -25.57
C CYS B 318 16.05 4.75 -25.50
N ALA B 319 16.56 4.26 -26.63
CA ALA B 319 17.96 3.81 -26.71
C ALA B 319 18.47 3.73 -28.14
N LYS B 320 19.79 3.79 -28.30
CA LYS B 320 20.46 3.48 -29.55
C LYS B 320 21.05 2.08 -29.42
N LEU B 321 20.72 1.17 -30.34
CA LEU B 321 21.28 -0.20 -30.30
C LEU B 321 22.21 -0.31 -31.44
N THR B 322 23.42 -0.76 -31.12
CA THR B 322 24.56 -0.67 -32.04
C THR B 322 25.19 -2.04 -32.10
N VAL B 323 25.14 -2.64 -33.29
CA VAL B 323 25.50 -4.05 -33.48
C VAL B 323 26.75 -4.12 -34.29
N TRP B 324 27.63 -5.07 -34.00
CA TRP B 324 28.86 -5.21 -34.78
C TRP B 324 29.23 -6.65 -35.12
N ALA B 325 29.74 -6.87 -36.33
CA ALA B 325 30.23 -8.20 -36.74
C ALA B 325 31.34 -8.04 -37.76
N LEU B 326 32.11 -9.11 -38.01
CA LEU B 326 33.23 -9.05 -38.95
C LEU B 326 32.81 -8.87 -40.40
N ASN B 327 31.53 -8.93 -40.75
CA ASN B 327 31.15 -8.59 -42.16
C ASN B 327 29.65 -8.42 -42.48
N TRP B 328 29.36 -7.98 -43.68
CA TRP B 328 28.00 -7.60 -43.97
C TRP B 328 26.95 -8.66 -43.63
N GLU B 329 27.12 -9.86 -44.19
CA GLU B 329 26.22 -10.94 -43.88
C GLU B 329 26.09 -11.10 -42.37
N SER B 330 27.20 -11.27 -41.66
CA SER B 330 27.14 -11.51 -40.22
C SER B 330 26.38 -10.42 -39.46
N VAL B 331 26.70 -9.17 -39.77
CA VAL B 331 26.09 -8.02 -39.11
C VAL B 331 24.57 -8.14 -39.14
N VAL B 332 24.03 -8.23 -40.36
CA VAL B 332 22.61 -8.26 -40.55
C VAL B 332 21.97 -9.33 -39.68
N GLU B 333 22.55 -10.50 -39.67
CA GLU B 333 22.08 -11.57 -38.81
C GLU B 333 22.10 -11.12 -37.37
N ARG B 334 23.26 -10.66 -36.93
CA ARG B 334 23.38 -10.13 -35.58
C ARG B 334 22.39 -8.96 -35.32
N GLY B 335 22.01 -8.23 -36.37
CA GLY B 335 21.08 -7.15 -36.19
C GLY B 335 19.77 -7.71 -35.70
N ARG B 336 19.18 -8.47 -36.62
CA ARG B 336 17.95 -9.24 -36.42
C ARG B 336 17.89 -9.82 -35.03
N ARG B 337 19.01 -10.39 -34.60
CA ARG B 337 19.09 -11.02 -33.31
C ARG B 337 18.94 -10.01 -32.21
N ALA B 338 19.78 -8.99 -32.26
CA ALA B 338 19.87 -8.02 -31.18
C ALA B 338 18.56 -7.28 -31.03
N LEU B 339 17.88 -7.03 -32.14
CA LEU B 339 16.55 -6.41 -32.07
C LEU B 339 15.57 -7.25 -31.25
N ASN B 340 15.47 -8.53 -31.55
CA ASN B 340 14.71 -9.43 -30.69
C ASN B 340 15.24 -9.45 -29.30
N ASP B 341 16.57 -9.42 -29.17
CA ASP B 341 17.31 -9.54 -27.89
C ASP B 341 16.96 -8.41 -26.94
N THR B 342 16.45 -7.32 -27.51
CA THR B 342 16.07 -6.16 -26.77
C THR B 342 14.61 -6.32 -26.44
N VAL B 343 14.33 -6.46 -25.15
CA VAL B 343 12.97 -6.79 -24.70
C VAL B 343 12.36 -5.67 -23.88
N VAL B 344 11.24 -5.15 -24.36
CA VAL B 344 10.67 -3.85 -23.94
C VAL B 344 9.14 -3.89 -23.85
N TYR B 345 8.61 -3.95 -22.62
CA TYR B 345 7.15 -4.00 -22.44
C TYR B 345 6.62 -2.66 -21.93
N GLY B 346 5.52 -2.22 -22.52
CA GLY B 346 4.73 -1.11 -22.00
C GLY B 346 4.45 -0.05 -23.03
N VAL B 347 5.19 -0.11 -24.13
CA VAL B 347 5.24 0.95 -25.10
C VAL B 347 5.52 0.38 -26.48
N LYS B 348 4.86 0.87 -27.51
CA LYS B 348 5.15 0.40 -28.86
C LYS B 348 6.50 0.97 -29.38
N THR B 349 7.35 0.09 -29.93
CA THR B 349 8.68 0.49 -30.49
C THR B 349 8.85 0.17 -31.97
N THR B 350 9.90 0.73 -32.55
CA THR B 350 10.25 0.57 -33.97
C THR B 350 10.97 -0.74 -34.29
N ILE B 351 11.32 -1.51 -33.26
CA ILE B 351 11.97 -2.81 -33.45
C ILE B 351 11.30 -3.60 -34.57
N PRO B 352 10.02 -3.98 -34.38
CA PRO B 352 9.35 -4.76 -35.43
C PRO B 352 9.55 -4.21 -36.82
N TYR B 353 9.46 -2.91 -36.96
CA TYR B 353 9.67 -2.27 -38.26
C TYR B 353 11.08 -2.54 -38.79
N TYR B 354 12.07 -2.43 -37.91
CA TYR B 354 13.45 -2.60 -38.33
C TYR B 354 13.67 -4.01 -38.83
N GLN B 355 13.00 -4.97 -38.22
CA GLN B 355 13.16 -6.37 -38.59
C GLN B 355 12.68 -6.57 -40.03
N GLU B 356 11.67 -5.81 -40.42
CA GLU B 356 11.18 -5.83 -41.80
C GLU B 356 12.26 -5.36 -42.79
N ILE B 357 12.95 -4.30 -42.40
CA ILE B 357 14.02 -3.74 -43.24
C ILE B 357 15.11 -4.79 -43.42
N LEU B 358 15.60 -5.34 -42.30
CA LEU B 358 16.68 -6.30 -42.32
C LEU B 358 16.30 -7.55 -43.10
N LYS B 359 15.02 -7.91 -43.06
CA LYS B 359 14.50 -9.01 -43.87
C LYS B 359 14.62 -8.73 -45.37
N HIS B 360 14.32 -7.50 -45.78
CA HIS B 360 14.08 -7.19 -47.17
C HIS B 360 15.35 -7.34 -47.99
N PRO B 361 15.28 -8.02 -49.16
CA PRO B 361 16.50 -8.35 -49.95
C PRO B 361 17.30 -7.15 -50.51
N ASP B 362 16.67 -6.14 -51.12
CA ASP B 362 17.41 -4.91 -51.51
C ASP B 362 18.35 -4.41 -50.41
N PHE B 363 17.91 -4.47 -49.17
CA PHE B 363 18.75 -4.08 -48.06
C PHE B 363 19.87 -5.09 -47.84
N ARG B 364 19.53 -6.36 -47.75
CA ARG B 364 20.58 -7.35 -47.50
C ARG B 364 21.59 -7.25 -48.62
N ASN B 365 21.12 -6.95 -49.83
CA ASN B 365 21.98 -6.93 -51.00
C ASN B 365 22.96 -5.76 -50.95
N ALA B 366 22.63 -4.75 -50.15
CA ALA B 366 23.55 -3.67 -49.78
C ALA B 366 23.65 -2.62 -50.88
N ILE B 367 22.52 -2.36 -51.52
CA ILE B 367 22.41 -1.31 -52.51
C ILE B 367 21.11 -0.56 -52.27
N PHE B 368 21.24 0.69 -51.83
CA PHE B 368 20.08 1.47 -51.43
C PHE B 368 20.41 2.91 -51.25
N ASN B 369 19.41 3.76 -51.43
CA ASN B 369 19.56 5.22 -51.31
C ASN B 369 18.41 5.82 -50.47
N THR B 370 18.38 7.14 -50.33
CA THR B 370 17.41 7.78 -49.43
C THR B 370 15.94 7.40 -49.69
N SER B 371 15.62 6.96 -50.90
CA SER B 371 14.26 6.64 -51.29
C SER B 371 13.78 5.28 -50.80
N PHE B 372 14.70 4.47 -50.32
CA PHE B 372 14.38 3.09 -49.96
C PHE B 372 13.13 2.96 -49.09
N VAL B 373 13.04 3.73 -48.00
CA VAL B 373 11.86 3.65 -47.13
C VAL B 373 10.62 4.07 -47.94
N GLU B 374 10.64 5.29 -48.47
CA GLU B 374 9.53 5.80 -49.27
C GLU B 374 9.15 4.77 -50.33
N SER B 375 10.15 4.30 -51.06
CA SER B 375 9.95 3.36 -52.16
C SER B 375 9.50 1.96 -51.72
N HIS B 376 9.24 1.75 -50.44
CA HIS B 376 8.82 0.44 -49.92
C HIS B 376 7.86 0.57 -48.72
N PRO B 377 6.64 1.12 -48.95
CA PRO B 377 5.68 1.27 -47.85
C PRO B 377 5.28 -0.04 -47.16
N GLU B 378 5.38 -1.16 -47.88
CA GLU B 378 5.04 -2.50 -47.36
C GLU B 378 5.69 -2.79 -46.02
N LEU B 379 6.82 -2.13 -45.76
CA LEU B 379 7.60 -2.38 -44.55
C LEU B 379 6.84 -2.18 -43.25
N ALA B 380 5.79 -1.35 -43.26
CA ALA B 380 4.94 -1.17 -42.07
C ALA B 380 3.81 -2.21 -41.97
N ASN B 381 3.44 -2.89 -43.06
CA ASN B 381 2.41 -3.94 -43.01
C ASN B 381 2.97 -5.25 -42.54
N TYR B 382 3.27 -5.39 -41.26
CA TYR B 382 3.89 -6.62 -40.76
C TYR B 382 3.08 -7.36 -39.69
N ALA B 383 3.47 -8.62 -39.46
CA ALA B 383 2.85 -9.46 -38.44
C ALA B 383 3.16 -8.92 -37.06
N THR B 384 2.13 -8.41 -36.37
CA THR B 384 2.30 -7.95 -34.99
C THR B 384 2.04 -9.09 -34.00
N GLN B 385 3.10 -9.80 -33.59
CA GLN B 385 2.96 -10.96 -32.67
C GLN B 385 2.11 -10.55 -31.47
N PHE B 386 1.22 -11.44 -31.03
CA PHE B 386 0.25 -11.08 -30.01
C PHE B 386 0.92 -10.94 -28.64
N PRO B 387 0.62 -9.83 -27.93
CA PRO B 387 1.36 -9.51 -26.70
C PRO B 387 1.24 -10.57 -25.61
N ARG B 388 2.38 -10.94 -25.01
CA ARG B 388 2.39 -11.81 -23.82
C ARG B 388 1.57 -11.20 -22.65
N GLU B 389 1.39 -9.88 -22.63
CA GLU B 389 0.54 -9.22 -21.62
C GLU B 389 -0.96 -9.51 -21.85
N LEU B 390 -1.35 -9.85 -23.09
CA LEU B 390 -2.72 -10.26 -23.38
C LEU B 390 -2.95 -11.77 -23.18
N VAL B 391 -2.00 -12.61 -23.60
CA VAL B 391 -2.08 -14.06 -23.34
C VAL B 391 -2.28 -14.37 -21.83
N ALA B 392 -1.54 -13.67 -20.96
CA ALA B 392 -1.70 -13.81 -19.50
C ALA B 392 -3.10 -13.50 -19.00
N ALA B 393 -3.77 -12.57 -19.65
CA ALA B 393 -5.15 -12.23 -19.30
C ALA B 393 -6.10 -13.36 -19.74
N ALA B 394 -5.98 -13.78 -20.99
CA ALA B 394 -6.76 -14.91 -21.53
C ALA B 394 -6.66 -16.18 -20.68
N ILE B 395 -5.45 -16.49 -20.20
CA ILE B 395 -5.25 -17.62 -19.30
C ILE B 395 -5.93 -17.35 -17.96
N SER B 396 -5.67 -16.19 -17.37
CA SER B 396 -6.29 -15.84 -16.09
C SER B 396 -7.83 -15.92 -16.12
N ALA B 397 -8.41 -15.65 -17.28
CA ALA B 397 -9.87 -15.76 -17.46
C ALA B 397 -10.31 -17.21 -17.53
N ALA B 398 -9.48 -18.08 -18.10
CA ALA B 398 -9.72 -19.52 -18.06
C ALA B 398 -9.69 -20.05 -16.62
N ILE B 399 -8.78 -19.55 -15.79
CA ILE B 399 -8.73 -19.93 -14.36
C ILE B 399 -9.92 -19.36 -13.57
N ALA B 400 -10.36 -18.14 -13.92
CA ALA B 400 -11.52 -17.52 -13.25
C ALA B 400 -12.82 -18.29 -13.52
N ALA B 401 -13.04 -18.66 -14.79
CA ALA B 401 -14.22 -19.44 -15.21
C ALA B 401 -14.19 -20.89 -14.71
N HIS B 402 -12.98 -21.41 -14.47
CA HIS B 402 -12.78 -22.75 -13.92
C HIS B 402 -12.93 -22.81 -12.38
N GLU B 403 -12.67 -21.69 -11.71
CA GLU B 403 -12.79 -21.61 -10.24
C GLU B 403 -13.93 -20.67 -9.92
N GLY B 404 -15.13 -21.22 -9.85
CA GLY B 404 -16.34 -20.44 -9.59
C GLY B 404 -16.91 -19.85 -10.86
N LYS C 3 -41.43 43.47 -19.77
CA LYS C 3 -41.00 42.21 -19.11
C LYS C 3 -39.54 41.88 -19.34
N VAL C 4 -38.79 41.57 -18.27
CA VAL C 4 -37.33 41.50 -18.33
C VAL C 4 -36.76 40.10 -18.32
N HIS C 5 -35.80 39.85 -19.20
CA HIS C 5 -35.16 38.53 -19.33
C HIS C 5 -33.86 38.55 -18.56
N VAL C 6 -33.45 37.37 -18.11
CA VAL C 6 -32.36 37.25 -17.17
C VAL C 6 -31.36 36.21 -17.62
N THR C 7 -30.10 36.62 -17.61
CA THR C 7 -29.00 35.76 -17.95
C THR C 7 -28.25 35.52 -16.64
N ASP C 8 -27.85 34.28 -16.42
CA ASP C 8 -27.03 33.94 -15.29
C ASP C 8 -25.62 33.65 -15.76
N VAL C 9 -24.70 34.11 -14.95
CA VAL C 9 -23.29 34.09 -15.20
C VAL C 9 -22.52 33.14 -14.29
N VAL C 10 -23.20 32.21 -13.66
CA VAL C 10 -22.51 31.48 -12.62
C VAL C 10 -21.36 30.72 -13.26
N LEU C 11 -21.63 30.05 -14.37
CA LEU C 11 -20.70 29.07 -14.91
C LEU C 11 -19.44 29.71 -15.54
N ARG C 12 -19.41 31.06 -15.63
CA ARG C 12 -18.25 31.78 -16.12
C ARG C 12 -17.81 32.93 -15.21
N ASP C 13 -18.44 34.11 -15.32
CA ASP C 13 -17.98 35.33 -14.60
C ASP C 13 -18.03 35.13 -13.08
N GLY C 14 -18.97 34.29 -12.61
CA GLY C 14 -19.18 34.10 -11.19
C GLY C 14 -17.95 33.56 -10.50
N HIS C 15 -17.51 32.39 -10.93
CA HIS C 15 -16.30 31.82 -10.33
C HIS C 15 -15.04 32.52 -10.82
N GLN C 16 -15.07 33.08 -12.03
CA GLN C 16 -13.96 33.93 -12.45
C GLN C 16 -13.74 35.11 -11.52
N SER C 17 -14.82 35.75 -11.09
CA SER C 17 -14.72 36.93 -10.25
C SER C 17 -14.37 36.63 -8.79
N LEU C 18 -14.79 35.45 -8.29
CA LEU C 18 -14.68 35.15 -6.85
C LEU C 18 -13.73 34.03 -6.44
N ILE C 19 -13.46 33.10 -7.34
CA ILE C 19 -12.48 32.04 -7.03
C ILE C 19 -11.50 31.77 -8.16
N ALA C 20 -11.06 32.84 -8.83
CA ALA C 20 -9.95 32.75 -9.78
C ALA C 20 -10.18 31.71 -10.86
N THR C 21 -11.42 31.62 -11.33
CA THR C 21 -11.74 30.82 -12.50
C THR C 21 -11.44 29.34 -12.35
N ARG C 22 -11.44 28.86 -11.10
CA ARG C 22 -10.97 27.49 -10.81
C ARG C 22 -12.05 26.43 -10.76
N MET C 23 -13.30 26.81 -11.06
CA MET C 23 -14.39 25.83 -10.98
C MET C 23 -14.25 24.71 -12.01
N ARG C 24 -14.27 23.47 -11.55
CA ARG C 24 -14.26 22.32 -12.43
C ARG C 24 -15.57 22.12 -13.17
N THR C 25 -15.52 21.49 -14.34
CA THR C 25 -16.73 21.17 -15.11
C THR C 25 -17.52 20.10 -14.38
N ASP C 26 -16.79 19.23 -13.69
CA ASP C 26 -17.42 18.18 -12.86
C ASP C 26 -18.37 18.71 -11.79
N ASP C 27 -18.08 19.91 -11.27
CA ASP C 27 -18.95 20.57 -10.30
C ASP C 27 -20.05 21.36 -10.96
N MET C 28 -20.09 21.36 -12.29
CA MET C 28 -21.12 22.11 -13.01
C MET C 28 -22.26 21.27 -13.53
N LEU C 29 -22.01 19.99 -13.82
CA LEU C 29 -23.00 19.18 -14.55
C LEU C 29 -24.19 18.70 -13.70
N PRO C 30 -23.92 18.20 -12.48
CA PRO C 30 -25.02 17.74 -11.61
C PRO C 30 -26.20 18.69 -11.54
N ILE C 31 -25.97 20.00 -11.53
CA ILE C 31 -27.04 21.00 -11.44
C ILE C 31 -27.53 21.59 -12.76
N CYS C 32 -27.08 21.02 -13.87
CA CYS C 32 -27.39 21.59 -15.17
C CYS C 32 -28.85 21.45 -15.57
N SER C 33 -29.45 20.30 -15.27
CA SER C 33 -30.85 20.05 -15.62
C SER C 33 -31.78 21.06 -14.96
N LYS C 34 -31.44 21.47 -13.73
CA LYS C 34 -32.19 22.55 -13.08
C LYS C 34 -31.94 23.92 -13.74
N LEU C 35 -30.68 24.24 -14.05
CA LEU C 35 -30.37 25.51 -14.72
C LEU C 35 -31.15 25.61 -16.01
N ASP C 36 -31.27 24.46 -16.67
CA ASP C 36 -31.96 24.36 -17.95
C ASP C 36 -33.45 24.60 -17.77
N ALA C 37 -33.99 24.20 -16.60
CA ALA C 37 -35.42 24.29 -16.28
C ALA C 37 -35.92 25.71 -15.96
N VAL C 38 -35.13 26.49 -15.26
CA VAL C 38 -35.41 27.92 -15.05
C VAL C 38 -35.60 28.52 -16.42
N GLY C 39 -36.33 29.61 -16.52
CA GLY C 39 -36.43 30.29 -17.83
C GLY C 39 -35.34 31.29 -18.17
N TYR C 40 -34.08 30.89 -18.07
CA TYR C 40 -33.00 31.87 -18.30
C TYR C 40 -32.97 32.30 -19.75
N TRP C 41 -32.72 33.59 -19.99
CA TRP C 41 -32.59 34.07 -21.37
C TRP C 41 -31.41 33.40 -22.04
N SER C 42 -30.29 33.33 -21.31
CA SER C 42 -29.11 32.58 -21.72
C SER C 42 -28.24 32.25 -20.50
N LEU C 43 -27.32 31.31 -20.64
CA LEU C 43 -26.37 31.01 -19.57
C LEU C 43 -24.95 31.30 -20.09
N GLU C 44 -24.14 32.00 -19.31
CA GLU C 44 -22.80 32.38 -19.72
C GLU C 44 -21.89 31.25 -19.29
N ALA C 45 -21.49 30.40 -20.23
CA ALA C 45 -20.84 29.11 -19.93
C ALA C 45 -19.37 29.03 -20.26
N TRP C 46 -18.95 29.79 -21.27
CA TRP C 46 -17.65 29.64 -21.89
C TRP C 46 -17.11 31.03 -22.19
N GLY C 47 -15.81 31.13 -22.42
CA GLY C 47 -15.22 32.42 -22.80
C GLY C 47 -14.49 33.09 -21.65
N GLY C 48 -14.20 34.37 -21.83
CA GLY C 48 -13.36 35.11 -20.88
C GLY C 48 -12.11 34.31 -20.53
N ALA C 49 -11.82 34.23 -19.23
CA ALA C 49 -10.61 33.60 -18.72
C ALA C 49 -10.71 32.11 -18.59
N THR C 50 -11.85 31.52 -18.93
CA THR C 50 -12.04 30.07 -18.71
C THR C 50 -11.19 29.23 -19.63
N PHE C 51 -11.04 29.69 -20.88
CA PHE C 51 -10.17 29.04 -21.87
C PHE C 51 -8.77 28.88 -21.30
N ASP C 52 -8.19 29.98 -20.85
CA ASP C 52 -6.88 29.95 -20.25
C ASP C 52 -6.84 29.02 -19.01
N ALA C 53 -7.73 29.28 -18.07
CA ALA C 53 -7.74 28.58 -16.79
C ALA C 53 -7.92 27.07 -16.93
N CYS C 54 -8.79 26.64 -17.86
CA CYS C 54 -9.03 25.22 -18.09
C CYS C 54 -7.73 24.52 -18.46
N VAL C 55 -6.92 25.19 -19.28
CA VAL C 55 -5.69 24.62 -19.76
C VAL C 55 -4.62 24.81 -18.71
N ARG C 56 -4.36 26.05 -18.35
CA ARG C 56 -3.24 26.35 -17.45
C ARG C 56 -3.27 25.59 -16.13
N TYR C 57 -4.43 25.55 -15.47
CA TYR C 57 -4.56 25.03 -14.09
C TYR C 57 -5.39 23.77 -13.92
N LEU C 58 -6.51 23.70 -14.62
CA LEU C 58 -7.37 22.52 -14.49
C LEU C 58 -6.90 21.38 -15.35
N ARG C 59 -6.07 21.69 -16.36
CA ARG C 59 -5.56 20.66 -17.22
C ARG C 59 -6.71 19.96 -17.91
N GLU C 60 -7.70 20.74 -18.34
CA GLU C 60 -8.78 20.17 -19.15
C GLU C 60 -8.88 20.93 -20.46
N ASP C 61 -9.37 20.23 -21.47
CA ASP C 61 -9.52 20.81 -22.78
C ASP C 61 -10.80 21.65 -22.77
N PRO C 62 -10.67 22.97 -22.88
CA PRO C 62 -11.87 23.82 -22.87
C PRO C 62 -12.90 23.50 -23.94
N TRP C 63 -12.47 22.89 -25.02
CA TRP C 63 -13.41 22.47 -26.07
C TRP C 63 -14.32 21.39 -25.51
N GLU C 64 -13.78 20.53 -24.65
CA GLU C 64 -14.58 19.51 -23.99
C GLU C 64 -15.64 20.09 -23.06
N ARG C 65 -15.23 21.03 -22.21
CA ARG C 65 -16.20 21.68 -21.36
C ARG C 65 -17.36 22.21 -22.19
N LEU C 66 -17.09 22.88 -23.28
CA LEU C 66 -18.18 23.41 -24.11
C LEU C 66 -19.08 22.30 -24.63
N LYS C 67 -18.49 21.19 -25.06
CA LYS C 67 -19.26 20.05 -25.53
C LYS C 67 -20.21 19.54 -24.45
N LYS C 68 -19.66 19.28 -23.27
CA LYS C 68 -20.46 18.72 -22.17
C LYS C 68 -21.57 19.65 -21.71
N LEU C 69 -21.24 20.92 -21.55
CA LEU C 69 -22.22 21.92 -21.16
C LEU C 69 -23.30 22.05 -22.20
N ARG C 70 -22.95 21.95 -23.48
CA ARG C 70 -23.94 22.02 -24.54
C ARG C 70 -24.92 20.85 -24.47
N LYS C 71 -24.43 19.68 -24.06
CA LYS C 71 -25.23 18.47 -24.00
C LYS C 71 -26.14 18.47 -22.77
N ALA C 72 -25.66 19.08 -21.69
CA ALA C 72 -26.37 19.10 -20.41
C ALA C 72 -27.28 20.31 -20.23
N LEU C 73 -27.29 21.22 -21.21
CA LEU C 73 -28.13 22.41 -21.16
C LEU C 73 -28.86 22.61 -22.49
N PRO C 74 -29.49 21.53 -23.02
CA PRO C 74 -30.15 21.51 -24.33
C PRO C 74 -31.07 22.66 -24.62
N ASN C 75 -31.95 22.99 -23.68
CA ASN C 75 -33.00 23.99 -23.96
C ASN C 75 -32.52 25.42 -23.83
N SER C 76 -31.44 25.63 -23.09
CA SER C 76 -30.94 26.97 -22.81
C SER C 76 -29.96 27.40 -23.89
N ARG C 77 -29.95 28.68 -24.22
CA ARG C 77 -28.96 29.18 -25.16
C ARG C 77 -27.65 29.58 -24.42
N LEU C 78 -26.53 28.94 -24.80
CA LEU C 78 -25.19 29.21 -24.24
C LEU C 78 -24.56 30.49 -24.77
N GLN C 79 -23.91 31.25 -23.88
CA GLN C 79 -23.38 32.57 -24.20
C GLN C 79 -21.91 32.60 -23.83
N MET C 80 -21.09 33.17 -24.71
CA MET C 80 -19.67 33.28 -24.48
C MET C 80 -19.29 34.74 -24.51
N LEU C 81 -18.16 35.05 -23.87
CA LEU C 81 -17.55 36.36 -23.92
C LEU C 81 -16.29 36.26 -24.77
N LEU C 82 -16.21 37.08 -25.82
CA LEU C 82 -15.08 37.10 -26.75
C LEU C 82 -14.50 38.49 -26.87
N ARG C 83 -13.17 38.60 -26.84
CA ARG C 83 -12.50 39.89 -26.79
C ARG C 83 -12.11 40.37 -28.19
N GLY C 84 -13.05 40.30 -29.14
CA GLY C 84 -12.80 40.71 -30.52
C GLY C 84 -11.58 40.03 -31.13
N GLN C 85 -10.77 40.79 -31.87
CA GLN C 85 -9.54 40.27 -32.48
C GLN C 85 -8.66 39.57 -31.43
N ASN C 86 -8.77 39.98 -30.17
CA ASN C 86 -8.02 39.36 -29.11
C ASN C 86 -8.53 37.98 -28.75
N LEU C 87 -9.78 37.70 -29.14
CA LEU C 87 -10.41 36.40 -28.93
C LEU C 87 -10.48 36.02 -27.42
N LEU C 88 -9.86 34.91 -27.04
CA LEU C 88 -9.70 34.59 -25.62
C LEU C 88 -8.22 34.57 -25.24
N GLY C 89 -7.47 35.53 -25.77
CA GLY C 89 -6.01 35.49 -25.68
C GLY C 89 -5.38 36.83 -25.44
N TYR C 90 -4.10 36.92 -25.81
CA TYR C 90 -3.20 37.94 -25.30
C TYR C 90 -2.94 39.08 -26.30
N ARG C 91 -3.14 38.78 -27.57
CA ARG C 91 -2.76 39.65 -28.67
C ARG C 91 -3.92 39.69 -29.65
N HIS C 92 -3.79 40.54 -30.66
CA HIS C 92 -4.68 40.47 -31.81
C HIS C 92 -4.32 39.23 -32.63
N TYR C 93 -5.34 38.62 -33.23
CA TYR C 93 -5.15 37.45 -34.08
C TYR C 93 -5.54 37.77 -35.52
N SER C 94 -4.93 37.06 -36.46
CA SER C 94 -5.21 37.27 -37.87
C SER C 94 -6.67 36.92 -38.17
N ASP C 95 -7.22 37.56 -39.19
CA ASP C 95 -8.63 37.40 -39.54
C ASP C 95 -9.04 35.96 -39.79
N ASP C 96 -8.16 35.16 -40.37
CA ASP C 96 -8.52 33.78 -40.71
C ASP C 96 -8.68 32.92 -39.45
N VAL C 97 -8.02 33.31 -38.36
CA VAL C 97 -8.13 32.59 -37.08
C VAL C 97 -9.40 32.99 -36.33
N VAL C 98 -9.71 34.28 -36.32
CA VAL C 98 -10.99 34.76 -35.79
C VAL C 98 -12.14 34.04 -36.46
N ARG C 99 -12.19 34.07 -37.78
CA ARG C 99 -13.21 33.35 -38.53
C ARG C 99 -13.27 31.85 -38.14
N ALA C 100 -12.12 31.20 -38.04
CA ALA C 100 -12.07 29.78 -37.71
C ALA C 100 -12.55 29.54 -36.29
N PHE C 101 -12.15 30.42 -35.37
CA PHE C 101 -12.52 30.28 -33.97
C PHE C 101 -14.04 30.37 -33.81
N VAL C 102 -14.61 31.48 -34.24
CA VAL C 102 -16.06 31.67 -34.21
C VAL C 102 -16.78 30.47 -34.84
N GLN C 103 -16.24 29.95 -35.93
CA GLN C 103 -16.83 28.79 -36.60
C GLN C 103 -16.87 27.61 -35.68
N LYS C 104 -15.80 27.39 -34.95
CA LYS C 104 -15.70 26.21 -34.10
C LYS C 104 -16.50 26.37 -32.82
N SER C 105 -16.51 27.58 -32.27
CA SER C 105 -17.30 27.89 -31.10
C SER C 105 -18.79 27.67 -31.42
N ALA C 106 -19.22 28.18 -32.58
CA ALA C 106 -20.61 28.01 -33.03
C ALA C 106 -20.96 26.55 -33.23
N ASP C 107 -20.14 25.87 -34.04
CA ASP C 107 -20.31 24.45 -34.32
C ASP C 107 -20.50 23.61 -33.07
N ASN C 108 -19.73 23.93 -32.04
CA ASN C 108 -19.68 23.10 -30.83
C ASN C 108 -20.62 23.52 -29.73
N GLY C 109 -21.40 24.57 -29.94
CA GLY C 109 -22.46 24.89 -28.99
C GLY C 109 -22.89 26.33 -28.86
N ILE C 110 -21.96 27.27 -29.00
CA ILE C 110 -22.29 28.63 -28.63
C ILE C 110 -23.45 29.17 -29.47
N ASP C 111 -24.34 29.92 -28.82
CA ASP C 111 -25.51 30.53 -29.45
C ASP C 111 -25.44 32.04 -29.48
N VAL C 112 -24.93 32.62 -28.39
CA VAL C 112 -24.79 34.06 -28.26
C VAL C 112 -23.34 34.41 -28.07
N PHE C 113 -22.87 35.42 -28.79
CA PHE C 113 -21.48 35.88 -28.71
C PHE C 113 -21.45 37.34 -28.25
N ARG C 114 -21.06 37.54 -26.99
CA ARG C 114 -20.85 38.88 -26.47
C ARG C 114 -19.44 39.28 -26.85
N ILE C 115 -19.35 40.30 -27.70
CA ILE C 115 -18.08 40.72 -28.27
C ILE C 115 -17.81 42.14 -27.83
N PHE C 116 -16.67 42.34 -27.19
CA PHE C 116 -16.28 43.63 -26.64
C PHE C 116 -14.81 43.83 -26.96
N ASP C 117 -14.37 45.08 -26.96
CA ASP C 117 -12.95 45.38 -27.06
C ASP C 117 -12.56 46.39 -25.99
N ALA C 118 -11.55 46.04 -25.21
CA ALA C 118 -11.06 46.91 -24.13
C ALA C 118 -11.05 48.40 -24.44
N MET C 119 -10.35 48.78 -25.51
CA MET C 119 -10.20 50.21 -25.90
C MET C 119 -11.51 50.79 -26.47
N ASN C 120 -12.49 49.95 -26.82
CA ASN C 120 -13.71 50.35 -27.54
C ASN C 120 -13.45 50.73 -28.98
N ASP C 121 -12.28 50.32 -29.49
CA ASP C 121 -11.92 50.57 -30.88
C ASP C 121 -12.69 49.54 -31.71
N LEU C 122 -13.90 49.93 -32.15
CA LEU C 122 -14.82 49.02 -32.83
C LEU C 122 -14.30 48.40 -34.14
N ARG C 123 -13.25 48.96 -34.72
CA ARG C 123 -12.57 48.33 -35.85
C ARG C 123 -12.14 46.90 -35.51
N ASN C 124 -11.76 46.71 -34.25
CA ASN C 124 -11.34 45.41 -33.73
C ASN C 124 -12.44 44.36 -33.60
N LEU C 125 -13.70 44.78 -33.59
CA LEU C 125 -14.82 43.83 -33.44
C LEU C 125 -15.37 43.32 -34.77
N LYS C 126 -15.22 44.10 -35.84
CA LYS C 126 -15.98 43.86 -37.08
C LYS C 126 -15.91 42.45 -37.64
N VAL C 127 -14.70 41.94 -37.80
CA VAL C 127 -14.56 40.57 -38.31
C VAL C 127 -15.32 39.56 -37.45
N SER C 128 -15.19 39.67 -36.14
CA SER C 128 -15.89 38.77 -35.21
C SER C 128 -17.40 38.83 -35.49
N ILE C 129 -17.91 40.05 -35.53
CA ILE C 129 -19.35 40.26 -35.67
C ILE C 129 -19.87 39.74 -37.01
N GLU C 130 -19.12 40.01 -38.09
CA GLU C 130 -19.46 39.50 -39.42
C GLU C 130 -19.40 37.97 -39.44
N SER C 131 -18.39 37.41 -38.77
CA SER C 131 -18.23 35.97 -38.67
C SER C 131 -19.33 35.32 -37.86
N VAL C 132 -19.82 36.02 -36.83
CA VAL C 132 -20.92 35.49 -36.01
C VAL C 132 -22.22 35.54 -36.81
N LYS C 133 -22.45 36.67 -37.47
CA LYS C 133 -23.58 36.82 -38.36
C LYS C 133 -23.51 35.76 -39.49
N ALA C 134 -22.32 35.59 -40.06
CA ALA C 134 -22.10 34.63 -41.14
C ALA C 134 -22.55 33.23 -40.75
N VAL C 135 -22.24 32.81 -39.52
CA VAL C 135 -22.54 31.45 -39.08
C VAL C 135 -23.99 31.31 -38.59
N GLY C 136 -24.74 32.41 -38.59
CA GLY C 136 -26.17 32.38 -38.28
C GLY C 136 -26.43 32.34 -36.78
N LYS C 137 -25.64 33.08 -36.01
CA LYS C 137 -25.74 33.08 -34.57
C LYS C 137 -25.89 34.50 -34.06
N HIS C 138 -26.10 34.62 -32.76
CA HIS C 138 -26.47 35.90 -32.14
C HIS C 138 -25.24 36.70 -31.78
N ALA C 139 -25.14 37.91 -32.32
CA ALA C 139 -24.00 38.78 -32.07
C ALA C 139 -24.42 39.91 -31.15
N GLU C 140 -23.86 39.93 -29.95
CA GLU C 140 -24.16 40.96 -28.99
C GLU C 140 -22.96 41.89 -28.86
N GLY C 141 -23.07 43.07 -29.45
CA GLY C 141 -21.97 44.01 -29.47
C GLY C 141 -21.94 44.78 -28.19
N THR C 142 -20.73 44.99 -27.67
CA THR C 142 -20.56 45.46 -26.31
C THR C 142 -19.84 46.79 -26.17
N ILE C 143 -20.53 47.75 -25.56
CA ILE C 143 -19.95 48.96 -25.07
C ILE C 143 -19.29 48.59 -23.75
N SER C 144 -17.96 48.68 -23.65
CA SER C 144 -17.30 48.45 -22.37
C SER C 144 -17.17 49.78 -21.62
N TYR C 145 -18.06 49.99 -20.64
CA TYR C 145 -18.20 51.27 -19.94
C TYR C 145 -17.00 51.69 -19.09
N THR C 146 -16.76 53.00 -19.04
CA THR C 146 -15.75 53.62 -18.15
C THR C 146 -16.15 55.05 -17.92
N THR C 147 -15.35 55.77 -17.15
CA THR C 147 -15.59 57.21 -16.97
C THR C 147 -14.31 57.95 -17.17
N SER C 148 -14.41 59.14 -17.77
CA SER C 148 -13.28 60.03 -18.04
C SER C 148 -13.84 61.27 -18.73
N PRO C 149 -13.01 62.33 -18.90
CA PRO C 149 -13.48 63.54 -19.57
C PRO C 149 -14.09 63.30 -20.94
N VAL C 150 -13.59 62.28 -21.63
CA VAL C 150 -14.06 61.90 -22.97
C VAL C 150 -15.35 61.08 -22.99
N HIS C 151 -15.58 60.28 -21.96
CA HIS C 151 -16.78 59.48 -21.97
C HIS C 151 -17.89 60.28 -21.39
N ASP C 152 -18.94 60.19 -22.14
CA ASP C 152 -20.17 60.83 -21.86
C ASP C 152 -21.16 60.00 -22.59
N ILE C 153 -22.41 60.30 -22.32
CA ILE C 153 -23.44 59.46 -22.87
C ILE C 153 -23.41 59.42 -24.41
N PRO C 154 -23.33 60.58 -25.09
CA PRO C 154 -23.29 60.50 -26.56
C PRO C 154 -22.15 59.64 -27.10
N TYR C 155 -20.97 59.72 -26.50
CA TYR C 155 -19.82 58.89 -26.91
C TYR C 155 -20.21 57.43 -26.99
N PHE C 156 -20.96 56.97 -25.99
CA PHE C 156 -21.40 55.58 -25.95
C PHE C 156 -22.51 55.29 -26.95
N VAL C 157 -23.48 56.19 -27.07
CA VAL C 157 -24.60 55.97 -28.01
C VAL C 157 -24.07 56.01 -29.47
N ASN C 158 -23.08 56.85 -29.74
CA ASN C 158 -22.38 56.81 -31.01
C ASN C 158 -21.78 55.43 -31.28
N LEU C 159 -21.11 54.82 -30.29
CA LEU C 159 -20.57 53.45 -30.43
C LEU C 159 -21.68 52.42 -30.60
N ALA C 160 -22.84 52.68 -29.99
CA ALA C 160 -23.97 51.76 -30.07
C ALA C 160 -24.55 51.79 -31.46
N LYS C 161 -24.62 53.00 -32.04
CA LYS C 161 -25.11 53.18 -33.40
C LYS C 161 -24.25 52.42 -34.40
N GLU C 162 -22.93 52.64 -34.36
CA GLU C 162 -21.99 51.92 -35.21
C GLU C 162 -22.20 50.43 -35.10
N LEU C 163 -22.29 49.93 -33.87
CA LEU C 163 -22.50 48.51 -33.61
C LEU C 163 -23.82 47.99 -34.18
N GLU C 164 -24.84 48.83 -34.22
CA GLU C 164 -26.07 48.45 -34.91
C GLU C 164 -25.79 48.36 -36.40
N SER C 165 -25.05 49.35 -36.90
CA SER C 165 -24.72 49.42 -38.33
C SER C 165 -23.91 48.23 -38.82
N PHE C 166 -23.11 47.63 -37.93
CA PHE C 166 -22.37 46.42 -38.28
C PHE C 166 -23.29 45.20 -38.36
N GLY C 167 -24.52 45.31 -37.85
CA GLY C 167 -25.52 44.23 -37.91
C GLY C 167 -25.70 43.40 -36.65
N CYS C 168 -25.67 44.05 -35.49
CA CYS C 168 -25.82 43.35 -34.20
C CYS C 168 -27.27 43.09 -33.80
N ASP C 169 -27.52 41.94 -33.19
CA ASP C 169 -28.87 41.61 -32.69
C ASP C 169 -29.20 42.30 -31.36
N THR C 170 -28.20 42.42 -30.47
CA THR C 170 -28.35 43.15 -29.20
C THR C 170 -27.11 43.97 -28.87
N ILE C 171 -27.29 45.00 -28.04
CA ILE C 171 -26.20 45.82 -27.56
C ILE C 171 -26.05 45.60 -26.05
N ALA C 172 -24.81 45.51 -25.60
CA ALA C 172 -24.51 45.16 -24.19
C ALA C 172 -23.72 46.27 -23.53
N ILE C 173 -24.14 46.65 -22.32
CA ILE C 173 -23.37 47.58 -21.50
C ILE C 173 -22.59 46.76 -20.47
N LYS C 174 -21.26 46.80 -20.56
CA LYS C 174 -20.40 45.96 -19.71
C LYS C 174 -19.66 46.85 -18.74
N ASP C 175 -20.17 46.93 -17.52
CA ASP C 175 -19.52 47.69 -16.48
C ASP C 175 -18.61 46.79 -15.65
N MET C 176 -17.43 46.51 -16.17
CA MET C 176 -16.52 45.53 -15.56
C MET C 176 -16.08 45.96 -14.16
N ALA C 177 -15.88 47.26 -13.96
CA ALA C 177 -15.33 47.78 -12.71
C ALA C 177 -16.37 48.46 -11.81
N SER C 178 -17.66 48.31 -12.11
CA SER C 178 -18.71 48.82 -11.24
C SER C 178 -18.62 50.34 -11.12
N LEU C 179 -18.61 51.03 -12.27
CA LEU C 179 -18.47 52.51 -12.34
C LEU C 179 -19.78 53.22 -12.64
N LEU C 180 -20.78 52.48 -13.09
CA LEU C 180 -22.11 53.06 -13.27
C LEU C 180 -22.70 53.55 -11.96
N THR C 181 -23.24 54.75 -11.98
CA THR C 181 -24.08 55.23 -10.92
C THR C 181 -25.48 55.05 -11.42
N PRO C 182 -26.45 54.90 -10.52
CA PRO C 182 -27.80 54.66 -11.02
C PRO C 182 -28.33 55.82 -11.89
N GLN C 183 -27.95 57.05 -11.57
CA GLN C 183 -28.39 58.21 -12.35
C GLN C 183 -27.97 58.10 -13.82
N VAL C 184 -26.68 57.88 -14.03
CA VAL C 184 -26.10 57.69 -15.35
C VAL C 184 -26.75 56.54 -16.10
N THR C 185 -27.02 55.44 -15.41
CA THR C 185 -27.55 54.25 -16.04
C THR C 185 -28.97 54.47 -16.59
N GLY C 186 -29.75 55.34 -15.94
CA GLY C 186 -31.08 55.70 -16.43
C GLY C 186 -31.01 56.51 -17.71
N ASP C 187 -30.23 57.58 -17.67
CA ASP C 187 -30.02 58.44 -18.83
C ASP C 187 -29.43 57.69 -20.02
N LEU C 188 -28.42 56.89 -19.73
CA LEU C 188 -27.69 56.18 -20.77
C LEU C 188 -28.59 55.22 -21.50
N VAL C 189 -29.38 54.47 -20.76
CA VAL C 189 -30.28 53.50 -21.38
C VAL C 189 -31.39 54.21 -22.15
N LYS C 190 -31.83 55.36 -21.64
CA LYS C 190 -32.81 56.19 -22.35
C LYS C 190 -32.19 56.62 -23.68
N ALA C 191 -31.07 57.34 -23.60
CA ALA C 191 -30.37 57.83 -24.77
C ALA C 191 -29.97 56.74 -25.80
N LEU C 192 -29.90 55.48 -25.34
CA LEU C 192 -29.63 54.35 -26.22
C LEU C 192 -30.90 53.81 -26.85
N ARG C 193 -32.03 53.90 -26.14
CA ARG C 193 -33.30 53.40 -26.67
C ARG C 193 -33.82 54.32 -27.79
N GLU C 194 -33.49 55.61 -27.72
CA GLU C 194 -33.78 56.58 -28.79
C GLU C 194 -32.86 56.41 -30.03
N ALA C 195 -31.57 56.19 -29.79
CA ALA C 195 -30.57 56.06 -30.85
C ALA C 195 -30.48 54.70 -31.56
N VAL C 196 -31.03 53.65 -30.96
CA VAL C 196 -30.90 52.28 -31.51
C VAL C 196 -32.22 51.52 -31.38
N SER C 197 -32.46 50.61 -32.30
CA SER C 197 -33.70 49.83 -32.33
C SER C 197 -33.54 48.46 -31.66
N LEU C 198 -32.38 48.23 -31.07
CA LEU C 198 -32.02 46.92 -30.56
C LEU C 198 -32.31 46.76 -29.07
N PRO C 199 -32.63 45.53 -28.62
CA PRO C 199 -32.70 45.30 -27.17
C PRO C 199 -31.34 45.48 -26.50
N ILE C 200 -31.37 45.92 -25.26
CA ILE C 200 -30.15 46.22 -24.53
C ILE C 200 -29.93 45.22 -23.37
N HIS C 201 -28.66 44.93 -23.11
CA HIS C 201 -28.23 43.91 -22.13
C HIS C 201 -27.35 44.61 -21.10
N LEU C 202 -27.78 44.65 -19.85
CA LEU C 202 -26.98 45.27 -18.77
C LEU C 202 -26.16 44.23 -18.02
N HIS C 203 -24.88 44.51 -17.86
CA HIS C 203 -23.98 43.60 -17.13
C HIS C 203 -23.21 44.44 -16.15
N ALA C 204 -23.72 44.53 -14.90
CA ALA C 204 -23.19 45.48 -13.90
C ALA C 204 -22.62 44.80 -12.69
N HIS C 205 -21.31 44.70 -12.64
CA HIS C 205 -20.66 44.13 -11.45
C HIS C 205 -21.02 44.97 -10.22
N ALA C 206 -20.98 44.31 -9.07
CA ALA C 206 -21.55 44.82 -7.83
C ALA C 206 -20.55 45.49 -6.88
N THR C 207 -19.27 45.56 -7.24
CA THR C 207 -18.24 45.94 -6.27
C THR C 207 -18.50 47.26 -5.48
N SER C 208 -19.12 48.24 -6.12
CA SER C 208 -19.31 49.55 -5.50
C SER C 208 -20.58 49.67 -4.66
N GLY C 209 -21.49 48.71 -4.80
CA GLY C 209 -22.76 48.77 -4.11
C GLY C 209 -23.92 49.38 -4.89
N LEU C 210 -23.64 49.88 -6.09
CA LEU C 210 -24.65 50.59 -6.87
C LEU C 210 -25.31 49.74 -7.95
N ALA C 211 -24.84 48.52 -8.18
CA ALA C 211 -25.28 47.72 -9.33
C ALA C 211 -26.74 47.38 -9.29
N SER C 212 -27.28 47.16 -8.09
CA SER C 212 -28.68 46.82 -7.95
C SER C 212 -29.53 48.06 -8.16
N MET C 213 -29.05 49.22 -7.69
CA MET C 213 -29.77 50.47 -7.93
C MET C 213 -29.71 50.80 -9.40
N SER C 214 -28.54 50.55 -9.99
CA SER C 214 -28.29 50.77 -11.43
C SER C 214 -29.22 49.91 -12.29
N ILE C 215 -29.39 48.65 -11.93
CA ILE C 215 -30.33 47.81 -12.63
C ILE C 215 -31.76 48.35 -12.54
N GLN C 216 -32.17 48.83 -11.38
CA GLN C 216 -33.51 49.38 -11.22
C GLN C 216 -33.78 50.49 -12.23
N ARG C 217 -32.91 51.49 -12.24
CA ARG C 217 -33.04 52.61 -13.18
C ARG C 217 -33.06 52.13 -14.65
N ALA C 218 -32.33 51.07 -14.92
CA ALA C 218 -32.27 50.54 -16.25
C ALA C 218 -33.61 49.93 -16.66
N VAL C 219 -34.18 49.07 -15.83
CA VAL C 219 -35.48 48.45 -16.19
C VAL C 219 -36.61 49.49 -16.26
N ASP C 220 -36.54 50.51 -15.39
CA ASP C 220 -37.42 51.68 -15.50
C ASP C 220 -37.37 52.33 -16.88
N ASN C 221 -36.16 52.53 -17.40
CA ASN C 221 -35.95 53.12 -18.72
C ASN C 221 -35.81 52.09 -19.87
N GLY C 222 -36.42 50.92 -19.73
CA GLY C 222 -36.65 50.05 -20.88
C GLY C 222 -35.57 49.06 -21.25
N VAL C 223 -34.66 48.74 -20.35
CA VAL C 223 -33.69 47.68 -20.60
C VAL C 223 -34.43 46.37 -20.72
N ALA C 224 -33.94 45.51 -21.61
CA ALA C 224 -34.61 44.28 -21.97
C ALA C 224 -34.06 43.07 -21.25
N ILE C 225 -32.73 42.98 -21.16
CA ILE C 225 -32.06 41.83 -20.52
C ILE C 225 -31.08 42.27 -19.42
N VAL C 226 -31.06 41.53 -18.32
CA VAL C 226 -30.20 41.85 -17.20
C VAL C 226 -29.40 40.63 -16.72
N ASP C 227 -28.13 40.84 -16.42
CA ASP C 227 -27.28 39.77 -15.91
C ASP C 227 -27.30 39.75 -14.41
N GLY C 228 -27.42 38.55 -13.86
CA GLY C 228 -27.23 38.31 -12.44
C GLY C 228 -26.42 37.04 -12.25
N CYS C 229 -26.01 36.80 -11.02
CA CYS C 229 -25.35 35.57 -10.67
C CYS C 229 -26.15 34.87 -9.57
N ILE C 230 -26.17 33.54 -9.58
CA ILE C 230 -26.85 32.81 -8.52
C ILE C 230 -26.28 33.22 -7.15
N SER C 231 -27.13 33.32 -6.15
CA SER C 231 -26.77 34.02 -4.91
C SER C 231 -25.49 33.49 -4.24
N SER C 232 -25.17 32.20 -4.36
CA SER C 232 -24.00 31.68 -3.65
C SER C 232 -22.72 32.28 -4.19
N PHE C 233 -22.77 32.77 -5.43
CA PHE C 233 -21.59 33.38 -6.07
C PHE C 233 -21.82 34.86 -6.39
N ALA C 234 -22.78 35.48 -5.75
CA ALA C 234 -23.23 36.78 -6.20
C ALA C 234 -22.53 37.81 -5.37
N GLU C 235 -22.69 39.06 -5.79
CA GLU C 235 -22.34 40.25 -5.03
C GLU C 235 -20.88 40.51 -5.01
N GLY C 236 -20.53 41.73 -4.64
CA GLY C 236 -19.13 42.10 -4.51
C GLY C 236 -18.50 42.16 -5.88
N ALA C 237 -17.41 41.43 -6.06
CA ALA C 237 -16.70 41.45 -7.35
C ALA C 237 -17.53 40.75 -8.42
N SER C 238 -18.60 40.07 -8.01
CA SER C 238 -19.47 39.38 -8.95
C SER C 238 -20.59 40.28 -9.42
N LEU C 239 -21.72 39.69 -9.78
CA LEU C 239 -22.92 40.47 -10.15
C LEU C 239 -24.02 40.35 -9.08
N PRO C 240 -25.06 41.19 -9.18
CA PRO C 240 -26.22 41.06 -8.30
C PRO C 240 -26.87 39.68 -8.34
N ALA C 241 -27.41 39.27 -7.20
CA ALA C 241 -27.96 37.95 -7.04
C ALA C 241 -29.15 37.81 -7.96
N THR C 242 -29.15 36.73 -8.75
CA THR C 242 -30.26 36.44 -9.67
C THR C 242 -31.60 36.45 -8.93
N GLU C 243 -31.68 35.70 -7.83
CA GLU C 243 -32.88 35.72 -7.00
C GLU C 243 -33.36 37.11 -6.59
N SER C 244 -32.42 37.97 -6.21
CA SER C 244 -32.77 39.30 -5.73
C SER C 244 -33.38 40.13 -6.82
N ILE C 245 -32.90 39.93 -8.05
CA ILE C 245 -33.47 40.62 -9.20
C ILE C 245 -34.89 40.13 -9.40
N VAL C 246 -35.05 38.81 -9.51
CA VAL C 246 -36.37 38.18 -9.68
C VAL C 246 -37.40 38.66 -8.64
N ALA C 247 -36.98 38.69 -7.38
CA ALA C 247 -37.85 39.14 -6.31
C ALA C 247 -38.18 40.62 -6.42
N ALA C 248 -37.30 41.41 -6.98
CA ALA C 248 -37.58 42.85 -7.07
C ALA C 248 -38.43 43.23 -8.28
N LEU C 249 -38.77 42.24 -9.09
CA LEU C 249 -39.59 42.50 -10.25
C LEU C 249 -40.89 41.74 -10.19
N LYS C 250 -41.00 40.73 -9.31
CA LYS C 250 -42.27 40.03 -9.11
C LYS C 250 -43.33 41.08 -8.84
N GLY C 251 -44.46 40.98 -9.55
CA GLY C 251 -45.59 41.88 -9.33
C GLY C 251 -45.61 43.09 -10.24
N THR C 252 -44.44 43.53 -10.67
CA THR C 252 -44.35 44.68 -11.53
C THR C 252 -44.70 44.32 -12.97
N GLU C 253 -44.80 45.36 -13.80
CA GLU C 253 -44.96 45.18 -15.24
C GLU C 253 -43.75 44.48 -15.85
N TYR C 254 -42.62 44.46 -15.13
CA TYR C 254 -41.40 43.82 -15.60
C TYR C 254 -41.22 42.37 -15.09
N ASP C 255 -42.17 41.88 -14.30
CA ASP C 255 -42.08 40.53 -13.73
C ASP C 255 -41.38 39.57 -14.69
N THR C 256 -40.31 38.98 -14.23
CA THR C 256 -39.62 37.93 -14.97
C THR C 256 -40.32 36.66 -14.51
N GLY C 257 -40.57 35.74 -15.40
CA GLY C 257 -41.47 34.64 -15.04
C GLY C 257 -40.85 33.56 -14.20
N LEU C 258 -39.95 33.95 -13.29
CA LEU C 258 -38.95 33.00 -12.78
C LEU C 258 -39.23 32.46 -11.39
N ASP C 259 -39.06 31.14 -11.24
CA ASP C 259 -39.36 30.44 -10.00
C ASP C 259 -38.26 30.59 -8.95
N ILE C 260 -38.41 31.58 -8.08
CA ILE C 260 -37.36 31.89 -7.09
C ILE C 260 -36.94 30.71 -6.17
N GLY C 261 -37.79 29.72 -5.99
CA GLY C 261 -37.46 28.58 -5.17
C GLY C 261 -36.55 27.64 -5.91
N LEU C 262 -36.79 27.49 -7.21
CA LEU C 262 -35.90 26.67 -8.04
C LEU C 262 -34.49 27.28 -8.00
N LEU C 263 -34.46 28.59 -8.25
CA LEU C 263 -33.23 29.33 -8.09
C LEU C 263 -32.54 29.04 -6.74
N GLN C 264 -33.29 29.06 -5.65
CA GLN C 264 -32.74 28.86 -4.32
C GLN C 264 -32.11 27.47 -4.19
N GLU C 265 -32.77 26.48 -4.79
CA GLU C 265 -32.21 25.12 -4.78
C GLU C 265 -30.84 25.09 -5.44
N ILE C 266 -30.75 25.78 -6.57
CA ILE C 266 -29.51 25.81 -7.35
C ILE C 266 -28.46 26.58 -6.61
N SER C 267 -28.84 27.74 -6.08
CA SER C 267 -27.95 28.46 -5.18
C SER C 267 -27.35 27.58 -4.07
N ALA C 268 -28.16 26.78 -3.42
CA ALA C 268 -27.66 25.89 -2.36
C ALA C 268 -26.65 24.91 -2.87
N TYR C 269 -26.89 24.39 -4.06
CA TYR C 269 -25.97 23.46 -4.69
C TYR C 269 -24.60 24.11 -4.82
N PHE C 270 -24.59 25.31 -5.39
CA PHE C 270 -23.36 26.06 -5.56
C PHE C 270 -22.69 26.45 -4.26
N ARG C 271 -23.49 26.85 -3.28
CA ARG C 271 -22.95 27.08 -1.93
C ARG C 271 -22.08 25.92 -1.44
N GLU C 272 -22.51 24.70 -1.75
CA GLU C 272 -21.74 23.57 -1.30
C GLU C 272 -20.48 23.48 -2.09
N VAL C 273 -20.62 23.54 -3.42
CA VAL C 273 -19.47 23.40 -4.31
C VAL C 273 -18.34 24.36 -3.92
N ARG C 274 -18.71 25.61 -3.73
CA ARG C 274 -17.74 26.63 -3.49
C ARG C 274 -16.78 26.36 -2.37
N LYS C 275 -17.20 25.59 -1.38
CA LYS C 275 -16.35 25.33 -0.21
C LYS C 275 -15.07 24.61 -0.60
N LYS C 276 -15.16 23.73 -1.60
CA LYS C 276 -14.00 23.00 -2.10
C LYS C 276 -12.86 23.97 -2.47
N TYR C 277 -13.26 25.14 -2.99
CA TYR C 277 -12.33 26.11 -3.58
C TYR C 277 -11.81 27.18 -2.64
N TRP C 278 -11.83 26.88 -1.35
CA TRP C 278 -11.48 27.88 -0.34
C TRP C 278 -10.14 28.56 -0.63
N GLN C 279 -9.22 27.84 -1.27
CA GLN C 279 -7.85 28.37 -1.45
C GLN C 279 -7.73 29.53 -2.45
N PHE C 280 -8.76 29.77 -3.23
CA PHE C 280 -8.76 30.82 -4.24
C PHE C 280 -9.60 32.03 -3.86
N GLU C 281 -10.20 31.99 -2.67
CA GLU C 281 -11.03 33.11 -2.21
C GLU C 281 -10.17 34.37 -2.05
N SER C 282 -10.72 35.52 -2.38
CA SER C 282 -9.97 36.76 -2.42
C SER C 282 -9.81 37.30 -1.03
N GLU C 283 -8.62 37.80 -0.71
CA GLU C 283 -8.37 38.46 0.57
C GLU C 283 -9.43 39.55 0.86
N PHE C 284 -10.02 40.12 -0.18
CA PHE C 284 -10.92 41.24 -0.03
C PHE C 284 -12.27 40.88 -0.56
N THR C 285 -13.25 40.74 0.34
CA THR C 285 -14.59 40.31 -0.06
C THR C 285 -15.61 41.42 0.07
N GLY C 286 -16.60 41.40 -0.81
CA GLY C 286 -17.70 42.29 -0.65
C GLY C 286 -17.53 43.64 -1.31
N VAL C 287 -18.06 44.64 -0.66
CA VAL C 287 -18.23 45.92 -1.25
C VAL C 287 -16.92 46.67 -1.03
N ASP C 288 -16.31 47.02 -2.15
CA ASP C 288 -15.01 47.66 -2.19
C ASP C 288 -15.34 49.03 -2.75
N THR C 289 -15.67 49.95 -1.86
CA THR C 289 -16.12 51.28 -2.25
C THR C 289 -15.03 52.11 -2.92
N ARG C 290 -13.76 51.69 -2.77
CA ARG C 290 -12.57 52.49 -3.15
C ARG C 290 -12.61 52.96 -4.60
N VAL C 291 -13.16 52.15 -5.49
CA VAL C 291 -13.40 52.60 -6.84
C VAL C 291 -14.08 53.94 -6.86
N LEU C 292 -14.83 54.23 -5.79
CA LEU C 292 -15.63 55.47 -5.64
C LEU C 292 -14.94 56.61 -4.98
N VAL C 293 -13.75 56.38 -4.45
CA VAL C 293 -12.80 57.48 -4.29
C VAL C 293 -11.75 57.36 -5.40
N ASN C 294 -11.93 58.15 -6.43
CA ASN C 294 -10.94 58.29 -7.50
C ASN C 294 -10.95 57.18 -8.57
N GLN C 295 -11.98 56.37 -8.71
CA GLN C 295 -12.10 55.55 -9.90
C GLN C 295 -10.96 54.58 -10.24
N VAL C 296 -10.12 54.23 -9.28
CA VAL C 296 -9.21 53.11 -9.51
C VAL C 296 -9.88 51.78 -9.15
N PRO C 297 -10.31 50.98 -10.15
CA PRO C 297 -10.91 49.68 -9.84
C PRO C 297 -10.31 48.93 -8.66
N GLY C 298 -11.17 48.58 -7.69
CA GLY C 298 -10.81 47.64 -6.62
C GLY C 298 -10.43 46.36 -7.36
N GLY C 299 -9.38 45.70 -6.90
CA GLY C 299 -8.85 44.56 -7.62
C GLY C 299 -7.73 44.97 -8.55
N MET C 300 -7.76 46.22 -9.05
CA MET C 300 -6.52 46.79 -9.58
C MET C 300 -5.58 47.07 -8.39
N ILE C 301 -6.13 47.62 -7.29
CA ILE C 301 -5.34 47.98 -6.11
C ILE C 301 -4.88 46.75 -5.31
N SER C 302 -5.55 45.61 -5.50
CA SER C 302 -5.17 44.39 -4.82
C SER C 302 -4.04 43.64 -5.57
N ASN C 303 -3.95 43.83 -6.89
CA ASN C 303 -2.81 43.29 -7.67
C ASN C 303 -1.62 44.19 -7.55
N LEU C 304 -1.87 45.50 -7.55
CA LEU C 304 -0.80 46.48 -7.33
C LEU C 304 -0.11 46.27 -5.99
N SER C 305 -0.89 46.12 -4.93
CA SER C 305 -0.36 45.85 -3.56
C SER C 305 0.39 44.51 -3.46
N ASN C 306 -0.15 43.50 -4.15
CA ASN C 306 0.42 42.15 -4.24
C ASN C 306 1.78 42.32 -4.92
N GLN C 307 1.82 43.14 -5.98
CA GLN C 307 3.07 43.56 -6.61
C GLN C 307 4.05 44.22 -5.63
N LEU C 308 3.59 45.21 -4.86
CA LEU C 308 4.50 45.98 -3.99
C LEU C 308 5.00 45.19 -2.78
N LYS C 309 4.14 44.37 -2.19
CA LYS C 309 4.51 43.47 -1.07
C LYS C 309 5.72 42.60 -1.43
N GLU C 310 5.60 41.79 -2.48
CA GLU C 310 6.69 40.92 -2.99
C GLU C 310 8.02 41.69 -3.13
N GLN C 311 7.96 42.97 -3.48
CA GLN C 311 9.18 43.81 -3.62
C GLN C 311 9.61 44.49 -2.32
N GLY C 312 8.84 44.32 -1.23
CA GLY C 312 9.12 45.02 0.02
C GLY C 312 8.77 46.50 0.00
N ALA C 313 7.92 46.92 -0.93
CA ALA C 313 7.66 48.35 -1.20
C ALA C 313 6.20 48.82 -1.05
N LEU C 314 5.43 48.22 -0.14
CA LEU C 314 4.01 48.62 0.08
C LEU C 314 3.85 50.09 0.45
N ASP C 315 4.87 50.66 1.09
CA ASP C 315 4.83 52.04 1.55
C ASP C 315 4.70 53.08 0.42
N ARG C 316 4.72 52.64 -0.83
CA ARG C 316 4.69 53.55 -1.97
C ARG C 316 3.34 53.53 -2.69
N MET C 317 2.38 52.76 -2.19
CA MET C 317 1.10 52.60 -2.89
C MET C 317 0.35 53.90 -3.04
N ASP C 318 0.33 54.69 -1.99
CA ASP C 318 -0.30 56.00 -2.07
C ASP C 318 0.25 56.80 -3.29
N ALA C 319 1.55 56.69 -3.54
CA ALA C 319 2.18 57.36 -4.71
C ALA C 319 1.67 56.77 -6.02
N VAL C 320 1.72 55.46 -6.12
CA VAL C 320 1.32 54.73 -7.33
C VAL C 320 -0.13 55.02 -7.79
N LEU C 321 -1.03 55.14 -6.82
CA LEU C 321 -2.43 55.44 -7.10
C LEU C 321 -2.62 56.89 -7.56
N ASP C 322 -1.70 57.78 -7.18
CA ASP C 322 -1.68 59.16 -7.69
C ASP C 322 -1.12 59.19 -9.09
N GLU C 323 -0.13 58.35 -9.36
CA GLU C 323 0.47 58.24 -10.67
C GLU C 323 -0.43 57.51 -11.69
N ILE C 324 -1.32 56.63 -11.23
CA ILE C 324 -2.10 55.81 -12.14
C ILE C 324 -2.96 56.67 -13.08
N PRO C 325 -3.80 57.57 -12.52
CA PRO C 325 -4.70 58.34 -13.38
C PRO C 325 -3.96 59.30 -14.32
N ARG C 326 -2.72 59.65 -13.98
CA ARG C 326 -1.86 60.53 -14.79
C ARG C 326 -1.38 59.78 -16.03
N VAL C 327 -0.92 58.55 -15.84
CA VAL C 327 -0.60 57.63 -16.92
C VAL C 327 -1.81 57.27 -17.76
N ARG C 328 -2.96 57.01 -17.14
CA ARG C 328 -4.18 56.72 -17.91
C ARG C 328 -4.53 57.89 -18.81
N GLU C 329 -4.41 59.09 -18.25
CA GLU C 329 -4.57 60.34 -18.97
C GLU C 329 -3.52 60.50 -20.10
N ASP C 330 -2.26 60.30 -19.75
CA ASP C 330 -1.18 60.26 -20.76
C ASP C 330 -1.53 59.34 -21.94
N LEU C 331 -2.23 58.22 -21.68
CA LEU C 331 -2.52 57.24 -22.73
C LEU C 331 -3.93 57.37 -23.22
N GLY C 332 -4.50 58.52 -22.94
CA GLY C 332 -5.72 58.92 -23.61
C GLY C 332 -6.98 58.30 -23.01
N TYR C 333 -7.03 58.20 -21.69
CA TYR C 333 -8.18 57.66 -20.98
C TYR C 333 -8.76 56.33 -21.50
N PRO C 334 -7.90 55.34 -21.71
CA PRO C 334 -8.40 54.03 -22.05
C PRO C 334 -9.14 53.49 -20.86
N PRO C 335 -10.12 52.60 -21.12
CA PRO C 335 -10.72 51.90 -20.00
C PRO C 335 -9.66 51.04 -19.30
N LEU C 336 -9.61 51.05 -17.96
CA LEU C 336 -8.67 50.24 -17.16
C LEU C 336 -9.24 48.84 -16.91
N VAL C 337 -9.08 47.99 -17.90
CA VAL C 337 -9.41 46.58 -17.87
C VAL C 337 -8.13 45.84 -18.29
N THR C 338 -8.07 44.53 -18.14
CA THR C 338 -7.01 43.78 -18.83
C THR C 338 -7.22 43.99 -20.36
N PRO C 339 -6.14 44.33 -21.07
CA PRO C 339 -4.75 44.38 -20.58
C PRO C 339 -4.24 45.76 -20.09
N THR C 340 -5.04 46.78 -20.35
CA THR C 340 -4.60 48.16 -20.16
C THR C 340 -4.26 48.47 -18.70
N SER C 341 -4.90 47.76 -17.79
CA SER C 341 -4.74 48.01 -16.35
C SER C 341 -3.38 47.56 -15.81
N GLN C 342 -2.91 46.41 -16.30
CA GLN C 342 -1.55 45.97 -15.95
C GLN C 342 -0.59 46.98 -16.45
N ILE C 343 -0.83 47.38 -17.71
CA ILE C 343 0.09 48.23 -18.43
C ILE C 343 0.30 49.53 -17.66
N VAL C 344 -0.81 50.22 -17.43
CA VAL C 344 -0.79 51.49 -16.71
C VAL C 344 -0.18 51.34 -15.32
N GLY C 345 -0.64 50.30 -14.62
CA GLY C 345 -0.22 50.12 -13.24
C GLY C 345 1.27 49.89 -13.07
N THR C 346 1.83 49.03 -13.93
CA THR C 346 3.25 48.72 -13.85
C THR C 346 4.08 49.94 -14.26
N GLN C 347 3.66 50.64 -15.32
CA GLN C 347 4.37 51.85 -15.75
C GLN C 347 4.39 52.88 -14.62
N ALA C 348 3.23 53.08 -13.98
CA ALA C 348 3.13 53.99 -12.85
C ALA C 348 4.14 53.59 -11.76
N VAL C 349 4.27 52.30 -11.50
CA VAL C 349 5.14 51.84 -10.45
C VAL C 349 6.55 52.19 -10.82
N LEU C 350 6.94 51.88 -12.06
CA LEU C 350 8.26 52.30 -12.56
C LEU C 350 8.56 53.79 -12.33
N ASN C 351 7.72 54.66 -12.89
CA ASN C 351 7.88 56.11 -12.75
C ASN C 351 8.15 56.56 -11.31
N VAL C 352 7.42 55.98 -10.36
CA VAL C 352 7.58 56.32 -8.94
C VAL C 352 8.95 55.91 -8.41
N MET C 353 9.30 54.64 -8.63
CA MET C 353 10.57 54.06 -8.25
C MET C 353 11.72 54.83 -8.90
N THR C 354 11.57 55.18 -10.19
CA THR C 354 12.63 55.91 -10.92
C THR C 354 12.79 57.37 -10.45
N GLY C 355 11.72 57.95 -9.90
CA GLY C 355 11.68 59.37 -9.56
C GLY C 355 11.56 60.23 -10.81
N ALA C 356 11.00 59.67 -11.88
CA ALA C 356 10.96 60.37 -13.18
C ALA C 356 9.95 59.74 -14.16
N ARG C 357 9.10 60.58 -14.74
CA ARG C 357 8.01 60.08 -15.59
C ARG C 357 8.49 59.68 -16.97
N TYR C 358 8.34 58.39 -17.27
CA TYR C 358 8.74 57.78 -18.54
C TYR C 358 10.25 57.78 -18.85
N LYS C 359 11.07 57.93 -17.81
CA LYS C 359 12.50 57.62 -17.92
C LYS C 359 12.67 56.14 -18.32
N SER C 360 11.93 55.25 -17.66
CA SER C 360 11.83 53.84 -18.07
C SER C 360 10.42 53.52 -18.51
N VAL C 361 10.32 52.72 -19.58
CA VAL C 361 9.06 52.42 -20.24
C VAL C 361 8.87 50.93 -20.59
N THR C 362 7.85 50.31 -20.01
CA THR C 362 7.38 48.96 -20.35
C THR C 362 7.30 48.77 -21.86
N ASN C 363 7.73 47.61 -22.36
CA ASN C 363 7.56 47.29 -23.79
C ASN C 363 6.07 47.27 -24.27
N GLU C 364 5.16 46.84 -23.41
CA GLU C 364 3.73 46.84 -23.74
C GLU C 364 3.15 48.28 -23.82
N VAL C 365 3.76 49.20 -23.08
CA VAL C 365 3.36 50.58 -23.16
C VAL C 365 3.78 51.10 -24.52
N LYS C 366 5.01 50.76 -24.93
CA LYS C 366 5.50 51.16 -26.25
C LYS C 366 4.53 50.70 -27.33
N ASN C 367 4.17 49.42 -27.31
CA ASN C 367 3.23 48.93 -28.30
C ASN C 367 1.92 49.69 -28.26
N TYR C 368 1.46 50.02 -27.06
CA TYR C 368 0.22 50.80 -26.92
C TYR C 368 0.36 52.12 -27.69
N LEU C 369 1.47 52.80 -27.45
CA LEU C 369 1.73 54.08 -28.09
C LEU C 369 1.99 53.98 -29.62
N LEU C 370 2.41 52.80 -30.09
CA LEU C 370 2.58 52.54 -31.52
C LEU C 370 1.32 52.07 -32.21
N GLY C 371 0.15 52.29 -31.60
CA GLY C 371 -1.13 51.92 -32.21
C GLY C 371 -1.44 50.42 -32.25
N HIS C 372 -0.66 49.60 -31.52
CA HIS C 372 -0.72 48.16 -31.71
C HIS C 372 -1.99 47.54 -31.09
N TYR C 373 -2.54 48.18 -30.07
CA TYR C 373 -3.71 47.65 -29.38
C TYR C 373 -4.97 48.29 -29.95
N GLY C 374 -4.83 49.46 -30.57
CA GLY C 374 -5.95 50.16 -31.21
C GLY C 374 -5.93 51.65 -30.94
N LYS C 375 -7.12 52.26 -31.10
CA LYS C 375 -7.28 53.71 -30.99
C LYS C 375 -7.65 54.11 -29.57
N ALA C 376 -6.74 54.83 -28.93
CA ALA C 376 -7.02 55.38 -27.63
C ALA C 376 -8.22 56.35 -27.72
N PRO C 377 -9.24 56.16 -26.85
CA PRO C 377 -10.45 57.01 -26.92
C PRO C 377 -10.18 58.54 -26.94
N SER C 378 -9.13 58.97 -26.25
CA SER C 378 -8.68 60.35 -26.30
C SER C 378 -7.28 60.36 -26.87
N THR C 379 -6.79 61.55 -27.20
CA THR C 379 -5.49 61.65 -27.84
C THR C 379 -4.41 61.54 -26.77
N VAL C 380 -3.38 60.78 -27.12
CA VAL C 380 -2.25 60.49 -26.27
C VAL C 380 -1.36 61.69 -26.11
N ASN C 381 -0.69 61.79 -24.97
CA ASN C 381 0.25 62.88 -24.76
C ASN C 381 1.44 62.77 -25.71
N PRO C 382 1.69 63.83 -26.52
CA PRO C 382 2.74 63.74 -27.55
C PRO C 382 4.15 63.67 -26.97
N ASP C 383 4.41 64.42 -25.91
CA ASP C 383 5.70 64.36 -25.20
C ASP C 383 5.99 63.00 -24.61
N VAL C 384 4.95 62.28 -24.19
CA VAL C 384 5.14 60.97 -23.59
C VAL C 384 5.48 59.98 -24.70
N ARG C 385 4.65 59.96 -25.74
CA ARG C 385 4.92 59.14 -26.90
C ARG C 385 6.36 59.28 -27.38
N ASN C 386 6.82 60.52 -27.52
CA ASN C 386 8.18 60.82 -27.99
C ASN C 386 9.29 60.40 -27.03
N LEU C 387 9.04 60.55 -25.74
CA LEU C 387 9.96 60.09 -24.72
C LEU C 387 10.08 58.57 -24.77
N ALA C 388 8.96 57.91 -25.08
CA ALA C 388 8.87 56.45 -25.02
C ALA C 388 9.24 55.80 -26.31
N VAL C 389 8.73 56.37 -27.38
CA VAL C 389 8.73 55.74 -28.68
C VAL C 389 9.48 56.56 -29.74
N GLY C 390 9.93 57.76 -29.37
CA GLY C 390 10.58 58.67 -30.32
C GLY C 390 9.71 59.09 -31.50
N ASN C 391 10.31 59.11 -32.69
CA ASN C 391 9.63 59.47 -33.94
C ASN C 391 8.89 58.28 -34.59
N ALA C 392 8.95 57.12 -33.93
CA ALA C 392 8.62 55.83 -34.56
C ALA C 392 7.18 55.76 -35.05
N GLN C 393 6.94 54.76 -35.91
CA GLN C 393 5.71 54.64 -36.67
C GLN C 393 4.54 54.34 -35.77
N VAL C 394 3.79 55.38 -35.45
CA VAL C 394 2.49 55.16 -34.85
C VAL C 394 1.66 54.66 -36.02
N ILE C 395 1.37 53.36 -36.02
CA ILE C 395 0.45 52.81 -36.99
C ILE C 395 -0.91 53.40 -36.69
N GLU C 396 -1.77 53.42 -37.69
CA GLU C 396 -3.06 54.10 -37.59
C GLU C 396 -4.16 53.28 -38.22
N CYS C 397 -3.79 52.07 -38.65
CA CYS C 397 -4.76 51.13 -39.17
C CYS C 397 -5.15 50.14 -38.09
N ARG C 398 -6.17 49.38 -38.42
CA ARG C 398 -6.65 48.29 -37.57
C ARG C 398 -5.56 47.21 -37.47
N PRO C 399 -4.93 47.04 -36.29
CA PRO C 399 -3.68 46.26 -36.17
C PRO C 399 -3.63 44.85 -36.74
N ALA C 400 -4.77 44.24 -37.08
CA ALA C 400 -4.75 42.94 -37.77
C ALA C 400 -4.42 43.06 -39.27
N ASP C 401 -4.66 44.25 -39.82
CA ASP C 401 -4.17 44.63 -41.15
C ASP C 401 -2.69 44.24 -41.35
N LEU C 402 -1.89 44.18 -40.30
CA LEU C 402 -0.47 43.84 -40.42
C LEU C 402 -0.19 42.35 -40.32
N LEU C 403 -1.24 41.53 -40.25
CA LEU C 403 -1.13 40.11 -39.94
C LEU C 403 -1.47 39.17 -41.10
N THR C 404 -0.46 38.48 -41.60
CA THR C 404 -0.65 37.47 -42.62
C THR C 404 -1.50 36.31 -42.09
N ALA C 405 -2.40 35.81 -42.93
CA ALA C 405 -3.17 34.60 -42.61
C ALA C 405 -2.24 33.54 -42.02
N GLU C 406 -2.61 33.00 -40.85
CA GLU C 406 -1.75 32.12 -40.06
C GLU C 406 -2.27 30.72 -39.84
N MET C 407 -3.46 30.41 -40.34
CA MET C 407 -4.05 29.11 -40.07
C MET C 407 -3.23 27.94 -40.64
N GLU C 408 -2.88 28.03 -41.91
CA GLU C 408 -1.99 27.03 -42.52
C GLU C 408 -0.66 26.93 -41.77
N LYS C 409 -0.10 28.09 -41.42
CA LYS C 409 1.19 28.17 -40.70
C LYS C 409 1.16 27.40 -39.38
N LEU C 410 0.07 27.56 -38.63
CA LEU C 410 -0.07 26.96 -37.31
C LEU C 410 -0.25 25.47 -37.40
N ARG C 411 -1.12 25.02 -38.30
CA ARG C 411 -1.42 23.62 -38.44
C ARG C 411 -0.12 22.81 -38.63
N ASN C 412 0.77 23.33 -39.47
CA ASN C 412 2.08 22.70 -39.72
C ASN C 412 2.93 22.68 -38.47
N GLU C 413 2.97 23.81 -37.76
CA GLU C 413 3.66 23.89 -36.48
C GLU C 413 3.22 22.85 -35.47
N VAL C 414 1.98 22.38 -35.57
CA VAL C 414 1.46 21.39 -34.61
C VAL C 414 1.07 20.06 -35.28
N GLU C 415 1.61 19.77 -36.46
CA GLU C 415 1.42 18.42 -37.01
C GLU C 415 2.01 17.38 -36.03
N GLY C 416 1.25 16.30 -35.77
CA GLY C 416 1.73 15.20 -34.93
C GLY C 416 1.46 15.34 -33.43
N LEU C 417 0.91 16.50 -33.05
CA LEU C 417 0.24 16.72 -31.77
C LEU C 417 -1.28 16.82 -32.01
N ALA C 418 -1.72 17.92 -32.63
CA ALA C 418 -3.13 18.26 -32.77
C ALA C 418 -3.94 17.18 -33.42
N ALA C 419 -4.88 16.64 -32.67
CA ALA C 419 -5.75 15.59 -33.17
C ALA C 419 -6.89 16.21 -33.97
N SER C 420 -7.04 17.53 -33.93
CA SER C 420 -8.21 18.15 -34.49
C SER C 420 -8.04 19.63 -34.66
N ALA C 421 -8.94 20.22 -35.44
CA ALA C 421 -8.89 21.63 -35.71
C ALA C 421 -8.95 22.42 -34.42
N ALA C 422 -9.77 21.94 -33.48
CA ALA C 422 -9.90 22.58 -32.18
C ALA C 422 -8.54 22.62 -31.47
N ASP C 423 -7.80 21.53 -31.55
CA ASP C 423 -6.44 21.52 -31.01
C ASP C 423 -5.51 22.57 -31.62
N VAL C 424 -5.73 22.89 -32.89
CA VAL C 424 -4.96 23.90 -33.59
C VAL C 424 -5.34 25.28 -33.06
N LEU C 425 -6.64 25.51 -32.83
CA LEU C 425 -7.14 26.81 -32.31
C LEU C 425 -6.76 27.03 -30.82
N THR C 426 -6.65 25.93 -30.06
CA THR C 426 -6.15 25.98 -28.71
C THR C 426 -4.72 26.46 -28.74
N TYR C 427 -3.92 25.89 -29.65
CA TYR C 427 -2.50 26.27 -29.87
C TYR C 427 -2.38 27.76 -30.16
N ALA C 428 -3.18 28.20 -31.11
CA ALA C 428 -3.25 29.58 -31.48
C ALA C 428 -3.36 30.54 -30.29
N MET C 429 -4.19 30.20 -29.31
CA MET C 429 -4.35 31.07 -28.13
C MET C 429 -3.11 31.19 -27.27
N PHE C 430 -2.43 30.07 -26.98
CA PHE C 430 -1.15 30.11 -26.22
C PHE C 430 -0.23 28.96 -26.60
N PRO C 431 0.56 29.18 -27.64
CA PRO C 431 1.31 28.11 -28.27
C PRO C 431 2.27 27.38 -27.33
N ASP C 432 3.08 28.12 -26.60
CA ASP C 432 4.02 27.47 -25.68
C ASP C 432 3.28 26.52 -24.73
N LEU C 433 2.24 27.06 -24.09
CA LEU C 433 1.42 26.31 -23.11
C LEU C 433 0.63 25.18 -23.73
N ALA C 434 0.02 25.46 -24.88
CA ALA C 434 -0.77 24.46 -25.56
C ALA C 434 0.08 23.29 -26.05
N LYS C 435 1.32 23.56 -26.44
CA LYS C 435 2.19 22.44 -26.84
C LYS C 435 2.26 21.48 -25.67
N THR C 436 2.72 21.94 -24.50
CA THR C 436 2.90 21.02 -23.36
C THR C 436 1.60 20.28 -23.00
N PHE C 437 0.48 20.98 -23.15
CA PHE C 437 -0.83 20.41 -22.86
C PHE C 437 -1.16 19.31 -23.83
N LEU C 438 -1.14 19.64 -25.12
CA LEU C 438 -1.39 18.65 -26.15
C LEU C 438 -0.48 17.42 -25.98
N GLN C 439 0.77 17.68 -25.65
CA GLN C 439 1.74 16.63 -25.41
C GLN C 439 1.32 15.76 -24.24
N GLU C 440 0.96 16.39 -23.13
CA GLU C 440 0.60 15.64 -21.92
C GLU C 440 -0.70 14.85 -22.11
N ARG C 441 -1.65 15.46 -22.81
CA ARG C 441 -2.92 14.81 -23.12
C ARG C 441 -2.73 13.56 -23.93
N ASN C 442 -1.98 13.64 -25.02
CA ASN C 442 -1.82 12.48 -25.94
C ASN C 442 -1.05 11.35 -25.25
N ALA C 443 -0.32 11.68 -24.18
CA ALA C 443 0.38 10.66 -23.40
C ALA C 443 -0.47 10.15 -22.23
N GLY C 444 -1.69 10.65 -22.10
CA GLY C 444 -2.55 10.31 -20.98
C GLY C 444 -1.95 10.65 -19.62
N SER C 445 -1.14 11.72 -19.60
CA SER C 445 -0.30 12.04 -18.46
C SER C 445 -0.71 13.34 -17.74
N LEU C 446 -1.81 13.99 -18.16
CA LEU C 446 -2.26 15.22 -17.52
C LEU C 446 -2.54 15.04 -16.00
N LYS C 447 -2.08 16.00 -15.19
CA LYS C 447 -2.18 15.93 -13.74
C LYS C 447 -2.67 17.30 -13.28
N PRO C 448 -3.99 17.47 -13.10
CA PRO C 448 -4.45 18.74 -12.55
C PRO C 448 -3.89 18.99 -11.13
N GLU C 449 -3.51 20.24 -10.84
CA GLU C 449 -3.25 20.68 -9.44
C GLU C 449 -4.37 20.17 -8.53
N PRO C 450 -4.04 19.38 -7.50
CA PRO C 450 -5.14 18.88 -6.67
C PRO C 450 -5.64 19.97 -5.75
N LEU C 451 -6.89 19.86 -5.33
CA LEU C 451 -7.46 20.86 -4.45
C LEU C 451 -7.00 20.55 -3.04
N LEU C 452 -6.56 21.54 -2.28
CA LEU C 452 -6.20 21.32 -0.88
C LEU C 452 -7.39 21.11 0.10
N ASP C 453 -7.16 20.32 1.14
CA ASP C 453 -8.11 20.30 2.25
C ASP C 453 -7.81 21.48 3.20
N LYS C 454 -8.83 22.27 3.54
CA LYS C 454 -8.60 23.45 4.37
C LYS C 454 -8.05 23.17 5.77
N GLU C 455 -8.59 22.16 6.46
CA GLU C 455 -8.16 21.94 7.83
C GLU C 455 -6.72 21.41 7.88
N ALA C 456 -6.32 20.62 6.88
CA ALA C 456 -4.97 20.04 6.84
C ALA C 456 -3.85 21.09 6.60
N VAL C 457 -4.09 22.02 5.68
CA VAL C 457 -3.10 23.08 5.36
C VAL C 457 -2.84 23.97 6.57
N THR C 458 -3.87 24.15 7.39
CA THR C 458 -3.80 25.08 8.50
C THR C 458 -2.99 24.50 9.68
N SER C 459 -3.06 23.19 9.87
CA SER C 459 -2.18 22.49 10.81
C SER C 459 -0.72 22.79 10.45
N ARG C 460 -0.28 22.35 9.26
CA ARG C 460 1.12 22.45 8.83
C ARG C 460 1.73 23.87 8.81
N GLU C 461 0.90 24.88 8.56
CA GLU C 461 1.36 26.28 8.49
C GLU C 461 1.55 26.93 9.87
N SER C 462 0.81 26.46 10.87
CA SER C 462 0.89 27.01 12.23
C SER C 462 2.12 26.46 12.97
N HIS C 463 2.51 25.24 12.61
CA HIS C 463 3.73 24.63 13.11
C HIS C 463 4.96 24.89 12.20
N SER C 464 4.83 25.83 11.25
CA SER C 464 5.82 26.07 10.19
C SER C 464 7.03 26.92 10.60
N ARG C 465 6.79 27.95 11.41
CA ARG C 465 7.88 28.70 12.02
C ARG C 465 8.47 27.93 13.22
N PHE C 466 7.72 26.95 13.75
CA PHE C 466 8.09 26.24 14.99
C PHE C 466 8.90 24.97 14.73
N ALA C 467 8.44 24.15 13.79
CA ALA C 467 9.05 22.84 13.43
C ALA C 467 10.58 22.87 13.17
N PRO C 468 11.30 21.83 13.61
CA PRO C 468 12.76 21.83 13.54
C PRO C 468 13.28 21.45 12.18
N THR C 469 14.47 21.93 11.87
CA THR C 469 15.14 21.59 10.61
C THR C 469 16.51 20.94 10.77
N GLU C 470 17.36 21.53 11.61
CA GLU C 470 18.69 20.96 11.80
C GLU C 470 18.70 19.74 12.73
N PHE C 471 19.07 18.58 12.20
CA PHE C 471 19.05 17.29 12.89
C PHE C 471 20.44 16.68 12.91
N ASN C 472 20.63 15.72 13.83
CA ASN C 472 21.68 14.71 13.70
C ASN C 472 21.07 13.30 13.66
N VAL C 473 21.21 12.61 12.53
CA VAL C 473 20.61 11.28 12.34
C VAL C 473 21.66 10.17 12.44
N THR C 474 21.57 9.34 13.48
CA THR C 474 22.52 8.27 13.72
C THR C 474 22.03 6.90 13.25
N LEU C 475 22.74 6.30 12.30
CA LEU C 475 22.58 4.82 12.15
C LEU C 475 23.68 4.03 11.45
N HIS C 476 23.85 2.78 11.88
CA HIS C 476 24.94 1.90 11.45
C HIS C 476 26.28 2.52 11.83
N GLY C 477 26.40 2.86 13.12
CA GLY C 477 27.60 3.51 13.62
C GLY C 477 27.67 4.99 13.31
N GLU C 478 27.21 5.37 12.13
CA GLU C 478 27.41 6.72 11.61
C GLU C 478 26.33 7.66 12.10
N THR C 479 26.71 8.93 12.29
CA THR C 479 25.75 10.00 12.47
C THR C 479 25.89 10.92 11.27
N PHE C 480 24.78 11.51 10.88
CA PHE C 480 24.74 12.42 9.75
C PHE C 480 24.07 13.73 10.15
N HIS C 481 24.78 14.84 9.96
CA HIS C 481 24.21 16.17 10.20
C HIS C 481 23.31 16.57 9.02
N ILE C 482 22.02 16.74 9.30
CA ILE C 482 21.01 17.07 8.27
C ILE C 482 20.43 18.45 8.53
N LYS C 483 20.25 19.23 7.47
CA LYS C 483 19.64 20.54 7.56
C LYS C 483 18.68 20.71 6.39
N LEU C 484 17.38 20.71 6.66
CA LEU C 484 16.39 20.90 5.60
C LEU C 484 16.21 22.38 5.29
N THR C 485 15.68 22.68 4.10
CA THR C 485 15.25 24.03 3.71
C THR C 485 13.97 23.97 2.86
N GLY C 486 13.23 25.08 2.81
CA GLY C 486 12.18 25.26 1.80
C GLY C 486 10.88 24.57 2.14
N SER C 487 9.86 24.83 1.32
CA SER C 487 8.46 24.52 1.63
C SER C 487 8.05 23.03 1.48
N GLY C 488 7.13 22.60 2.34
CA GLY C 488 6.42 21.31 2.20
C GLY C 488 4.97 21.34 2.69
N HIS C 489 4.39 22.54 2.82
CA HIS C 489 2.99 22.72 3.26
C HIS C 489 2.11 23.42 2.21
N HIS C 490 2.74 24.05 1.20
CA HIS C 490 2.04 24.67 0.07
C HIS C 490 2.35 23.90 -1.21
N GLY C 491 1.51 22.90 -1.51
CA GLY C 491 1.73 21.99 -2.64
C GLY C 491 2.94 21.13 -2.35
N GLU C 492 2.78 20.19 -1.41
CA GLU C 492 3.88 19.35 -0.89
C GLU C 492 4.18 18.10 -1.73
N GLU C 493 3.18 17.60 -2.45
CA GLU C 493 3.38 16.56 -3.48
C GLU C 493 4.16 17.16 -4.67
N GLN C 494 3.90 18.45 -4.92
CA GLN C 494 4.64 19.24 -5.89
C GLN C 494 5.88 19.87 -5.25
N ARG C 495 5.83 20.16 -3.95
CA ARG C 495 6.87 20.89 -3.25
C ARG C 495 8.04 19.98 -2.88
N PRO C 496 9.23 20.33 -3.37
CA PRO C 496 10.47 19.69 -3.06
C PRO C 496 11.29 20.44 -2.04
N PHE C 497 11.73 19.74 -1.00
CA PHE C 497 12.75 20.26 -0.09
C PHE C 497 14.10 20.37 -0.82
N TYR C 498 15.00 21.11 -0.22
CA TYR C 498 16.43 21.00 -0.49
C TYR C 498 17.08 20.62 0.84
N VAL C 499 18.04 19.71 0.80
CA VAL C 499 18.50 19.00 2.01
C VAL C 499 20.00 18.85 2.03
N SER C 500 20.59 19.20 3.16
CA SER C 500 22.05 19.21 3.34
C SER C 500 22.55 18.09 4.24
N VAL C 501 23.15 17.07 3.63
CA VAL C 501 23.79 15.99 4.37
C VAL C 501 25.28 16.26 4.57
N ASP C 502 25.67 16.61 5.80
CA ASP C 502 27.04 17.00 6.11
C ASP C 502 27.56 18.10 5.16
N GLY C 503 26.74 19.14 5.01
CA GLY C 503 27.05 20.26 4.13
C GLY C 503 27.00 19.96 2.63
N VAL C 504 26.26 18.93 2.23
CA VAL C 504 26.11 18.54 0.81
C VAL C 504 24.63 18.53 0.41
N THR C 505 24.21 19.56 -0.32
CA THR C 505 22.79 19.86 -0.50
C THR C 505 22.24 19.21 -1.76
N GLU C 506 21.16 18.46 -1.61
CA GLU C 506 20.53 17.72 -2.70
C GLU C 506 19.04 17.96 -2.66
N GLU C 507 18.44 18.27 -3.81
CA GLU C 507 16.98 18.36 -3.93
C GLU C 507 16.30 17.02 -3.64
N VAL C 508 15.27 17.04 -2.80
CA VAL C 508 14.45 15.88 -2.52
C VAL C 508 13.03 16.19 -2.93
N VAL C 509 12.28 15.17 -3.31
CA VAL C 509 10.86 15.32 -3.60
C VAL C 509 10.10 14.22 -2.87
N VAL C 510 9.00 14.60 -2.23
CA VAL C 510 8.16 13.68 -1.50
C VAL C 510 6.77 13.66 -2.11
N GLU C 511 6.22 12.46 -2.21
CA GLU C 511 4.85 12.23 -2.65
C GLU C 511 4.16 11.43 -1.57
N ILE C 512 3.06 11.95 -1.02
CA ILE C 512 2.45 11.38 0.17
C ILE C 512 1.53 10.21 -0.18
N LEU C 513 1.45 9.23 0.72
CA LEU C 513 0.59 8.06 0.55
C LEU C 513 -0.07 7.70 1.92
N ASN C 514 -0.37 8.74 2.71
CA ASN C 514 -0.73 8.65 4.11
C ASN C 514 0.04 7.61 4.89
N GLU C 527 -7.59 8.23 18.64
CA GLU C 527 -8.50 7.69 19.65
C GLU C 527 -8.17 8.29 21.03
N ALA C 528 -8.12 7.44 22.07
CA ALA C 528 -8.02 7.88 23.49
C ALA C 528 -9.15 8.84 23.91
N LYS C 529 -10.22 8.86 23.12
CA LYS C 529 -11.36 9.76 23.30
C LYS C 529 -12.56 8.89 23.67
N ARG C 530 -13.26 9.27 24.73
CA ARG C 530 -14.34 8.44 25.26
C ARG C 530 -15.68 9.19 25.34
N LYS C 531 -16.53 8.94 24.34
CA LYS C 531 -17.98 9.12 24.46
C LYS C 531 -18.54 8.06 25.44
N ALA C 532 -17.88 6.90 25.50
CA ALA C 532 -18.31 5.75 26.30
C ALA C 532 -18.56 6.03 27.80
N SER C 533 -17.70 6.85 28.40
CA SER C 533 -17.72 7.17 29.84
C SER C 533 -19.09 7.55 30.43
N SER C 534 -19.27 7.19 31.70
CA SER C 534 -20.47 7.53 32.47
C SER C 534 -20.60 9.02 32.74
N ALA C 535 -19.48 9.73 32.71
CA ALA C 535 -19.42 11.15 33.08
C ALA C 535 -19.38 12.04 31.85
N ALA C 536 -20.00 13.21 31.97
CA ALA C 536 -19.95 14.25 30.92
C ALA C 536 -18.66 15.08 31.13
N SER C 537 -18.37 16.04 30.26
CA SER C 537 -17.11 16.80 30.40
C SER C 537 -17.01 17.38 31.80
N SER C 538 -18.11 17.95 32.28
CA SER C 538 -18.14 18.62 33.59
C SER C 538 -17.82 17.75 34.78
N GLY C 539 -17.99 16.44 34.65
CA GLY C 539 -17.86 15.50 35.77
C GLY C 539 -19.21 14.94 36.17
N ARG C 540 -20.26 15.66 35.83
CA ARG C 540 -21.64 15.27 36.14
C ARG C 540 -22.04 13.99 35.36
N PRO C 541 -22.79 13.07 36.00
CA PRO C 541 -23.08 11.81 35.30
C PRO C 541 -24.01 11.95 34.08
N ARG C 542 -23.74 11.20 33.01
CA ARG C 542 -24.75 11.06 31.96
C ARG C 542 -25.88 10.17 32.47
N PRO C 543 -27.10 10.37 31.96
CA PRO C 543 -28.21 9.58 32.45
C PRO C 543 -27.94 8.07 32.27
N THR C 544 -28.16 7.31 33.34
CA THR C 544 -28.06 5.83 33.32
C THR C 544 -29.37 5.22 32.78
N HIS C 545 -30.49 5.79 33.22
CA HIS C 545 -31.83 5.30 32.91
C HIS C 545 -32.76 6.48 32.57
N ALA C 546 -34.04 6.18 32.43
CA ALA C 546 -35.02 7.10 31.86
C ALA C 546 -35.62 8.09 32.88
N GLY C 547 -35.52 7.75 34.17
CA GLY C 547 -35.85 8.66 35.25
C GLY C 547 -34.85 9.79 35.49
N CYS C 548 -33.66 9.68 34.90
CA CYS C 548 -32.67 10.76 34.96
C CYS C 548 -33.11 11.98 34.15
N VAL C 549 -33.36 13.10 34.81
CA VAL C 549 -33.91 14.31 34.14
C VAL C 549 -32.84 15.08 33.35
N THR C 550 -33.16 15.45 32.11
CA THR C 550 -32.21 16.22 31.26
C THR C 550 -32.84 17.43 30.52
N THR C 551 -32.02 18.43 30.19
CA THR C 551 -32.42 19.53 29.28
C THR C 551 -32.08 19.10 27.85
N ALA C 552 -32.73 19.70 26.85
CA ALA C 552 -32.46 19.39 25.44
C ALA C 552 -31.66 20.50 24.77
N MET C 553 -31.09 21.35 25.60
CA MET C 553 -30.26 22.44 25.13
C MET C 553 -29.66 23.11 26.33
N PRO C 554 -28.37 23.42 26.21
CA PRO C 554 -27.62 23.88 27.35
C PRO C 554 -28.01 25.26 27.80
N GLY C 555 -27.66 25.58 29.03
CA GLY C 555 -27.95 26.90 29.61
C GLY C 555 -27.65 26.92 31.08
N THR C 556 -28.20 27.92 31.75
CA THR C 556 -27.85 28.16 33.14
C THR C 556 -29.08 27.99 33.93
N ILE C 557 -28.93 27.32 35.08
CA ILE C 557 -30.04 26.97 35.99
C ILE C 557 -30.57 28.19 36.75
N VAL C 558 -31.87 28.45 36.65
CA VAL C 558 -32.48 29.59 37.33
C VAL C 558 -33.00 29.21 38.72
N ASP C 559 -33.48 27.97 38.85
CA ASP C 559 -34.16 27.52 40.08
C ASP C 559 -34.32 25.99 40.11
N VAL C 560 -34.01 25.41 41.27
CA VAL C 560 -34.32 24.01 41.53
C VAL C 560 -35.56 24.01 42.43
N LYS C 561 -36.63 23.38 41.97
CA LYS C 561 -37.93 23.44 42.64
C LYS C 561 -38.17 22.19 43.55
N VAL C 562 -37.11 21.59 44.08
CA VAL C 562 -37.23 20.28 44.68
C VAL C 562 -36.03 19.97 45.57
N ASN C 563 -36.28 19.26 46.68
CA ASN C 563 -35.19 18.84 47.57
C ASN C 563 -34.82 17.35 47.56
N VAL C 564 -33.64 17.04 48.12
CA VAL C 564 -32.95 15.70 47.98
C VAL C 564 -33.86 14.45 48.06
N GLY C 565 -34.91 14.53 48.87
CA GLY C 565 -36.01 13.55 48.88
C GLY C 565 -37.37 14.22 48.83
N ASP C 566 -38.10 13.99 47.73
CA ASP C 566 -39.47 14.45 47.49
C ASP C 566 -40.18 13.37 46.66
N LYS C 567 -41.50 13.32 46.79
CA LYS C 567 -42.31 12.46 45.93
C LYS C 567 -42.81 13.33 44.81
N VAL C 568 -42.64 12.87 43.58
CA VAL C 568 -42.98 13.66 42.42
C VAL C 568 -43.79 12.83 41.42
N SER C 569 -44.76 13.48 40.80
CA SER C 569 -45.54 12.88 39.73
C SER C 569 -45.15 13.49 38.38
N ALA C 570 -45.20 12.68 37.33
CA ALA C 570 -44.86 13.13 35.97
C ALA C 570 -45.55 14.46 35.67
N GLY C 571 -44.81 15.39 35.06
CA GLY C 571 -45.34 16.72 34.70
C GLY C 571 -45.07 17.81 35.70
N ASP C 572 -44.50 17.47 36.85
CA ASP C 572 -44.26 18.48 37.88
C ASP C 572 -43.02 19.30 37.52
N ALA C 573 -43.16 20.62 37.61
CA ALA C 573 -42.01 21.52 37.46
C ALA C 573 -40.94 21.21 38.48
N VAL C 574 -39.84 20.67 37.98
CA VAL C 574 -38.71 20.23 38.77
C VAL C 574 -37.55 21.24 38.76
N LEU C 575 -37.34 21.88 37.63
CA LEU C 575 -36.21 22.79 37.40
C LEU C 575 -36.64 23.90 36.49
N VAL C 576 -35.86 24.97 36.51
CA VAL C 576 -35.95 25.96 35.46
C VAL C 576 -34.54 26.20 34.89
N ILE C 577 -34.45 26.40 33.58
CA ILE C 577 -33.20 26.84 32.92
C ILE C 577 -33.46 28.04 32.04
N GLU C 578 -32.43 28.88 31.91
CA GLU C 578 -32.40 29.91 30.89
C GLU C 578 -31.57 29.26 29.81
N ALA C 579 -32.12 29.25 28.60
CA ALA C 579 -31.41 28.77 27.46
C ALA C 579 -31.92 29.46 26.21
N MET C 580 -30.98 29.91 25.40
CA MET C 580 -31.22 30.88 24.35
C MET C 580 -31.90 32.11 24.88
N LYS C 581 -31.47 32.54 26.07
CA LYS C 581 -32.05 33.73 26.75
C LYS C 581 -33.55 33.60 27.19
N MET C 582 -34.08 32.39 27.14
CA MET C 582 -35.49 32.09 27.42
C MET C 582 -35.54 31.10 28.53
N GLU C 583 -36.53 31.23 29.43
CA GLU C 583 -36.72 30.28 30.54
C GLU C 583 -37.58 29.09 30.15
N ASN C 584 -37.23 27.94 30.70
CA ASN C 584 -37.93 26.70 30.37
C ASN C 584 -38.02 25.87 31.63
N GLU C 585 -39.23 25.51 32.08
CA GLU C 585 -39.32 24.64 33.26
C GLU C 585 -39.29 23.20 32.82
N ILE C 586 -38.21 22.53 33.23
CA ILE C 586 -38.02 21.11 32.97
C ILE C 586 -38.98 20.40 33.91
N GLN C 587 -39.71 19.42 33.39
CA GLN C 587 -40.69 18.75 34.23
C GLN C 587 -40.41 17.27 34.21
N ALA C 588 -41.03 16.58 35.16
CA ALA C 588 -40.67 15.20 35.43
C ALA C 588 -41.16 14.23 34.36
N SER C 589 -40.23 13.49 33.77
CA SER C 589 -40.56 12.44 32.82
C SER C 589 -41.39 11.38 33.52
N LYS C 590 -40.93 10.97 34.71
CA LYS C 590 -41.51 9.83 35.44
C LYS C 590 -42.02 10.18 36.84
N SER C 591 -42.96 9.36 37.33
CA SER C 591 -43.50 9.49 38.69
C SER C 591 -42.66 8.70 39.69
N GLY C 592 -42.58 9.21 40.93
CA GLY C 592 -41.83 8.53 41.97
C GLY C 592 -41.04 9.46 42.85
N VAL C 593 -39.87 8.98 43.30
CA VAL C 593 -39.10 9.63 44.36
C VAL C 593 -37.84 10.28 43.80
N VAL C 594 -37.56 11.51 44.25
CA VAL C 594 -36.30 12.18 43.91
C VAL C 594 -35.17 11.57 44.72
N VAL C 595 -34.23 10.92 44.05
CA VAL C 595 -33.17 10.18 44.74
C VAL C 595 -31.94 11.06 44.93
N ALA C 596 -31.52 11.73 43.86
CA ALA C 596 -30.36 12.64 43.89
C ALA C 596 -30.64 13.93 43.15
N ILE C 597 -29.84 14.96 43.42
CA ILE C 597 -29.89 16.17 42.61
C ILE C 597 -28.45 16.67 42.45
N ASN C 598 -27.98 16.68 41.20
CA ASN C 598 -26.58 16.99 40.87
C ASN C 598 -26.42 18.39 40.26
N VAL C 599 -27.28 19.32 40.67
CA VAL C 599 -27.29 20.66 40.10
C VAL C 599 -27.71 21.69 41.15
N LYS C 600 -27.09 22.85 41.10
CA LYS C 600 -27.38 23.99 41.97
C LYS C 600 -27.78 25.21 41.13
N LYS C 601 -28.49 26.18 41.74
CA LYS C 601 -28.80 27.42 41.03
C LYS C 601 -27.50 28.08 40.65
N GLY C 602 -27.46 28.59 39.42
CA GLY C 602 -26.25 29.22 38.92
C GLY C 602 -25.45 28.38 37.95
N ASP C 603 -25.54 27.06 38.08
CA ASP C 603 -24.74 26.11 37.27
C ASP C 603 -25.07 26.18 35.80
N SER C 604 -24.03 26.01 34.97
CA SER C 604 -24.19 25.93 33.52
C SER C 604 -24.29 24.45 33.21
N VAL C 605 -25.25 24.04 32.37
CA VAL C 605 -25.48 22.59 32.12
C VAL C 605 -25.72 22.28 30.65
N THR C 606 -25.52 21.02 30.29
CA THR C 606 -25.58 20.57 28.89
C THR C 606 -26.49 19.35 28.76
N PRO C 607 -27.05 19.16 27.56
CA PRO C 607 -28.09 18.17 27.39
C PRO C 607 -27.71 16.71 27.58
N ASP C 608 -26.42 16.36 27.68
CA ASP C 608 -26.10 14.96 27.98
C ASP C 608 -25.88 14.74 29.48
N GLU C 609 -25.91 15.82 30.26
CA GLU C 609 -25.82 15.71 31.71
C GLU C 609 -27.17 15.35 32.30
N ALA C 610 -27.11 14.56 33.35
CA ALA C 610 -28.30 14.18 34.13
C ALA C 610 -28.42 15.08 35.36
N LEU C 611 -29.48 15.86 35.42
CA LEU C 611 -29.55 17.00 36.34
C LEU C 611 -30.16 16.64 37.70
N LEU C 612 -31.14 15.74 37.68
CA LEU C 612 -31.67 15.04 38.86
C LEU C 612 -31.87 13.59 38.46
N GLU C 613 -32.07 12.74 39.47
CA GLU C 613 -32.53 11.36 39.25
C GLU C 613 -33.89 11.18 39.92
N ILE C 614 -34.73 10.32 39.36
CA ILE C 614 -36.01 9.99 39.99
C ILE C 614 -36.28 8.49 39.87
N GLN C 615 -36.68 7.88 40.99
CA GLN C 615 -36.98 6.45 41.01
C GLN C 615 -38.44 6.24 40.71
N PRO C 616 -38.75 5.45 39.66
CA PRO C 616 -40.14 5.32 39.20
C PRO C 616 -41.21 4.81 40.20
N ASP C 617 -42.46 5.11 39.87
CA ASP C 617 -43.65 4.52 40.48
C ASP C 617 -44.02 5.20 41.81
N ALA D 2 -35.56 66.57 -0.78
CA ALA D 2 -34.40 67.39 -1.25
C ALA D 2 -33.14 66.72 -0.73
N LYS D 3 -32.47 67.33 0.23
CA LYS D 3 -31.30 66.71 0.81
C LYS D 3 -31.68 65.59 1.76
N VAL D 4 -31.03 64.44 1.60
CA VAL D 4 -31.26 63.28 2.47
C VAL D 4 -30.20 63.16 3.56
N HIS D 5 -30.65 62.90 4.79
CA HIS D 5 -29.76 62.75 5.93
C HIS D 5 -29.50 61.28 6.15
N VAL D 6 -28.34 60.99 6.71
CA VAL D 6 -27.86 59.62 6.84
C VAL D 6 -27.41 59.29 8.25
N THR D 7 -27.91 58.16 8.74
CA THR D 7 -27.54 57.65 10.04
C THR D 7 -26.70 56.43 9.77
N ASP D 8 -25.62 56.28 10.51
CA ASP D 8 -24.81 55.07 10.45
C ASP D 8 -25.07 54.23 11.70
N VAL D 9 -25.13 52.93 11.47
CA VAL D 9 -25.44 51.94 12.48
C VAL D 9 -24.25 51.04 12.81
N VAL D 10 -23.03 51.48 12.53
CA VAL D 10 -21.91 50.54 12.65
C VAL D 10 -21.79 50.11 14.10
N LEU D 11 -21.87 51.07 15.01
CA LEU D 11 -21.50 50.82 16.38
C LEU D 11 -22.53 49.98 17.13
N ARG D 12 -23.67 49.71 16.49
CA ARG D 12 -24.68 48.84 17.08
C ARG D 12 -25.14 47.73 16.11
N ASP D 13 -26.05 48.04 15.18
CA ASP D 13 -26.70 46.99 14.35
C ASP D 13 -25.66 46.24 13.51
N GLY D 14 -24.60 46.94 13.14
CA GLY D 14 -23.61 46.44 12.23
C GLY D 14 -22.94 45.18 12.74
N HIS D 15 -22.31 45.31 13.89
CA HIS D 15 -21.70 44.13 14.49
C HIS D 15 -22.74 43.19 15.09
N GLN D 16 -23.89 43.74 15.53
CA GLN D 16 -24.99 42.87 16.00
C GLN D 16 -25.46 41.94 14.92
N SER D 17 -25.55 42.45 13.69
CA SER D 17 -25.99 41.63 12.57
C SER D 17 -24.94 40.66 11.98
N LEU D 18 -23.66 40.97 12.08
CA LEU D 18 -22.60 40.19 11.41
C LEU D 18 -21.58 39.45 12.32
N ILE D 19 -21.40 39.91 13.54
CA ILE D 19 -20.47 39.19 14.44
C ILE D 19 -21.05 39.06 15.85
N ALA D 20 -22.36 38.81 15.94
CA ALA D 20 -22.98 38.43 17.17
C ALA D 20 -22.75 39.43 18.30
N THR D 21 -22.77 40.70 17.97
CA THR D 21 -22.80 41.76 18.98
C THR D 21 -21.55 41.78 19.88
N ARG D 22 -20.46 41.21 19.38
CA ARG D 22 -19.28 41.03 20.21
C ARG D 22 -18.25 42.20 20.15
N MET D 23 -18.52 43.27 19.40
CA MET D 23 -17.55 44.32 19.24
C MET D 23 -17.27 44.99 20.54
N ARG D 24 -16.00 45.09 20.88
CA ARG D 24 -15.58 45.78 22.08
C ARG D 24 -15.64 47.32 21.89
N THR D 25 -15.83 48.06 22.98
CA THR D 25 -15.82 49.53 22.94
C THR D 25 -14.42 50.03 22.58
N ASP D 26 -13.39 49.29 23.01
CA ASP D 26 -11.98 49.63 22.74
C ASP D 26 -11.70 49.75 21.24
N ASP D 27 -12.40 48.93 20.45
CA ASP D 27 -12.27 48.96 19.00
C ASP D 27 -13.16 50.02 18.37
N MET D 28 -13.92 50.74 19.17
CA MET D 28 -14.76 51.82 18.64
C MET D 28 -14.20 53.24 18.76
N LEU D 29 -13.38 53.49 19.78
CA LEU D 29 -13.02 54.88 20.14
C LEU D 29 -11.99 55.51 19.21
N PRO D 30 -10.93 54.76 18.87
CA PRO D 30 -9.94 55.31 17.95
C PRO D 30 -10.49 56.03 16.72
N ILE D 31 -11.58 55.51 16.13
CA ILE D 31 -12.19 56.10 14.93
C ILE D 31 -13.39 57.01 15.19
N CYS D 32 -13.63 57.33 16.45
CA CYS D 32 -14.75 58.19 16.79
C CYS D 32 -14.64 59.64 16.30
N SER D 33 -13.46 60.25 16.39
CA SER D 33 -13.29 61.66 15.95
C SER D 33 -13.60 61.84 14.45
N LYS D 34 -13.29 60.82 13.65
CA LYS D 34 -13.68 60.86 12.25
C LYS D 34 -15.19 60.67 12.09
N LEU D 35 -15.79 59.72 12.82
CA LEU D 35 -17.25 59.49 12.71
C LEU D 35 -17.95 60.80 13.03
N ASP D 36 -17.38 61.52 13.99
CA ASP D 36 -17.95 62.78 14.48
C ASP D 36 -17.87 63.83 13.38
N ALA D 37 -16.82 63.75 12.55
CA ALA D 37 -16.53 64.75 11.50
C ALA D 37 -17.38 64.65 10.25
N VAL D 38 -17.70 63.44 9.82
CA VAL D 38 -18.70 63.22 8.76
C VAL D 38 -19.96 63.95 9.21
N GLY D 39 -20.81 64.35 8.29
CA GLY D 39 -22.09 64.97 8.70
C GLY D 39 -23.27 64.04 9.03
N TYR D 40 -23.05 63.04 9.89
CA TYR D 40 -24.12 62.02 10.08
C TYR D 40 -25.30 62.69 10.77
N TRP D 41 -26.50 62.29 10.39
CA TRP D 41 -27.69 62.81 11.08
C TRP D 41 -27.65 62.37 12.52
N SER D 42 -27.33 61.09 12.74
CA SER D 42 -27.14 60.50 14.07
C SER D 42 -26.30 59.23 13.96
N LEU D 43 -25.76 58.76 15.09
CA LEU D 43 -25.02 57.50 15.12
C LEU D 43 -25.74 56.56 16.07
N GLU D 44 -25.93 55.31 15.65
CA GLU D 44 -26.63 54.35 16.46
C GLU D 44 -25.60 53.66 17.30
N ALA D 45 -25.51 54.04 18.56
CA ALA D 45 -24.40 53.64 19.42
C ALA D 45 -24.73 52.62 20.51
N TRP D 46 -25.96 52.66 20.98
CA TRP D 46 -26.36 51.93 22.18
C TRP D 46 -27.72 51.30 21.93
N GLY D 47 -28.11 50.35 22.75
CA GLY D 47 -29.41 49.73 22.61
C GLY D 47 -29.41 48.36 21.99
N GLY D 48 -30.60 47.91 21.60
CA GLY D 48 -30.76 46.58 21.03
C GLY D 48 -30.08 45.55 21.93
N ALA D 49 -29.32 44.64 21.33
CA ALA D 49 -28.70 43.52 22.06
C ALA D 49 -27.41 43.88 22.77
N THR D 50 -26.96 45.12 22.64
CA THR D 50 -25.66 45.50 23.15
C THR D 50 -25.63 45.46 24.66
N PHE D 51 -26.73 45.88 25.27
CA PHE D 51 -26.87 45.85 26.75
C PHE D 51 -26.60 44.47 27.27
N ASP D 52 -27.31 43.49 26.72
CA ASP D 52 -27.16 42.10 27.12
C ASP D 52 -25.72 41.64 26.86
N ALA D 53 -25.27 41.81 25.62
CA ALA D 53 -23.97 41.32 25.18
C ALA D 53 -22.79 41.90 25.98
N CYS D 54 -22.87 43.20 26.30
CA CYS D 54 -21.82 43.86 27.09
C CYS D 54 -21.63 43.17 28.44
N VAL D 55 -22.73 42.82 29.07
CA VAL D 55 -22.69 42.19 30.37
C VAL D 55 -22.40 40.71 30.22
N ARG D 56 -23.25 40.01 29.53
CA ARG D 56 -23.13 38.58 29.46
C ARG D 56 -21.76 38.08 29.02
N TYR D 57 -21.22 38.67 27.94
CA TYR D 57 -20.04 38.14 27.26
C TYR D 57 -18.76 38.99 27.38
N LEU D 58 -18.90 40.30 27.21
CA LEU D 58 -17.77 41.19 27.23
C LEU D 58 -17.42 41.52 28.66
N ARG D 59 -18.33 41.32 29.59
CA ARG D 59 -18.10 41.67 30.98
C ARG D 59 -17.75 43.13 31.08
N GLU D 60 -18.44 43.97 30.32
CA GLU D 60 -18.33 45.41 30.52
C GLU D 60 -19.70 46.01 30.92
N ASP D 61 -19.65 47.11 31.66
CA ASP D 61 -20.83 47.80 32.08
C ASP D 61 -21.34 48.65 30.92
N PRO D 62 -22.53 48.33 30.36
CA PRO D 62 -23.03 49.05 29.19
C PRO D 62 -23.27 50.53 29.45
N TRP D 63 -23.45 50.90 30.71
CA TRP D 63 -23.55 52.32 31.06
C TRP D 63 -22.22 53.03 30.78
N GLU D 64 -21.09 52.33 31.02
CA GLU D 64 -19.77 52.86 30.68
C GLU D 64 -19.59 53.08 29.17
N ARG D 65 -19.91 52.09 28.36
CA ARG D 65 -19.86 52.28 26.92
C ARG D 65 -20.59 53.56 26.52
N LEU D 66 -21.80 53.77 27.00
CA LEU D 66 -22.56 54.96 26.62
C LEU D 66 -21.81 56.23 27.06
N LYS D 67 -21.23 56.22 28.26
CA LYS D 67 -20.48 57.38 28.75
C LYS D 67 -19.31 57.70 27.83
N LYS D 68 -18.52 56.68 27.51
CA LYS D 68 -17.36 56.87 26.65
C LYS D 68 -17.70 57.33 25.24
N LEU D 69 -18.69 56.68 24.63
CA LEU D 69 -19.15 57.05 23.29
C LEU D 69 -19.73 58.45 23.26
N ARG D 70 -20.40 58.85 24.32
CA ARG D 70 -20.93 60.21 24.41
C ARG D 70 -19.79 61.22 24.42
N LYS D 71 -18.68 60.86 25.06
CA LYS D 71 -17.56 61.79 25.24
C LYS D 71 -16.73 61.88 23.97
N ALA D 72 -16.68 60.79 23.21
CA ALA D 72 -15.87 60.71 22.02
C ALA D 72 -16.62 61.10 20.75
N LEU D 73 -17.90 61.41 20.87
CA LEU D 73 -18.72 61.79 19.72
C LEU D 73 -19.54 63.01 20.05
N PRO D 74 -18.89 64.03 20.62
CA PRO D 74 -19.55 65.25 21.11
C PRO D 74 -20.52 65.91 20.14
N ASN D 75 -20.13 66.06 18.87
CA ASN D 75 -20.94 66.84 17.92
C ASN D 75 -22.09 66.05 17.29
N SER D 76 -21.98 64.73 17.33
CA SER D 76 -22.98 63.86 16.72
C SER D 76 -24.09 63.53 17.71
N ARG D 77 -25.33 63.41 17.23
CA ARG D 77 -26.39 62.98 18.13
C ARG D 77 -26.48 61.44 18.19
N LEU D 78 -26.35 60.89 19.40
CA LEU D 78 -26.40 59.44 19.64
C LEU D 78 -27.83 58.89 19.63
N GLN D 79 -28.00 57.70 19.09
CA GLN D 79 -29.29 57.12 18.89
C GLN D 79 -29.28 55.74 19.49
N MET D 80 -30.37 55.40 20.18
CA MET D 80 -30.51 54.07 20.72
C MET D 80 -31.74 53.41 20.15
N LEU D 81 -31.76 52.08 20.20
CA LEU D 81 -32.94 51.32 19.85
C LEU D 81 -33.52 50.78 21.17
N LEU D 82 -34.79 51.10 21.42
CA LEU D 82 -35.50 50.62 22.61
C LEU D 82 -36.78 49.85 22.23
N ARG D 83 -37.00 48.71 22.86
CA ARG D 83 -38.10 47.82 22.49
C ARG D 83 -39.37 48.09 23.29
N GLY D 84 -39.77 49.36 23.41
CA GLY D 84 -40.92 49.75 24.23
C GLY D 84 -40.88 49.15 25.63
N GLN D 85 -42.02 48.66 26.11
CA GLN D 85 -42.08 48.09 27.47
C GLN D 85 -41.02 47.04 27.67
N ASN D 86 -40.61 46.41 26.57
CA ASN D 86 -39.60 45.39 26.60
C ASN D 86 -38.20 45.95 26.84
N LEU D 87 -38.05 47.25 26.62
CA LEU D 87 -36.80 47.96 26.88
C LEU D 87 -35.63 47.34 26.12
N LEU D 88 -34.62 46.89 26.85
CA LEU D 88 -33.54 46.11 26.25
C LEU D 88 -33.51 44.71 26.84
N GLY D 89 -34.70 44.12 26.94
CA GLY D 89 -34.86 42.74 27.39
C GLY D 89 -35.84 41.95 26.51
N TYR D 90 -36.39 40.88 27.06
CA TYR D 90 -37.24 39.94 26.34
C TYR D 90 -38.67 39.83 26.96
N ARG D 91 -39.02 40.75 27.86
CA ARG D 91 -40.31 40.74 28.50
C ARG D 91 -40.71 42.18 28.81
N HIS D 92 -41.95 42.38 29.21
CA HIS D 92 -42.42 43.74 29.55
C HIS D 92 -41.90 44.11 30.94
N TYR D 93 -41.59 45.39 31.12
CA TYR D 93 -41.15 45.91 32.41
C TYR D 93 -42.19 46.89 32.96
N SER D 94 -42.22 47.02 34.28
CA SER D 94 -43.17 47.93 34.92
C SER D 94 -42.90 49.38 34.52
N ASP D 95 -43.95 50.21 34.53
CA ASP D 95 -43.86 51.57 34.02
C ASP D 95 -42.83 52.39 34.72
N ASP D 96 -42.63 52.14 36.00
CA ASP D 96 -41.67 52.95 36.79
C ASP D 96 -40.23 52.68 36.39
N VAL D 97 -39.98 51.49 35.85
CA VAL D 97 -38.66 51.12 35.36
C VAL D 97 -38.38 51.66 33.96
N VAL D 98 -39.38 51.59 33.08
CA VAL D 98 -39.30 52.30 31.81
C VAL D 98 -38.96 53.78 32.00
N ARG D 99 -39.75 54.48 32.80
CA ARG D 99 -39.51 55.88 33.07
C ARG D 99 -38.10 56.10 33.58
N ALA D 100 -37.66 55.26 34.52
CA ALA D 100 -36.34 55.42 35.13
C ALA D 100 -35.22 55.15 34.12
N PHE D 101 -35.42 54.15 33.28
CA PHE D 101 -34.45 53.81 32.28
C PHE D 101 -34.26 54.96 31.31
N VAL D 102 -35.34 55.40 30.66
CA VAL D 102 -35.29 56.51 29.73
C VAL D 102 -34.63 57.74 30.34
N GLN D 103 -34.93 58.00 31.60
CA GLN D 103 -34.31 59.10 32.34
C GLN D 103 -32.81 58.95 32.41
N LYS D 104 -32.34 57.73 32.66
CA LYS D 104 -30.91 57.49 32.80
C LYS D 104 -30.20 57.46 31.45
N SER D 105 -30.85 56.87 30.46
CA SER D 105 -30.29 56.85 29.11
C SER D 105 -30.11 58.29 28.62
N ALA D 106 -31.13 59.12 28.84
CA ALA D 106 -31.10 60.51 28.41
C ALA D 106 -29.99 61.26 29.12
N ASP D 107 -30.03 61.18 30.45
CA ASP D 107 -29.01 61.81 31.30
C ASP D 107 -27.58 61.52 30.87
N ASN D 108 -27.32 60.28 30.48
CA ASN D 108 -25.98 59.83 30.22
C ASN D 108 -25.54 59.97 28.78
N GLY D 109 -26.42 60.47 27.92
CA GLY D 109 -26.00 60.73 26.54
C GLY D 109 -27.05 60.67 25.45
N ILE D 110 -27.99 59.75 25.52
CA ILE D 110 -28.83 59.48 24.36
C ILE D 110 -29.63 60.70 23.96
N ASP D 111 -29.74 60.91 22.65
CA ASP D 111 -30.44 62.06 22.06
C ASP D 111 -31.69 61.65 21.30
N VAL D 112 -31.59 60.54 20.58
CA VAL D 112 -32.70 60.02 19.79
C VAL D 112 -33.05 58.66 20.33
N PHE D 113 -34.35 58.41 20.50
CA PHE D 113 -34.86 57.11 20.92
C PHE D 113 -35.74 56.52 19.83
N ARG D 114 -35.21 55.52 19.12
CA ARG D 114 -36.03 54.73 18.20
C ARG D 114 -36.77 53.67 19.03
N ILE D 115 -38.10 53.78 19.07
CA ILE D 115 -38.94 52.96 19.90
C ILE D 115 -39.88 52.15 18.99
N PHE D 116 -39.84 50.83 19.15
CA PHE D 116 -40.64 49.90 18.35
C PHE D 116 -41.18 48.80 19.28
N ASP D 117 -42.27 48.14 18.87
CA ASP D 117 -42.81 46.99 19.60
C ASP D 117 -43.12 45.84 18.68
N ALA D 118 -42.57 44.68 19.00
CA ALA D 118 -42.69 43.49 18.13
C ALA D 118 -44.06 43.34 17.52
N MET D 119 -45.07 43.29 18.38
CA MET D 119 -46.45 43.05 17.97
C MET D 119 -47.06 44.22 17.19
N ASN D 120 -46.40 45.37 17.23
CA ASN D 120 -46.96 46.62 16.77
C ASN D 120 -48.15 47.09 17.61
N ASP D 121 -48.30 46.55 18.81
CA ASP D 121 -49.37 46.91 19.71
C ASP D 121 -48.91 48.20 20.34
N LEU D 122 -49.28 49.32 19.71
CA LEU D 122 -48.79 50.65 20.11
C LEU D 122 -49.11 51.06 21.56
N ARG D 123 -50.03 50.35 22.21
CA ARG D 123 -50.26 50.54 23.65
C ARG D 123 -48.97 50.34 24.42
N ASN D 124 -48.15 49.41 23.94
CA ASN D 124 -46.86 49.09 24.54
C ASN D 124 -45.74 50.17 24.41
N LEU D 125 -45.88 51.10 23.47
CA LEU D 125 -44.90 52.17 23.28
C LEU D 125 -45.18 53.44 24.10
N LYS D 126 -46.44 53.67 24.46
CA LYS D 126 -46.87 55.00 24.93
C LYS D 126 -46.10 55.55 26.14
N VAL D 127 -45.86 54.72 27.16
CA VAL D 127 -45.01 55.15 28.31
C VAL D 127 -43.62 55.59 27.92
N SER D 128 -42.97 54.79 27.08
CA SER D 128 -41.64 55.15 26.55
C SER D 128 -41.67 56.51 25.86
N ILE D 129 -42.60 56.69 24.94
CA ILE D 129 -42.69 57.90 24.12
C ILE D 129 -42.97 59.12 24.98
N GLU D 130 -43.89 58.97 25.94
CA GLU D 130 -44.22 60.05 26.85
C GLU D 130 -42.97 60.38 27.68
N SER D 131 -42.29 59.34 28.15
CA SER D 131 -41.07 59.50 28.97
C SER D 131 -39.93 60.16 28.19
N VAL D 132 -39.83 59.88 26.89
CA VAL D 132 -38.81 60.50 26.04
C VAL D 132 -39.16 61.96 25.80
N LYS D 133 -40.42 62.21 25.50
CA LYS D 133 -40.91 63.55 25.32
C LYS D 133 -40.72 64.33 26.65
N ALA D 134 -41.06 63.68 27.76
CA ALA D 134 -40.95 64.31 29.08
C ALA D 134 -39.55 64.82 29.35
N VAL D 135 -38.53 64.05 28.96
CA VAL D 135 -37.13 64.39 29.24
C VAL D 135 -36.54 65.35 28.21
N GLY D 136 -37.34 65.69 27.20
CA GLY D 136 -36.96 66.71 26.23
C GLY D 136 -36.03 66.19 25.16
N LYS D 137 -36.28 64.96 24.72
CA LYS D 137 -35.44 64.28 23.73
C LYS D 137 -36.30 63.79 22.57
N HIS D 138 -35.63 63.26 21.56
CA HIS D 138 -36.25 62.96 20.28
C HIS D 138 -36.82 61.58 20.29
N ALA D 139 -38.12 61.50 20.04
CA ALA D 139 -38.82 60.22 20.03
C ALA D 139 -39.11 59.83 18.60
N GLU D 140 -38.51 58.74 18.15
CA GLU D 140 -38.76 58.24 16.81
C GLU D 140 -39.60 56.96 16.91
N GLY D 141 -40.88 57.07 16.59
CA GLY D 141 -41.79 55.96 16.72
C GLY D 141 -41.69 55.06 15.50
N THR D 142 -41.72 53.77 15.73
CA THR D 142 -41.33 52.81 14.73
C THR D 142 -42.42 51.81 14.36
N ILE D 143 -42.73 51.79 13.08
CA ILE D 143 -43.51 50.75 12.48
C ILE D 143 -42.56 49.61 12.24
N SER D 144 -42.77 48.46 12.88
CA SER D 144 -41.91 47.31 12.59
C SER D 144 -42.55 46.49 11.49
N TYR D 145 -42.04 46.67 10.26
CA TYR D 145 -42.60 46.09 9.05
C TYR D 145 -42.55 44.55 8.97
N THR D 146 -43.60 43.98 8.39
CA THR D 146 -43.67 42.55 8.16
C THR D 146 -44.71 42.28 7.12
N THR D 147 -44.85 41.01 6.78
CA THR D 147 -45.81 40.60 5.77
C THR D 147 -46.50 39.34 6.26
N SER D 148 -47.79 39.28 5.98
CA SER D 148 -48.63 38.13 6.31
C SER D 148 -49.99 38.45 5.71
N PRO D 149 -50.91 37.45 5.70
CA PRO D 149 -52.24 37.67 5.14
C PRO D 149 -52.98 38.84 5.78
N VAL D 150 -52.66 39.12 7.03
CA VAL D 150 -53.25 40.21 7.79
C VAL D 150 -52.65 41.62 7.53
N HIS D 151 -51.36 41.73 7.18
CA HIS D 151 -50.74 43.08 7.02
C HIS D 151 -50.83 43.70 5.61
N ASP D 152 -50.87 45.04 5.55
CA ASP D 152 -50.96 45.80 4.29
C ASP D 152 -50.59 47.27 4.51
N ILE D 153 -50.50 48.06 3.44
CA ILE D 153 -50.09 49.46 3.57
C ILE D 153 -50.98 50.27 4.53
N PRO D 154 -52.32 50.24 4.33
CA PRO D 154 -53.17 51.02 5.26
C PRO D 154 -52.97 50.67 6.74
N TYR D 155 -52.82 49.37 7.03
CA TYR D 155 -52.52 48.93 8.40
C TYR D 155 -51.34 49.68 9.00
N PHE D 156 -50.29 49.87 8.21
CA PHE D 156 -49.09 50.60 8.63
C PHE D 156 -49.29 52.10 8.73
N VAL D 157 -49.98 52.70 7.77
CA VAL D 157 -50.23 54.14 7.82
C VAL D 157 -51.15 54.52 8.98
N ASN D 158 -52.11 53.65 9.27
CA ASN D 158 -52.91 53.79 10.48
C ASN D 158 -52.04 53.83 11.75
N LEU D 159 -51.08 52.92 11.86
CA LEU D 159 -50.11 52.93 13.00
C LEU D 159 -49.23 54.18 13.03
N ALA D 160 -48.93 54.73 11.84
CA ALA D 160 -48.11 55.93 11.75
C ALA D 160 -48.87 57.11 12.27
N LYS D 161 -50.16 57.17 11.92
CA LYS D 161 -51.04 58.26 12.37
C LYS D 161 -51.14 58.30 13.89
N GLU D 162 -51.46 57.16 14.49
CA GLU D 162 -51.50 57.05 15.94
C GLU D 162 -50.19 57.57 16.55
N LEU D 163 -49.06 57.10 16.01
CA LEU D 163 -47.73 57.46 16.52
C LEU D 163 -47.46 58.95 16.40
N GLU D 164 -48.02 59.60 15.38
CA GLU D 164 -47.95 61.04 15.30
C GLU D 164 -48.77 61.63 16.43
N SER D 165 -49.96 61.07 16.64
CA SER D 165 -50.88 61.56 17.68
C SER D 165 -50.30 61.44 19.10
N PHE D 166 -49.41 60.46 19.32
CA PHE D 166 -48.71 60.34 20.61
C PHE D 166 -47.64 61.42 20.79
N GLY D 167 -47.30 62.14 19.72
CA GLY D 167 -46.35 63.25 19.79
C GLY D 167 -44.91 62.93 19.36
N CYS D 168 -44.76 62.10 18.33
CA CYS D 168 -43.46 61.70 17.84
C CYS D 168 -42.84 62.75 16.90
N ASP D 169 -41.52 62.92 17.00
CA ASP D 169 -40.80 63.85 16.12
C ASP D 169 -40.53 63.26 14.73
N THR D 170 -40.29 61.95 14.67
CA THR D 170 -40.12 61.22 13.40
C THR D 170 -40.74 59.82 13.44
N ILE D 171 -41.04 59.28 12.27
CA ILE D 171 -41.59 57.94 12.14
C ILE D 171 -40.58 57.10 11.40
N ALA D 172 -40.41 55.87 11.84
CA ALA D 172 -39.39 55.01 11.33
C ALA D 172 -40.01 53.74 10.77
N ILE D 173 -39.57 53.33 9.58
CA ILE D 173 -39.91 52.03 9.03
C ILE D 173 -38.75 51.07 9.28
N LYS D 174 -39.01 50.02 10.07
CA LYS D 174 -37.98 49.11 10.49
C LYS D 174 -38.22 47.80 9.80
N ASP D 175 -37.51 47.59 8.70
CA ASP D 175 -37.58 46.32 8.04
C ASP D 175 -36.48 45.39 8.56
N MET D 176 -36.73 44.78 9.69
CA MET D 176 -35.74 43.97 10.35
C MET D 176 -35.26 42.77 9.52
N ALA D 177 -36.16 42.16 8.78
CA ALA D 177 -35.88 40.93 8.05
C ALA D 177 -35.80 41.12 6.54
N SER D 178 -35.74 42.36 6.07
CA SER D 178 -35.57 42.62 4.63
C SER D 178 -36.72 42.07 3.82
N LEU D 179 -37.94 42.45 4.21
CA LEU D 179 -39.14 41.98 3.55
C LEU D 179 -39.75 43.01 2.56
N LEU D 180 -39.32 44.26 2.65
CA LEU D 180 -39.75 45.27 1.70
C LEU D 180 -39.28 44.95 0.31
N THR D 181 -40.19 45.07 -0.65
CA THR D 181 -39.82 45.09 -2.06
C THR D 181 -39.78 46.55 -2.44
N PRO D 182 -38.99 46.90 -3.47
CA PRO D 182 -38.93 48.33 -3.79
C PRO D 182 -40.29 48.93 -4.17
N GLN D 183 -41.16 48.14 -4.82
CA GLN D 183 -42.48 48.65 -5.21
C GLN D 183 -43.31 49.08 -4.00
N VAL D 184 -43.41 48.18 -3.03
CA VAL D 184 -44.11 48.47 -1.79
C VAL D 184 -43.53 49.69 -1.10
N THR D 185 -42.22 49.83 -1.10
CA THR D 185 -41.57 50.87 -0.34
C THR D 185 -41.91 52.25 -0.91
N GLY D 186 -42.12 52.32 -2.22
CA GLY D 186 -42.50 53.57 -2.87
C GLY D 186 -43.92 53.97 -2.47
N ASP D 187 -44.85 53.02 -2.60
CA ASP D 187 -46.26 53.20 -2.25
C ASP D 187 -46.44 53.52 -0.79
N LEU D 188 -45.75 52.77 0.06
CA LEU D 188 -45.85 52.95 1.50
C LEU D 188 -45.38 54.32 1.92
N VAL D 189 -44.22 54.77 1.40
CA VAL D 189 -43.72 56.09 1.83
C VAL D 189 -44.56 57.21 1.26
N LYS D 190 -45.13 56.98 0.08
CA LYS D 190 -46.08 57.94 -0.48
C LYS D 190 -47.27 58.03 0.47
N ALA D 191 -47.94 56.90 0.67
CA ALA D 191 -49.10 56.83 1.54
C ALA D 191 -48.87 57.36 2.96
N LEU D 192 -47.61 57.36 3.39
CA LEU D 192 -47.22 57.89 4.69
C LEU D 192 -46.99 59.40 4.67
N ARG D 193 -46.52 59.92 3.55
CA ARG D 193 -46.26 61.33 3.44
C ARG D 193 -47.56 62.11 3.34
N GLU D 194 -48.60 61.48 2.79
CA GLU D 194 -49.95 62.07 2.74
C GLU D 194 -50.63 62.01 4.14
N ALA D 195 -50.50 60.88 4.82
CA ALA D 195 -51.13 60.65 6.13
C ALA D 195 -50.45 61.26 7.35
N VAL D 196 -49.17 61.65 7.24
CA VAL D 196 -48.39 62.20 8.38
C VAL D 196 -47.55 63.40 7.96
N SER D 197 -47.33 64.31 8.89
CA SER D 197 -46.56 65.53 8.61
C SER D 197 -45.11 65.40 9.02
N LEU D 198 -44.73 64.20 9.45
CA LEU D 198 -43.44 63.99 10.09
C LEU D 198 -42.40 63.48 9.08
N PRO D 199 -41.10 63.78 9.32
CA PRO D 199 -40.08 63.17 8.52
C PRO D 199 -40.02 61.66 8.77
N ILE D 200 -39.65 60.93 7.73
CA ILE D 200 -39.64 59.48 7.78
C ILE D 200 -38.21 58.93 7.71
N HIS D 201 -37.98 57.85 8.44
CA HIS D 201 -36.65 57.25 8.63
C HIS D 201 -36.75 55.83 8.11
N LEU D 202 -36.00 55.51 7.07
CA LEU D 202 -35.99 54.14 6.54
C LEU D 202 -34.83 53.34 7.13
N HIS D 203 -35.11 52.13 7.59
CA HIS D 203 -34.10 51.24 8.14
C HIS D 203 -34.33 49.90 7.50
N ALA D 204 -33.61 49.64 6.40
CA ALA D 204 -33.84 48.45 5.59
C ALA D 204 -32.65 47.50 5.55
N HIS D 205 -32.69 46.43 6.32
CA HIS D 205 -31.68 45.40 6.22
C HIS D 205 -31.62 44.82 4.80
N ALA D 206 -30.46 44.28 4.46
CA ALA D 206 -30.10 43.98 3.09
C ALA D 206 -30.25 42.52 2.71
N THR D 207 -30.68 41.66 3.63
CA THR D 207 -30.58 40.20 3.41
C THR D 207 -31.15 39.67 2.07
N SER D 208 -32.18 40.31 1.54
CA SER D 208 -32.84 39.82 0.34
C SER D 208 -32.26 40.40 -0.94
N GLY D 209 -31.44 41.44 -0.82
CA GLY D 209 -30.85 42.09 -2.01
C GLY D 209 -31.60 43.32 -2.47
N LEU D 210 -32.74 43.60 -1.86
CA LEU D 210 -33.63 44.65 -2.38
C LEU D 210 -33.49 45.99 -1.64
N ALA D 211 -32.74 46.01 -0.56
CA ALA D 211 -32.72 47.17 0.35
C ALA D 211 -32.24 48.42 -0.32
N SER D 212 -31.29 48.26 -1.23
CA SER D 212 -30.70 49.38 -1.93
C SER D 212 -31.70 49.89 -2.98
N MET D 213 -32.43 48.99 -3.62
CA MET D 213 -33.48 49.38 -4.56
C MET D 213 -34.64 50.02 -3.80
N SER D 214 -34.95 49.43 -2.64
CA SER D 214 -35.97 49.93 -1.73
C SER D 214 -35.66 51.35 -1.27
N ILE D 215 -34.41 51.62 -0.92
CA ILE D 215 -34.02 52.98 -0.56
C ILE D 215 -34.22 53.97 -1.71
N GLN D 216 -33.87 53.58 -2.92
CA GLN D 216 -34.02 54.46 -4.08
C GLN D 216 -35.46 54.93 -4.21
N ARG D 217 -36.39 53.97 -4.23
CA ARG D 217 -37.82 54.28 -4.33
C ARG D 217 -38.31 55.18 -3.20
N ALA D 218 -37.74 54.98 -2.01
CA ALA D 218 -38.08 55.76 -0.85
C ALA D 218 -37.67 57.23 -1.04
N VAL D 219 -36.42 57.46 -1.40
CA VAL D 219 -35.94 58.81 -1.59
C VAL D 219 -36.64 59.54 -2.74
N ASP D 220 -36.97 58.80 -3.81
CA ASP D 220 -37.84 59.30 -4.87
C ASP D 220 -39.17 59.82 -4.31
N ASN D 221 -39.79 59.06 -3.41
CA ASN D 221 -41.07 59.42 -2.82
C ASN D 221 -40.95 60.16 -1.48
N GLY D 222 -39.86 60.90 -1.29
CA GLY D 222 -39.80 61.90 -0.23
C GLY D 222 -39.33 61.50 1.15
N VAL D 223 -38.67 60.35 1.28
CA VAL D 223 -38.09 59.96 2.56
C VAL D 223 -36.97 60.92 2.94
N ALA D 224 -36.85 61.20 4.24
CA ALA D 224 -35.99 62.26 4.74
C ALA D 224 -34.66 61.75 5.27
N ILE D 225 -34.70 60.64 6.00
CA ILE D 225 -33.52 60.05 6.62
C ILE D 225 -33.38 58.56 6.26
N VAL D 226 -32.14 58.14 6.00
CA VAL D 226 -31.87 56.77 5.60
C VAL D 226 -30.74 56.17 6.41
N ASP D 227 -30.90 54.93 6.83
CA ASP D 227 -29.84 54.23 7.55
C ASP D 227 -28.95 53.48 6.59
N GLY D 228 -27.65 53.59 6.82
CA GLY D 228 -26.66 52.70 6.19
C GLY D 228 -25.63 52.24 7.22
N CYS D 229 -24.81 51.30 6.83
CA CYS D 229 -23.70 50.83 7.65
C CYS D 229 -22.40 51.07 6.87
N ILE D 230 -21.34 51.44 7.55
CA ILE D 230 -20.07 51.61 6.90
C ILE D 230 -19.73 50.32 6.15
N SER D 231 -19.10 50.46 4.98
CA SER D 231 -18.99 49.36 4.03
C SER D 231 -18.34 48.10 4.60
N SER D 232 -17.42 48.22 5.54
CA SER D 232 -16.76 47.00 6.09
C SER D 232 -17.70 46.11 6.84
N PHE D 233 -18.81 46.66 7.32
CA PHE D 233 -19.82 45.89 8.04
C PHE D 233 -21.17 45.92 7.33
N ALA D 234 -21.18 46.21 6.05
CA ALA D 234 -22.42 46.48 5.37
C ALA D 234 -22.88 45.21 4.69
N GLU D 235 -24.12 45.26 4.19
CA GLU D 235 -24.67 44.28 3.29
C GLU D 235 -25.05 42.99 3.95
N GLY D 236 -25.89 42.22 3.28
CA GLY D 236 -26.33 40.90 3.78
C GLY D 236 -27.27 41.06 4.96
N ALA D 237 -26.95 40.45 6.08
CA ALA D 237 -27.74 40.60 7.27
C ALA D 237 -27.68 42.03 7.85
N SER D 238 -26.74 42.85 7.37
CA SER D 238 -26.61 44.21 7.85
C SER D 238 -27.46 45.15 7.02
N LEU D 239 -27.03 46.42 6.92
CA LEU D 239 -27.70 47.41 6.07
C LEU D 239 -26.85 47.77 4.85
N PRO D 240 -27.42 48.50 3.89
CA PRO D 240 -26.67 48.98 2.74
C PRO D 240 -25.50 49.84 3.13
N ALA D 241 -24.46 49.79 2.31
CA ALA D 241 -23.21 50.50 2.59
C ALA D 241 -23.44 51.99 2.56
N THR D 242 -23.03 52.66 3.64
CA THR D 242 -23.19 54.10 3.76
C THR D 242 -22.64 54.77 2.51
N GLU D 243 -21.40 54.44 2.17
CA GLU D 243 -20.76 55.00 0.97
C GLU D 243 -21.58 54.83 -0.31
N SER D 244 -22.20 53.67 -0.45
CA SER D 244 -22.93 53.37 -1.67
C SER D 244 -24.15 54.26 -1.78
N ILE D 245 -24.77 54.55 -0.65
CA ILE D 245 -25.89 55.47 -0.63
C ILE D 245 -25.39 56.84 -1.07
N VAL D 246 -24.38 57.35 -0.36
CA VAL D 246 -23.82 58.68 -0.64
C VAL D 246 -23.46 58.85 -2.14
N ALA D 247 -22.82 57.84 -2.70
CA ALA D 247 -22.45 57.87 -4.08
C ALA D 247 -23.66 57.86 -4.99
N ALA D 248 -24.72 57.20 -4.60
CA ALA D 248 -25.90 57.12 -5.47
C ALA D 248 -26.80 58.36 -5.37
N LEU D 249 -26.42 59.32 -4.55
CA LEU D 249 -27.19 60.53 -4.45
C LEU D 249 -26.37 61.78 -4.84
N LYS D 250 -25.04 61.67 -4.92
CA LYS D 250 -24.20 62.77 -5.38
C LYS D 250 -24.72 63.24 -6.72
N GLY D 251 -24.89 64.55 -6.85
CA GLY D 251 -25.35 65.16 -8.10
C GLY D 251 -26.86 65.38 -8.20
N THR D 252 -27.62 64.54 -7.52
CA THR D 252 -29.08 64.61 -7.51
C THR D 252 -29.58 65.72 -6.60
N GLU D 253 -30.89 65.99 -6.67
CA GLU D 253 -31.56 66.93 -5.74
C GLU D 253 -31.49 66.42 -4.31
N TYR D 254 -31.20 65.12 -4.14
CA TYR D 254 -31.08 64.53 -2.82
C TYR D 254 -29.64 64.49 -2.26
N ASP D 255 -28.68 64.97 -3.04
CA ASP D 255 -27.25 64.93 -2.63
C ASP D 255 -27.10 65.12 -1.13
N THR D 256 -26.51 64.13 -0.48
CA THR D 256 -26.17 64.21 0.94
C THR D 256 -24.81 64.83 0.92
N GLY D 257 -24.52 65.74 1.82
CA GLY D 257 -23.30 66.51 1.64
C GLY D 257 -22.00 65.81 2.03
N LEU D 258 -21.93 64.50 1.82
CA LEU D 258 -21.05 63.65 2.62
C LEU D 258 -19.79 63.25 1.89
N ASP D 259 -18.66 63.32 2.61
CA ASP D 259 -17.32 63.13 2.03
C ASP D 259 -16.97 61.65 1.89
N ILE D 260 -17.22 61.08 0.72
CA ILE D 260 -17.09 59.64 0.54
C ILE D 260 -15.67 59.11 0.81
N GLY D 261 -14.67 59.96 0.73
CA GLY D 261 -13.30 59.56 1.05
C GLY D 261 -13.09 59.43 2.55
N LEU D 262 -13.68 60.32 3.34
CA LEU D 262 -13.63 60.22 4.79
C LEU D 262 -14.30 58.92 5.21
N LEU D 263 -15.49 58.69 4.66
CA LEU D 263 -16.18 57.44 4.87
C LEU D 263 -15.30 56.24 4.57
N GLN D 264 -14.58 56.27 3.44
CA GLN D 264 -13.75 55.15 3.06
C GLN D 264 -12.67 54.91 4.12
N GLU D 265 -12.09 56.00 4.64
CA GLU D 265 -11.03 55.89 5.63
C GLU D 265 -11.56 55.14 6.83
N ILE D 266 -12.78 55.48 7.21
CA ILE D 266 -13.40 54.87 8.37
C ILE D 266 -13.72 53.42 8.07
N SER D 267 -14.30 53.18 6.91
CA SER D 267 -14.50 51.80 6.47
C SER D 267 -13.25 50.93 6.56
N ALA D 268 -12.11 51.46 6.11
CA ALA D 268 -10.85 50.73 6.20
C ALA D 268 -10.45 50.41 7.64
N TYR D 269 -10.68 51.35 8.54
CA TYR D 269 -10.41 51.14 9.96
C TYR D 269 -11.19 49.93 10.44
N PHE D 270 -12.51 49.93 10.16
CA PHE D 270 -13.39 48.85 10.58
C PHE D 270 -13.03 47.52 9.93
N ARG D 271 -12.67 47.54 8.65
CA ARG D 271 -12.15 46.34 7.99
C ARG D 271 -11.03 45.66 8.79
N GLU D 272 -10.18 46.46 9.39
CA GLU D 272 -9.11 45.87 10.16
C GLU D 272 -9.65 45.31 11.42
N VAL D 273 -10.42 46.11 12.15
CA VAL D 273 -11.01 45.67 13.42
C VAL D 273 -11.73 44.31 13.30
N ARG D 274 -12.61 44.22 12.31
CA ARG D 274 -13.42 43.06 12.13
C ARG D 274 -12.66 41.72 12.10
N LYS D 275 -11.41 41.75 11.67
CA LYS D 275 -10.62 40.53 11.57
C LYS D 275 -10.42 39.90 12.96
N LYS D 276 -10.32 40.74 13.98
CA LYS D 276 -10.18 40.24 15.35
C LYS D 276 -11.30 39.27 15.71
N TYR D 277 -12.49 39.54 15.15
CA TYR D 277 -13.71 38.84 15.51
C TYR D 277 -14.07 37.70 14.61
N TRP D 278 -13.06 37.12 13.96
CA TRP D 278 -13.28 36.04 13.00
C TRP D 278 -14.12 34.91 13.57
N GLN D 279 -14.03 34.65 14.86
CA GLN D 279 -14.70 33.49 15.45
C GLN D 279 -16.23 33.62 15.53
N PHE D 280 -16.78 34.82 15.36
CA PHE D 280 -18.22 35.04 15.41
C PHE D 280 -18.85 35.21 14.03
N GLU D 281 -18.04 35.11 12.98
CA GLU D 281 -18.55 35.25 11.62
C GLU D 281 -19.37 33.99 11.39
N SER D 282 -20.46 34.11 10.63
CA SER D 282 -21.39 33.00 10.35
C SER D 282 -21.59 32.76 8.84
N GLU D 283 -21.72 31.49 8.41
CA GLU D 283 -22.03 31.23 6.99
C GLU D 283 -23.30 31.91 6.58
N PHE D 284 -24.19 32.28 7.53
CA PHE D 284 -25.57 32.69 7.21
C PHE D 284 -25.90 34.17 7.18
N THR D 285 -24.91 34.96 6.80
CA THR D 285 -25.07 36.41 6.87
C THR D 285 -25.05 37.15 5.52
N GLY D 286 -25.17 36.41 4.42
CA GLY D 286 -25.03 36.98 3.10
C GLY D 286 -26.38 37.34 2.54
N VAL D 287 -26.50 37.38 1.22
CA VAL D 287 -27.78 37.59 0.60
C VAL D 287 -28.46 36.24 0.60
N ASP D 288 -29.65 36.21 1.19
CA ASP D 288 -30.47 35.00 1.17
C ASP D 288 -31.94 35.33 1.01
N THR D 289 -32.49 35.08 -0.18
CA THR D 289 -33.92 35.36 -0.48
C THR D 289 -34.88 34.40 0.21
N ARG D 290 -34.35 33.33 0.81
CA ARG D 290 -35.15 32.56 1.79
C ARG D 290 -35.73 33.40 2.91
N VAL D 291 -35.06 34.48 3.30
CA VAL D 291 -35.57 35.37 4.33
C VAL D 291 -36.96 35.88 4.05
N LEU D 292 -37.32 35.97 2.78
CA LEU D 292 -38.62 36.52 2.47
C LEU D 292 -39.72 35.63 3.03
N VAL D 293 -39.39 34.39 3.45
CA VAL D 293 -40.38 33.53 4.06
C VAL D 293 -40.12 33.11 5.49
N ASN D 294 -38.89 32.81 5.88
CA ASN D 294 -38.62 32.46 7.30
C ASN D 294 -38.56 33.74 8.11
N GLN D 295 -38.41 34.83 7.41
CA GLN D 295 -38.63 36.08 8.03
C GLN D 295 -37.79 36.39 9.30
N VAL D 296 -36.70 35.64 9.50
CA VAL D 296 -35.74 35.90 10.57
C VAL D 296 -34.97 37.21 10.35
N PRO D 297 -34.93 38.09 11.36
CA PRO D 297 -34.40 39.43 11.13
C PRO D 297 -32.87 39.44 11.14
N GLY D 298 -32.26 40.40 10.42
CA GLY D 298 -30.79 40.47 10.31
C GLY D 298 -30.04 40.57 11.61
N GLY D 299 -30.43 41.49 12.45
CA GLY D 299 -29.93 41.56 13.82
C GLY D 299 -29.98 40.25 14.56
N MET D 300 -30.83 39.33 14.11
CA MET D 300 -30.94 38.06 14.82
C MET D 300 -29.96 37.01 14.36
N ILE D 301 -29.70 36.93 13.07
CA ILE D 301 -29.21 35.67 12.55
C ILE D 301 -27.77 35.24 12.87
N SER D 302 -26.87 36.19 13.09
CA SER D 302 -25.50 35.82 13.43
C SER D 302 -25.40 35.46 14.90
N ASN D 303 -26.39 35.94 15.68
CA ASN D 303 -26.54 35.55 17.07
C ASN D 303 -27.19 34.17 17.16
N LEU D 304 -28.19 33.93 16.33
CA LEU D 304 -28.86 32.65 16.40
C LEU D 304 -27.89 31.55 16.04
N SER D 305 -27.16 31.83 14.94
CA SER D 305 -26.16 30.92 14.35
C SER D 305 -25.07 30.62 15.36
N ASN D 306 -24.68 31.63 16.10
CA ASN D 306 -23.65 31.41 17.06
C ASN D 306 -24.20 30.55 18.18
N GLN D 307 -25.44 30.88 18.56
CA GLN D 307 -26.15 30.13 19.60
C GLN D 307 -26.24 28.64 19.24
N LEU D 308 -26.52 28.31 17.98
CA LEU D 308 -26.58 26.91 17.56
C LEU D 308 -25.19 26.31 17.58
N LYS D 309 -24.18 27.09 17.17
CA LYS D 309 -22.80 26.61 17.18
C LYS D 309 -22.40 26.16 18.58
N GLU D 310 -22.54 27.04 19.57
CA GLU D 310 -22.26 26.69 20.97
C GLU D 310 -22.88 25.35 21.38
N GLN D 311 -24.07 25.03 20.86
CA GLN D 311 -24.78 23.78 21.19
C GLN D 311 -24.40 22.61 20.28
N GLY D 312 -23.52 22.85 19.32
CA GLY D 312 -23.13 21.80 18.39
C GLY D 312 -24.18 21.54 17.34
N ALA D 313 -25.11 22.46 17.16
CA ALA D 313 -26.29 22.23 16.32
C ALA D 313 -26.46 23.13 15.10
N LEU D 314 -25.35 23.56 14.49
CA LEU D 314 -25.45 24.34 13.26
C LEU D 314 -26.04 23.55 12.13
N ASP D 315 -25.82 22.25 12.13
CA ASP D 315 -26.33 21.40 11.06
C ASP D 315 -27.84 21.35 11.05
N ARG D 316 -28.48 22.05 11.98
CA ARG D 316 -29.91 21.97 12.13
C ARG D 316 -30.60 23.23 11.67
N MET D 317 -29.83 24.19 11.18
CA MET D 317 -30.40 25.49 10.80
C MET D 317 -31.48 25.37 9.75
N ASP D 318 -31.20 24.62 8.71
CA ASP D 318 -32.20 24.44 7.66
C ASP D 318 -33.51 24.00 8.27
N ALA D 319 -33.45 23.14 9.28
CA ALA D 319 -34.69 22.68 9.93
C ALA D 319 -35.38 23.84 10.65
N VAL D 320 -34.60 24.55 11.47
CA VAL D 320 -35.11 25.63 12.30
C VAL D 320 -35.82 26.72 11.49
N LEU D 321 -35.29 27.03 10.32
CA LEU D 321 -35.85 28.05 9.45
C LEU D 321 -37.13 27.59 8.79
N ASP D 322 -37.32 26.28 8.69
CA ASP D 322 -38.59 25.73 8.18
C ASP D 322 -39.61 25.76 9.29
N GLU D 323 -39.15 25.54 10.52
CA GLU D 323 -40.03 25.49 11.67
C GLU D 323 -40.47 26.87 12.08
N ILE D 324 -39.69 27.87 11.75
CA ILE D 324 -39.95 29.20 12.25
C ILE D 324 -41.29 29.72 11.75
N PRO D 325 -41.49 29.72 10.43
CA PRO D 325 -42.73 30.31 9.91
C PRO D 325 -44.00 29.56 10.37
N ARG D 326 -43.84 28.32 10.78
CA ARG D 326 -44.94 27.50 11.22
C ARG D 326 -45.38 27.85 12.64
N VAL D 327 -44.42 28.02 13.53
CA VAL D 327 -44.65 28.62 14.85
C VAL D 327 -45.18 30.08 14.75
N ARG D 328 -44.71 30.88 13.82
CA ARG D 328 -45.23 32.25 13.69
C ARG D 328 -46.74 32.29 13.38
N GLU D 329 -47.15 31.41 12.47
CA GLU D 329 -48.56 31.22 12.12
C GLU D 329 -49.36 30.74 13.34
N ASP D 330 -48.83 29.71 14.00
CA ASP D 330 -49.39 29.28 15.25
C ASP D 330 -49.69 30.46 16.20
N LEU D 331 -48.85 31.48 16.24
CA LEU D 331 -49.02 32.56 17.20
C LEU D 331 -49.70 33.78 16.58
N GLY D 332 -50.39 33.58 15.46
CA GLY D 332 -51.14 34.68 14.82
C GLY D 332 -50.34 35.73 14.04
N TYR D 333 -49.31 35.29 13.31
CA TYR D 333 -48.53 36.16 12.44
C TYR D 333 -48.02 37.44 13.10
N PRO D 334 -47.38 37.32 14.27
CA PRO D 334 -46.73 38.49 14.82
C PRO D 334 -45.56 38.87 13.93
N PRO D 335 -45.21 40.16 13.86
CA PRO D 335 -43.96 40.53 13.26
C PRO D 335 -42.82 39.89 14.05
N LEU D 336 -41.83 39.33 13.33
CA LEU D 336 -40.65 38.68 13.94
C LEU D 336 -39.53 39.68 14.22
N VAL D 337 -39.63 40.36 15.36
CA VAL D 337 -38.66 41.30 15.85
C VAL D 337 -38.39 40.89 17.27
N THR D 338 -37.33 41.39 17.89
CA THR D 338 -37.13 41.19 19.33
C THR D 338 -38.30 41.83 20.01
N PRO D 339 -38.91 41.08 20.96
CA PRO D 339 -38.54 39.76 21.46
C PRO D 339 -39.29 38.59 20.82
N THR D 340 -40.28 38.88 19.98
CA THR D 340 -41.05 37.80 19.35
C THR D 340 -40.18 36.84 18.53
N SER D 341 -39.10 37.36 17.94
CA SER D 341 -38.22 36.58 17.10
C SER D 341 -37.35 35.62 17.91
N GLN D 342 -36.85 36.05 19.08
CA GLN D 342 -36.17 35.08 19.97
C GLN D 342 -37.18 34.03 20.35
N ILE D 343 -38.41 34.47 20.71
CA ILE D 343 -39.45 33.53 21.26
C ILE D 343 -39.78 32.42 20.25
N VAL D 344 -40.21 32.83 19.06
CA VAL D 344 -40.53 31.92 18.02
C VAL D 344 -39.30 31.06 17.68
N GLY D 345 -38.16 31.71 17.55
CA GLY D 345 -36.95 31.05 17.13
C GLY D 345 -36.49 30.00 18.11
N THR D 346 -36.51 30.32 19.38
CA THR D 346 -36.11 29.38 20.38
C THR D 346 -37.10 28.22 20.44
N GLN D 347 -38.40 28.54 20.39
CA GLN D 347 -39.40 27.51 20.44
C GLN D 347 -39.17 26.55 19.26
N ALA D 348 -38.94 27.13 18.08
CA ALA D 348 -38.67 26.35 16.87
C ALA D 348 -37.47 25.45 17.07
N VAL D 349 -36.45 25.98 17.73
CA VAL D 349 -35.25 25.20 17.98
C VAL D 349 -35.61 24.04 18.88
N LEU D 350 -36.30 24.31 20.00
CA LEU D 350 -36.76 23.24 20.92
C LEU D 350 -37.46 22.15 20.14
N ASN D 351 -38.52 22.52 19.41
CA ASN D 351 -39.32 21.58 18.68
C ASN D 351 -38.47 20.64 17.82
N VAL D 352 -37.48 21.20 17.12
CA VAL D 352 -36.59 20.42 16.23
C VAL D 352 -35.76 19.43 17.04
N MET D 353 -35.07 19.94 18.05
CA MET D 353 -34.26 19.13 18.93
C MET D 353 -35.10 18.04 19.61
N THR D 354 -36.31 18.39 20.04
CA THR D 354 -37.20 17.49 20.79
C THR D 354 -37.78 16.37 19.90
N GLY D 355 -37.87 16.66 18.60
CA GLY D 355 -38.52 15.77 17.67
C GLY D 355 -40.02 15.82 17.83
N ALA D 356 -40.55 16.94 18.37
CA ALA D 356 -41.97 17.03 18.65
C ALA D 356 -42.46 18.47 18.87
N ARG D 357 -43.56 18.84 18.21
CA ARG D 357 -44.05 20.23 18.27
C ARG D 357 -44.76 20.56 19.56
N TYR D 358 -44.21 21.49 20.31
CA TYR D 358 -44.75 21.96 21.58
C TYR D 358 -44.78 20.93 22.72
N LYS D 359 -43.99 19.86 22.60
CA LYS D 359 -43.73 18.97 23.74
C LYS D 359 -43.09 19.76 24.86
N SER D 360 -42.11 20.58 24.53
CA SER D 360 -41.58 21.58 25.47
C SER D 360 -41.89 22.98 24.97
N VAL D 361 -42.23 23.83 25.93
CA VAL D 361 -42.70 25.16 25.65
C VAL D 361 -42.03 26.15 26.57
N THR D 362 -41.28 27.08 25.99
CA THR D 362 -40.65 28.14 26.81
C THR D 362 -41.72 28.90 27.59
N ASN D 363 -41.37 29.35 28.79
CA ASN D 363 -42.22 30.26 29.56
C ASN D 363 -42.62 31.51 28.82
N GLU D 364 -41.73 32.04 27.98
CA GLU D 364 -42.10 33.28 27.28
C GLU D 364 -43.13 33.03 26.15
N VAL D 365 -43.14 31.80 25.63
CA VAL D 365 -44.19 31.43 24.68
C VAL D 365 -45.52 31.39 25.43
N LYS D 366 -45.51 30.78 26.61
CA LYS D 366 -46.70 30.71 27.45
C LYS D 366 -47.25 32.11 27.70
N ASN D 367 -46.40 33.02 28.18
CA ASN D 367 -46.82 34.38 28.39
C ASN D 367 -47.36 34.99 27.12
N TYR D 368 -46.73 34.67 25.99
CA TYR D 368 -47.21 35.20 24.71
C TYR D 368 -48.67 34.79 24.53
N LEU D 369 -48.92 33.49 24.72
CA LEU D 369 -50.24 32.92 24.51
C LEU D 369 -51.28 33.42 25.53
N LEU D 370 -50.82 33.87 26.70
CA LEU D 370 -51.69 34.46 27.73
C LEU D 370 -51.82 35.99 27.57
N GLY D 371 -51.55 36.52 26.38
CA GLY D 371 -51.72 37.96 26.11
C GLY D 371 -50.75 38.93 26.75
N HIS D 372 -49.62 38.41 27.24
CA HIS D 372 -48.68 39.23 28.03
C HIS D 372 -47.65 40.08 27.25
N TYR D 373 -47.59 39.89 25.93
CA TYR D 373 -46.79 40.75 25.06
C TYR D 373 -47.70 41.69 24.26
N GLY D 374 -48.97 41.33 24.16
CA GLY D 374 -49.92 42.21 23.51
C GLY D 374 -50.85 41.43 22.61
N LYS D 375 -51.47 42.16 21.70
CA LYS D 375 -52.50 41.58 20.84
C LYS D 375 -51.89 40.97 19.57
N ALA D 376 -52.00 39.65 19.41
CA ALA D 376 -51.53 39.01 18.19
C ALA D 376 -52.32 39.51 17.01
N PRO D 377 -51.65 40.03 15.99
CA PRO D 377 -52.33 40.68 14.87
C PRO D 377 -53.42 39.83 14.22
N SER D 378 -53.21 38.51 14.20
CA SER D 378 -54.20 37.54 13.73
C SER D 378 -54.50 36.53 14.88
N THR D 379 -55.39 35.56 14.67
CA THR D 379 -55.82 34.64 15.74
C THR D 379 -54.90 33.44 15.90
N VAL D 380 -54.57 33.16 17.16
CA VAL D 380 -53.68 32.08 17.58
C VAL D 380 -54.30 30.70 17.45
N ASN D 381 -53.49 29.72 17.16
CA ASN D 381 -53.97 28.36 17.03
C ASN D 381 -54.46 27.87 18.37
N PRO D 382 -55.74 27.44 18.43
CA PRO D 382 -56.35 27.03 19.71
C PRO D 382 -55.73 25.77 20.29
N ASP D 383 -55.41 24.80 19.44
CA ASP D 383 -54.76 23.57 19.89
C ASP D 383 -53.36 23.77 20.43
N VAL D 384 -52.67 24.78 19.92
CA VAL D 384 -51.33 25.07 20.40
C VAL D 384 -51.44 25.74 21.76
N ARG D 385 -52.26 26.79 21.84
CA ARG D 385 -52.56 27.42 23.12
C ARG D 385 -52.86 26.40 24.22
N ASN D 386 -53.72 25.43 23.90
CA ASN D 386 -54.08 24.36 24.84
C ASN D 386 -52.98 23.44 25.27
N LEU D 387 -52.20 23.04 24.27
CA LEU D 387 -51.07 22.16 24.51
C LEU D 387 -50.10 22.86 25.44
N ALA D 388 -50.00 24.18 25.28
CA ALA D 388 -49.00 24.98 25.99
C ALA D 388 -49.50 25.51 27.31
N VAL D 389 -50.73 26.03 27.26
CA VAL D 389 -51.28 26.85 28.32
C VAL D 389 -52.59 26.28 28.91
N GLY D 390 -53.05 25.17 28.35
CA GLY D 390 -54.28 24.52 28.76
C GLY D 390 -55.52 25.38 28.58
N ASN D 391 -56.39 25.33 29.59
CA ASN D 391 -57.65 26.02 29.55
C ASN D 391 -57.53 27.50 29.92
N ALA D 392 -56.30 27.90 30.28
CA ALA D 392 -56.06 29.17 30.95
C ALA D 392 -56.44 30.35 30.09
N GLN D 393 -56.53 31.49 30.73
CA GLN D 393 -57.14 32.66 30.13
C GLN D 393 -56.20 33.67 29.49
N VAL D 394 -56.61 34.17 28.33
CA VAL D 394 -55.88 35.16 27.57
C VAL D 394 -56.29 36.59 27.97
N ILE D 395 -55.39 37.29 28.65
CA ILE D 395 -55.65 38.70 28.98
C ILE D 395 -55.79 39.50 27.69
N GLU D 396 -56.39 40.68 27.77
CA GLU D 396 -56.63 41.52 26.59
C GLU D 396 -56.29 43.01 26.83
N CYS D 397 -55.67 43.33 27.97
CA CYS D 397 -55.25 44.70 28.28
C CYS D 397 -53.77 44.88 27.95
N ARG D 398 -53.33 46.12 28.07
CA ARG D 398 -51.94 46.47 27.95
C ARG D 398 -51.17 45.82 29.12
N PRO D 399 -50.45 44.71 28.87
CA PRO D 399 -49.91 43.82 29.91
C PRO D 399 -49.15 44.46 31.05
N ALA D 400 -48.67 45.70 30.90
CA ALA D 400 -47.96 46.35 32.01
C ALA D 400 -48.91 46.87 33.07
N ASP D 401 -50.18 47.11 32.69
CA ASP D 401 -51.30 47.38 33.61
C ASP D 401 -51.27 46.38 34.80
N LEU D 402 -50.81 45.15 34.59
CA LEU D 402 -50.84 44.15 35.64
C LEU D 402 -49.54 44.06 36.43
N LEU D 403 -48.65 45.04 36.21
CA LEU D 403 -47.30 45.03 36.81
C LEU D 403 -47.05 46.07 37.87
N THR D 404 -46.86 45.60 39.10
CA THR D 404 -46.64 46.50 40.22
C THR D 404 -45.31 47.23 40.06
N ALA D 405 -45.31 48.52 40.40
CA ALA D 405 -44.10 49.34 40.48
C ALA D 405 -43.08 48.63 41.32
N GLU D 406 -41.88 48.46 40.79
CA GLU D 406 -40.89 47.63 41.50
C GLU D 406 -39.53 48.28 41.66
N MET D 407 -39.42 49.57 41.36
CA MET D 407 -38.13 50.25 41.46
C MET D 407 -37.55 50.25 42.89
N GLU D 408 -38.35 50.71 43.85
CA GLU D 408 -37.86 50.73 45.22
C GLU D 408 -37.56 49.31 45.69
N LYS D 409 -38.38 48.36 45.25
CA LYS D 409 -38.21 46.95 45.61
C LYS D 409 -36.85 46.44 45.17
N LEU D 410 -36.45 46.84 43.96
CA LEU D 410 -35.19 46.42 43.36
C LEU D 410 -33.97 47.01 44.07
N ARG D 411 -33.98 48.33 44.37
CA ARG D 411 -32.82 48.95 45.02
C ARG D 411 -32.47 48.20 46.27
N ASN D 412 -33.50 47.86 47.05
CA ASN D 412 -33.28 47.14 48.31
C ASN D 412 -32.66 45.78 48.06
N GLU D 413 -33.19 45.05 47.07
CA GLU D 413 -32.63 43.77 46.66
C GLU D 413 -31.17 43.81 46.30
N VAL D 414 -30.67 44.98 45.90
CA VAL D 414 -29.25 45.11 45.52
C VAL D 414 -28.49 46.11 46.38
N GLU D 415 -28.99 46.43 47.57
CA GLU D 415 -28.20 47.23 48.48
C GLU D 415 -26.87 46.46 48.80
N GLY D 416 -25.73 47.17 48.75
CA GLY D 416 -24.42 46.58 49.05
C GLY D 416 -23.67 45.94 47.86
N LEU D 417 -24.32 45.88 46.70
CA LEU D 417 -23.69 45.63 45.41
C LEU D 417 -23.70 46.91 44.55
N ALA D 418 -24.89 47.37 44.15
CA ALA D 418 -25.06 48.50 43.25
C ALA D 418 -24.33 49.73 43.72
N ALA D 419 -23.39 50.19 42.91
CA ALA D 419 -22.63 51.38 43.21
C ALA D 419 -23.40 52.61 42.79
N SER D 420 -24.51 52.44 42.06
CA SER D 420 -25.22 53.58 41.47
C SER D 420 -26.59 53.23 40.94
N ALA D 421 -27.38 54.25 40.63
CA ALA D 421 -28.74 54.04 40.11
C ALA D 421 -28.73 53.25 38.81
N ALA D 422 -27.71 53.51 38.00
CA ALA D 422 -27.51 52.74 36.80
C ALA D 422 -27.31 51.25 37.10
N ASP D 423 -26.53 50.95 38.13
CA ASP D 423 -26.37 49.55 38.56
C ASP D 423 -27.69 48.88 38.95
N VAL D 424 -28.62 49.67 39.46
CA VAL D 424 -29.96 49.17 39.81
C VAL D 424 -30.77 48.85 38.53
N LEU D 425 -30.69 49.73 37.52
CA LEU D 425 -31.38 49.50 36.23
C LEU D 425 -30.75 48.34 35.42
N THR D 426 -29.45 48.14 35.61
CA THR D 426 -28.78 47.03 34.99
C THR D 426 -29.35 45.76 35.57
N TYR D 427 -29.50 45.75 36.91
CA TYR D 427 -30.14 44.65 37.64
C TYR D 427 -31.55 44.36 37.09
N ALA D 428 -32.35 45.40 37.00
CA ALA D 428 -33.68 45.30 36.47
C ALA D 428 -33.78 44.57 35.14
N MET D 429 -32.86 44.82 34.20
CA MET D 429 -32.87 44.08 32.93
C MET D 429 -32.69 42.58 33.12
N PHE D 430 -31.67 42.18 33.89
CA PHE D 430 -31.39 40.76 34.08
C PHE D 430 -30.78 40.54 35.45
N PRO D 431 -31.66 40.43 36.44
CA PRO D 431 -31.25 40.34 37.82
C PRO D 431 -30.26 39.23 38.11
N ASP D 432 -30.56 38.01 37.71
CA ASP D 432 -29.67 36.90 38.03
C ASP D 432 -28.27 37.22 37.56
N LEU D 433 -28.20 37.60 36.30
CA LEU D 433 -26.94 37.89 35.60
C LEU D 433 -26.24 39.12 36.14
N ALA D 434 -27.00 40.16 36.38
CA ALA D 434 -26.47 41.39 36.90
C ALA D 434 -25.92 41.23 38.29
N LYS D 435 -26.55 40.39 39.08
CA LYS D 435 -26.04 40.12 40.41
C LYS D 435 -24.61 39.59 40.26
N THR D 436 -24.41 38.49 39.53
CA THR D 436 -23.05 37.91 39.38
C THR D 436 -22.03 38.90 38.84
N PHE D 437 -22.48 39.75 37.91
CA PHE D 437 -21.65 40.79 37.31
C PHE D 437 -21.23 41.83 38.33
N LEU D 438 -22.20 42.46 38.95
CA LEU D 438 -21.92 43.44 39.96
C LEU D 438 -20.98 42.86 41.03
N GLN D 439 -21.21 41.61 41.41
CA GLN D 439 -20.35 40.96 42.38
C GLN D 439 -18.96 40.85 41.85
N GLU D 440 -18.82 40.34 40.65
CA GLU D 440 -17.50 40.06 40.10
C GLU D 440 -16.73 41.37 39.85
N ARG D 441 -17.44 42.39 39.39
CA ARG D 441 -16.85 43.68 39.19
C ARG D 441 -16.30 44.27 40.45
N ASN D 442 -17.09 44.28 41.52
CA ASN D 442 -16.66 44.90 42.77
C ASN D 442 -15.47 44.17 43.41
N ALA D 443 -15.29 42.92 43.04
CA ALA D 443 -14.17 42.12 43.52
C ALA D 443 -12.97 42.17 42.56
N GLY D 444 -13.09 42.96 41.48
CA GLY D 444 -12.03 43.08 40.51
C GLY D 444 -11.70 41.77 39.86
N SER D 445 -12.70 40.92 39.76
CA SER D 445 -12.49 39.54 39.44
C SER D 445 -13.16 39.11 38.13
N LEU D 446 -13.68 40.07 37.34
CA LEU D 446 -14.20 39.80 35.99
C LEU D 446 -13.23 39.10 35.05
N LYS D 447 -13.72 38.14 34.28
CA LYS D 447 -12.93 37.43 33.29
C LYS D 447 -13.61 37.32 31.90
N PRO D 448 -13.51 38.37 31.07
CA PRO D 448 -14.13 38.30 29.76
C PRO D 448 -13.57 37.14 28.95
N GLU D 449 -14.45 36.44 28.25
CA GLU D 449 -14.02 35.50 27.21
C GLU D 449 -13.01 36.23 26.34
N PRO D 450 -11.75 35.76 26.31
CA PRO D 450 -10.79 36.45 25.44
C PRO D 450 -11.03 36.11 23.98
N LEU D 451 -10.55 36.98 23.08
CA LEU D 451 -10.73 36.75 21.65
C LEU D 451 -9.67 35.81 21.22
N LEU D 452 -10.02 34.79 20.43
CA LEU D 452 -9.01 33.86 19.93
C LEU D 452 -8.03 34.39 18.88
N ASP D 453 -6.78 33.90 18.98
CA ASP D 453 -5.72 34.19 18.03
C ASP D 453 -6.03 33.36 16.78
N LYS D 454 -6.04 34.04 15.64
CA LYS D 454 -6.50 33.41 14.39
C LYS D 454 -5.65 32.20 14.03
N GLU D 455 -4.34 32.28 14.24
CA GLU D 455 -3.52 31.07 14.20
C GLU D 455 -2.70 30.98 15.46
N ALA D 456 -3.30 30.35 16.47
CA ALA D 456 -2.56 29.88 17.63
C ALA D 456 -1.76 28.66 17.17
N VAL D 457 -0.63 28.40 17.84
CA VAL D 457 0.15 27.17 17.62
C VAL D 457 -0.75 26.01 18.02
N THR D 458 -1.00 25.11 17.07
CA THR D 458 -1.90 24.00 17.31
C THR D 458 -1.16 22.92 18.09
N SER D 459 -1.87 22.25 19.00
CA SER D 459 -1.27 21.27 19.89
C SER D 459 -0.52 20.14 19.15
N ARG D 460 0.45 19.56 19.85
CA ARG D 460 1.24 18.43 19.35
C ARG D 460 0.39 17.23 18.88
N GLU D 461 -0.81 17.06 19.44
CA GLU D 461 -1.72 15.96 19.08
C GLU D 461 -2.50 16.20 17.78
N SER D 462 -2.72 17.46 17.41
CA SER D 462 -3.41 17.81 16.16
C SER D 462 -2.47 17.77 14.93
N HIS D 463 -1.19 18.06 15.15
CA HIS D 463 -0.14 18.04 14.09
C HIS D 463 0.02 16.64 13.43
N SER D 464 -0.23 15.59 14.21
CA SER D 464 0.07 14.20 13.81
C SER D 464 -0.90 13.62 12.78
N ARG D 465 -2.11 14.17 12.69
CA ARG D 465 -3.10 13.70 11.72
C ARG D 465 -2.79 14.20 10.30
N PHE D 466 -1.92 15.22 10.21
CA PHE D 466 -1.38 15.68 8.94
C PHE D 466 -0.18 14.85 8.53
N ALA D 467 0.75 14.65 9.48
CA ALA D 467 2.01 13.90 9.25
C ALA D 467 1.80 12.50 8.62
N PRO D 468 2.68 12.13 7.64
CA PRO D 468 2.48 10.88 6.90
C PRO D 468 3.22 9.66 7.47
N THR D 469 2.61 8.51 7.32
CA THR D 469 3.21 7.28 7.81
C THR D 469 4.06 6.71 6.68
N GLU D 470 3.47 6.60 5.48
CA GLU D 470 4.15 6.12 4.27
C GLU D 470 4.20 7.13 3.09
N PHE D 471 5.32 7.09 2.37
CA PHE D 471 5.54 8.04 1.26
C PHE D 471 6.80 7.76 0.44
N ASN D 472 6.83 8.39 -0.72
CA ASN D 472 7.82 8.11 -1.76
C ASN D 472 8.84 9.25 -1.82
N VAL D 473 10.11 8.94 -1.53
CA VAL D 473 11.18 9.95 -1.52
C VAL D 473 12.10 9.85 -2.73
N THR D 474 12.10 10.88 -3.58
CA THR D 474 12.93 10.90 -4.80
C THR D 474 14.23 11.68 -4.54
N LEU D 475 15.32 10.95 -4.43
CA LEU D 475 16.62 11.49 -4.03
C LEU D 475 17.66 11.05 -5.06
N HIS D 476 18.08 11.99 -5.91
CA HIS D 476 19.19 11.77 -6.87
C HIS D 476 18.78 10.77 -7.98
N GLY D 477 17.65 11.06 -8.66
CA GLY D 477 17.14 10.20 -9.72
C GLY D 477 16.36 8.99 -9.23
N GLU D 478 16.77 8.41 -8.09
CA GLU D 478 16.07 7.26 -7.51
C GLU D 478 14.88 7.76 -6.75
N THR D 479 13.83 6.94 -6.72
CA THR D 479 12.79 7.12 -5.71
C THR D 479 12.86 5.93 -4.74
N PHE D 480 12.47 6.17 -3.50
CA PHE D 480 12.45 5.14 -2.47
C PHE D 480 11.11 5.14 -1.72
N HIS D 481 10.48 3.97 -1.64
CA HIS D 481 9.25 3.79 -0.87
C HIS D 481 9.54 3.67 0.62
N ILE D 482 9.04 4.62 1.40
CA ILE D 482 9.30 4.69 2.83
C ILE D 482 8.01 4.50 3.59
N LYS D 483 8.09 3.77 4.71
CA LYS D 483 6.97 3.66 5.69
C LYS D 483 7.55 3.77 7.10
N LEU D 484 7.26 4.87 7.81
CA LEU D 484 7.80 5.01 9.16
C LEU D 484 6.82 4.50 10.23
N THR D 485 7.34 4.21 11.43
CA THR D 485 6.52 3.74 12.57
C THR D 485 7.02 4.35 13.88
N PRO D 496 13.52 6.76 19.12
CA PRO D 496 13.89 6.23 17.82
C PRO D 496 12.71 5.70 16.99
N PHE D 497 12.60 6.17 15.75
CA PHE D 497 11.69 5.60 14.77
C PHE D 497 12.17 4.21 14.37
N TYR D 498 11.28 3.45 13.76
CA TYR D 498 11.65 2.31 12.94
C TYR D 498 11.13 2.62 11.54
N VAL D 499 11.94 2.32 10.52
CA VAL D 499 11.72 2.87 9.17
C VAL D 499 11.96 1.84 8.05
N SER D 500 11.02 1.73 7.12
CA SER D 500 11.04 0.70 6.06
C SER D 500 11.38 1.29 4.70
N VAL D 501 12.62 1.07 4.26
CA VAL D 501 13.07 1.51 2.94
C VAL D 501 12.95 0.37 1.91
N ASP D 502 11.97 0.48 1.02
CA ASP D 502 11.65 -0.57 0.05
C ASP D 502 11.48 -1.93 0.75
N GLY D 503 10.65 -1.93 1.81
CA GLY D 503 10.37 -3.14 2.59
C GLY D 503 11.52 -3.65 3.46
N VAL D 504 12.46 -2.79 3.81
CA VAL D 504 13.60 -3.16 4.67
C VAL D 504 13.67 -2.24 5.89
N THR D 505 13.27 -2.76 7.04
CA THR D 505 13.05 -1.93 8.24
C THR D 505 14.30 -1.78 9.08
N GLU D 506 14.69 -0.53 9.33
CA GLU D 506 15.93 -0.18 10.04
C GLU D 506 15.62 0.84 11.13
N GLU D 507 16.11 0.62 12.35
CA GLU D 507 15.98 1.59 13.45
C GLU D 507 16.74 2.87 13.15
N VAL D 508 16.09 4.00 13.33
CA VAL D 508 16.72 5.29 13.16
C VAL D 508 16.63 6.03 14.48
N VAL D 509 17.59 6.91 14.74
CA VAL D 509 17.56 7.78 15.91
C VAL D 509 17.84 9.20 15.46
N VAL D 510 17.04 10.14 15.95
CA VAL D 510 17.20 11.54 15.62
C VAL D 510 17.52 12.34 16.87
N GLU D 511 18.44 13.28 16.72
CA GLU D 511 18.71 14.28 17.73
C GLU D 511 18.38 15.63 17.11
N ILE D 512 17.48 16.38 17.75
CA ILE D 512 17.06 17.70 17.25
C ILE D 512 18.11 18.75 17.67
N LEU D 513 18.27 19.78 16.84
CA LEU D 513 19.21 20.86 17.14
C LEU D 513 18.49 22.20 17.06
N ASN D 514 18.45 22.88 18.21
CA ASN D 514 17.81 24.21 18.39
C ASN D 514 18.87 25.29 18.62
N ARG D 540 7.73 33.73 -1.96
CA ARG D 540 8.31 34.47 -3.05
C ARG D 540 7.82 33.92 -4.39
N PRO D 541 7.49 34.80 -5.35
CA PRO D 541 6.84 34.24 -6.56
C PRO D 541 7.72 33.27 -7.35
N ARG D 542 7.11 32.22 -7.89
CA ARG D 542 7.80 31.37 -8.86
C ARG D 542 7.82 32.09 -10.21
N PRO D 543 8.78 31.73 -11.08
CA PRO D 543 8.90 32.46 -12.34
C PRO D 543 7.83 32.09 -13.32
N THR D 544 7.03 33.06 -13.71
CA THR D 544 6.16 32.93 -14.87
C THR D 544 6.92 33.21 -16.14
N HIS D 545 7.77 34.23 -16.08
CA HIS D 545 8.51 34.72 -17.26
C HIS D 545 9.75 33.90 -17.48
N ALA D 546 10.23 33.90 -18.73
CA ALA D 546 11.61 33.52 -19.01
C ALA D 546 12.58 34.64 -18.61
N GLY D 547 12.04 35.86 -18.53
CA GLY D 547 12.75 37.01 -17.96
C GLY D 547 12.90 37.03 -16.44
N CYS D 548 12.15 36.18 -15.75
CA CYS D 548 12.28 36.03 -14.31
C CYS D 548 13.59 35.39 -13.94
N VAL D 549 14.48 36.12 -13.26
CA VAL D 549 15.82 35.64 -12.95
C VAL D 549 15.83 34.66 -11.80
N THR D 550 16.52 33.53 -11.99
CA THR D 550 16.58 32.49 -10.95
C THR D 550 18.00 31.97 -10.74
N THR D 551 18.23 31.46 -9.55
CA THR D 551 19.40 30.64 -9.30
C THR D 551 18.96 29.20 -9.62
N ALA D 552 19.93 28.36 -9.97
CA ALA D 552 19.69 26.95 -10.27
C ALA D 552 20.17 26.09 -9.12
N MET D 553 20.39 26.75 -7.98
CA MET D 553 21.09 26.15 -6.86
C MET D 553 20.91 27.11 -5.67
N PRO D 554 20.42 26.62 -4.53
CA PRO D 554 20.09 27.53 -3.42
C PRO D 554 21.33 28.11 -2.73
N GLY D 555 21.15 29.24 -2.05
CA GLY D 555 22.25 29.97 -1.41
C GLY D 555 21.80 31.32 -0.84
N THR D 556 22.78 32.14 -0.41
CA THR D 556 22.50 33.42 0.23
C THR D 556 23.02 34.55 -0.62
N ILE D 557 22.22 35.60 -0.74
CA ILE D 557 22.51 36.76 -1.60
C ILE D 557 23.60 37.64 -0.99
N VAL D 558 24.66 37.94 -1.74
CA VAL D 558 25.71 38.83 -1.26
C VAL D 558 25.50 40.28 -1.69
N ASP D 559 24.91 40.49 -2.86
CA ASP D 559 24.80 41.83 -3.43
C ASP D 559 23.80 41.84 -4.59
N VAL D 560 22.95 42.86 -4.59
CA VAL D 560 22.07 43.12 -5.73
C VAL D 560 22.69 44.28 -6.50
N LYS D 561 23.01 44.06 -7.78
CA LYS D 561 23.79 45.00 -8.57
C LYS D 561 22.87 45.84 -9.42
N VAL D 562 21.66 46.08 -8.95
CA VAL D 562 20.64 46.68 -9.82
C VAL D 562 19.49 47.28 -8.98
N ASN D 563 18.95 48.41 -9.45
CA ASN D 563 17.77 48.99 -8.82
C ASN D 563 16.61 48.94 -9.77
N VAL D 564 15.41 48.96 -9.21
CA VAL D 564 14.21 48.83 -10.02
C VAL D 564 14.27 49.83 -11.17
N GLY D 565 13.71 49.45 -12.32
CA GLY D 565 13.63 50.32 -13.48
C GLY D 565 14.88 50.45 -14.36
N ASP D 566 15.98 49.80 -13.98
CA ASP D 566 17.22 49.82 -14.80
C ASP D 566 17.00 49.16 -16.17
N LYS D 567 17.75 49.62 -17.15
CA LYS D 567 17.75 48.99 -18.46
C LYS D 567 18.96 48.05 -18.45
N VAL D 568 18.72 46.78 -18.79
CA VAL D 568 19.75 45.75 -18.69
C VAL D 568 19.80 44.92 -19.97
N SER D 569 21.02 44.59 -20.37
CA SER D 569 21.25 43.75 -21.53
C SER D 569 21.71 42.37 -21.06
N ALA D 570 21.32 41.35 -21.82
CA ALA D 570 21.71 39.97 -21.52
C ALA D 570 23.22 39.89 -21.24
N GLY D 571 23.58 39.14 -20.21
CA GLY D 571 24.99 39.02 -19.84
C GLY D 571 25.50 40.00 -18.81
N ASP D 572 24.64 40.89 -18.33
CA ASP D 572 25.04 41.82 -17.28
C ASP D 572 24.97 41.18 -15.87
N ALA D 573 26.04 41.33 -15.09
CA ALA D 573 26.04 40.96 -13.67
C ALA D 573 24.92 41.65 -12.92
N VAL D 574 23.93 40.87 -12.54
CA VAL D 574 22.71 41.34 -11.90
C VAL D 574 22.70 41.04 -10.40
N LEU D 575 23.32 39.93 -10.02
CA LEU D 575 23.30 39.49 -8.64
C LEU D 575 24.60 38.81 -8.31
N VAL D 576 24.86 38.67 -7.02
CA VAL D 576 25.88 37.75 -6.57
C VAL D 576 25.28 36.89 -5.48
N ILE D 577 25.74 35.63 -5.45
CA ILE D 577 25.33 34.63 -4.48
C ILE D 577 26.52 33.93 -3.86
N GLU D 578 26.37 33.54 -2.60
CA GLU D 578 27.27 32.61 -1.94
C GLU D 578 26.67 31.20 -2.01
N ALA D 579 27.47 30.27 -2.55
CA ALA D 579 27.14 28.84 -2.59
C ALA D 579 28.42 28.02 -2.84
N MET D 580 28.52 26.88 -2.16
CA MET D 580 29.65 25.99 -2.33
C MET D 580 30.94 26.71 -1.98
N LYS D 581 30.96 27.36 -0.81
CA LYS D 581 32.18 27.99 -0.30
C LYS D 581 32.68 29.09 -1.27
N MET D 582 31.80 29.63 -2.11
CA MET D 582 32.21 30.70 -3.04
C MET D 582 31.07 31.68 -3.35
N GLU D 583 31.49 32.85 -3.85
CA GLU D 583 30.61 33.89 -4.32
C GLU D 583 30.71 33.98 -5.82
N ASN D 584 29.57 34.11 -6.50
CA ASN D 584 29.59 34.10 -7.96
C ASN D 584 28.39 34.83 -8.55
N GLU D 585 28.60 35.44 -9.71
CA GLU D 585 27.65 36.42 -10.21
C GLU D 585 26.66 35.85 -11.22
N ILE D 586 25.38 35.93 -10.87
CA ILE D 586 24.32 35.57 -11.78
C ILE D 586 24.14 36.68 -12.81
N GLN D 587 23.95 36.32 -14.07
CA GLN D 587 23.83 37.31 -15.13
C GLN D 587 22.52 37.19 -15.89
N ALA D 588 22.15 38.26 -16.59
CA ALA D 588 20.80 38.38 -17.15
C ALA D 588 20.56 37.43 -18.33
N SER D 589 19.52 36.62 -18.23
CA SER D 589 19.09 35.79 -19.35
C SER D 589 18.69 36.68 -20.52
N LYS D 590 17.88 37.71 -20.24
CA LYS D 590 17.25 38.54 -21.28
C LYS D 590 17.58 40.03 -21.19
N SER D 591 17.45 40.72 -22.33
CA SER D 591 17.61 42.18 -22.42
C SER D 591 16.30 42.92 -22.17
N GLY D 592 16.40 44.11 -21.59
CA GLY D 592 15.24 44.96 -21.36
C GLY D 592 15.26 45.65 -20.01
N VAL D 593 14.07 45.79 -19.41
CA VAL D 593 13.88 46.64 -18.23
C VAL D 593 13.68 45.83 -16.96
N VAL D 594 14.35 46.22 -15.88
CA VAL D 594 14.13 45.61 -14.57
C VAL D 594 12.80 46.10 -14.01
N VAL D 595 11.83 45.20 -13.86
CA VAL D 595 10.47 45.58 -13.50
C VAL D 595 10.28 45.50 -11.99
N ALA D 596 10.71 44.40 -11.40
CA ALA D 596 10.61 44.26 -9.96
C ALA D 596 11.94 43.79 -9.40
N ILE D 597 12.03 43.74 -8.08
CA ILE D 597 13.10 43.00 -7.41
C ILE D 597 12.57 42.41 -6.13
N ASN D 598 12.60 41.08 -6.05
CA ASN D 598 11.97 40.33 -4.98
C ASN D 598 13.01 39.80 -3.96
N VAL D 599 14.15 40.48 -3.87
CA VAL D 599 15.26 40.00 -3.09
C VAL D 599 16.09 41.17 -2.60
N LYS D 600 16.64 41.01 -1.40
CA LYS D 600 17.62 41.97 -0.86
C LYS D 600 18.86 41.21 -0.36
N LYS D 601 19.91 41.96 -0.07
CA LYS D 601 21.12 41.40 0.48
C LYS D 601 20.83 40.68 1.79
N GLY D 602 21.39 39.48 1.95
CA GLY D 602 21.20 38.68 3.16
C GLY D 602 20.24 37.51 3.00
N ASP D 603 19.30 37.64 2.07
CA ASP D 603 18.24 36.63 1.87
C ASP D 603 18.76 35.27 1.40
N SER D 604 18.11 34.19 1.86
CA SER D 604 18.40 32.82 1.41
C SER D 604 17.47 32.52 0.27
N VAL D 605 17.99 31.91 -0.79
CA VAL D 605 17.24 31.66 -2.01
C VAL D 605 17.16 30.19 -2.32
N THR D 606 16.10 29.80 -3.04
CA THR D 606 16.01 28.48 -3.65
C THR D 606 15.63 28.60 -5.12
N PRO D 607 15.98 27.58 -5.91
CA PRO D 607 15.89 27.72 -7.35
C PRO D 607 14.51 27.82 -7.94
N ASP D 608 13.45 27.57 -7.17
CA ASP D 608 12.11 27.75 -7.72
C ASP D 608 11.66 29.21 -7.56
N GLU D 609 12.39 29.98 -6.74
CA GLU D 609 12.06 31.38 -6.51
C GLU D 609 12.57 32.28 -7.64
N ALA D 610 11.77 33.29 -7.97
CA ALA D 610 12.09 34.32 -8.96
C ALA D 610 12.62 35.57 -8.26
N LEU D 611 13.89 35.90 -8.51
CA LEU D 611 14.67 36.83 -7.67
C LEU D 611 14.60 38.29 -8.14
N LEU D 612 14.50 38.48 -9.45
CA LEU D 612 14.03 39.72 -10.07
C LEU D 612 13.18 39.33 -11.21
N GLU D 613 12.54 40.33 -11.80
CA GLU D 613 11.88 40.17 -13.10
C GLU D 613 12.51 41.15 -14.11
N ILE D 614 12.50 40.80 -15.39
CA ILE D 614 12.98 41.69 -16.44
C ILE D 614 12.07 41.59 -17.66
N GLN D 615 11.67 42.74 -18.18
CA GLN D 615 10.78 42.77 -19.35
C GLN D 615 11.60 42.83 -20.62
N PRO D 616 11.38 41.88 -21.57
CA PRO D 616 12.20 41.82 -22.80
C PRO D 616 12.08 43.08 -23.69
N LYS E 3 15.24 -46.09 46.16
CA LYS E 3 14.55 -44.83 45.66
C LYS E 3 14.87 -44.59 44.17
N VAL E 4 13.83 -44.44 43.35
CA VAL E 4 13.94 -44.52 41.89
C VAL E 4 13.98 -43.16 41.20
N HIS E 5 14.90 -43.01 40.24
CA HIS E 5 15.04 -41.76 39.49
C HIS E 5 14.27 -41.91 38.17
N VAL E 6 13.81 -40.77 37.65
CA VAL E 6 12.92 -40.76 36.48
C VAL E 6 13.43 -39.83 35.40
N THR E 7 13.50 -40.35 34.19
CA THR E 7 13.88 -39.58 33.02
C THR E 7 12.62 -39.43 32.18
N ASP E 8 12.40 -38.22 31.66
CA ASP E 8 11.29 -37.96 30.77
C ASP E 8 11.81 -37.83 29.35
N VAL E 9 11.05 -38.40 28.44
CA VAL E 9 11.39 -38.50 27.03
C VAL E 9 10.44 -37.65 26.15
N VAL E 10 9.76 -36.65 26.73
CA VAL E 10 8.70 -35.95 25.97
C VAL E 10 9.35 -35.29 24.77
N LEU E 11 10.50 -34.63 24.99
CA LEU E 11 11.08 -33.74 23.98
C LEU E 11 11.75 -34.50 22.81
N ARG E 12 11.84 -35.83 22.93
CA ARG E 12 12.39 -36.66 21.85
C ARG E 12 11.49 -37.87 21.47
N ASP E 13 11.57 -38.98 22.23
CA ASP E 13 10.87 -40.24 21.87
C ASP E 13 9.34 -40.07 21.84
N GLY E 14 8.85 -39.16 22.69
CA GLY E 14 7.40 -38.93 22.83
C GLY E 14 6.74 -38.52 21.54
N HIS E 15 7.19 -37.39 20.99
CA HIS E 15 6.64 -36.95 19.72
C HIS E 15 7.17 -37.79 18.55
N GLN E 16 8.37 -38.35 18.68
CA GLN E 16 8.86 -39.28 17.66
C GLN E 16 7.93 -40.47 17.51
N SER E 17 7.44 -41.00 18.64
CA SER E 17 6.59 -42.19 18.64
C SER E 17 5.13 -41.92 18.23
N LEU E 18 4.61 -40.73 18.51
CA LEU E 18 3.17 -40.44 18.32
C LEU E 18 2.81 -39.44 17.24
N ILE E 19 3.73 -38.54 16.89
CA ILE E 19 3.45 -37.57 15.83
C ILE E 19 4.61 -37.40 14.86
N ALA E 20 5.29 -38.50 14.54
CA ALA E 20 6.27 -38.53 13.46
C ALA E 20 7.38 -37.48 13.62
N THR E 21 7.81 -37.25 14.86
CA THR E 21 8.98 -36.40 15.15
C THR E 21 8.83 -34.95 14.73
N ARG E 22 7.60 -34.49 14.61
CA ARG E 22 7.32 -33.18 14.01
C ARG E 22 7.22 -32.01 15.00
N MET E 23 7.48 -32.25 16.28
CA MET E 23 7.34 -31.18 17.27
C MET E 23 8.38 -30.08 17.05
N ARG E 24 7.92 -28.84 16.94
CA ARG E 24 8.81 -27.67 16.83
C ARG E 24 9.51 -27.38 18.15
N THR E 25 10.70 -26.79 18.08
CA THR E 25 11.40 -26.33 19.29
C THR E 25 10.63 -25.18 19.95
N ASP E 26 9.95 -24.37 19.13
CA ASP E 26 9.13 -23.24 19.61
C ASP E 26 8.04 -23.69 20.58
N ASP E 27 7.49 -24.88 20.37
CA ASP E 27 6.50 -25.45 21.26
C ASP E 27 7.14 -26.12 22.48
N MET E 28 8.48 -26.14 22.57
CA MET E 28 9.17 -26.79 23.69
C MET E 28 9.68 -25.83 24.76
N LEU E 29 9.98 -24.59 24.39
CA LEU E 29 10.67 -23.68 25.30
C LEU E 29 9.80 -23.06 26.40
N PRO E 30 8.58 -22.58 26.05
CA PRO E 30 7.69 -22.01 27.07
C PRO E 30 7.60 -22.81 28.37
N ILE E 31 7.55 -24.14 28.28
CA ILE E 31 7.36 -24.99 29.47
C ILE E 31 8.71 -25.62 30.00
N CYS E 32 9.84 -25.10 29.52
CA CYS E 32 11.14 -25.64 29.94
C CYS E 32 11.50 -25.34 31.38
N SER E 33 11.20 -24.14 31.85
CA SER E 33 11.50 -23.78 33.25
C SER E 33 10.81 -24.71 34.25
N LYS E 34 9.60 -25.17 33.91
CA LYS E 34 8.91 -26.16 34.74
C LYS E 34 9.56 -27.55 34.64
N LEU E 35 9.89 -27.99 33.44
CA LEU E 35 10.59 -29.28 33.26
C LEU E 35 11.86 -29.30 34.08
N ASP E 36 12.52 -28.15 34.11
CA ASP E 36 13.75 -27.97 34.85
C ASP E 36 13.53 -28.07 36.36
N ALA E 37 12.36 -27.62 36.82
CA ALA E 37 12.01 -27.56 38.26
C ALA E 37 11.67 -28.91 38.87
N VAL E 38 10.99 -29.78 38.12
CA VAL E 38 10.79 -31.18 38.52
C VAL E 38 12.17 -31.76 38.80
N GLY E 39 12.25 -32.78 39.65
CA GLY E 39 13.54 -33.44 39.90
C GLY E 39 13.89 -34.55 38.91
N TYR E 40 13.82 -34.28 37.61
CA TYR E 40 14.09 -35.34 36.63
C TYR E 40 15.55 -35.78 36.72
N TRP E 41 15.80 -37.08 36.60
CA TRP E 41 17.18 -37.55 36.55
C TRP E 41 17.89 -36.98 35.34
N SER E 42 17.20 -37.02 34.20
CA SER E 42 17.66 -36.40 32.95
C SER E 42 16.47 -36.17 32.01
N LEU E 43 16.65 -35.33 31.01
CA LEU E 43 15.62 -35.10 29.98
C LEU E 43 16.16 -35.54 28.62
N GLU E 44 15.39 -36.31 27.87
CA GLU E 44 15.83 -36.80 26.57
C GLU E 44 15.43 -35.77 25.53
N ALA E 45 16.39 -34.97 25.10
CA ALA E 45 16.13 -33.75 24.32
C ALA E 45 16.51 -33.84 22.84
N TRP E 46 17.55 -34.61 22.56
CA TRP E 46 18.19 -34.59 21.24
C TRP E 46 18.51 -36.03 20.85
N GLY E 47 18.79 -36.25 19.57
CA GLY E 47 19.17 -37.59 19.10
C GLY E 47 18.07 -38.30 18.36
N GLY E 48 18.26 -39.61 18.18
CA GLY E 48 17.33 -40.43 17.41
C GLY E 48 17.02 -39.77 16.08
N ALA E 49 15.72 -39.74 15.75
CA ALA E 49 15.25 -39.22 14.47
C ALA E 49 15.12 -37.70 14.42
N THR E 50 15.42 -37.01 15.51
CA THR E 50 15.18 -35.57 15.57
C THR E 50 16.13 -34.80 14.65
N PHE E 51 17.38 -35.26 14.59
CA PHE E 51 18.39 -34.66 13.69
C PHE E 51 17.86 -34.63 12.26
N ASP E 52 17.42 -35.79 11.76
CA ASP E 52 16.85 -35.89 10.42
C ASP E 52 15.60 -35.00 10.28
N ALA E 53 14.63 -35.20 11.16
CA ALA E 53 13.36 -34.49 11.10
C ALA E 53 13.48 -32.96 11.14
N CYS E 54 14.36 -32.45 12.00
CA CYS E 54 14.60 -31.01 12.12
C CYS E 54 15.00 -30.42 10.78
N VAL E 55 15.85 -31.13 10.07
CA VAL E 55 16.34 -30.66 8.79
C VAL E 55 15.30 -30.95 7.71
N ARG E 56 14.96 -32.22 7.54
CA ARG E 56 14.06 -32.62 6.45
C ARG E 56 12.78 -31.79 6.37
N TYR E 57 12.10 -31.69 7.50
CA TYR E 57 10.71 -31.23 7.52
C TYR E 57 10.49 -29.90 8.20
N LEU E 58 11.15 -29.72 9.34
CA LEU E 58 11.00 -28.48 10.10
C LEU E 58 11.87 -27.37 9.54
N ARG E 59 12.88 -27.75 8.78
CA ARG E 59 13.79 -26.77 8.22
C ARG E 59 14.43 -25.96 9.36
N GLU E 60 14.80 -26.63 10.45
CA GLU E 60 15.57 -25.98 11.51
C GLU E 60 16.90 -26.71 11.71
N ASP E 61 17.91 -25.96 12.17
CA ASP E 61 19.23 -26.53 12.39
C ASP E 61 19.22 -27.26 13.73
N PRO E 62 19.39 -28.61 13.72
CA PRO E 62 19.33 -29.37 14.98
C PRO E 62 20.41 -28.98 16.00
N TRP E 63 21.51 -28.39 15.54
CA TRP E 63 22.52 -27.86 16.46
C TRP E 63 21.89 -26.71 17.26
N GLU E 64 21.03 -25.92 16.62
CA GLU E 64 20.33 -24.83 17.32
C GLU E 64 19.38 -25.32 18.38
N ARG E 65 18.54 -26.30 18.04
CA ARG E 65 17.67 -26.91 19.01
C ARG E 65 18.46 -27.29 20.26
N LEU E 66 19.59 -27.96 20.10
CA LEU E 66 20.40 -28.36 21.25
C LEU E 66 20.89 -27.16 22.07
N LYS E 67 21.32 -26.11 21.38
CA LYS E 67 21.74 -24.89 22.06
C LYS E 67 20.64 -24.27 22.89
N LYS E 68 19.47 -24.08 22.27
CA LYS E 68 18.34 -23.46 22.96
C LYS E 68 17.84 -24.28 24.14
N LEU E 69 17.69 -25.59 23.94
CA LEU E 69 17.30 -26.50 25.01
C LEU E 69 18.30 -26.51 26.15
N ARG E 70 19.59 -26.44 25.81
CA ARG E 70 20.63 -26.37 26.84
C ARG E 70 20.52 -25.10 27.69
N LYS E 71 20.13 -24.00 27.06
CA LYS E 71 20.04 -22.71 27.74
C LYS E 71 18.77 -22.62 28.59
N ALA E 72 17.71 -23.29 28.16
CA ALA E 72 16.41 -23.25 28.83
C ALA E 72 16.21 -24.38 29.85
N LEU E 73 17.18 -25.28 29.97
CA LEU E 73 17.11 -26.37 30.95
C LEU E 73 18.42 -26.49 31.75
N PRO E 74 18.92 -25.36 32.31
CA PRO E 74 20.23 -25.27 32.96
C PRO E 74 20.51 -26.33 34.01
N ASN E 75 19.55 -26.57 34.90
CA ASN E 75 19.77 -27.45 36.05
C ASN E 75 19.63 -28.94 35.72
N SER E 76 18.92 -29.24 34.63
CA SER E 76 18.67 -30.63 34.24
C SER E 76 19.79 -31.16 33.37
N ARG E 77 20.13 -32.44 33.50
CA ARG E 77 21.10 -33.05 32.59
C ARG E 77 20.40 -33.55 31.32
N LEU E 78 20.84 -33.04 30.16
CA LEU E 78 20.30 -33.45 28.86
C LEU E 78 20.85 -34.80 28.38
N GLN E 79 19.99 -35.59 27.76
CA GLN E 79 20.32 -36.94 27.34
C GLN E 79 20.02 -37.09 25.86
N MET E 80 20.92 -37.79 25.16
CA MET E 80 20.73 -38.04 23.74
C MET E 80 20.78 -39.53 23.46
N LEU E 81 20.15 -39.94 22.35
CA LEU E 81 20.21 -41.33 21.88
C LEU E 81 21.07 -41.39 20.63
N LEU E 82 22.12 -42.22 20.66
CA LEU E 82 23.05 -42.37 19.54
C LEU E 82 23.20 -43.83 19.13
N ARG E 83 23.21 -44.08 17.84
CA ARG E 83 23.20 -45.44 17.28
C ARG E 83 24.64 -45.94 17.03
N GLY E 84 25.55 -45.77 18.00
CA GLY E 84 26.97 -46.16 17.86
C GLY E 84 27.60 -45.60 16.59
N GLN E 85 28.38 -46.42 15.87
CA GLN E 85 28.98 -45.99 14.60
C GLN E 85 27.99 -45.41 13.61
N ASN E 86 26.73 -45.83 13.74
CA ASN E 86 25.66 -45.31 12.90
C ASN E 86 25.24 -43.89 13.28
N LEU E 87 25.60 -43.46 14.49
CA LEU E 87 25.35 -42.10 14.96
C LEU E 87 23.84 -41.76 14.97
N LEU E 88 23.46 -40.71 14.25
CA LEU E 88 22.04 -40.43 13.99
C LEU E 88 21.77 -40.55 12.48
N GLY E 89 22.29 -41.62 11.88
CA GLY E 89 22.07 -41.90 10.46
C GLY E 89 21.71 -43.36 10.24
N TYR E 90 21.90 -43.84 9.01
CA TYR E 90 21.48 -45.21 8.61
C TYR E 90 22.66 -46.14 8.27
N ARG E 91 23.89 -45.61 8.31
CA ARG E 91 25.09 -46.35 7.93
C ARG E 91 26.19 -46.12 8.97
N HIS E 92 27.27 -46.89 8.88
CA HIS E 92 28.42 -46.69 9.77
C HIS E 92 29.25 -45.50 9.32
N TYR E 93 29.79 -44.75 10.28
CA TYR E 93 30.63 -43.59 9.99
C TYR E 93 32.06 -43.85 10.44
N SER E 94 33.01 -43.22 9.78
CA SER E 94 34.42 -43.40 10.11
C SER E 94 34.70 -42.90 11.53
N ASP E 95 35.71 -43.49 12.16
CA ASP E 95 36.02 -43.24 13.57
C ASP E 95 36.29 -41.75 13.87
N ASP E 96 36.88 -41.04 12.91
CA ASP E 96 37.19 -39.62 13.12
C ASP E 96 35.94 -38.72 13.15
N VAL E 97 34.85 -39.18 12.51
CA VAL E 97 33.57 -38.47 12.52
C VAL E 97 32.78 -38.73 13.81
N VAL E 98 32.78 -39.99 14.27
CA VAL E 98 32.22 -40.33 15.59
C VAL E 98 32.87 -39.49 16.68
N ARG E 99 34.19 -39.51 16.77
CA ARG E 99 34.89 -38.68 17.75
C ARG E 99 34.50 -37.22 17.64
N ALA E 100 34.45 -36.69 16.41
CA ALA E 100 34.14 -35.27 16.19
C ALA E 100 32.71 -34.97 16.61
N PHE E 101 31.79 -35.87 16.28
CA PHE E 101 30.39 -35.68 16.60
C PHE E 101 30.20 -35.61 18.12
N VAL E 102 30.61 -36.66 18.80
CA VAL E 102 30.47 -36.70 20.26
C VAL E 102 31.14 -35.48 20.92
N GLN E 103 32.27 -35.02 20.37
CA GLN E 103 32.94 -33.81 20.85
C GLN E 103 32.02 -32.61 20.75
N LYS E 104 31.31 -32.49 19.63
CA LYS E 104 30.46 -31.33 19.39
C LYS E 104 29.15 -31.41 20.16
N SER E 105 28.60 -32.63 20.26
CA SER E 105 27.40 -32.85 21.08
C SER E 105 27.68 -32.49 22.53
N ALA E 106 28.81 -32.95 23.05
CA ALA E 106 29.22 -32.67 24.43
C ALA E 106 29.42 -31.17 24.65
N ASP E 107 30.26 -30.57 23.80
CA ASP E 107 30.54 -29.13 23.84
C ASP E 107 29.29 -28.28 23.91
N ASN E 108 28.28 -28.66 23.13
CA ASN E 108 27.07 -27.85 22.97
C ASN E 108 25.95 -28.16 23.96
N GLY E 109 26.14 -29.14 24.83
CA GLY E 109 25.14 -29.38 25.86
C GLY E 109 24.99 -30.78 26.42
N ILE E 110 25.14 -31.81 25.59
CA ILE E 110 24.76 -33.17 26.02
C ILE E 110 25.60 -33.64 27.23
N ASP E 111 24.92 -34.28 28.19
CA ASP E 111 25.52 -34.75 29.46
C ASP E 111 25.55 -36.27 29.54
N VAL E 112 24.47 -36.89 29.09
CA VAL E 112 24.34 -38.35 29.11
C VAL E 112 24.19 -38.85 27.68
N PHE E 113 24.94 -39.89 27.33
CA PHE E 113 24.92 -40.47 25.99
C PHE E 113 24.48 -41.93 26.03
N ARG E 114 23.23 -42.17 25.61
CA ARG E 114 22.70 -43.52 25.49
C ARG E 114 23.13 -44.08 24.15
N ILE E 115 24.01 -45.08 24.18
CA ILE E 115 24.59 -45.66 22.97
C ILE E 115 24.15 -47.12 22.84
N PHE E 116 23.54 -47.44 21.70
CA PHE E 116 23.05 -48.79 21.39
C PHE E 116 23.41 -49.11 19.96
N ASP E 117 23.42 -50.40 19.64
CA ASP E 117 23.62 -50.87 18.23
C ASP E 117 22.56 -51.92 17.89
N ALA E 118 21.80 -51.69 16.82
CA ALA E 118 20.74 -52.61 16.37
C ALA E 118 21.11 -54.07 16.57
N MET E 119 22.23 -54.49 15.98
CA MET E 119 22.67 -55.89 16.00
C MET E 119 23.13 -56.36 17.39
N ASN E 120 23.35 -55.42 18.29
CA ASN E 120 23.99 -55.68 19.59
C ASN E 120 25.47 -56.06 19.46
N ASP E 121 26.06 -55.78 18.30
CA ASP E 121 27.48 -56.07 18.08
C ASP E 121 28.26 -54.96 18.77
N LEU E 122 28.61 -55.19 20.04
CA LEU E 122 29.23 -54.17 20.90
C LEU E 122 30.59 -53.62 20.40
N ARG E 123 31.21 -54.30 19.44
CA ARG E 123 32.40 -53.76 18.74
C ARG E 123 32.08 -52.39 18.14
N ASN E 124 30.84 -52.24 17.67
CA ASN E 124 30.36 -51.00 17.05
C ASN E 124 30.16 -49.80 18.01
N LEU E 125 30.05 -50.07 19.32
CA LEU E 125 29.86 -49.01 20.29
C LEU E 125 31.18 -48.44 20.84
N LYS E 126 32.24 -49.24 20.80
CA LYS E 126 33.46 -48.95 21.56
C LYS E 126 34.04 -47.54 21.35
N VAL E 127 34.21 -47.14 20.09
CA VAL E 127 34.72 -45.80 19.78
C VAL E 127 33.85 -44.69 20.39
N SER E 128 32.53 -44.82 20.26
CA SER E 128 31.59 -43.87 20.88
C SER E 128 31.82 -43.79 22.39
N ILE E 129 31.85 -44.96 23.04
CA ILE E 129 31.96 -45.03 24.50
C ILE E 129 33.29 -44.46 25.01
N GLU E 130 34.38 -44.78 24.33
CA GLU E 130 35.69 -44.24 24.68
C GLU E 130 35.72 -42.72 24.44
N SER E 131 35.08 -42.27 23.34
CA SER E 131 34.97 -40.83 23.03
C SER E 131 34.12 -40.07 24.04
N VAL E 132 33.09 -40.72 24.58
CA VAL E 132 32.24 -40.10 25.60
C VAL E 132 33.01 -40.02 26.92
N LYS E 133 33.68 -41.10 27.27
CA LYS E 133 34.56 -41.09 28.44
C LYS E 133 35.65 -40.04 28.28
N ALA E 134 36.25 -40.01 27.09
CA ALA E 134 37.32 -39.08 26.80
C ALA E 134 36.93 -37.63 27.08
N VAL E 135 35.70 -37.26 26.71
CA VAL E 135 35.24 -35.87 26.87
C VAL E 135 34.73 -35.59 28.30
N GLY E 136 34.71 -36.61 29.15
CA GLY E 136 34.35 -36.45 30.55
C GLY E 136 32.84 -36.41 30.79
N LYS E 137 32.10 -37.23 30.05
CA LYS E 137 30.65 -37.24 30.12
C LYS E 137 30.13 -38.65 30.41
N HIS E 138 28.82 -38.76 30.59
CA HIS E 138 28.19 -39.99 31.05
C HIS E 138 27.86 -40.92 29.89
N ALA E 139 28.42 -42.13 29.92
CA ALA E 139 28.21 -43.11 28.88
C ALA E 139 27.26 -44.19 29.37
N GLU E 140 26.08 -44.27 28.75
CA GLU E 140 25.10 -45.27 29.11
C GLU E 140 25.02 -46.32 28.00
N GLY E 141 25.62 -47.48 28.26
CA GLY E 141 25.67 -48.54 27.26
C GLY E 141 24.37 -49.33 27.25
N THR E 142 23.90 -49.65 26.05
CA THR E 142 22.53 -50.13 25.88
C THR E 142 22.41 -51.53 25.27
N ILE E 143 21.76 -52.41 26.02
CA ILE E 143 21.29 -53.70 25.51
C ILE E 143 19.99 -53.43 24.78
N SER E 144 19.94 -53.65 23.48
CA SER E 144 18.68 -53.46 22.76
C SER E 144 17.92 -54.77 22.73
N TYR E 145 16.91 -54.88 23.61
CA TYR E 145 16.20 -56.14 23.88
C TYR E 145 15.36 -56.67 22.72
N THR E 146 15.29 -57.99 22.63
CA THR E 146 14.50 -58.67 21.61
C THR E 146 14.24 -60.13 22.02
N THR E 147 13.43 -60.86 21.26
CA THR E 147 13.15 -62.27 21.54
C THR E 147 13.24 -63.06 20.25
N SER E 148 13.79 -64.26 20.36
CA SER E 148 13.98 -65.18 19.24
C SER E 148 14.57 -66.44 19.84
N PRO E 149 14.64 -67.52 19.04
CA PRO E 149 15.28 -68.75 19.52
C PRO E 149 16.68 -68.55 20.11
N VAL E 150 17.41 -67.56 19.60
CA VAL E 150 18.78 -67.29 20.04
C VAL E 150 18.90 -66.46 21.34
N HIS E 151 17.92 -65.59 21.63
CA HIS E 151 18.04 -64.72 22.82
C HIS E 151 17.52 -65.32 24.12
N ASP E 152 18.19 -64.95 25.22
CA ASP E 152 17.83 -65.37 26.57
C ASP E 152 18.52 -64.44 27.57
N ILE E 153 18.21 -64.60 28.86
CA ILE E 153 18.79 -63.74 29.88
C ILE E 153 20.32 -63.71 29.87
N PRO E 154 20.98 -64.89 29.94
CA PRO E 154 22.46 -64.87 29.95
C PRO E 154 23.08 -64.14 28.75
N TYR E 155 22.50 -64.31 27.55
CA TYR E 155 22.96 -63.59 26.35
C TYR E 155 23.04 -62.09 26.60
N PHE E 156 22.02 -61.53 27.27
CA PHE E 156 21.99 -60.10 27.58
C PHE E 156 22.95 -59.71 28.71
N VAL E 157 23.02 -60.53 29.77
CA VAL E 157 23.93 -60.23 30.89
C VAL E 157 25.40 -60.32 30.43
N ASN E 158 25.69 -61.26 29.53
CA ASN E 158 27.01 -61.31 28.89
C ASN E 158 27.34 -59.99 28.18
N LEU E 159 26.39 -59.45 27.41
CA LEU E 159 26.57 -58.14 26.76
C LEU E 159 26.72 -57.00 27.77
N ALA E 160 26.04 -57.12 28.91
CA ALA E 160 26.10 -56.09 29.94
C ALA E 160 27.46 -56.08 30.58
N LYS E 161 28.02 -57.27 30.81
CA LYS E 161 29.37 -57.38 31.37
C LYS E 161 30.43 -56.74 30.50
N GLU E 162 30.44 -57.09 29.21
CA GLU E 162 31.37 -56.47 28.25
C GLU E 162 31.26 -54.94 28.32
N LEU E 163 30.02 -54.44 28.29
CA LEU E 163 29.75 -52.99 28.36
C LEU E 163 30.24 -52.33 29.68
N GLU E 164 30.22 -53.08 30.79
CA GLU E 164 30.84 -52.59 32.04
C GLU E 164 32.34 -52.54 31.81
N SER E 165 32.88 -53.58 31.18
CA SER E 165 34.33 -53.68 30.92
C SER E 165 34.84 -52.55 30.03
N PHE E 166 34.01 -52.02 29.15
CA PHE E 166 34.38 -50.86 28.31
C PHE E 166 34.40 -49.56 29.12
N GLY E 167 33.86 -49.58 30.34
CA GLY E 167 33.91 -48.43 31.26
C GLY E 167 32.64 -47.58 31.29
N CYS E 168 31.49 -48.22 31.24
CA CYS E 168 30.20 -47.51 31.22
C CYS E 168 29.74 -47.12 32.63
N ASP E 169 29.14 -45.94 32.75
CA ASP E 169 28.60 -45.47 34.03
C ASP E 169 27.25 -46.13 34.36
N THR E 170 26.42 -46.36 33.34
CA THR E 170 25.14 -47.07 33.51
C THR E 170 24.85 -48.01 32.34
N ILE E 171 24.01 -49.01 32.60
CA ILE E 171 23.57 -49.96 31.57
C ILE E 171 22.07 -49.75 31.34
N ALA E 172 21.65 -49.76 30.07
CA ALA E 172 20.27 -49.45 29.70
C ALA E 172 19.63 -50.64 29.00
N ILE E 173 18.40 -51.00 29.40
CA ILE E 173 17.60 -51.99 28.69
C ILE E 173 16.61 -51.25 27.81
N LYS E 174 16.76 -51.40 26.49
CA LYS E 174 15.95 -50.66 25.53
C LYS E 174 14.98 -51.61 24.85
N ASP E 175 13.75 -51.64 25.32
CA ASP E 175 12.74 -52.45 24.69
C ASP E 175 11.96 -51.64 23.65
N MET E 176 12.53 -51.49 22.47
CA MET E 176 11.99 -50.61 21.43
C MET E 176 10.60 -51.05 20.96
N ALA E 177 10.39 -52.35 20.88
CA ALA E 177 9.17 -52.92 20.34
C ALA E 177 8.21 -53.47 21.39
N SER E 178 8.44 -53.21 22.68
CA SER E 178 7.50 -53.63 23.73
C SER E 178 7.36 -55.16 23.76
N LEU E 179 8.49 -55.86 23.85
CA LEU E 179 8.53 -57.32 23.86
C LEU E 179 8.74 -57.93 25.25
N LEU E 180 9.16 -57.12 26.21
CA LEU E 180 9.30 -57.58 27.59
C LEU E 180 7.97 -57.97 28.19
N THR E 181 7.94 -59.14 28.84
CA THR E 181 6.83 -59.54 29.70
C THR E 181 7.28 -59.24 31.11
N PRO E 182 6.35 -59.00 32.03
CA PRO E 182 6.80 -58.61 33.37
C PRO E 182 7.64 -59.70 34.06
N GLN E 183 7.34 -60.97 33.78
CA GLN E 183 8.10 -62.08 34.36
C GLN E 183 9.57 -62.03 33.96
N VAL E 184 9.81 -61.92 32.65
CA VAL E 184 11.16 -61.80 32.11
C VAL E 184 11.90 -60.58 32.67
N THR E 185 11.21 -59.44 32.83
CA THR E 185 11.87 -58.19 33.30
C THR E 185 12.39 -58.33 34.73
N GLY E 186 11.68 -59.11 35.55
CA GLY E 186 12.13 -59.36 36.92
C GLY E 186 13.40 -60.19 36.96
N ASP E 187 13.37 -61.33 36.25
CA ASP E 187 14.52 -62.24 36.14
C ASP E 187 15.72 -61.57 35.49
N LEU E 188 15.49 -60.85 34.39
CA LEU E 188 16.56 -60.21 33.63
C LEU E 188 17.26 -59.11 34.46
N VAL E 189 16.49 -58.29 35.19
CA VAL E 189 17.08 -57.25 36.04
C VAL E 189 17.79 -57.84 37.27
N LYS E 190 17.27 -58.95 37.79
CA LYS E 190 17.96 -59.67 38.86
C LYS E 190 19.30 -60.16 38.32
N ALA E 191 19.26 -60.97 37.27
CA ALA E 191 20.46 -61.53 36.64
C ALA E 191 21.49 -60.47 36.19
N LEU E 192 21.05 -59.23 35.97
CA LEU E 192 21.93 -58.12 35.64
C LEU E 192 22.52 -57.43 36.88
N ARG E 193 21.78 -57.43 37.97
CA ARG E 193 22.28 -56.83 39.21
C ARG E 193 23.37 -57.68 39.86
N GLU E 194 23.32 -59.00 39.64
CA GLU E 194 24.38 -59.90 40.09
C GLU E 194 25.63 -59.79 39.22
N ALA E 195 25.43 -59.72 37.90
CA ALA E 195 26.52 -59.72 36.92
C ALA E 195 27.24 -58.39 36.73
N VAL E 196 26.62 -57.28 37.16
CA VAL E 196 27.17 -55.93 36.94
C VAL E 196 27.00 -55.04 38.17
N SER E 197 27.94 -54.12 38.36
CA SER E 197 27.93 -53.23 39.52
C SER E 197 27.33 -51.86 39.20
N LEU E 198 26.78 -51.71 37.99
CA LEU E 198 26.30 -50.41 37.50
C LEU E 198 24.81 -50.25 37.75
N PRO E 199 24.36 -48.98 37.93
CA PRO E 199 22.92 -48.75 37.96
C PRO E 199 22.28 -49.06 36.59
N ILE E 200 21.03 -49.52 36.62
CA ILE E 200 20.33 -49.94 35.41
C ILE E 200 19.20 -48.98 35.06
N HIS E 201 19.01 -48.80 33.76
CA HIS E 201 18.06 -47.83 33.20
C HIS E 201 17.06 -48.62 32.36
N LEU E 202 15.79 -48.60 32.74
CA LEU E 202 14.75 -49.29 31.98
C LEU E 202 14.04 -48.35 31.02
N HIS E 203 13.92 -48.75 29.76
CA HIS E 203 13.25 -47.95 28.73
C HIS E 203 12.31 -48.90 28.02
N ALA E 204 11.05 -48.92 28.47
CA ALA E 204 10.07 -49.88 27.98
C ALA E 204 8.88 -49.22 27.28
N HIS E 205 8.87 -49.25 25.95
CA HIS E 205 7.71 -48.77 25.20
C HIS E 205 6.45 -49.56 25.59
N ALA E 206 5.30 -48.91 25.44
CA ALA E 206 4.05 -49.38 26.02
C ALA E 206 3.13 -50.17 25.06
N THR E 207 3.53 -50.36 23.80
CA THR E 207 2.60 -50.85 22.76
C THR E 207 1.81 -52.12 23.10
N SER E 208 2.40 -53.04 23.85
CA SER E 208 1.77 -54.32 24.16
C SER E 208 0.89 -54.30 25.42
N GLY E 209 1.01 -53.25 26.23
CA GLY E 209 0.25 -53.13 27.47
C GLY E 209 1.00 -53.59 28.70
N LEU E 210 2.19 -54.17 28.51
CA LEU E 210 2.93 -54.79 29.63
C LEU E 210 3.98 -53.89 30.25
N ALA E 211 4.26 -52.74 29.65
CA ALA E 211 5.38 -51.89 30.06
C ALA E 211 5.28 -51.41 31.50
N SER E 212 4.06 -51.13 31.94
CA SER E 212 3.80 -50.66 33.31
C SER E 212 3.97 -51.81 34.30
N MET E 213 3.52 -53.00 33.92
CA MET E 213 3.72 -54.21 34.74
C MET E 213 5.21 -54.57 34.77
N SER E 214 5.86 -54.45 33.62
CA SER E 214 7.31 -54.67 33.50
C SER E 214 8.15 -53.73 34.36
N ILE E 215 7.78 -52.45 34.39
CA ILE E 215 8.45 -51.49 35.28
C ILE E 215 8.30 -51.89 36.76
N GLN E 216 7.11 -52.35 37.15
CA GLN E 216 6.88 -52.77 38.55
C GLN E 216 7.88 -53.87 38.96
N ARG E 217 7.94 -54.95 38.18
CA ARG E 217 8.87 -56.06 38.43
C ARG E 217 10.33 -55.60 38.46
N ALA E 218 10.65 -54.61 37.63
CA ALA E 218 11.99 -54.06 37.58
C ALA E 218 12.37 -53.32 38.88
N VAL E 219 11.52 -52.38 39.33
CA VAL E 219 11.83 -51.64 40.58
C VAL E 219 11.85 -52.57 41.80
N ASP E 220 10.98 -53.59 41.81
CA ASP E 220 11.06 -54.66 42.81
C ASP E 220 12.44 -55.30 42.86
N ASN E 221 13.00 -55.61 41.69
CA ASN E 221 14.31 -56.26 41.59
C ASN E 221 15.47 -55.28 41.41
N GLY E 222 15.33 -54.06 41.92
CA GLY E 222 16.47 -53.17 42.11
C GLY E 222 16.88 -52.25 40.97
N VAL E 223 16.01 -52.04 39.98
CA VAL E 223 16.31 -51.06 38.92
C VAL E 223 16.40 -49.66 39.53
N ALA E 224 17.31 -48.85 39.00
CA ALA E 224 17.65 -47.56 39.57
C ALA E 224 16.95 -46.39 38.88
N ILE E 225 16.91 -46.43 37.55
CA ILE E 225 16.32 -45.36 36.74
C ILE E 225 15.27 -45.88 35.76
N VAL E 226 14.18 -45.14 35.61
CA VAL E 226 13.08 -45.55 34.76
C VAL E 226 12.65 -44.43 33.83
N ASP E 227 12.39 -44.76 32.57
CA ASP E 227 11.90 -43.78 31.62
C ASP E 227 10.39 -43.75 31.58
N GLY E 228 9.85 -42.54 31.57
CA GLY E 228 8.44 -42.33 31.29
C GLY E 228 8.28 -41.14 30.36
N CYS E 229 7.07 -40.96 29.87
CA CYS E 229 6.72 -39.80 29.07
C CYS E 229 5.59 -39.03 29.77
N ILE E 230 5.61 -37.70 29.67
CA ILE E 230 4.55 -36.90 30.27
C ILE E 230 3.21 -37.39 29.69
N SER E 231 2.16 -37.40 30.53
CA SER E 231 0.94 -38.14 30.21
C SER E 231 0.27 -37.74 28.88
N SER E 232 0.39 -36.48 28.45
CA SER E 232 -0.29 -36.08 27.21
C SER E 232 0.33 -36.76 25.97
N PHE E 233 1.57 -37.26 26.08
CA PHE E 233 2.24 -37.99 25.00
C PHE E 233 2.59 -39.42 25.41
N ALA E 234 1.92 -39.94 26.42
CA ALA E 234 2.32 -41.23 26.99
C ALA E 234 1.52 -42.33 26.35
N GLU E 235 1.92 -43.57 26.64
CA GLU E 235 1.13 -44.78 26.36
C GLU E 235 1.17 -45.18 24.90
N GLY E 236 0.83 -46.44 24.64
CA GLY E 236 0.77 -46.96 23.28
C GLY E 236 2.15 -47.09 22.68
N ALA E 237 2.35 -46.46 21.52
CA ALA E 237 3.66 -46.50 20.88
C ALA E 237 4.71 -45.72 21.67
N SER E 238 4.28 -44.92 22.64
CA SER E 238 5.19 -44.16 23.49
C SER E 238 5.64 -44.96 24.71
N LEU E 239 5.93 -44.26 25.81
CA LEU E 239 6.29 -44.90 27.08
C LEU E 239 5.19 -44.70 28.13
N PRO E 240 5.26 -45.44 29.24
CA PRO E 240 4.35 -45.20 30.36
C PRO E 240 4.36 -43.77 30.88
N ALA E 241 3.20 -43.31 31.35
CA ALA E 241 3.02 -41.94 31.80
C ALA E 241 3.90 -41.65 33.00
N THR E 242 4.66 -40.56 32.94
CA THR E 242 5.52 -40.14 34.02
C THR E 242 4.72 -39.97 35.32
N THR E 252 5.99 -45.95 49.03
CA THR E 252 6.89 -47.12 48.97
C THR E 252 8.33 -46.74 49.30
N GLU E 253 9.18 -47.74 49.52
CA GLU E 253 10.61 -47.50 49.67
C GLU E 253 11.26 -46.92 48.42
N TYR E 254 10.57 -47.04 47.28
CA TYR E 254 11.08 -46.50 46.01
C TYR E 254 10.57 -45.08 45.70
N ASP E 255 9.74 -44.51 46.58
CA ASP E 255 9.17 -43.17 46.36
C ASP E 255 10.14 -42.27 45.60
N THR E 256 9.71 -41.80 44.44
CA THR E 256 10.45 -40.80 43.68
C THR E 256 9.94 -39.48 44.22
N GLY E 257 10.81 -38.52 44.45
CA GLY E 257 10.38 -37.35 45.22
C GLY E 257 9.57 -36.33 44.44
N LEU E 258 8.76 -36.79 43.49
CA LEU E 258 8.30 -35.93 42.39
C LEU E 258 6.93 -35.30 42.65
N ASP E 259 6.80 -34.01 42.32
CA ASP E 259 5.58 -33.23 42.54
C ASP E 259 4.55 -33.49 41.43
N ILE E 260 3.66 -34.44 41.65
CA ILE E 260 2.73 -34.89 40.61
C ILE E 260 1.82 -33.77 40.07
N GLY E 261 1.62 -32.69 40.82
CA GLY E 261 0.83 -31.56 40.35
C GLY E 261 1.59 -30.69 39.35
N LEU E 262 2.88 -30.50 39.59
CA LEU E 262 3.74 -29.80 38.61
C LEU E 262 3.74 -30.58 37.31
N LEU E 263 3.99 -31.89 37.42
CA LEU E 263 3.89 -32.78 36.26
C LEU E 263 2.58 -32.58 35.50
N GLN E 264 1.45 -32.55 36.21
CA GLN E 264 0.16 -32.42 35.49
C GLN E 264 0.11 -31.09 34.78
N GLU E 265 0.64 -30.02 35.39
CA GLU E 265 0.65 -28.69 34.79
C GLU E 265 1.36 -28.72 33.44
N ILE E 266 2.50 -29.42 33.43
CA ILE E 266 3.28 -29.53 32.19
C ILE E 266 2.60 -30.50 31.21
N SER E 267 2.05 -31.63 31.68
CA SER E 267 1.19 -32.46 30.83
C SER E 267 0.07 -31.66 30.11
N ALA E 268 -0.63 -30.80 30.85
CA ALA E 268 -1.70 -29.99 30.25
C ALA E 268 -1.20 -29.08 29.16
N TYR E 269 0.00 -28.50 29.37
CA TYR E 269 0.64 -27.67 28.36
C TYR E 269 0.85 -28.45 27.07
N PHE E 270 1.45 -29.63 27.18
CA PHE E 270 1.69 -30.50 26.02
C PHE E 270 0.38 -30.96 25.36
N ARG E 271 -0.64 -31.28 26.15
CA ARG E 271 -1.96 -31.59 25.61
C ARG E 271 -2.46 -30.52 24.63
N GLU E 272 -2.20 -29.26 24.95
CA GLU E 272 -2.62 -28.19 24.07
C GLU E 272 -1.76 -28.20 22.84
N VAL E 273 -0.45 -28.24 23.03
CA VAL E 273 0.49 -28.23 21.90
C VAL E 273 0.13 -29.30 20.86
N ARG E 274 -0.04 -30.52 21.34
CA ARG E 274 -0.24 -31.66 20.47
C ARG E 274 -1.37 -31.50 19.45
N LYS E 275 -2.35 -30.67 19.76
CA LYS E 275 -3.49 -30.46 18.86
C LYS E 275 -3.07 -29.83 17.53
N LYS E 276 -2.05 -28.97 17.58
CA LYS E 276 -1.50 -28.35 16.37
C LYS E 276 -1.05 -29.43 15.36
N TYR E 277 -0.55 -30.56 15.89
CA TYR E 277 0.09 -31.63 15.11
C TYR E 277 -0.88 -32.77 14.70
N TRP E 278 -2.18 -32.45 14.61
CA TRP E 278 -3.20 -33.46 14.31
C TRP E 278 -2.88 -34.28 13.06
N GLN E 279 -2.20 -33.68 12.09
CA GLN E 279 -1.96 -34.35 10.79
C GLN E 279 -1.13 -35.62 10.86
N PHE E 280 -0.32 -35.70 11.90
CA PHE E 280 0.69 -36.75 12.01
C PHE E 280 0.28 -37.83 12.99
N GLU E 281 -0.91 -37.70 13.56
CA GLU E 281 -1.48 -38.70 14.48
C GLU E 281 -1.76 -39.97 13.71
N SER E 282 -1.48 -41.12 14.31
CA SER E 282 -1.48 -42.37 13.59
C SER E 282 -2.55 -43.34 14.09
N GLU E 283 -3.10 -44.15 13.19
CA GLU E 283 -4.01 -45.24 13.53
C GLU E 283 -3.36 -46.60 13.24
N MET E 317 -2.09 -52.37 3.33
CA MET E 317 -1.39 -52.62 4.59
C MET E 317 -1.55 -54.04 5.13
N ASP E 318 -2.74 -54.63 5.00
CA ASP E 318 -2.93 -55.99 5.48
C ASP E 318 -1.89 -56.95 4.92
N ALA E 319 -1.55 -56.79 3.65
CA ALA E 319 -0.52 -57.62 3.02
C ALA E 319 0.85 -57.38 3.65
N VAL E 320 1.21 -56.09 3.73
CA VAL E 320 2.52 -55.68 4.23
C VAL E 320 2.82 -56.17 5.66
N LEU E 321 1.80 -56.16 6.51
CA LEU E 321 1.94 -56.62 7.89
C LEU E 321 2.07 -58.15 7.98
N ASP E 322 1.60 -58.86 6.96
CA ASP E 322 1.86 -60.31 6.84
C ASP E 322 3.27 -60.58 6.35
N GLU E 323 3.75 -59.72 5.45
CA GLU E 323 5.11 -59.84 4.90
C GLU E 323 6.19 -59.39 5.89
N ILE E 324 5.83 -58.53 6.85
CA ILE E 324 6.81 -57.97 7.78
C ILE E 324 7.50 -59.05 8.61
N PRO E 325 6.73 -59.88 9.33
CA PRO E 325 7.37 -60.85 10.22
C PRO E 325 8.18 -61.94 9.49
N ARG E 326 7.87 -62.14 8.20
CA ARG E 326 8.49 -63.23 7.43
C ARG E 326 9.96 -62.95 7.12
N VAL E 327 10.30 -61.70 6.83
CA VAL E 327 11.70 -61.31 6.59
C VAL E 327 12.61 -61.42 7.83
N ARG E 328 12.11 -61.00 9.00
CA ARG E 328 12.87 -61.12 10.25
C ARG E 328 13.20 -62.57 10.54
N GLU E 329 12.22 -63.45 10.30
CA GLU E 329 12.39 -64.90 10.46
C GLU E 329 13.44 -65.47 9.49
N ASP E 330 13.31 -65.13 8.20
CA ASP E 330 14.32 -65.51 7.22
C ASP E 330 15.75 -65.10 7.63
N LEU E 331 15.93 -63.95 8.28
CA LEU E 331 17.25 -63.29 8.34
C LEU E 331 18.08 -63.37 9.65
N GLY E 332 18.02 -64.48 10.40
CA GLY E 332 18.93 -64.66 11.55
C GLY E 332 18.70 -63.79 12.76
N TYR E 333 17.46 -63.34 12.87
CA TYR E 333 16.88 -62.70 14.05
C TYR E 333 17.70 -61.54 14.61
N PRO E 334 18.00 -60.52 13.78
CA PRO E 334 18.57 -59.29 14.31
C PRO E 334 17.48 -58.56 15.10
N PRO E 335 17.87 -57.83 16.17
CA PRO E 335 16.91 -56.98 16.86
C PRO E 335 16.37 -55.88 15.95
N LEU E 336 15.06 -55.64 15.97
CA LEU E 336 14.42 -54.61 15.14
C LEU E 336 14.39 -53.22 15.77
N VAL E 337 15.49 -52.48 15.59
CA VAL E 337 15.55 -51.04 15.86
C VAL E 337 16.10 -50.39 14.60
N THR E 338 15.98 -49.07 14.42
CA THR E 338 16.64 -48.42 13.28
C THR E 338 18.17 -48.57 13.46
N PRO E 339 18.89 -49.00 12.41
CA PRO E 339 18.45 -49.13 11.01
C PRO E 339 17.89 -50.49 10.60
N THR E 340 18.04 -51.52 11.43
CA THR E 340 17.59 -52.86 11.04
C THR E 340 16.08 -52.91 10.80
N SER E 341 15.34 -52.08 11.53
CA SER E 341 13.88 -52.03 11.41
C SER E 341 13.43 -51.33 10.12
N GLN E 342 14.13 -50.26 9.75
CA GLN E 342 13.90 -49.60 8.47
C GLN E 342 14.21 -50.59 7.34
N ILE E 343 15.33 -51.31 7.46
CA ILE E 343 15.78 -52.29 6.43
C ILE E 343 14.73 -53.35 6.19
N VAL E 344 14.37 -54.07 7.26
CA VAL E 344 13.36 -55.15 7.18
C VAL E 344 12.03 -54.60 6.66
N GLY E 345 11.61 -53.44 7.15
CA GLY E 345 10.34 -52.86 6.74
C GLY E 345 10.32 -52.50 5.26
N THR E 346 11.39 -51.88 4.81
CA THR E 346 11.54 -51.56 3.39
C THR E 346 11.65 -52.80 2.54
N GLN E 347 12.47 -53.75 2.98
CA GLN E 347 12.64 -54.99 2.24
C GLN E 347 11.28 -55.69 2.11
N ALA E 348 10.55 -55.74 3.22
CA ALA E 348 9.20 -56.33 3.27
C ALA E 348 8.25 -55.70 2.27
N VAL E 349 8.31 -54.37 2.13
CA VAL E 349 7.47 -53.71 1.13
C VAL E 349 7.93 -54.23 -0.24
N LEU E 350 9.24 -54.28 -0.49
CA LEU E 350 9.80 -54.91 -1.71
C LEU E 350 9.22 -56.30 -1.93
N ASN E 351 9.44 -57.19 -0.97
CA ASN E 351 8.97 -58.58 -1.04
C ASN E 351 7.50 -58.66 -1.43
N VAL E 352 6.71 -57.76 -0.89
CA VAL E 352 5.31 -57.62 -1.27
C VAL E 352 5.20 -57.31 -2.77
N MET E 353 6.07 -56.44 -3.28
CA MET E 353 6.04 -56.06 -4.72
C MET E 353 6.11 -57.30 -5.64
N THR E 354 7.05 -58.20 -5.33
CA THR E 354 7.11 -59.53 -5.96
C THR E 354 8.19 -60.42 -5.32
N GLY E 355 7.77 -61.46 -4.58
CA GLY E 355 8.71 -62.41 -3.90
C GLY E 355 9.98 -61.86 -3.28
N THR E 362 19.39 -56.91 -3.53
CA THR E 362 18.74 -55.67 -3.21
C THR E 362 19.53 -54.89 -2.15
N ASN E 363 19.59 -53.58 -2.34
CA ASN E 363 20.61 -52.75 -1.68
C ASN E 363 20.59 -52.67 -0.16
N GLU E 364 19.40 -52.64 0.44
CA GLU E 364 19.30 -52.56 1.90
C GLU E 364 19.76 -53.86 2.58
N VAL E 365 19.59 -54.97 1.87
CA VAL E 365 20.02 -56.27 2.33
C VAL E 365 21.53 -56.50 2.13
N LYS E 366 22.06 -56.01 1.00
CA LYS E 366 23.38 -56.41 0.53
C LYS E 366 24.50 -56.12 1.53
N ASN E 367 24.61 -54.86 1.96
CA ASN E 367 25.62 -54.50 2.96
C ASN E 367 25.45 -55.29 4.25
N TYR E 368 24.20 -55.54 4.66
CA TYR E 368 23.93 -56.36 5.83
C TYR E 368 24.57 -57.74 5.65
N LEU E 369 24.32 -58.35 4.49
CA LEU E 369 24.85 -59.69 4.18
C LEU E 369 26.38 -59.73 4.01
N LEU E 370 26.97 -58.59 3.66
CA LEU E 370 28.42 -58.48 3.54
C LEU E 370 29.11 -58.09 4.87
N GLY E 371 28.43 -58.28 6.00
CA GLY E 371 29.02 -58.00 7.31
C GLY E 371 29.19 -56.53 7.68
N HIS E 372 28.54 -55.64 6.93
CA HIS E 372 28.77 -54.19 7.03
C HIS E 372 28.04 -53.47 8.15
N TYR E 373 27.11 -54.16 8.81
CA TYR E 373 26.48 -53.64 10.03
C TYR E 373 26.99 -54.38 11.26
N GLY E 374 27.55 -55.57 11.06
CA GLY E 374 28.14 -56.34 12.14
C GLY E 374 27.77 -57.81 12.09
N LYS E 375 27.82 -58.47 13.24
CA LYS E 375 27.54 -59.91 13.36
C LYS E 375 26.07 -60.20 13.65
N ALA E 376 25.39 -60.84 12.70
CA ALA E 376 24.02 -61.29 12.91
C ALA E 376 23.98 -62.27 14.08
N PRO E 377 23.10 -62.03 15.09
CA PRO E 377 23.09 -62.85 16.31
C PRO E 377 22.95 -64.35 16.06
N SER E 378 22.22 -64.70 15.01
CA SER E 378 22.14 -66.08 14.55
C SER E 378 22.77 -66.14 13.18
N THR E 379 23.09 -67.35 12.75
CA THR E 379 23.90 -67.43 11.56
C THR E 379 23.04 -66.96 10.39
N VAL E 380 23.59 -66.05 9.60
CA VAL E 380 22.94 -65.51 8.41
C VAL E 380 22.74 -66.68 7.48
N ASN E 381 21.50 -66.95 7.06
CA ASN E 381 21.20 -68.15 6.27
C ASN E 381 21.87 -68.00 4.87
N PRO E 382 22.79 -68.93 4.51
CA PRO E 382 23.59 -68.78 3.27
C PRO E 382 22.80 -68.90 1.98
N ASP E 383 21.91 -69.88 1.89
CA ASP E 383 21.34 -70.28 0.59
C ASP E 383 20.47 -69.19 -0.09
N VAL E 384 19.82 -68.34 0.72
CA VAL E 384 19.22 -67.12 0.17
C VAL E 384 20.36 -66.15 -0.17
N ARG E 385 21.25 -65.91 0.79
CA ARG E 385 22.47 -65.11 0.56
C ARG E 385 23.17 -65.55 -0.73
N ASN E 386 23.34 -66.87 -0.90
CA ASN E 386 24.02 -67.46 -2.06
C ASN E 386 23.24 -67.32 -3.39
N LEU E 387 21.93 -67.46 -3.33
CA LEU E 387 21.08 -67.22 -4.51
C LEU E 387 21.16 -65.76 -4.93
N ALA E 388 21.27 -64.87 -3.93
CA ALA E 388 21.24 -63.42 -4.16
C ALA E 388 22.62 -62.82 -4.41
N VAL E 389 23.60 -63.25 -3.60
CA VAL E 389 24.94 -62.65 -3.56
C VAL E 389 26.06 -63.65 -3.90
N GLY E 390 25.68 -64.88 -4.26
CA GLY E 390 26.62 -65.87 -4.80
C GLY E 390 27.70 -66.37 -3.87
N ASN E 391 28.92 -66.48 -4.40
CA ASN E 391 30.06 -66.97 -3.63
C ASN E 391 30.69 -65.90 -2.73
N ALA E 392 30.11 -64.68 -2.72
CA ALA E 392 30.62 -63.56 -1.92
C ALA E 392 30.68 -63.93 -0.44
N GLN E 393 31.43 -63.14 0.31
CA GLN E 393 31.78 -63.46 1.69
C GLN E 393 31.49 -62.31 2.62
N VAL E 394 31.01 -62.64 3.80
CA VAL E 394 30.76 -61.64 4.83
C VAL E 394 32.10 -61.28 5.48
N ILE E 395 32.52 -60.03 5.36
CA ILE E 395 33.72 -59.57 6.08
C ILE E 395 33.47 -59.74 7.57
N GLU E 396 34.54 -59.84 8.34
CA GLU E 396 34.46 -60.18 9.76
C GLU E 396 34.97 -59.07 10.66
N CYS E 397 35.25 -57.90 10.09
CA CYS E 397 35.84 -56.79 10.84
C CYS E 397 34.80 -55.74 11.22
N ARG E 398 35.23 -54.78 12.02
CA ARG E 398 34.46 -53.59 12.36
C ARG E 398 34.24 -52.76 11.09
N PRO E 399 33.01 -52.75 10.54
CA PRO E 399 32.78 -52.32 9.15
C PRO E 399 33.33 -50.98 8.70
N ALA E 400 33.71 -50.11 9.65
CA ALA E 400 34.32 -48.83 9.28
C ALA E 400 35.78 -48.99 8.85
N ASP E 401 36.41 -50.09 9.27
CA ASP E 401 37.71 -50.51 8.72
C ASP E 401 37.82 -50.42 7.21
N LEU E 402 36.71 -50.67 6.51
CA LEU E 402 36.71 -50.70 5.04
C LEU E 402 36.34 -49.35 4.43
N LEU E 403 36.22 -48.30 5.24
CA LEU E 403 35.65 -47.04 4.71
C LEU E 403 35.82 -45.86 5.66
N GLU E 408 38.56 -34.10 7.69
CA GLU E 408 39.49 -33.96 6.56
C GLU E 408 38.76 -33.63 5.25
N LYS E 409 38.23 -34.66 4.59
CA LYS E 409 37.47 -34.50 3.33
C LYS E 409 36.23 -33.62 3.51
N LEU E 410 35.52 -33.83 4.62
CA LEU E 410 34.17 -33.26 4.79
C LEU E 410 34.21 -31.74 4.81
N ARG E 411 35.00 -31.20 5.75
CA ARG E 411 35.23 -29.75 5.79
C ARG E 411 35.78 -29.30 4.44
N ASN E 412 36.63 -30.13 3.82
CA ASN E 412 37.26 -29.78 2.55
C ASN E 412 36.24 -29.68 1.39
N GLU E 413 35.36 -30.67 1.26
CA GLU E 413 34.68 -30.89 -0.04
C GLU E 413 34.03 -29.62 -0.61
N VAL E 414 33.33 -28.89 0.25
CA VAL E 414 32.68 -27.63 -0.16
C VAL E 414 33.01 -26.52 0.86
N GLU E 415 34.26 -26.06 0.76
CA GLU E 415 34.96 -25.48 1.91
C GLU E 415 34.30 -24.18 2.41
N GLY E 416 33.97 -24.14 3.70
CA GLY E 416 33.49 -22.89 4.33
C GLY E 416 32.02 -22.58 4.22
N LEU E 417 31.25 -23.33 3.44
CA LEU E 417 29.81 -22.99 3.30
C LEU E 417 29.21 -23.11 4.69
N ALA E 418 29.56 -24.24 5.28
CA ALA E 418 29.40 -24.48 6.71
C ALA E 418 29.91 -23.30 7.54
N ALA E 419 29.03 -22.74 8.36
CA ALA E 419 29.39 -21.67 9.29
C ALA E 419 30.25 -22.20 10.43
N SER E 420 30.18 -23.51 10.65
CA SER E 420 30.85 -24.19 11.75
C SER E 420 31.10 -25.66 11.40
N ALA E 421 31.97 -26.30 12.17
CA ALA E 421 32.25 -27.72 11.99
C ALA E 421 30.99 -28.58 12.16
N ALA E 422 30.12 -28.20 13.08
CA ALA E 422 28.82 -28.87 13.24
C ALA E 422 28.03 -28.82 11.92
N ASP E 423 28.06 -27.69 11.23
CA ASP E 423 27.52 -27.62 9.86
C ASP E 423 28.23 -28.61 8.89
N VAL E 424 29.51 -28.89 9.14
CA VAL E 424 30.26 -29.96 8.45
C VAL E 424 29.74 -31.34 8.89
N LEU E 425 29.52 -31.49 10.20
CA LEU E 425 28.94 -32.72 10.77
C LEU E 425 27.45 -32.91 10.38
N THR E 426 26.72 -31.81 10.18
CA THR E 426 25.33 -31.86 9.69
C THR E 426 25.33 -32.44 8.29
N TYR E 427 26.25 -31.94 7.45
CA TYR E 427 26.49 -32.45 6.11
C TYR E 427 26.76 -33.97 6.14
N ALA E 428 27.70 -34.36 6.99
CA ALA E 428 28.06 -35.77 7.17
C ALA E 428 26.85 -36.70 7.37
N MET E 429 25.87 -36.29 8.17
CA MET E 429 24.66 -37.11 8.36
C MET E 429 23.80 -37.28 7.11
N PHE E 430 23.52 -36.20 6.39
CA PHE E 430 22.67 -36.25 5.18
C PHE E 430 23.19 -35.26 4.12
N PRO E 431 24.27 -35.60 3.40
CA PRO E 431 24.93 -34.62 2.52
C PRO E 431 24.03 -33.96 1.47
N ASP E 432 23.32 -34.77 0.67
CA ASP E 432 22.48 -34.20 -0.38
C ASP E 432 21.52 -33.19 0.23
N LEU E 433 20.86 -33.62 1.29
CA LEU E 433 19.85 -32.83 1.97
C LEU E 433 20.44 -31.63 2.73
N ALA E 434 21.56 -31.84 3.41
CA ALA E 434 22.23 -30.78 4.17
C ALA E 434 22.73 -29.68 3.25
N LYS E 435 23.16 -30.05 2.05
CA LYS E 435 23.59 -29.05 1.10
C LYS E 435 22.43 -28.08 0.88
N THR E 436 21.28 -28.56 0.42
CA THR E 436 20.13 -27.66 0.15
C THR E 436 19.71 -26.83 1.35
N PHE E 437 19.81 -27.44 2.52
CA PHE E 437 19.47 -26.78 3.76
C PHE E 437 20.43 -25.65 4.07
N LEU E 438 21.73 -25.97 4.15
CA LEU E 438 22.75 -24.95 4.38
C LEU E 438 22.62 -23.80 3.39
N GLN E 439 22.33 -24.14 2.14
CA GLN E 439 22.11 -23.17 1.11
C GLN E 439 20.91 -22.27 1.44
N GLU E 440 19.78 -22.88 1.77
CA GLU E 440 18.56 -22.13 2.03
C GLU E 440 18.65 -21.29 3.31
N ARG E 441 19.32 -21.83 4.32
CA ARG E 441 19.54 -21.10 5.59
C ARG E 441 20.36 -19.84 5.39
N ASN E 442 21.49 -19.96 4.69
CA ASN E 442 22.37 -18.81 4.50
C ASN E 442 21.73 -17.70 3.66
N ALA E 443 20.72 -18.07 2.86
CA ALA E 443 19.97 -17.13 2.05
C ALA E 443 18.71 -16.61 2.78
N GLY E 444 18.51 -17.04 4.03
CA GLY E 444 17.33 -16.66 4.81
C GLY E 444 16.03 -17.05 4.15
N SER E 445 16.07 -18.16 3.41
CA SER E 445 14.99 -18.55 2.49
C SER E 445 14.24 -19.81 2.91
N LEU E 446 14.53 -20.33 4.11
CA LEU E 446 13.94 -21.58 4.64
C LEU E 446 12.41 -21.54 4.70
N LYS E 447 11.76 -22.63 4.31
CA LYS E 447 10.31 -22.75 4.35
C LYS E 447 9.87 -24.19 4.70
N PRO E 448 9.28 -24.40 5.89
CA PRO E 448 8.63 -25.68 6.19
C PRO E 448 7.16 -25.71 5.75
N THR E 469 -13.11 -26.88 -18.73
CA THR E 469 -11.69 -26.96 -19.07
C THR E 469 -11.43 -26.54 -20.51
N GLU E 470 -12.19 -27.11 -21.45
CA GLU E 470 -11.99 -26.81 -22.86
C GLU E 470 -12.68 -25.52 -23.18
N PHE E 471 -11.98 -24.41 -22.97
CA PHE E 471 -12.58 -23.10 -23.01
C PHE E 471 -12.27 -22.55 -24.39
N ASN E 472 -13.10 -21.60 -24.81
CA ASN E 472 -12.73 -20.63 -25.82
C ASN E 472 -12.80 -19.21 -25.24
N VAL E 473 -11.66 -18.53 -25.16
CA VAL E 473 -11.58 -17.17 -24.59
C VAL E 473 -11.41 -16.11 -25.68
N THR E 474 -12.42 -15.27 -25.84
CA THR E 474 -12.40 -14.19 -26.83
C THR E 474 -11.99 -12.88 -26.14
N LEU E 475 -10.75 -12.45 -26.37
CA LEU E 475 -10.16 -11.28 -25.72
C LEU E 475 -9.66 -10.34 -26.81
N HIS E 476 -10.40 -9.26 -27.04
CA HIS E 476 -9.90 -8.11 -27.79
C HIS E 476 -9.72 -8.36 -29.28
N GLY E 477 -10.80 -8.78 -29.92
CA GLY E 477 -10.81 -9.12 -31.34
C GLY E 477 -10.45 -10.58 -31.65
N GLU E 478 -9.58 -11.16 -30.83
CA GLU E 478 -9.12 -12.56 -30.96
C GLU E 478 -9.89 -13.56 -30.08
N THR E 479 -9.99 -14.80 -30.53
CA THR E 479 -10.38 -15.90 -29.64
C THR E 479 -9.22 -16.87 -29.47
N PHE E 480 -9.17 -17.54 -28.32
CA PHE E 480 -8.12 -18.52 -28.02
C PHE E 480 -8.70 -19.79 -27.41
N HIS E 481 -8.38 -20.94 -28.00
CA HIS E 481 -8.80 -22.24 -27.48
C HIS E 481 -7.87 -22.70 -26.35
N ILE E 482 -8.42 -22.82 -25.14
CA ILE E 482 -7.65 -23.16 -23.94
C ILE E 482 -8.09 -24.50 -23.37
N LYS E 483 -7.12 -25.32 -22.95
CA LYS E 483 -7.39 -26.60 -22.29
C LYS E 483 -6.42 -26.78 -21.10
N LEU E 484 -6.93 -26.75 -19.87
CA LEU E 484 -6.04 -26.90 -18.70
C LEU E 484 -5.83 -28.36 -18.37
N THR E 485 -4.80 -28.63 -17.56
CA THR E 485 -4.58 -29.95 -16.94
C THR E 485 -4.08 -29.78 -15.48
N GLY E 486 -4.40 -30.75 -14.63
CA GLY E 486 -4.17 -30.64 -13.19
C GLY E 486 -5.36 -30.03 -12.48
N GLN E 494 -0.24 -22.11 -4.68
CA GLN E 494 1.16 -22.12 -5.14
C GLN E 494 1.53 -23.24 -6.15
N ARG E 495 0.66 -24.24 -6.36
CA ARG E 495 0.94 -25.40 -7.26
C ARG E 495 0.57 -25.17 -8.76
N PRO E 496 1.34 -25.78 -9.71
CA PRO E 496 1.26 -25.37 -11.11
C PRO E 496 0.41 -26.18 -12.10
N PHE E 497 -0.50 -25.50 -12.80
CA PHE E 497 -1.20 -26.07 -13.94
C PHE E 497 -0.22 -26.30 -15.10
N TYR E 498 -0.66 -27.09 -16.06
CA TYR E 498 -0.11 -27.07 -17.42
C TYR E 498 -1.26 -26.70 -18.34
N VAL E 499 -1.00 -25.85 -19.33
CA VAL E 499 -2.08 -25.16 -20.07
C VAL E 499 -1.81 -25.08 -21.57
N SER E 500 -2.82 -25.44 -22.37
CA SER E 500 -2.71 -25.54 -23.84
C SER E 500 -3.43 -24.40 -24.57
N VAL E 501 -2.65 -23.44 -25.07
CA VAL E 501 -3.20 -22.34 -25.88
C VAL E 501 -3.09 -22.67 -27.37
N ASP E 502 -4.24 -22.95 -28.00
CA ASP E 502 -4.28 -23.37 -29.41
C ASP E 502 -3.33 -24.53 -29.68
N GLY E 503 -3.41 -25.55 -28.82
CA GLY E 503 -2.58 -26.73 -28.92
C GLY E 503 -1.10 -26.53 -28.59
N VAL E 504 -0.79 -25.51 -27.79
CA VAL E 504 0.58 -25.24 -27.35
C VAL E 504 0.65 -25.18 -25.81
N THR E 505 1.20 -26.24 -25.22
CA THR E 505 1.11 -26.44 -23.78
C THR E 505 2.28 -25.87 -23.04
N GLU E 506 2.00 -25.11 -21.98
CA GLU E 506 3.08 -24.78 -21.07
C GLU E 506 2.65 -24.44 -19.68
N GLU E 507 3.65 -24.56 -18.82
CA GLU E 507 3.47 -24.50 -17.38
C GLU E 507 3.12 -23.12 -16.87
N VAL E 508 2.08 -23.07 -16.04
CA VAL E 508 1.67 -21.85 -15.37
C VAL E 508 1.77 -22.08 -13.89
N VAL E 509 2.01 -21.01 -13.14
CA VAL E 509 2.02 -21.07 -11.67
C VAL E 509 1.21 -19.90 -11.16
N VAL E 510 0.34 -20.18 -10.19
CA VAL E 510 -0.53 -19.15 -9.61
C VAL E 510 -0.20 -18.98 -8.13
N GLU E 511 -0.14 -17.71 -7.71
CA GLU E 511 -0.05 -17.30 -6.29
C GLU E 511 -0.41 -15.81 -6.18
N LYS F 3 -4.33 -69.97 39.31
CA LYS F 3 -4.80 -69.80 37.89
C LYS F 3 -6.00 -68.87 37.79
N VAL F 4 -5.89 -67.84 36.94
CA VAL F 4 -6.81 -66.69 36.96
C VAL F 4 -7.87 -66.74 35.88
N HIS F 5 -9.11 -66.42 36.26
CA HIS F 5 -10.23 -66.37 35.32
C HIS F 5 -10.45 -64.93 34.89
N VAL F 6 -10.99 -64.78 33.70
CA VAL F 6 -11.11 -63.47 33.08
C VAL F 6 -12.52 -63.20 32.58
N THR F 7 -13.03 -62.03 32.94
CA THR F 7 -14.31 -61.56 32.47
C THR F 7 -14.04 -60.42 31.51
N ASP F 8 -14.76 -60.40 30.40
CA ASP F 8 -14.68 -59.29 29.45
C ASP F 8 -15.93 -58.43 29.55
N VAL F 9 -15.70 -57.14 29.46
CA VAL F 9 -16.68 -56.11 29.70
C VAL F 9 -17.01 -55.35 28.40
N VAL F 10 -16.71 -55.92 27.24
CA VAL F 10 -16.81 -55.13 26.00
C VAL F 10 -18.24 -54.73 25.79
N LEU F 11 -19.15 -55.68 25.95
CA LEU F 11 -20.55 -55.49 25.55
C LEU F 11 -21.33 -54.54 26.48
N ARG F 12 -20.72 -54.13 27.60
CA ARG F 12 -21.35 -53.18 28.51
C ARG F 12 -20.42 -51.99 28.88
N ASP F 13 -19.51 -52.18 29.86
CA ASP F 13 -18.70 -51.06 30.40
C ASP F 13 -17.78 -50.43 29.33
N GLY F 14 -17.36 -51.26 28.36
CA GLY F 14 -16.43 -50.84 27.31
C GLY F 14 -16.93 -49.69 26.47
N HIS F 15 -18.07 -49.89 25.82
CA HIS F 15 -18.68 -48.81 25.08
C HIS F 15 -19.35 -47.77 26.00
N GLN F 16 -19.83 -48.18 27.17
CA GLN F 16 -20.34 -47.20 28.14
C GLN F 16 -19.27 -46.18 28.53
N SER F 17 -18.04 -46.66 28.73
CA SER F 17 -16.93 -45.79 29.14
C SER F 17 -16.34 -44.92 28.01
N LEU F 18 -16.37 -45.41 26.77
CA LEU F 18 -15.66 -44.75 25.65
C LEU F 18 -16.55 -44.14 24.58
N ILE F 19 -17.76 -44.64 24.39
CA ILE F 19 -18.65 -44.06 23.38
C ILE F 19 -20.10 -43.88 23.88
N ALA F 20 -20.23 -43.47 25.13
CA ALA F 20 -21.52 -43.02 25.66
C ALA F 20 -22.62 -44.07 25.54
N THR F 21 -22.26 -45.34 25.71
CA THR F 21 -23.24 -46.42 25.79
C THR F 21 -24.08 -46.59 24.51
N ARG F 22 -23.56 -46.13 23.37
CA ARG F 22 -24.36 -46.08 22.14
C ARG F 22 -24.26 -47.31 21.24
N MET F 23 -23.50 -48.34 21.66
CA MET F 23 -23.31 -49.52 20.81
C MET F 23 -24.60 -50.26 20.58
N ARG F 24 -24.92 -50.49 19.31
CA ARG F 24 -26.11 -51.23 18.93
C ARG F 24 -25.91 -52.73 19.15
N THR F 25 -27.01 -53.45 19.39
CA THR F 25 -26.95 -54.90 19.55
C THR F 25 -26.54 -55.55 18.23
N ASP F 26 -26.94 -54.94 17.12
CA ASP F 26 -26.61 -55.43 15.77
C ASP F 26 -25.10 -55.54 15.53
N ASP F 27 -24.33 -54.65 16.15
CA ASP F 27 -22.88 -54.69 16.06
C ASP F 27 -22.26 -55.66 17.06
N MET F 28 -23.09 -56.31 17.89
CA MET F 28 -22.58 -57.25 18.89
C MET F 28 -22.70 -58.72 18.50
N LEU F 29 -23.69 -59.06 17.70
CA LEU F 29 -24.04 -60.47 17.46
C LEU F 29 -23.07 -61.23 16.52
N PRO F 30 -22.68 -60.60 15.39
CA PRO F 30 -21.75 -61.27 14.47
C PRO F 30 -20.55 -61.96 15.13
N ILE F 31 -19.97 -61.34 16.16
CA ILE F 31 -18.77 -61.89 16.82
C ILE F 31 -19.07 -62.67 18.10
N CYS F 32 -20.35 -62.94 18.36
CA CYS F 32 -20.74 -63.61 19.61
C CYS F 32 -20.24 -65.05 19.71
N SER F 33 -20.32 -65.80 18.61
CA SER F 33 -19.85 -67.20 18.61
C SER F 33 -18.37 -67.32 18.99
N LYS F 34 -17.56 -66.33 18.58
CA LYS F 34 -16.15 -66.26 18.96
C LYS F 34 -15.98 -65.91 20.45
N LEU F 35 -16.73 -64.90 20.93
CA LEU F 35 -16.70 -64.54 22.36
C LEU F 35 -17.05 -65.75 23.22
N ASP F 36 -17.99 -66.53 22.72
CA ASP F 36 -18.47 -67.72 23.40
C ASP F 36 -17.39 -68.81 23.44
N ALA F 37 -16.55 -68.85 22.40
CA ALA F 37 -15.53 -69.89 22.23
C ALA F 37 -14.32 -69.73 23.13
N VAL F 38 -13.88 -68.50 23.34
CA VAL F 38 -12.82 -68.28 24.33
C VAL F 38 -13.34 -68.74 25.69
N GLY F 39 -12.43 -69.03 26.61
CA GLY F 39 -12.84 -69.47 27.94
C GLY F 39 -13.12 -68.34 28.94
N TYR F 40 -13.96 -67.38 28.58
CA TYR F 40 -14.24 -66.28 29.52
C TYR F 40 -14.96 -66.82 30.75
N TRP F 41 -14.61 -66.31 31.93
CA TRP F 41 -15.32 -66.68 33.15
C TRP F 41 -16.79 -66.25 33.02
N SER F 42 -16.99 -65.03 32.56
CA SER F 42 -18.31 -64.47 32.27
C SER F 42 -18.19 -63.30 31.30
N LEU F 43 -19.30 -62.91 30.68
CA LEU F 43 -19.32 -61.74 29.80
C LEU F 43 -20.28 -60.71 30.39
N GLU F 44 -19.87 -59.45 30.46
CA GLU F 44 -20.70 -58.41 31.03
C GLU F 44 -21.53 -57.82 29.90
N ALA F 45 -22.80 -58.22 29.84
CA ALA F 45 -23.64 -57.98 28.65
C ALA F 45 -24.74 -56.94 28.86
N TRP F 46 -25.24 -56.85 30.08
CA TRP F 46 -26.45 -56.12 30.37
C TRP F 46 -26.24 -55.34 31.66
N GLY F 47 -27.10 -54.36 31.93
CA GLY F 47 -27.02 -53.63 33.18
C GLY F 47 -26.39 -52.26 33.04
N GLY F 48 -26.02 -51.67 34.17
CA GLY F 48 -25.52 -50.30 34.20
C GLY F 48 -26.41 -49.36 33.41
N ALA F 49 -25.79 -48.54 32.57
CA ALA F 49 -26.49 -47.52 31.80
C ALA F 49 -27.14 -48.04 30.52
N THR F 50 -26.98 -49.32 30.21
CA THR F 50 -27.45 -49.85 28.93
C THR F 50 -28.98 -49.87 28.86
N PHE F 51 -29.62 -50.20 29.99
CA PHE F 51 -31.08 -50.16 30.08
C PHE F 51 -31.61 -48.79 29.63
N ASP F 52 -31.10 -47.73 30.25
CA ASP F 52 -31.50 -46.37 29.92
C ASP F 52 -31.20 -46.05 28.46
N ALA F 53 -29.94 -46.25 28.06
CA ALA F 53 -29.46 -45.92 26.72
C ALA F 53 -30.22 -46.63 25.60
N CYS F 54 -30.52 -47.92 25.79
CA CYS F 54 -31.28 -48.69 24.80
C CYS F 54 -32.63 -48.03 24.51
N VAL F 55 -33.29 -47.57 25.56
CA VAL F 55 -34.60 -46.98 25.42
C VAL F 55 -34.45 -45.54 24.95
N ARG F 56 -33.75 -44.73 25.74
CA ARG F 56 -33.67 -43.31 25.48
C ARG F 56 -33.19 -42.97 24.06
N TYR F 57 -32.11 -43.61 23.61
CA TYR F 57 -31.40 -43.20 22.39
C TYR F 57 -31.48 -44.19 21.22
N LEU F 58 -31.31 -45.47 21.52
CA LEU F 58 -31.34 -46.51 20.50
C LEU F 58 -32.77 -46.91 20.15
N ARG F 59 -33.72 -46.60 21.03
CA ARG F 59 -35.11 -46.98 20.81
C ARG F 59 -35.22 -48.48 20.61
N GLU F 60 -34.47 -49.24 21.40
CA GLU F 60 -34.65 -50.69 21.42
C GLU F 60 -35.05 -51.13 22.83
N ASP F 61 -35.79 -52.23 22.89
CA ASP F 61 -36.25 -52.77 24.16
C ASP F 61 -35.10 -53.55 24.79
N PRO F 62 -34.58 -53.08 25.95
CA PRO F 62 -33.41 -53.74 26.56
C PRO F 62 -33.65 -55.19 26.94
N TRP F 63 -34.92 -55.56 27.13
CA TRP F 63 -35.26 -56.94 27.39
C TRP F 63 -34.93 -57.78 26.14
N GLU F 64 -35.13 -57.21 24.95
CA GLU F 64 -34.78 -57.88 23.69
C GLU F 64 -33.27 -58.11 23.58
N ARG F 65 -32.47 -57.07 23.82
CA ARG F 65 -31.02 -57.25 23.79
C ARG F 65 -30.63 -58.44 24.67
N LEU F 66 -31.15 -58.51 25.89
CA LEU F 66 -30.80 -59.61 26.78
C LEU F 66 -31.19 -60.96 26.18
N LYS F 67 -32.37 -61.03 25.56
CA LYS F 67 -32.83 -62.27 24.92
C LYS F 67 -31.86 -62.69 23.81
N LYS F 68 -31.54 -61.76 22.91
CA LYS F 68 -30.66 -62.07 21.77
C LYS F 68 -29.23 -62.44 22.20
N LEU F 69 -28.67 -61.69 23.13
CA LEU F 69 -27.35 -61.99 23.68
C LEU F 69 -27.33 -63.34 24.38
N ARG F 70 -28.42 -63.68 25.07
CA ARG F 70 -28.51 -64.97 25.74
C ARG F 70 -28.49 -66.12 24.73
N LYS F 71 -29.11 -65.90 23.57
CA LYS F 71 -29.23 -66.93 22.53
C LYS F 71 -27.91 -67.09 21.76
N ALA F 72 -27.18 -66.00 21.62
CA ALA F 72 -25.93 -65.98 20.85
C ALA F 72 -24.68 -66.24 21.70
N LEU F 73 -24.84 -66.41 23.01
CA LEU F 73 -23.71 -66.73 23.90
C LEU F 73 -24.07 -67.88 24.84
N PRO F 74 -24.61 -68.98 24.29
CA PRO F 74 -25.10 -70.13 25.07
C PRO F 74 -24.17 -70.67 26.15
N ASN F 75 -22.90 -70.88 25.82
CA ASN F 75 -21.96 -71.53 26.75
C ASN F 75 -21.38 -70.60 27.81
N SER F 76 -21.41 -69.30 27.54
CA SER F 76 -20.84 -68.31 28.44
C SER F 76 -21.87 -67.88 29.47
N ARG F 77 -21.42 -67.61 30.70
CA ARG F 77 -22.33 -67.05 31.71
C ARG F 77 -22.40 -65.52 31.58
N LEU F 78 -23.60 -65.00 31.35
CA LEU F 78 -23.84 -63.55 31.24
C LEU F 78 -23.84 -62.87 32.61
N GLN F 79 -23.27 -61.67 32.67
CA GLN F 79 -23.14 -60.93 33.92
C GLN F 79 -23.77 -59.55 33.76
N MET F 80 -24.49 -59.11 34.78
CA MET F 80 -25.07 -57.79 34.76
C MET F 80 -24.54 -56.98 35.95
N LEU F 81 -24.62 -55.66 35.82
CA LEU F 81 -24.34 -54.74 36.92
C LEU F 81 -25.66 -54.14 37.42
N LEU F 82 -25.94 -54.30 38.71
CA LEU F 82 -27.18 -53.81 39.32
C LEU F 82 -26.85 -52.91 40.51
N ARG F 83 -27.54 -51.77 40.61
CA ARG F 83 -27.23 -50.77 41.62
C ARG F 83 -28.07 -50.94 42.88
N GLY F 84 -28.17 -52.16 43.38
CA GLY F 84 -28.99 -52.48 44.57
C GLY F 84 -30.42 -51.95 44.44
N GLN F 85 -30.96 -51.39 45.53
CA GLN F 85 -32.32 -50.82 45.52
C GLN F 85 -32.53 -49.86 44.37
N ASN F 86 -31.44 -49.25 43.89
CA ASN F 86 -31.50 -48.34 42.76
C ASN F 86 -31.69 -49.04 41.43
N LEU F 87 -31.38 -50.34 41.41
CA LEU F 87 -31.58 -51.19 40.24
C LEU F 87 -30.79 -50.70 39.01
N LEU F 88 -31.49 -50.39 37.93
CA LEU F 88 -30.88 -49.70 36.80
C LEU F 88 -31.53 -48.33 36.61
N GLY F 89 -31.73 -47.62 37.72
CA GLY F 89 -32.41 -46.33 37.70
C GLY F 89 -31.85 -45.30 38.65
N TYR F 90 -32.69 -44.33 39.02
CA TYR F 90 -32.25 -43.08 39.63
C TYR F 90 -32.59 -42.95 41.11
N ARG F 91 -33.50 -43.80 41.58
CA ARG F 91 -34.01 -43.72 42.93
C ARG F 91 -33.96 -45.10 43.53
N HIS F 92 -34.24 -45.19 44.83
CA HIS F 92 -34.52 -46.47 45.45
C HIS F 92 -35.90 -46.95 44.98
N TYR F 93 -36.03 -48.26 44.78
CA TYR F 93 -37.28 -48.89 44.38
C TYR F 93 -37.80 -49.77 45.51
N SER F 94 -39.12 -49.93 45.56
CA SER F 94 -39.77 -50.75 46.58
C SER F 94 -39.33 -52.20 46.45
N ASP F 95 -39.34 -52.91 47.57
CA ASP F 95 -38.82 -54.29 47.61
C ASP F 95 -39.49 -55.23 46.61
N ASP F 96 -40.79 -55.03 46.37
CA ASP F 96 -41.53 -55.90 45.46
C ASP F 96 -41.10 -55.75 43.99
N VAL F 97 -40.57 -54.57 43.64
CA VAL F 97 -40.06 -54.32 42.29
C VAL F 97 -38.65 -54.88 42.11
N VAL F 98 -37.80 -54.72 43.14
CA VAL F 98 -36.49 -55.40 43.14
C VAL F 98 -36.64 -56.91 42.92
N ARG F 99 -37.45 -57.55 43.75
CA ARG F 99 -37.71 -58.98 43.64
C ARG F 99 -38.21 -59.36 42.24
N ALA F 100 -39.14 -58.58 41.71
CA ALA F 100 -39.70 -58.84 40.36
C ALA F 100 -38.64 -58.66 39.27
N PHE F 101 -37.83 -57.61 39.40
CA PHE F 101 -36.79 -57.34 38.42
C PHE F 101 -35.80 -58.49 38.36
N VAL F 102 -35.19 -58.81 39.49
CA VAL F 102 -34.23 -59.91 39.57
C VAL F 102 -34.81 -61.22 39.01
N GLN F 103 -36.09 -61.45 39.28
CA GLN F 103 -36.80 -62.62 38.75
C GLN F 103 -36.82 -62.61 37.23
N LYS F 104 -37.07 -61.45 36.64
CA LYS F 104 -37.17 -61.34 35.18
C LYS F 104 -35.80 -61.35 34.50
N SER F 105 -34.83 -60.69 35.11
CA SER F 105 -33.46 -60.70 34.61
C SER F 105 -32.92 -62.14 34.60
N ALA F 106 -33.15 -62.87 35.69
CA ALA F 106 -32.72 -64.27 35.80
C ALA F 106 -33.41 -65.14 34.75
N ASP F 107 -34.74 -65.06 34.72
CA ASP F 107 -35.58 -65.80 33.77
C ASP F 107 -35.11 -65.65 32.33
N ASN F 108 -34.73 -64.44 31.97
CA ASN F 108 -34.41 -64.11 30.58
C ASN F 108 -32.94 -64.27 30.20
N GLY F 109 -32.09 -64.66 31.16
CA GLY F 109 -30.72 -64.97 30.81
C GLY F 109 -29.65 -64.79 31.87
N ILE F 110 -29.77 -63.79 32.72
CA ILE F 110 -28.64 -63.41 33.57
C ILE F 110 -28.24 -64.55 34.51
N ASP F 111 -26.93 -64.72 34.66
CA ASP F 111 -26.35 -65.78 35.49
C ASP F 111 -25.63 -65.23 36.71
N VAL F 112 -24.92 -64.12 36.52
CA VAL F 112 -24.16 -63.48 37.58
C VAL F 112 -24.72 -62.10 37.79
N PHE F 113 -24.92 -61.72 39.05
CA PHE F 113 -25.40 -60.38 39.40
C PHE F 113 -24.34 -59.66 40.25
N ARG F 114 -23.65 -58.70 39.65
CA ARG F 114 -22.76 -57.81 40.39
C ARG F 114 -23.61 -56.71 41.00
N ILE F 115 -23.70 -56.70 42.33
CA ILE F 115 -24.54 -55.76 43.05
C ILE F 115 -23.66 -54.85 43.90
N PHE F 116 -23.80 -53.54 43.69
CA PHE F 116 -23.04 -52.51 44.40
C PHE F 116 -24.00 -51.37 44.79
N ASP F 117 -23.63 -50.59 45.82
CA ASP F 117 -24.39 -49.39 46.21
C ASP F 117 -23.44 -48.23 46.41
N ALA F 118 -23.72 -47.11 45.73
CA ALA F 118 -22.88 -45.92 45.76
C ALA F 118 -22.30 -45.62 47.16
N MET F 119 -23.19 -45.46 48.14
CA MET F 119 -22.78 -45.07 49.50
C MET F 119 -22.05 -46.19 50.24
N ASN F 120 -22.08 -47.42 49.71
CA ASN F 120 -21.62 -48.61 50.40
C ASN F 120 -22.49 -48.97 51.60
N ASP F 121 -23.69 -48.40 51.66
CA ASP F 121 -24.64 -48.72 52.72
C ASP F 121 -25.26 -50.07 52.36
N LEU F 122 -24.63 -51.14 52.84
CA LEU F 122 -24.98 -52.52 52.48
C LEU F 122 -26.42 -52.94 52.80
N ARG F 123 -27.10 -52.18 53.65
CA ARG F 123 -28.52 -52.38 53.88
C ARG F 123 -29.28 -52.31 52.55
N ASN F 124 -28.81 -51.44 51.66
CA ASN F 124 -29.40 -51.25 50.32
C ASN F 124 -29.23 -52.42 49.33
N LEU F 125 -28.28 -53.31 49.59
CA LEU F 125 -28.07 -54.47 48.72
C LEU F 125 -28.87 -55.73 49.13
N LYS F 126 -29.24 -55.84 50.40
CA LYS F 126 -29.72 -57.11 50.97
C LYS F 126 -30.87 -57.79 50.22
N VAL F 127 -31.92 -57.04 49.91
CA VAL F 127 -33.05 -57.58 49.13
C VAL F 127 -32.60 -58.15 47.80
N SER F 128 -31.78 -57.40 47.08
CA SER F 128 -31.23 -57.86 45.81
C SER F 128 -30.52 -59.21 45.98
N ILE F 129 -29.61 -59.26 46.95
CA ILE F 129 -28.77 -60.44 47.18
C ILE F 129 -29.59 -61.66 47.58
N GLU F 130 -30.58 -61.44 48.46
CA GLU F 130 -31.47 -62.52 48.86
C GLU F 130 -32.32 -62.98 47.66
N SER F 131 -32.78 -62.02 46.84
CA SER F 131 -33.56 -62.31 45.62
C SER F 131 -32.75 -63.06 44.58
N VAL F 132 -31.46 -62.76 44.48
CA VAL F 132 -30.58 -63.47 43.55
C VAL F 132 -30.33 -64.90 44.05
N LYS F 133 -30.05 -65.03 45.35
CA LYS F 133 -29.92 -66.34 45.99
C LYS F 133 -31.21 -67.13 45.80
N ALA F 134 -32.33 -66.46 46.06
CA ALA F 134 -33.64 -67.08 45.97
C ALA F 134 -33.89 -67.73 44.61
N VAL F 135 -33.48 -67.06 43.53
CA VAL F 135 -33.72 -67.57 42.17
C VAL F 135 -32.66 -68.58 41.73
N GLY F 136 -31.67 -68.83 42.58
CA GLY F 136 -30.66 -69.86 42.33
C GLY F 136 -29.56 -69.40 41.40
N LYS F 137 -29.14 -68.15 41.53
CA LYS F 137 -28.15 -67.54 40.65
C LYS F 137 -26.99 -66.98 41.46
N HIS F 138 -25.96 -66.51 40.76
CA HIS F 138 -24.69 -66.12 41.36
C HIS F 138 -24.74 -64.67 41.81
N ALA F 139 -24.54 -64.44 43.11
CA ALA F 139 -24.58 -63.11 43.68
C ALA F 139 -23.15 -62.65 43.98
N GLU F 140 -22.70 -61.59 43.27
CA GLU F 140 -21.38 -61.03 43.51
C GLU F 140 -21.52 -59.67 44.21
N GLY F 141 -21.22 -59.65 45.50
CA GLY F 141 -21.38 -58.44 46.30
C GLY F 141 -20.18 -57.54 46.13
N THR F 142 -20.44 -56.24 45.99
CA THR F 142 -19.43 -55.31 45.52
C THR F 142 -19.08 -54.19 46.52
N ILE F 143 -17.80 -54.15 46.86
CA ILE F 143 -17.19 -53.01 47.55
C ILE F 143 -16.93 -51.97 46.50
N SER F 144 -17.57 -50.81 46.57
CA SER F 144 -17.29 -49.75 45.59
C SER F 144 -16.21 -48.82 46.16
N TYR F 145 -14.97 -49.04 45.68
CA TYR F 145 -13.76 -48.41 46.24
C TYR F 145 -13.69 -46.88 46.08
N THR F 146 -13.12 -46.22 47.08
CA THR F 146 -12.88 -44.79 47.05
C THR F 146 -11.80 -44.42 48.08
N THR F 147 -11.44 -43.15 48.14
CA THR F 147 -10.48 -42.65 49.12
C THR F 147 -10.98 -41.32 49.70
N SER F 148 -10.74 -41.16 50.99
CA SER F 148 -11.10 -39.95 51.73
C SER F 148 -10.54 -40.14 53.14
N PRO F 149 -10.54 -39.08 53.96
CA PRO F 149 -10.08 -39.19 55.35
C PRO F 149 -10.73 -40.33 56.13
N VAL F 150 -11.98 -40.66 55.79
CA VAL F 150 -12.76 -41.70 56.46
C VAL F 150 -12.47 -43.15 56.00
N HIS F 151 -12.10 -43.36 54.74
CA HIS F 151 -11.92 -44.73 54.22
C HIS F 151 -10.51 -45.32 54.42
N ASP F 152 -10.46 -46.63 54.61
CA ASP F 152 -9.20 -47.38 54.79
C ASP F 152 -9.43 -48.88 54.55
N ILE F 153 -8.35 -49.66 54.56
CA ILE F 153 -8.47 -51.11 54.28
C ILE F 153 -9.46 -51.82 55.22
N PRO F 154 -9.31 -51.67 56.55
CA PRO F 154 -10.27 -52.36 57.44
C PRO F 154 -11.75 -52.03 57.17
N TYR F 155 -12.04 -50.75 56.89
CA TYR F 155 -13.40 -50.35 56.51
C TYR F 155 -13.95 -51.22 55.38
N PHE F 156 -13.12 -51.50 54.37
CA PHE F 156 -13.52 -52.32 53.23
C PHE F 156 -13.64 -53.81 53.56
N VAL F 157 -12.68 -54.33 54.33
CA VAL F 157 -12.74 -55.74 54.73
C VAL F 157 -13.93 -56.01 55.63
N ASN F 158 -14.26 -55.04 56.50
CA ASN F 158 -15.50 -55.11 57.27
C ASN F 158 -16.73 -55.25 56.37
N LEU F 159 -16.81 -54.44 55.32
CA LEU F 159 -17.90 -54.54 54.33
C LEU F 159 -17.88 -55.89 53.59
N ALA F 160 -16.69 -56.44 53.36
CA ALA F 160 -16.57 -57.72 52.68
C ALA F 160 -17.09 -58.85 53.54
N LYS F 161 -16.78 -58.78 54.84
CA LYS F 161 -17.27 -59.76 55.82
C LYS F 161 -18.81 -59.78 55.88
N GLU F 162 -19.43 -58.62 56.04
CA GLU F 162 -20.89 -58.50 56.01
C GLU F 162 -21.46 -59.16 54.76
N LEU F 163 -20.90 -58.81 53.60
CA LEU F 163 -21.38 -59.35 52.33
C LEU F 163 -21.22 -60.85 52.23
N GLU F 164 -20.21 -61.42 52.89
CA GLU F 164 -20.10 -62.87 52.98
C GLU F 164 -21.25 -63.37 53.84
N SER F 165 -21.51 -62.67 54.95
CA SER F 165 -22.58 -63.05 55.88
C SER F 165 -23.98 -63.04 55.25
N PHE F 166 -24.19 -62.17 54.25
CA PHE F 166 -25.45 -62.15 53.50
C PHE F 166 -25.58 -63.37 52.55
N GLY F 167 -24.47 -64.10 52.34
CA GLY F 167 -24.48 -65.32 51.51
C GLY F 167 -24.01 -65.15 50.08
N CYS F 168 -22.99 -64.33 49.87
CA CYS F 168 -22.47 -64.04 48.53
C CYS F 168 -21.50 -65.13 48.05
N ASP F 169 -21.58 -65.45 46.75
CA ASP F 169 -20.68 -66.42 46.14
C ASP F 169 -19.29 -65.83 45.87
N THR F 170 -19.23 -64.54 45.47
CA THR F 170 -17.97 -63.82 45.28
C THR F 170 -18.04 -62.37 45.75
N ILE F 171 -16.88 -61.80 46.03
CA ILE F 171 -16.78 -60.39 46.41
C ILE F 171 -16.04 -59.64 45.32
N ALA F 172 -16.51 -58.44 45.00
CA ALA F 172 -15.97 -57.66 43.90
C ALA F 172 -15.43 -56.32 44.39
N ILE F 173 -14.23 -55.96 43.94
CA ILE F 173 -13.67 -54.64 44.18
C ILE F 173 -13.90 -53.79 42.95
N LYS F 174 -14.70 -52.74 43.06
CA LYS F 174 -15.08 -51.91 41.92
C LYS F 174 -14.41 -50.54 42.04
N ASP F 175 -13.25 -50.38 41.40
CA ASP F 175 -12.57 -49.05 41.40
C ASP F 175 -12.80 -48.31 40.08
N MET F 176 -14.08 -48.03 39.85
CA MET F 176 -14.51 -47.26 38.66
C MET F 176 -13.89 -45.88 38.67
N ALA F 177 -13.56 -45.33 39.84
CA ALA F 177 -12.87 -44.04 39.85
C ALA F 177 -11.39 -44.18 39.50
N SER F 178 -10.88 -45.41 39.46
CA SER F 178 -9.45 -45.65 39.19
C SER F 178 -8.58 -44.96 40.26
N LEU F 179 -8.91 -45.19 41.53
CA LEU F 179 -8.20 -44.56 42.65
C LEU F 179 -7.24 -45.51 43.37
N LEU F 180 -7.35 -46.80 43.09
CA LEU F 180 -6.43 -47.79 43.63
C LEU F 180 -4.98 -47.57 43.14
N THR F 181 -4.03 -47.61 44.08
CA THR F 181 -2.61 -47.66 43.77
C THR F 181 -2.21 -49.11 43.89
N PRO F 182 -1.15 -49.53 43.18
CA PRO F 182 -0.82 -50.96 43.24
C PRO F 182 -0.46 -51.44 44.65
N GLN F 183 0.15 -50.57 45.45
CA GLN F 183 0.50 -50.95 46.82
C GLN F 183 -0.73 -51.28 47.67
N VAL F 184 -1.71 -50.38 47.64
CA VAL F 184 -2.98 -50.59 48.33
C VAL F 184 -3.69 -51.87 47.86
N THR F 185 -3.67 -52.15 46.56
CA THR F 185 -4.39 -53.31 46.01
C THR F 185 -3.79 -54.63 46.49
N GLY F 186 -2.48 -54.66 46.74
CA GLY F 186 -1.83 -55.85 47.29
C GLY F 186 -2.25 -56.12 48.73
N ASP F 187 -2.13 -55.08 49.57
CA ASP F 187 -2.53 -55.15 50.97
C ASP F 187 -4.00 -55.47 51.13
N LEU F 188 -4.84 -54.78 50.35
CA LEU F 188 -6.29 -54.94 50.43
C LEU F 188 -6.72 -56.35 50.08
N VAL F 189 -6.18 -56.91 49.00
CA VAL F 189 -6.57 -58.29 48.62
C VAL F 189 -6.00 -59.32 49.58
N LYS F 190 -4.83 -59.05 50.16
CA LYS F 190 -4.29 -59.90 51.22
C LYS F 190 -5.26 -59.89 52.40
N ALA F 191 -5.48 -58.69 52.95
CA ALA F 191 -6.40 -58.49 54.07
C ALA F 191 -7.83 -59.02 53.84
N LEU F 192 -8.22 -59.15 52.58
CA LEU F 192 -9.52 -59.72 52.21
C LEU F 192 -9.50 -61.25 52.11
N ARG F 193 -8.35 -61.81 51.74
CA ARG F 193 -8.23 -63.26 51.65
C ARG F 193 -8.15 -63.94 53.01
N GLU F 194 -7.63 -63.21 54.00
CA GLU F 194 -7.64 -63.66 55.40
C GLU F 194 -9.05 -63.54 56.02
N ALA F 195 -9.74 -62.43 55.75
CA ALA F 195 -11.05 -62.12 56.35
C ALA F 195 -12.26 -62.80 55.70
N VAL F 196 -12.11 -63.32 54.48
CA VAL F 196 -13.23 -63.92 53.72
C VAL F 196 -12.79 -65.20 53.01
N SER F 197 -13.72 -66.13 52.86
CA SER F 197 -13.43 -67.42 52.21
C SER F 197 -13.86 -67.44 50.74
N LEU F 198 -14.28 -66.29 50.22
CA LEU F 198 -14.85 -66.21 48.85
C LEU F 198 -13.79 -65.80 47.84
N PRO F 199 -13.96 -66.24 46.58
CA PRO F 199 -13.09 -65.72 45.52
C PRO F 199 -13.35 -64.24 45.28
N ILE F 200 -12.30 -63.53 44.88
CA ILE F 200 -12.36 -62.08 44.73
C ILE F 200 -12.27 -61.69 43.26
N HIS F 201 -13.00 -60.62 42.90
CA HIS F 201 -13.16 -60.16 41.53
C HIS F 201 -12.65 -58.73 41.49
N LEU F 202 -11.58 -58.49 40.72
CA LEU F 202 -11.05 -57.12 40.59
C LEU F 202 -11.61 -56.45 39.33
N HIS F 203 -12.10 -55.22 39.49
CA HIS F 203 -12.64 -54.45 38.37
C HIS F 203 -12.01 -53.07 38.49
N ALA F 204 -10.89 -52.89 37.78
CA ALA F 204 -10.09 -51.68 37.92
C ALA F 204 -10.03 -50.86 36.64
N HIS F 205 -10.81 -49.79 36.58
CA HIS F 205 -10.72 -48.88 35.44
C HIS F 205 -9.30 -48.28 35.35
N ALA F 206 -8.93 -47.91 34.13
CA ALA F 206 -7.54 -47.62 33.80
C ALA F 206 -7.17 -46.14 33.79
N THR F 207 -8.11 -45.25 34.11
CA THR F 207 -7.92 -43.80 33.87
C THR F 207 -6.62 -43.20 34.41
N SER F 208 -6.14 -43.71 35.55
CA SER F 208 -4.95 -43.14 36.20
C SER F 208 -3.62 -43.74 35.71
N GLY F 209 -3.69 -44.86 35.00
CA GLY F 209 -2.48 -45.56 34.53
C GLY F 209 -2.02 -46.70 35.41
N LEU F 210 -2.67 -46.88 36.57
CA LEU F 210 -2.18 -47.82 37.58
C LEU F 210 -2.91 -49.17 37.57
N ALA F 211 -3.98 -49.28 36.78
CA ALA F 211 -4.85 -50.46 36.82
C ALA F 211 -4.14 -51.76 36.47
N SER F 212 -3.21 -51.68 35.53
CA SER F 212 -2.46 -52.85 35.09
C SER F 212 -1.42 -53.24 36.13
N MET F 213 -0.81 -52.25 36.79
CA MET F 213 0.08 -52.52 37.93
C MET F 213 -0.72 -53.04 39.12
N SER F 214 -1.88 -52.44 39.35
CA SER F 214 -2.82 -52.85 40.41
C SER F 214 -3.26 -54.30 40.23
N ILE F 215 -3.58 -54.71 39.00
CA ILE F 215 -3.92 -56.09 38.73
C ILE F 215 -2.76 -57.05 39.05
N GLN F 216 -1.54 -56.67 38.70
CA GLN F 216 -0.37 -57.50 38.98
C GLN F 216 -0.28 -57.83 40.47
N ARG F 217 -0.28 -56.79 41.32
CA ARG F 217 -0.23 -56.96 42.77
C ARG F 217 -1.39 -57.82 43.30
N ALA F 218 -2.55 -57.70 42.66
CA ALA F 218 -3.71 -58.48 43.05
C ALA F 218 -3.53 -59.96 42.77
N VAL F 219 -3.13 -60.32 41.56
CA VAL F 219 -2.91 -61.74 41.23
C VAL F 219 -1.75 -62.35 42.03
N ASP F 220 -0.72 -61.56 42.31
CA ASP F 220 0.33 -61.96 43.27
C ASP F 220 -0.26 -62.37 44.61
N ASN F 221 -1.18 -61.56 45.14
CA ASN F 221 -1.81 -61.82 46.44
C ASN F 221 -3.13 -62.59 46.35
N GLY F 222 -3.27 -63.43 45.32
CA GLY F 222 -4.30 -64.46 45.30
C GLY F 222 -5.68 -64.11 44.76
N VAL F 223 -5.81 -63.01 44.02
CA VAL F 223 -7.08 -62.68 43.39
C VAL F 223 -7.43 -63.75 42.37
N ALA F 224 -8.72 -64.06 42.26
CA ALA F 224 -9.21 -65.21 41.48
C ALA F 224 -9.70 -64.83 40.09
N ILE F 225 -10.44 -63.72 40.01
CA ILE F 225 -11.04 -63.26 38.75
C ILE F 225 -10.67 -61.80 38.47
N VAL F 226 -10.38 -61.50 37.21
CA VAL F 226 -9.98 -60.16 36.80
C VAL F 226 -10.78 -59.70 35.59
N ASP F 227 -11.21 -58.44 35.61
CA ASP F 227 -11.92 -57.85 34.47
C ASP F 227 -10.95 -57.17 33.53
N GLY F 228 -11.14 -57.44 32.25
CA GLY F 228 -10.47 -56.69 31.19
C GLY F 228 -11.46 -56.35 30.09
N CYS F 229 -11.04 -55.49 29.18
CA CYS F 229 -11.83 -55.16 28.00
C CYS F 229 -11.01 -55.54 26.76
N ILE F 230 -11.68 -56.03 25.72
CA ILE F 230 -10.97 -56.36 24.49
C ILE F 230 -10.20 -55.11 24.04
N SER F 231 -9.01 -55.31 23.47
CA SER F 231 -8.06 -54.21 23.29
C SER F 231 -8.61 -53.02 22.49
N SER F 232 -9.51 -53.25 21.54
CA SER F 232 -10.07 -52.15 20.72
C SER F 232 -10.88 -51.13 21.53
N PHE F 233 -11.39 -51.56 22.69
CA PHE F 233 -12.14 -50.68 23.60
C PHE F 233 -11.47 -50.55 24.96
N ALA F 234 -10.18 -50.86 25.05
CA ALA F 234 -9.53 -50.97 26.34
C ALA F 234 -8.89 -49.64 26.70
N GLU F 235 -8.43 -49.55 27.93
CA GLU F 235 -7.54 -48.49 28.42
C GLU F 235 -8.25 -47.17 28.64
N GLY F 236 -7.61 -46.30 29.41
CA GLY F 236 -8.14 -44.98 29.70
C GLY F 236 -9.35 -45.06 30.60
N ALA F 237 -10.46 -44.48 30.16
CA ALA F 237 -11.69 -44.54 30.93
C ALA F 237 -12.26 -45.98 31.00
N SER F 238 -11.75 -46.88 30.17
CA SER F 238 -12.19 -48.28 30.16
C SER F 238 -11.37 -49.13 31.14
N LEU F 239 -11.24 -50.42 30.86
CA LEU F 239 -10.41 -51.35 31.66
C LEU F 239 -9.17 -51.77 30.90
N PRO F 240 -8.21 -52.40 31.59
CA PRO F 240 -7.02 -52.95 30.94
C PRO F 240 -7.37 -53.94 29.84
N ALA F 241 -6.53 -54.00 28.82
CA ALA F 241 -6.77 -54.84 27.66
C ALA F 241 -6.76 -56.32 28.04
N THR F 242 -7.80 -57.04 27.65
CA THR F 242 -7.93 -58.46 27.94
C THR F 242 -6.66 -59.22 27.51
N GLU F 243 -6.29 -59.03 26.24
CA GLU F 243 -5.06 -59.64 25.68
C GLU F 243 -3.81 -59.33 26.54
N SER F 244 -3.69 -58.11 27.06
CA SER F 244 -2.52 -57.72 27.86
C SER F 244 -2.47 -58.48 29.18
N ILE F 245 -3.65 -58.73 29.76
CA ILE F 245 -3.75 -59.59 30.93
C ILE F 245 -3.27 -61.00 30.56
N VAL F 246 -3.95 -61.60 29.57
CA VAL F 246 -3.66 -62.96 29.08
C VAL F 246 -2.24 -63.09 28.55
N GLU F 253 2.54 -69.28 37.43
CA GLU F 253 1.51 -69.83 38.31
C GLU F 253 0.05 -69.57 37.83
N TYR F 254 -0.16 -68.39 37.27
CA TYR F 254 -1.51 -67.86 37.03
C TYR F 254 -2.04 -68.01 35.59
N ASP F 255 -1.22 -68.60 34.70
CA ASP F 255 -1.61 -68.75 33.29
C ASP F 255 -3.12 -68.95 33.14
N THR F 256 -3.76 -68.04 32.42
CA THR F 256 -5.17 -68.18 32.06
C THR F 256 -5.13 -68.98 30.78
N GLY F 257 -6.03 -69.93 30.61
CA GLY F 257 -5.88 -70.86 29.49
C GLY F 257 -6.31 -70.32 28.14
N LEU F 258 -6.09 -69.03 27.90
CA LEU F 258 -6.86 -68.29 26.89
C LEU F 258 -6.14 -68.08 25.54
N ASP F 259 -6.88 -68.32 24.46
CA ASP F 259 -6.37 -68.26 23.09
C ASP F 259 -6.26 -66.82 22.57
N ILE F 260 -5.07 -66.22 22.67
CA ILE F 260 -4.82 -64.80 22.28
C ILE F 260 -5.21 -64.50 20.82
N GLY F 261 -5.04 -65.47 19.94
CA GLY F 261 -5.27 -65.24 18.52
C GLY F 261 -6.74 -65.05 18.24
N LEU F 262 -7.59 -65.84 18.88
CA LEU F 262 -9.04 -65.63 18.81
C LEU F 262 -9.36 -64.26 19.42
N LEU F 263 -8.81 -63.97 20.62
CA LEU F 263 -8.92 -62.62 21.23
C LEU F 263 -8.56 -61.52 20.26
N GLN F 264 -7.42 -61.67 19.58
CA GLN F 264 -6.99 -60.64 18.64
C GLN F 264 -7.99 -60.47 17.49
N GLU F 265 -8.53 -61.59 17.00
CA GLU F 265 -9.52 -61.60 15.91
C GLU F 265 -10.73 -60.79 16.32
N ILE F 266 -11.15 -60.98 17.57
CA ILE F 266 -12.30 -60.28 18.13
C ILE F 266 -11.95 -58.80 18.31
N SER F 267 -10.80 -58.52 18.90
CA SER F 267 -10.34 -57.14 19.02
C SER F 267 -10.36 -56.38 17.68
N ALA F 268 -9.84 -57.01 16.62
CA ALA F 268 -9.82 -56.39 15.29
C ALA F 268 -11.21 -56.10 14.79
N TYR F 269 -12.14 -57.02 15.05
CA TYR F 269 -13.53 -56.84 14.68
C TYR F 269 -14.08 -55.58 15.34
N PHE F 270 -13.90 -55.46 16.65
CA PHE F 270 -14.38 -54.30 17.41
C PHE F 270 -13.70 -53.00 16.98
N ARG F 271 -12.39 -53.04 16.72
CA ARG F 271 -11.68 -51.87 16.17
C ARG F 271 -12.40 -51.32 14.92
N GLU F 272 -12.94 -52.21 14.10
CA GLU F 272 -13.65 -51.77 12.91
C GLU F 272 -15.00 -51.17 13.32
N VAL F 273 -15.76 -51.89 14.14
CA VAL F 273 -17.08 -51.43 14.63
C VAL F 273 -17.01 -50.02 15.19
N ARG F 274 -16.08 -49.82 16.10
CA ARG F 274 -15.96 -48.57 16.84
C ARG F 274 -15.89 -47.32 15.96
N LYS F 275 -15.38 -47.46 14.73
CA LYS F 275 -15.25 -46.31 13.84
C LYS F 275 -16.60 -45.70 13.50
N LYS F 276 -17.62 -46.55 13.39
CA LYS F 276 -18.98 -46.08 13.13
C LYS F 276 -19.42 -45.04 14.17
N TYR F 277 -18.95 -45.20 15.42
CA TYR F 277 -19.38 -44.40 16.57
C TYR F 277 -18.47 -43.21 16.89
N TRP F 278 -17.77 -42.72 15.87
CA TRP F 278 -16.84 -41.62 16.03
C TRP F 278 -17.46 -40.40 16.74
N GLN F 279 -18.77 -40.18 16.56
CA GLN F 279 -19.47 -39.00 17.12
C GLN F 279 -19.50 -38.91 18.64
N PHE F 280 -19.37 -40.05 19.29
CA PHE F 280 -19.52 -40.15 20.73
C PHE F 280 -18.17 -40.27 21.45
N GLU F 281 -17.07 -40.27 20.67
CA GLU F 281 -15.73 -40.33 21.24
C GLU F 281 -15.50 -39.04 21.97
N SER F 282 -14.85 -39.11 23.12
CA SER F 282 -14.70 -37.96 23.95
C SER F 282 -13.23 -37.55 24.06
N GLU F 283 -12.99 -36.25 24.08
CA GLU F 283 -11.69 -35.69 24.47
C GLU F 283 -11.27 -36.17 25.86
N PHE F 284 -12.24 -36.47 26.73
CA PHE F 284 -11.97 -36.93 28.09
C PHE F 284 -11.79 -38.46 28.23
N THR F 285 -11.57 -39.17 27.11
CA THR F 285 -11.18 -40.61 27.11
C THR F 285 -9.68 -40.90 27.36
N GLY F 286 -8.81 -39.91 27.15
CA GLY F 286 -7.35 -40.10 27.22
C GLY F 286 -6.80 -40.54 28.57
N VAL F 287 -5.49 -40.56 28.71
CA VAL F 287 -4.84 -41.04 29.94
C VAL F 287 -4.65 -39.84 30.91
N ASP F 288 -5.77 -39.25 31.34
CA ASP F 288 -5.79 -38.17 32.29
C ASP F 288 -5.58 -38.72 33.68
N THR F 289 -4.60 -38.18 34.40
CA THR F 289 -4.22 -38.71 35.70
C THR F 289 -4.51 -37.74 36.85
N ARG F 290 -5.49 -36.85 36.65
CA ARG F 290 -5.88 -35.86 37.66
C ARG F 290 -7.24 -36.22 38.28
N THR F 362 -30.89 -26.95 45.47
CA THR F 362 -30.60 -28.26 44.86
C THR F 362 -31.37 -29.42 45.53
N ASN F 363 -32.62 -29.64 45.12
CA ASN F 363 -33.55 -30.61 45.78
C ASN F 363 -33.18 -32.11 45.67
N GLU F 364 -32.42 -32.52 44.65
CA GLU F 364 -31.91 -33.91 44.59
C GLU F 364 -30.82 -34.18 45.64
N VAL F 365 -30.07 -33.13 45.98
CA VAL F 365 -29.14 -33.14 47.12
C VAL F 365 -29.93 -33.13 48.44
N LYS F 366 -31.07 -32.43 48.45
CA LYS F 366 -31.98 -32.44 49.60
C LYS F 366 -32.31 -33.86 50.03
N ASN F 367 -32.77 -34.70 49.09
CA ASN F 367 -33.08 -36.11 49.42
C ASN F 367 -31.88 -36.86 49.98
N TYR F 368 -30.71 -36.58 49.44
CA TYR F 368 -29.47 -37.15 49.96
C TYR F 368 -29.33 -36.78 51.44
N LEU F 369 -29.49 -35.49 51.74
CA LEU F 369 -29.34 -34.96 53.10
C LEU F 369 -30.44 -35.42 54.06
N LEU F 370 -31.60 -35.82 53.52
CA LEU F 370 -32.69 -36.37 54.33
C LEU F 370 -32.58 -37.89 54.49
N GLY F 371 -31.40 -38.45 54.25
CA GLY F 371 -31.14 -39.88 54.46
C GLY F 371 -31.74 -40.86 53.48
N HIS F 372 -32.22 -40.38 52.33
CA HIS F 372 -33.02 -41.22 51.41
C HIS F 372 -32.23 -42.11 50.42
N TYR F 373 -30.92 -41.91 50.33
CA TYR F 373 -30.03 -42.84 49.60
C TYR F 373 -29.21 -43.72 50.56
N GLY F 374 -29.12 -43.30 51.82
CA GLY F 374 -28.50 -44.12 52.85
C GLY F 374 -27.62 -43.31 53.78
N LYS F 375 -26.68 -43.99 54.43
CA LYS F 375 -25.78 -43.37 55.42
C LYS F 375 -24.50 -42.82 54.77
N ALA F 376 -24.37 -41.49 54.77
CA ALA F 376 -23.13 -40.87 54.30
C ALA F 376 -21.98 -41.34 55.18
N PRO F 377 -20.92 -41.89 54.57
CA PRO F 377 -19.81 -42.47 55.34
C PRO F 377 -19.21 -41.53 56.40
N SER F 378 -19.20 -40.23 56.13
CA SER F 378 -18.78 -39.21 57.08
C SER F 378 -19.98 -38.34 57.40
N THR F 379 -19.83 -37.52 58.43
CA THR F 379 -20.95 -36.84 59.03
C THR F 379 -21.28 -35.58 58.27
N VAL F 380 -22.36 -35.65 57.50
CA VAL F 380 -22.98 -34.46 56.90
C VAL F 380 -23.40 -33.59 58.07
N ASN F 381 -22.93 -32.36 58.12
CA ASN F 381 -23.15 -31.51 59.30
C ASN F 381 -24.63 -31.17 59.43
N PRO F 382 -25.26 -31.55 60.57
CA PRO F 382 -26.71 -31.35 60.73
C PRO F 382 -27.11 -29.86 60.78
N ASP F 383 -26.31 -29.04 61.45
CA ASP F 383 -26.54 -27.60 61.51
C ASP F 383 -26.43 -26.90 60.14
N VAL F 384 -25.61 -27.42 59.24
CA VAL F 384 -25.52 -26.88 57.87
C VAL F 384 -26.78 -27.29 57.09
N ARG F 385 -27.08 -28.59 57.13
CA ARG F 385 -28.35 -29.12 56.59
C ARG F 385 -29.55 -28.26 57.00
N ASN F 386 -29.67 -27.98 58.30
CA ASN F 386 -30.69 -27.07 58.83
C ASN F 386 -30.36 -25.62 58.52
N GLN F 393 -35.88 -33.40 59.17
CA GLN F 393 -35.62 -34.70 59.79
C GLN F 393 -34.79 -35.58 58.86
N VAL F 394 -33.59 -35.94 59.29
CA VAL F 394 -32.74 -36.89 58.58
C VAL F 394 -33.13 -38.29 59.01
N ILE F 395 -33.79 -39.02 58.13
CA ILE F 395 -34.12 -40.41 58.41
C ILE F 395 -32.80 -41.19 58.59
N GLU F 396 -32.89 -42.33 59.29
CA GLU F 396 -31.71 -43.15 59.64
C GLU F 396 -31.91 -44.64 59.29
N CYS F 397 -33.03 -44.98 58.66
CA CYS F 397 -33.34 -46.36 58.31
C CYS F 397 -33.00 -46.61 56.86
N ARG F 398 -33.08 -47.89 56.51
CA ARG F 398 -32.90 -48.31 55.14
C ARG F 398 -34.07 -47.75 54.29
N PRO F 399 -33.83 -46.71 53.46
CA PRO F 399 -34.89 -45.86 52.86
C PRO F 399 -36.02 -46.58 52.15
N ALA F 400 -35.85 -47.87 51.79
CA ALA F 400 -36.94 -48.63 51.16
C ALA F 400 -38.01 -49.07 52.17
N ASP F 401 -37.63 -49.17 53.45
CA ASP F 401 -38.54 -49.36 54.58
C ASP F 401 -39.76 -48.42 54.49
N LEU F 402 -39.58 -47.23 53.93
CA LEU F 402 -40.67 -46.25 53.87
C LEU F 402 -41.45 -46.33 52.55
N LEU F 403 -41.21 -47.37 51.76
CA LEU F 403 -41.80 -47.53 50.40
C LEU F 403 -42.83 -48.66 50.28
N THR F 404 -44.07 -48.24 50.02
CA THR F 404 -45.18 -49.19 49.81
C THR F 404 -45.00 -49.98 48.52
N ALA F 405 -45.29 -51.29 48.61
CA ALA F 405 -45.33 -52.16 47.45
C ALA F 405 -46.16 -51.52 46.34
N GLU F 406 -45.61 -51.40 45.14
CA GLU F 406 -46.26 -50.66 44.06
C GLU F 406 -46.40 -51.41 42.74
N MET F 407 -46.07 -52.71 42.74
CA MET F 407 -46.11 -53.46 41.49
C MET F 407 -47.52 -53.52 40.90
N GLU F 408 -48.52 -53.87 41.71
CA GLU F 408 -49.91 -53.90 41.24
C GLU F 408 -50.32 -52.51 40.78
N LYS F 409 -49.91 -51.49 41.53
CA LYS F 409 -50.23 -50.10 41.21
C LYS F 409 -49.74 -49.71 39.80
N LEU F 410 -48.54 -50.16 39.46
CA LEU F 410 -47.92 -49.90 38.16
C LEU F 410 -48.64 -50.62 37.00
N ARG F 411 -48.93 -51.91 37.15
CA ARG F 411 -49.58 -52.69 36.07
C ARG F 411 -50.84 -51.98 35.62
N ASN F 412 -51.63 -51.52 36.58
CA ASN F 412 -52.87 -50.80 36.28
C ASN F 412 -52.60 -49.52 35.51
N GLU F 413 -51.60 -48.75 35.97
CA GLU F 413 -51.16 -47.54 35.27
C GLU F 413 -50.76 -47.75 33.80
N VAL F 414 -50.35 -48.97 33.44
CA VAL F 414 -49.97 -49.30 32.05
C VAL F 414 -50.84 -50.40 31.43
N GLU F 415 -52.06 -50.61 31.94
CA GLU F 415 -53.00 -51.51 31.26
C GLU F 415 -53.28 -50.95 29.85
N GLY F 416 -53.23 -51.81 28.84
CA GLY F 416 -53.49 -51.41 27.44
C GLY F 416 -52.29 -50.93 26.63
N LEU F 417 -51.13 -50.79 27.29
CA LEU F 417 -49.82 -50.60 26.64
C LEU F 417 -48.91 -51.84 26.80
N ALA F 418 -48.51 -52.14 28.04
CA ALA F 418 -47.57 -53.22 28.35
C ALA F 418 -47.98 -54.56 27.77
N ALA F 419 -47.14 -55.10 26.90
CA ALA F 419 -47.41 -56.38 26.26
C ALA F 419 -47.01 -57.53 27.17
N SER F 420 -46.32 -57.22 28.26
CA SER F 420 -45.74 -58.26 29.11
C SER F 420 -45.26 -57.70 30.46
N ALA F 421 -44.95 -58.61 31.38
CA ALA F 421 -44.44 -58.23 32.69
C ALA F 421 -43.16 -57.41 32.57
N ALA F 422 -42.33 -57.78 31.60
CA ALA F 422 -41.12 -57.00 31.30
C ALA F 422 -41.43 -55.55 30.93
N ASP F 423 -42.45 -55.33 30.11
CA ASP F 423 -42.90 -53.96 29.79
C ASP F 423 -43.33 -53.18 31.02
N VAL F 424 -43.84 -53.87 32.04
CA VAL F 424 -44.23 -53.24 33.31
C VAL F 424 -42.99 -52.81 34.11
N LEU F 425 -41.97 -53.67 34.14
CA LEU F 425 -40.68 -53.35 34.81
C LEU F 425 -39.88 -52.27 34.05
N THR F 426 -40.02 -52.22 32.73
CA THR F 426 -39.42 -51.16 31.92
C THR F 426 -40.04 -49.83 32.31
N TYR F 427 -41.37 -49.82 32.44
CA TYR F 427 -42.12 -48.66 32.93
C TYR F 427 -41.59 -48.21 34.29
N ALA F 428 -41.48 -49.16 35.22
CA ALA F 428 -40.99 -48.89 36.57
C ALA F 428 -39.69 -48.11 36.57
N MET F 429 -38.76 -48.44 35.67
CA MET F 429 -37.50 -47.68 35.56
C MET F 429 -37.67 -46.21 35.17
N PHE F 430 -38.42 -45.95 34.11
CA PHE F 430 -38.62 -44.58 33.61
C PHE F 430 -40.04 -44.42 33.08
N PRO F 431 -41.04 -44.23 33.97
CA PRO F 431 -42.44 -44.25 33.53
C PRO F 431 -42.80 -43.27 32.41
N ASP F 432 -42.47 -42.00 32.58
CA ASP F 432 -42.83 -41.01 31.55
C ASP F 432 -42.29 -41.44 30.20
N LEU F 433 -41.02 -41.78 30.19
CA LEU F 433 -40.30 -42.18 28.99
C LEU F 433 -40.75 -43.52 28.42
N ALA F 434 -40.95 -44.50 29.31
CA ALA F 434 -41.37 -45.84 28.91
C ALA F 434 -42.77 -45.79 28.30
N LYS F 435 -43.62 -44.91 28.79
CA LYS F 435 -44.94 -44.75 28.22
C LYS F 435 -44.79 -44.42 26.73
N THR F 436 -44.10 -43.32 26.42
CA THR F 436 -43.88 -42.89 25.02
C THR F 436 -43.24 -43.98 24.14
N PHE F 437 -42.31 -44.74 24.73
CA PHE F 437 -41.65 -45.85 24.05
C PHE F 437 -42.63 -46.99 23.77
N LEU F 438 -43.27 -47.48 24.82
CA LEU F 438 -44.26 -48.56 24.74
C LEU F 438 -45.40 -48.25 23.77
N GLN F 439 -45.83 -46.99 23.71
CA GLN F 439 -46.88 -46.56 22.76
C GLN F 439 -46.46 -46.83 21.31
N GLU F 440 -45.24 -46.41 20.99
CA GLU F 440 -44.61 -46.74 19.73
C GLU F 440 -44.27 -48.24 19.65
N ARG F 441 -44.02 -48.90 20.79
CA ARG F 441 -43.74 -50.36 20.80
C ARG F 441 -44.88 -51.18 20.21
N ASN F 442 -46.14 -50.91 20.59
CA ASN F 442 -47.29 -51.63 19.94
C ASN F 442 -47.47 -51.20 18.47
N ALA F 443 -47.18 -49.94 18.19
CA ALA F 443 -47.38 -49.37 16.87
C ALA F 443 -46.21 -49.63 15.92
N GLY F 444 -45.09 -50.14 16.45
CA GLY F 444 -43.84 -50.20 15.69
C GLY F 444 -43.38 -48.84 15.18
N SER F 445 -43.68 -47.79 15.93
CA SER F 445 -43.43 -46.40 15.47
C SER F 445 -42.02 -45.89 15.79
N LEU F 446 -41.48 -46.41 16.88
CA LEU F 446 -40.19 -45.97 17.42
C LEU F 446 -39.06 -46.08 16.39
N LYS F 447 -38.27 -45.01 16.26
CA LYS F 447 -37.32 -44.85 15.17
C LYS F 447 -35.92 -44.59 15.75
N PRO F 448 -34.98 -45.56 15.62
CA PRO F 448 -33.65 -45.36 16.26
C PRO F 448 -32.83 -44.12 15.86
N GLU F 449 -31.92 -43.71 16.75
CA GLU F 449 -30.93 -42.69 16.42
C GLU F 449 -30.33 -43.00 15.07
N PRO F 450 -30.52 -42.10 14.08
CA PRO F 450 -29.82 -42.37 12.83
C PRO F 450 -28.31 -42.13 13.08
N LEU F 451 -27.46 -43.14 12.82
CA LEU F 451 -26.01 -43.00 13.08
C LEU F 451 -25.37 -42.08 12.02
N LEU F 452 -24.51 -41.16 12.47
CA LEU F 452 -23.82 -40.26 11.56
C LEU F 452 -22.73 -40.91 10.69
N ASP F 453 -22.66 -40.44 9.45
CA ASP F 453 -21.74 -40.94 8.45
C ASP F 453 -20.32 -40.52 8.82
N ALA F 467 -11.95 -19.77 -5.04
CA ALA F 467 -11.71 -18.94 -6.22
C ALA F 467 -10.99 -17.64 -5.83
N PRO F 468 -10.00 -17.20 -6.64
CA PRO F 468 -9.19 -16.03 -6.30
C PRO F 468 -9.68 -14.71 -6.90
N THR F 469 -9.45 -13.63 -6.16
CA THR F 469 -9.81 -12.27 -6.60
C THR F 469 -8.59 -11.62 -7.27
N GLU F 470 -7.44 -11.70 -6.59
CA GLU F 470 -6.15 -11.24 -7.14
C GLU F 470 -5.14 -12.39 -7.10
N PHE F 471 -4.24 -12.42 -8.09
CA PHE F 471 -3.33 -13.57 -8.28
C PHE F 471 -2.11 -13.22 -9.15
N ASN F 472 -0.95 -13.82 -8.86
CA ASN F 472 0.30 -13.64 -9.62
C ASN F 472 0.49 -14.83 -10.56
N VAL F 473 0.45 -14.59 -11.87
CA VAL F 473 0.56 -15.66 -12.86
C VAL F 473 1.92 -15.65 -13.53
N THR F 474 2.71 -16.70 -13.30
CA THR F 474 4.02 -16.83 -13.91
C THR F 474 3.90 -17.68 -15.21
N LEU F 475 3.99 -17.03 -16.37
CA LEU F 475 3.83 -17.66 -17.69
C LEU F 475 5.11 -17.40 -18.49
N HIS F 476 5.96 -18.42 -18.65
CA HIS F 476 7.12 -18.38 -19.56
C HIS F 476 8.23 -17.48 -19.01
N GLY F 477 8.62 -17.73 -17.77
CA GLY F 477 9.63 -16.90 -17.10
C GLY F 477 9.08 -15.62 -16.48
N GLU F 478 8.13 -14.96 -17.15
CA GLU F 478 7.54 -13.72 -16.67
C GLU F 478 6.48 -14.03 -15.63
N THR F 479 6.30 -13.12 -14.67
CA THR F 479 5.15 -13.12 -13.77
C THR F 479 4.30 -11.91 -14.10
N PHE F 480 2.97 -12.06 -13.97
CA PHE F 480 2.01 -10.97 -14.21
C PHE F 480 1.05 -10.86 -13.03
N HIS F 481 0.92 -9.65 -12.47
CA HIS F 481 -0.04 -9.38 -11.39
C HIS F 481 -1.45 -9.19 -11.98
N ILE F 482 -2.36 -10.08 -11.58
CA ILE F 482 -3.72 -10.09 -12.11
C ILE F 482 -4.69 -9.78 -10.99
N LYS F 483 -5.72 -9.03 -11.32
CA LYS F 483 -6.87 -8.86 -10.45
C LYS F 483 -8.10 -9.01 -11.35
N LEU F 484 -8.69 -10.20 -11.29
CA LEU F 484 -9.95 -10.53 -11.95
C LEU F 484 -11.06 -9.89 -11.13
N THR F 485 -11.76 -8.93 -11.73
CA THR F 485 -12.95 -8.32 -11.12
C THR F 485 -13.93 -7.93 -12.23
N PHE F 497 -16.37 -10.97 -17.68
CA PHE F 497 -15.19 -10.62 -16.87
C PHE F 497 -14.52 -9.27 -17.23
N TYR F 498 -14.00 -8.55 -16.23
CA TYR F 498 -13.06 -7.45 -16.46
C TYR F 498 -11.77 -7.79 -15.68
N VAL F 499 -10.60 -7.55 -16.29
CA VAL F 499 -9.34 -8.13 -15.81
C VAL F 499 -8.16 -7.16 -15.87
N SER F 500 -7.42 -7.04 -14.76
CA SER F 500 -6.31 -6.08 -14.61
C SER F 500 -4.93 -6.75 -14.67
N VAL F 501 -4.24 -6.62 -15.81
CA VAL F 501 -2.85 -7.11 -15.94
C VAL F 501 -1.84 -6.01 -15.64
N ASP F 502 -1.16 -6.12 -14.50
CA ASP F 502 -0.23 -5.11 -14.03
C ASP F 502 -0.89 -3.71 -14.01
N GLY F 503 -2.07 -3.64 -13.40
CA GLY F 503 -2.82 -2.39 -13.31
C GLY F 503 -3.40 -1.88 -14.62
N VAL F 504 -3.61 -2.77 -15.61
CA VAL F 504 -4.20 -2.39 -16.90
C VAL F 504 -5.44 -3.26 -17.19
N THR F 505 -6.62 -2.67 -17.04
CA THR F 505 -7.89 -3.43 -17.04
C THR F 505 -8.48 -3.58 -18.43
N GLU F 506 -8.77 -4.81 -18.82
CA GLU F 506 -9.28 -5.12 -20.14
C GLU F 506 -10.41 -6.15 -20.07
N GLU F 507 -11.51 -5.89 -20.78
CA GLU F 507 -12.66 -6.80 -20.81
C GLU F 507 -12.31 -8.13 -21.49
N VAL F 508 -12.68 -9.22 -20.84
CA VAL F 508 -12.50 -10.55 -21.37
C VAL F 508 -13.87 -11.21 -21.49
N VAL F 509 -14.02 -12.13 -22.45
CA VAL F 509 -15.26 -12.93 -22.58
C VAL F 509 -14.88 -14.40 -22.73
N VAL F 510 -15.58 -15.26 -22.00
CA VAL F 510 -15.34 -16.70 -22.00
C VAL F 510 -16.61 -17.46 -22.43
N GLU F 511 -16.47 -18.57 -23.17
CA GLU F 511 -17.59 -19.47 -23.45
C GLU F 511 -17.13 -20.93 -23.30
N ILE F 512 -17.77 -21.69 -22.41
CA ILE F 512 -17.31 -23.05 -22.07
C ILE F 512 -17.80 -24.08 -23.09
N LEU F 513 -17.02 -25.13 -23.32
CA LEU F 513 -17.38 -26.20 -24.25
C LEU F 513 -17.22 -27.58 -23.60
N GLY F 539 -4.92 -37.59 -8.69
CA GLY F 539 -3.56 -37.38 -8.24
C GLY F 539 -2.80 -38.68 -8.06
N ARG F 540 -1.62 -38.76 -8.69
CA ARG F 540 -0.69 -39.87 -8.52
C ARG F 540 0.58 -39.29 -7.92
N PRO F 541 1.41 -40.15 -7.35
CA PRO F 541 2.48 -39.64 -6.50
C PRO F 541 3.49 -38.79 -7.25
N ARG F 542 3.98 -37.73 -6.62
CA ARG F 542 5.14 -36.99 -7.13
C ARG F 542 6.41 -37.80 -6.84
N PRO F 543 7.50 -37.58 -7.60
CA PRO F 543 8.72 -38.40 -7.45
C PRO F 543 9.64 -38.03 -6.28
N THR F 544 9.47 -38.66 -5.12
CA THR F 544 10.39 -38.46 -4.00
C THR F 544 11.67 -39.28 -4.19
N HIS F 545 11.57 -40.39 -4.94
CA HIS F 545 12.70 -41.23 -5.31
C HIS F 545 13.45 -40.57 -6.46
N ALA F 546 14.76 -40.80 -6.55
CA ALA F 546 15.55 -40.42 -7.72
C ALA F 546 15.36 -41.42 -8.88
N GLY F 547 14.98 -42.65 -8.55
CA GLY F 547 14.61 -43.67 -9.53
C GLY F 547 13.23 -43.50 -10.13
N CYS F 548 12.39 -42.65 -9.52
CA CYS F 548 11.07 -42.45 -10.06
C CYS F 548 11.14 -41.92 -11.50
N VAL F 549 10.48 -42.60 -12.43
CA VAL F 549 10.44 -42.20 -13.85
C VAL F 549 9.37 -41.15 -14.15
N THR F 550 9.77 -40.09 -14.84
CA THR F 550 8.87 -38.98 -15.20
C THR F 550 9.03 -38.55 -16.64
N THR F 551 7.96 -37.96 -17.17
CA THR F 551 8.05 -37.24 -18.40
C THR F 551 8.40 -35.80 -18.00
N ALA F 552 9.04 -35.07 -18.91
CA ALA F 552 9.39 -33.68 -18.68
C ALA F 552 8.44 -32.79 -19.49
N MET F 553 7.32 -33.37 -19.92
CA MET F 553 6.44 -32.76 -20.88
C MET F 553 5.15 -33.61 -20.93
N PRO F 554 3.97 -32.99 -20.74
CA PRO F 554 2.74 -33.78 -20.61
C PRO F 554 2.30 -34.40 -21.93
N GLY F 555 1.50 -35.46 -21.85
CA GLY F 555 1.03 -36.21 -23.02
C GLY F 555 0.27 -37.48 -22.63
N THR F 556 -0.02 -38.32 -23.62
CA THR F 556 -0.83 -39.53 -23.41
C THR F 556 -0.02 -40.77 -23.65
N ILE F 557 -0.16 -41.76 -22.78
CA ILE F 557 0.63 -42.99 -22.80
C ILE F 557 0.19 -43.92 -23.93
N VAL F 558 1.12 -44.36 -24.77
CA VAL F 558 0.79 -45.28 -25.86
C VAL F 558 1.03 -46.73 -25.46
N ASP F 559 2.03 -46.97 -24.62
CA ASP F 559 2.44 -48.34 -24.29
C ASP F 559 3.35 -48.37 -23.06
N VAL F 560 3.09 -49.33 -22.16
CA VAL F 560 3.96 -49.60 -21.03
C VAL F 560 4.74 -50.86 -21.39
N LYS F 561 6.07 -50.76 -21.43
CA LYS F 561 6.92 -51.84 -21.96
C LYS F 561 7.47 -52.68 -20.83
N VAL F 562 6.73 -52.77 -19.74
CA VAL F 562 7.28 -53.34 -18.52
C VAL F 562 6.17 -53.75 -17.55
N ASN F 563 6.40 -54.86 -16.85
CA ASN F 563 5.49 -55.33 -15.83
C ASN F 563 6.15 -55.20 -14.48
N VAL F 564 5.36 -55.06 -13.43
CA VAL F 564 5.91 -54.93 -12.08
C VAL F 564 6.94 -56.03 -11.81
N GLY F 565 7.98 -55.70 -11.05
CA GLY F 565 9.01 -56.68 -10.65
C GLY F 565 10.09 -56.99 -11.68
N ASP F 566 10.01 -56.41 -12.88
CA ASP F 566 11.05 -56.61 -13.91
C ASP F 566 12.40 -56.08 -13.46
N LYS F 567 13.47 -56.70 -13.95
CA LYS F 567 14.80 -56.19 -13.74
C LYS F 567 15.14 -55.35 -14.97
N VAL F 568 15.57 -54.11 -14.76
CA VAL F 568 15.81 -53.16 -15.86
C VAL F 568 17.16 -52.48 -15.69
N SER F 569 17.84 -52.29 -16.81
CA SER F 569 19.11 -51.57 -16.83
C SER F 569 18.89 -50.18 -17.44
N ALA F 570 19.68 -49.20 -16.97
CA ALA F 570 19.59 -47.83 -17.49
C ALA F 570 19.63 -47.83 -19.02
N GLY F 571 18.75 -47.01 -19.62
CA GLY F 571 18.69 -46.92 -21.07
C GLY F 571 17.67 -47.83 -21.72
N ASP F 572 16.94 -48.61 -20.94
CA ASP F 572 15.92 -49.51 -21.49
C ASP F 572 14.60 -48.77 -21.75
N ALA F 573 14.04 -48.95 -22.95
CA ALA F 573 12.72 -48.43 -23.28
C ALA F 573 11.68 -48.96 -22.32
N VAL F 574 11.18 -48.06 -21.48
CA VAL F 574 10.26 -48.37 -20.40
C VAL F 574 8.83 -47.95 -20.73
N LEU F 575 8.70 -46.87 -21.48
CA LEU F 575 7.42 -46.31 -21.79
C LEU F 575 7.43 -45.69 -23.17
N VAL F 576 6.24 -45.47 -23.71
CA VAL F 576 6.08 -44.61 -24.88
C VAL F 576 4.99 -43.62 -24.60
N ILE F 577 5.19 -42.39 -25.10
CA ILE F 577 4.18 -41.31 -25.02
C ILE F 577 3.96 -40.63 -26.37
N GLU F 578 2.74 -40.13 -26.55
CA GLU F 578 2.38 -39.23 -27.64
C GLU F 578 2.46 -37.79 -27.14
N ALA F 579 3.25 -36.98 -27.85
CA ALA F 579 3.32 -35.52 -27.64
C ALA F 579 3.89 -34.83 -28.89
N MET F 580 3.26 -33.73 -29.31
CA MET F 580 3.60 -33.00 -30.55
C MET F 580 3.56 -33.86 -31.81
N LYS F 581 2.50 -34.65 -31.93
CA LYS F 581 2.31 -35.51 -33.10
C LYS F 581 3.50 -36.47 -33.27
N MET F 582 4.22 -36.71 -32.18
CA MET F 582 5.39 -37.59 -32.18
C MET F 582 5.18 -38.62 -31.06
N GLU F 583 5.45 -39.87 -31.36
CA GLU F 583 5.43 -40.93 -30.38
C GLU F 583 6.90 -41.07 -30.00
N ASN F 584 7.23 -41.20 -28.72
CA ASN F 584 8.64 -41.36 -28.36
C ASN F 584 8.86 -42.04 -27.02
N GLU F 585 9.96 -42.78 -26.93
CA GLU F 585 10.12 -43.73 -25.86
C GLU F 585 10.95 -43.18 -24.71
N ILE F 586 10.32 -43.13 -23.54
CA ILE F 586 11.02 -42.78 -22.32
C ILE F 586 11.88 -43.93 -21.83
N GLN F 587 13.09 -43.65 -21.38
CA GLN F 587 14.02 -44.70 -20.99
C GLN F 587 14.50 -44.56 -19.55
N ALA F 588 15.03 -45.65 -19.01
CA ALA F 588 15.29 -45.74 -17.57
C ALA F 588 16.48 -44.91 -17.15
N SER F 589 16.23 -44.03 -16.20
CA SER F 589 17.32 -43.26 -15.59
C SER F 589 18.31 -44.21 -14.91
N LYS F 590 17.78 -45.16 -14.12
CA LYS F 590 18.60 -46.04 -13.25
C LYS F 590 18.41 -47.54 -13.50
N SER F 591 19.41 -48.31 -13.10
CA SER F 591 19.39 -49.78 -13.17
C SER F 591 18.77 -50.39 -11.91
N GLY F 592 18.11 -51.52 -12.07
CA GLY F 592 17.55 -52.24 -10.93
C GLY F 592 16.17 -52.79 -11.18
N VAL F 593 15.33 -52.76 -10.15
CA VAL F 593 14.07 -53.49 -10.15
C VAL F 593 12.89 -52.54 -10.26
N VAL F 594 11.92 -52.88 -11.11
CA VAL F 594 10.67 -52.13 -11.20
C VAL F 594 9.81 -52.48 -9.99
N VAL F 595 9.56 -51.48 -9.14
CA VAL F 595 8.88 -51.72 -7.86
C VAL F 595 7.37 -51.51 -8.02
N ALA F 596 6.99 -50.40 -8.65
CA ALA F 596 5.58 -50.11 -8.87
C ALA F 596 5.36 -49.70 -10.31
N ILE F 597 4.09 -49.53 -10.68
CA ILE F 597 3.72 -48.86 -11.92
C ILE F 597 2.42 -48.13 -11.70
N ASN F 598 2.46 -46.82 -11.85
CA ASN F 598 1.34 -45.95 -11.51
C ASN F 598 0.62 -45.42 -12.78
N VAL F 599 0.72 -46.19 -13.86
CA VAL F 599 0.26 -45.75 -15.18
C VAL F 599 -0.14 -46.94 -16.04
N LYS F 600 -1.18 -46.75 -16.86
CA LYS F 600 -1.60 -47.73 -17.87
C LYS F 600 -1.76 -47.04 -19.22
N LYS F 601 -1.91 -47.86 -20.26
CA LYS F 601 -2.11 -47.34 -21.61
C LYS F 601 -3.39 -46.49 -21.65
N GLY F 602 -3.33 -45.36 -22.32
CA GLY F 602 -4.48 -44.46 -22.43
C GLY F 602 -4.40 -43.23 -21.55
N ASP F 603 -3.70 -43.34 -20.41
CA ASP F 603 -3.63 -42.26 -19.41
C ASP F 603 -2.95 -40.98 -19.92
N SER F 604 -3.44 -39.82 -19.45
CA SER F 604 -2.80 -38.52 -19.72
C SER F 604 -1.86 -38.22 -18.55
N VAL F 605 -0.65 -37.75 -18.87
CA VAL F 605 0.38 -37.55 -17.87
C VAL F 605 0.78 -36.09 -17.80
N THR F 606 1.28 -35.67 -16.64
CA THR F 606 1.98 -34.41 -16.50
C THR F 606 3.33 -34.62 -15.80
N PRO F 607 4.28 -33.71 -16.05
CA PRO F 607 5.65 -33.93 -15.60
C PRO F 607 5.91 -33.96 -14.10
N ASP F 608 4.96 -33.56 -13.26
CA ASP F 608 5.17 -33.68 -11.82
C ASP F 608 4.78 -35.07 -11.32
N GLU F 609 4.08 -35.84 -12.16
CA GLU F 609 3.66 -37.18 -11.81
C GLU F 609 4.81 -38.20 -12.01
N ALA F 610 4.89 -39.15 -11.08
CA ALA F 610 5.83 -40.27 -11.14
C ALA F 610 5.14 -41.51 -11.74
N LEU F 611 5.61 -41.97 -12.89
CA LEU F 611 4.85 -42.87 -13.76
C LEU F 611 5.15 -44.34 -13.49
N LEU F 612 6.37 -44.61 -13.07
CA LEU F 612 6.73 -45.90 -12.51
C LEU F 612 7.90 -45.62 -11.54
N GLU F 613 8.22 -46.57 -10.68
CA GLU F 613 9.34 -46.44 -9.74
C GLU F 613 10.35 -47.53 -10.05
N ILE F 614 11.63 -47.30 -9.77
CA ILE F 614 12.66 -48.30 -9.94
C ILE F 614 13.66 -48.26 -8.81
N GLN F 615 13.97 -49.42 -8.26
CA GLN F 615 14.99 -49.50 -7.25
C GLN F 615 16.34 -49.51 -7.94
N PRO F 616 17.31 -48.81 -7.36
CA PRO F 616 18.72 -48.98 -7.71
C PRO F 616 19.23 -50.38 -7.36
#